data_6SUW
#
_entry.id   6SUW
#
_cell.length_a   97.889
_cell.length_b   120.160
_cell.length_c   139.368
_cell.angle_alpha   90.000
_cell.angle_beta   95.327
_cell.angle_gamma   90.000
#
_symmetry.space_group_name_H-M   'P 1 21 1'
#
loop_
_entity.id
_entity.type
_entity.pdbx_description
1 polymer 'Uncharacterized protein'
2 non-polymer 'FE (III) ION'
3 non-polymer 'CALCIUM ION'
4 water water
#
_entity_poly.entity_id   1
_entity_poly.type   'polypeptide(L)'
_entity_poly.pdbx_seq_one_letter_code
;MAQSSNSTHEPLEVLKEETVNRHRAIVSVMAELEAVDWYDQRVDASTDPELTAILAHNRDEEKEHAAMTLEWLRRNDAKW
AEHLRTYLFTEGPITAANSSSVDKLAAALEHHHHHH
;
_entity_poly.pdbx_strand_id   A,B,C,D,E,F,G,H,I,J,K,L,M,N,O,P,Q,R,S,T,U,V,W,X,Y,Z,a,b,c,d
#
loop_
_chem_comp.id
_chem_comp.type
_chem_comp.name
_chem_comp.formula
CA non-polymer 'CALCIUM ION' 'Ca 2'
FE non-polymer 'FE (III) ION' 'Fe 3'
#
# COMPACT_ATOMS: atom_id res chain seq x y z
N SER A 7 -15.02 37.65 -18.25
CA SER A 7 -13.70 37.01 -18.18
C SER A 7 -12.62 37.94 -18.73
N THR A 8 -13.00 38.84 -19.63
CA THR A 8 -12.04 39.76 -20.24
C THR A 8 -11.86 41.03 -19.41
N HIS A 9 -10.62 41.51 -19.33
CA HIS A 9 -10.30 42.69 -18.55
C HIS A 9 -10.53 44.01 -19.30
N GLU A 10 -10.70 43.96 -20.61
CA GLU A 10 -11.14 45.08 -21.40
C GLU A 10 -12.55 44.85 -21.93
N PRO A 11 -13.29 45.91 -22.22
CA PRO A 11 -14.64 45.71 -22.77
C PRO A 11 -14.59 44.92 -24.07
N LEU A 12 -15.59 44.04 -24.26
CA LEU A 12 -15.61 43.21 -25.45
C LEU A 12 -15.80 44.05 -26.71
N GLU A 13 -16.35 45.26 -26.57
CA GLU A 13 -16.57 46.13 -27.72
C GLU A 13 -15.25 46.56 -28.36
N VAL A 14 -14.20 46.71 -27.55
CA VAL A 14 -12.92 47.19 -28.06
C VAL A 14 -11.96 46.06 -28.38
N LEU A 15 -12.28 44.82 -28.00
CA LEU A 15 -11.40 43.71 -28.28
C LEU A 15 -11.74 43.08 -29.63
N LYS A 16 -10.71 42.75 -30.42
CA LYS A 16 -10.96 41.96 -31.62
C LYS A 16 -11.18 40.49 -31.25
N GLU A 17 -12.01 39.84 -32.06
CA GLU A 17 -12.50 38.51 -31.71
C GLU A 17 -11.34 37.55 -31.60
N GLU A 18 -10.36 37.65 -32.50
CA GLU A 18 -9.22 36.75 -32.41
C GLU A 18 -8.51 36.88 -31.08
N THR A 19 -8.44 38.10 -30.54
CA THR A 19 -7.92 38.28 -29.20
C THR A 19 -8.79 37.56 -28.18
N VAL A 20 -10.11 37.60 -28.37
CA VAL A 20 -11.02 36.93 -27.46
C VAL A 20 -10.91 35.42 -27.61
N ASN A 21 -10.71 34.93 -28.83
CA ASN A 21 -10.55 33.48 -29.05
C ASN A 21 -9.25 32.98 -28.43
N ARG A 22 -8.16 33.73 -28.59
CA ARG A 22 -6.93 33.34 -27.91
C ARG A 22 -7.08 33.42 -26.39
N HIS A 23 -7.86 34.40 -25.92
CA HIS A 23 -8.19 34.48 -24.50
C HIS A 23 -8.87 33.21 -24.04
N ARG A 24 -9.85 32.73 -24.82
CA ARG A 24 -10.54 31.51 -24.42
C ARG A 24 -9.58 30.33 -24.36
N ALA A 25 -8.63 30.25 -25.30
CA ALA A 25 -7.68 29.15 -25.29
C ALA A 25 -6.67 29.30 -24.15
N ILE A 26 -6.20 30.52 -23.89
CA ILE A 26 -5.19 30.72 -22.87
C ILE A 26 -5.74 30.39 -21.49
N VAL A 27 -6.92 30.90 -21.15
CA VAL A 27 -7.49 30.62 -19.83
C VAL A 27 -7.79 29.14 -19.68
N SER A 28 -8.05 28.46 -20.80
CA SER A 28 -8.21 27.00 -20.74
C SER A 28 -6.89 26.33 -20.38
N VAL A 29 -5.81 26.71 -21.06
CA VAL A 29 -4.50 26.15 -20.74
C VAL A 29 -4.15 26.42 -19.29
N MET A 30 -4.46 27.62 -18.79
CA MET A 30 -4.22 27.95 -17.39
C MET A 30 -4.97 26.98 -16.48
N ALA A 31 -6.24 26.73 -16.79
CA ALA A 31 -7.03 25.84 -15.96
C ALA A 31 -6.46 24.43 -15.98
N GLU A 32 -6.03 23.97 -17.15
CA GLU A 32 -5.45 22.64 -17.27
C GLU A 32 -4.17 22.54 -16.45
N LEU A 33 -3.29 23.53 -16.61
CA LEU A 33 -2.06 23.55 -15.83
C LEU A 33 -2.35 23.49 -14.33
N GLU A 34 -3.32 24.28 -13.88
CA GLU A 34 -3.68 24.27 -12.46
C GLU A 34 -4.17 22.89 -12.03
N ALA A 35 -4.95 22.23 -12.88
CA ALA A 35 -5.45 20.90 -12.55
C ALA A 35 -4.31 19.89 -12.47
N VAL A 36 -3.34 19.97 -13.38
CA VAL A 36 -2.18 19.08 -13.31
C VAL A 36 -1.47 19.25 -11.98
N ASP A 37 -1.21 20.50 -11.58
CA ASP A 37 -0.51 20.74 -10.33
C ASP A 37 -1.30 20.19 -9.15
N TRP A 38 -2.58 20.55 -9.05
CA TRP A 38 -3.40 20.11 -7.93
C TRP A 38 -3.47 18.60 -7.85
N TYR A 39 -3.78 17.95 -8.99
CA TYR A 39 -3.84 16.50 -9.00
C TYR A 39 -2.52 15.89 -8.54
N ASP A 40 -1.39 16.43 -9.04
CA ASP A 40 -0.09 15.87 -8.72
C ASP A 40 0.20 15.97 -7.24
N GLN A 41 -0.19 17.09 -6.61
CA GLN A 41 0.01 17.23 -5.18
C GLN A 41 -0.85 16.24 -4.39
N ARG A 42 -2.09 16.02 -4.83
CA ARG A 42 -2.97 15.08 -4.14
C ARG A 42 -2.53 13.64 -4.35
N VAL A 43 -1.88 13.35 -5.47
CA VAL A 43 -1.36 12.00 -5.69
C VAL A 43 -0.29 11.68 -4.65
N ASP A 44 0.56 12.65 -4.32
CA ASP A 44 1.58 12.43 -3.31
C ASP A 44 0.97 12.28 -1.92
N ALA A 45 -0.07 13.05 -1.62
CA ALA A 45 -0.62 13.11 -0.27
C ALA A 45 -1.71 12.08 -0.02
N SER A 46 -2.33 11.56 -1.07
CA SER A 46 -3.40 10.59 -0.89
C SER A 46 -2.89 9.36 -0.15
N THR A 47 -3.72 8.86 0.78
CA THR A 47 -3.45 7.64 1.50
C THR A 47 -4.37 6.50 1.07
N ASP A 48 -5.08 6.67 -0.04
CA ASP A 48 -5.94 5.61 -0.59
C ASP A 48 -5.46 5.26 -1.99
N PRO A 49 -4.89 4.08 -2.21
CA PRO A 49 -4.31 3.80 -3.53
C PRO A 49 -5.32 3.85 -4.67
N GLU A 50 -6.57 3.45 -4.44
CA GLU A 50 -7.56 3.44 -5.50
C GLU A 50 -7.86 4.86 -5.98
N LEU A 51 -7.92 5.81 -5.04
CA LEU A 51 -8.09 7.21 -5.41
C LEU A 51 -6.87 7.74 -6.14
N THR A 52 -5.67 7.40 -5.65
CA THR A 52 -4.44 7.87 -6.29
C THR A 52 -4.39 7.48 -7.76
N ALA A 53 -4.87 6.28 -8.10
CA ALA A 53 -4.89 5.85 -9.49
C ALA A 53 -5.79 6.74 -10.34
N ILE A 54 -6.94 7.14 -9.79
CA ILE A 54 -7.85 8.01 -10.52
C ILE A 54 -7.25 9.40 -10.66
N LEU A 55 -6.76 9.96 -9.57
CA LEU A 55 -6.17 11.29 -9.62
C LEU A 55 -5.03 11.33 -10.63
N ALA A 56 -4.21 10.27 -10.67
CA ALA A 56 -3.09 10.23 -11.61
C ALA A 56 -3.59 10.13 -13.03
N HIS A 57 -4.62 9.32 -13.25
CA HIS A 57 -5.19 9.18 -14.59
C HIS A 57 -5.67 10.52 -15.11
N ASN A 58 -6.51 11.21 -14.33
CA ASN A 58 -7.05 12.50 -14.76
C ASN A 58 -5.92 13.49 -15.02
N ARG A 59 -4.98 13.60 -14.08
CA ARG A 59 -3.85 14.51 -14.20
C ARG A 59 -3.22 14.41 -15.59
N ASP A 60 -2.87 13.19 -16.01
CA ASP A 60 -2.15 13.03 -17.26
C ASP A 60 -3.01 13.40 -18.47
N GLU A 61 -4.33 13.31 -18.35
CA GLU A 61 -5.17 13.77 -19.44
C GLU A 61 -5.30 15.27 -19.47
N GLU A 62 -5.16 15.94 -18.32
CA GLU A 62 -5.11 17.40 -18.30
C GLU A 62 -3.94 17.89 -19.14
N LYS A 63 -2.82 17.17 -19.10
CA LYS A 63 -1.68 17.53 -19.94
C LYS A 63 -2.03 17.41 -21.41
N GLU A 64 -2.78 16.38 -21.78
CA GLU A 64 -3.21 16.25 -23.16
C GLU A 64 -4.12 17.40 -23.55
N HIS A 65 -5.08 17.75 -22.69
CA HIS A 65 -5.94 18.90 -22.97
C HIS A 65 -5.13 20.16 -23.18
N ALA A 66 -4.10 20.38 -22.35
CA ALA A 66 -3.28 21.57 -22.51
C ALA A 66 -2.50 21.54 -23.82
N ALA A 67 -1.93 20.39 -24.15
CA ALA A 67 -1.14 20.28 -25.38
C ALA A 67 -1.98 20.59 -26.61
N MET A 68 -3.20 20.06 -26.66
CA MET A 68 -4.06 20.34 -27.80
C MET A 68 -4.33 21.83 -27.93
N THR A 69 -4.69 22.48 -26.81
CA THR A 69 -4.99 23.90 -26.81
C THR A 69 -3.74 24.72 -27.12
N LEU A 70 -2.57 24.28 -26.66
CA LEU A 70 -1.36 25.04 -26.96
C LEU A 70 -1.01 24.99 -28.45
N GLU A 71 -1.21 23.83 -29.08
CA GLU A 71 -0.95 23.72 -30.52
C GLU A 71 -1.83 24.67 -31.30
N TRP A 72 -3.08 24.85 -30.86
CA TRP A 72 -3.94 25.84 -31.50
C TRP A 72 -3.35 27.23 -31.36
N LEU A 73 -2.87 27.58 -30.16
CA LEU A 73 -2.22 28.86 -29.95
C LEU A 73 -1.02 29.03 -30.88
N ARG A 74 -0.21 27.98 -31.03
CA ARG A 74 0.94 28.04 -31.91
C ARG A 74 0.49 28.34 -33.34
N ARG A 75 -0.62 27.74 -33.76
CA ARG A 75 -1.09 27.91 -35.14
C ARG A 75 -1.75 29.26 -35.37
N ASN A 76 -2.13 29.98 -34.32
CA ASN A 76 -2.86 31.23 -34.43
C ASN A 76 -2.10 32.41 -33.77
N ASP A 77 -0.80 32.26 -33.57
CA ASP A 77 -0.01 33.35 -33.01
C ASP A 77 1.42 33.14 -33.44
N ALA A 78 1.97 34.08 -34.21
CA ALA A 78 3.28 33.89 -34.82
C ALA A 78 4.37 33.81 -33.76
N LYS A 79 4.24 34.56 -32.68
CA LYS A 79 5.30 34.57 -31.67
C LYS A 79 5.22 33.35 -30.75
N TRP A 80 4.04 32.80 -30.52
CA TRP A 80 3.98 31.49 -29.88
C TRP A 80 4.74 30.47 -30.70
N ALA A 81 4.55 30.49 -32.03
CA ALA A 81 5.22 29.53 -32.90
C ALA A 81 6.74 29.75 -32.89
N GLU A 82 7.16 31.01 -32.92
CA GLU A 82 8.59 31.29 -32.91
C GLU A 82 9.22 30.75 -31.64
N HIS A 83 8.66 31.13 -30.48
CA HIS A 83 9.30 30.81 -29.22
C HIS A 83 9.19 29.33 -28.88
N LEU A 84 8.05 28.72 -29.20
CA LEU A 84 7.93 27.28 -28.98
C LEU A 84 8.89 26.49 -29.86
N ARG A 85 9.15 26.94 -31.08
CA ARG A 85 10.08 26.23 -31.93
C ARG A 85 11.51 26.32 -31.39
N THR A 86 11.86 27.44 -30.76
CA THR A 86 13.22 27.59 -30.25
C THR A 86 13.52 26.62 -29.12
N TYR A 87 12.57 26.41 -28.21
CA TYR A 87 12.88 25.75 -26.95
C TYR A 87 12.28 24.36 -26.80
N LEU A 88 11.16 24.07 -27.43
CA LEU A 88 10.56 22.75 -27.24
C LEU A 88 11.35 21.70 -27.98
N PHE A 89 11.51 20.54 -27.35
CA PHE A 89 12.22 19.41 -27.95
C PHE A 89 13.65 19.80 -28.32
N THR A 90 14.37 20.27 -27.31
CA THR A 90 15.73 20.73 -27.50
C THR A 90 16.67 19.96 -26.57
N GLU A 91 17.96 20.17 -26.78
CA GLU A 91 19.01 19.63 -25.91
C GLU A 91 19.94 20.77 -25.51
N GLY A 92 20.73 20.51 -24.48
CA GLY A 92 21.62 21.52 -23.96
C GLY A 92 20.86 22.49 -23.09
N PRO A 93 21.56 23.47 -22.53
CA PRO A 93 20.91 24.42 -21.62
C PRO A 93 19.71 25.09 -22.29
N ILE A 94 18.60 25.14 -21.55
CA ILE A 94 17.40 25.80 -22.07
C ILE A 94 17.62 27.30 -22.16
N THR A 95 18.26 27.88 -21.14
CA THR A 95 18.48 29.32 -21.13
C THR A 95 19.31 29.80 -22.32
N ALA A 96 20.05 28.90 -22.99
CA ALA A 96 20.81 29.24 -24.20
C ALA A 96 20.43 28.27 -25.32
N ALA A 97 19.33 28.57 -26.01
CA ALA A 97 18.87 27.73 -27.11
C ALA A 97 18.40 28.58 -28.31
N SER B 7 1.26 28.50 -1.14
CA SER B 7 1.33 28.03 -2.51
C SER B 7 0.64 26.67 -2.66
N THR B 8 1.23 25.67 -2.02
CA THR B 8 0.79 24.29 -2.20
C THR B 8 -0.50 24.02 -1.44
N HIS B 9 -1.39 23.23 -2.08
CA HIS B 9 -2.57 22.74 -1.39
C HIS B 9 -2.18 21.76 -0.28
N GLU B 10 -1.45 20.72 -0.63
CA GLU B 10 -1.08 19.73 0.34
C GLU B 10 0.13 20.23 1.16
N PRO B 11 0.25 19.73 2.41
CA PRO B 11 1.46 20.11 3.18
C PRO B 11 2.73 19.59 2.52
N LEU B 12 3.77 20.44 2.53
CA LEU B 12 4.96 20.04 1.80
C LEU B 12 5.65 18.86 2.43
N GLU B 13 5.39 18.56 3.71
CA GLU B 13 6.12 17.44 4.30
C GLU B 13 5.81 16.14 3.57
N VAL B 14 4.62 16.02 3.00
CA VAL B 14 4.22 14.82 2.29
C VAL B 14 4.48 14.89 0.78
N LEU B 15 4.84 16.06 0.25
CA LEU B 15 5.11 16.20 -1.18
C LEU B 15 6.57 15.93 -1.51
N LYS B 16 6.79 15.24 -2.63
CA LYS B 16 8.13 14.96 -3.13
C LYS B 16 8.78 16.24 -3.66
N GLU B 17 10.09 16.33 -3.53
CA GLU B 17 10.82 17.52 -3.96
C GLU B 17 10.56 17.83 -5.44
N GLU B 18 10.53 16.80 -6.30
CA GLU B 18 10.28 17.04 -7.73
C GLU B 18 8.87 17.55 -7.97
N THR B 19 7.90 17.09 -7.18
CA THR B 19 6.53 17.57 -7.33
C THR B 19 6.45 19.06 -7.02
N VAL B 20 7.19 19.51 -6.02
CA VAL B 20 7.19 20.93 -5.68
C VAL B 20 7.92 21.73 -6.73
N ASN B 21 8.98 21.17 -7.34
CA ASN B 21 9.67 21.89 -8.41
C ASN B 21 8.78 22.02 -9.64
N ARG B 22 8.06 20.95 -10.02
CA ARG B 22 7.11 21.04 -11.11
C ARG B 22 6.00 22.03 -10.76
N HIS B 23 5.60 22.07 -9.49
CA HIS B 23 4.64 23.08 -9.05
C HIS B 23 5.17 24.48 -9.31
N ARG B 24 6.43 24.73 -8.97
CA ARG B 24 6.99 26.05 -9.21
C ARG B 24 7.01 26.38 -10.69
N ALA B 25 7.26 25.38 -11.54
CA ALA B 25 7.26 25.62 -12.98
C ALA B 25 5.84 25.86 -13.49
N ILE B 26 4.87 25.09 -13.00
CA ILE B 26 3.51 25.18 -13.53
C ILE B 26 2.92 26.55 -13.24
N VAL B 27 3.00 27.00 -11.98
CA VAL B 27 2.45 28.32 -11.64
C VAL B 27 3.19 29.42 -12.38
N SER B 28 4.45 29.19 -12.72
CA SER B 28 5.18 30.17 -13.54
C SER B 28 4.57 30.26 -14.92
N VAL B 29 4.35 29.12 -15.58
CA VAL B 29 3.74 29.16 -16.91
C VAL B 29 2.35 29.78 -16.82
N MET B 30 1.59 29.46 -15.78
CA MET B 30 0.26 30.04 -15.64
C MET B 30 0.34 31.56 -15.61
N ALA B 31 1.27 32.11 -14.83
CA ALA B 31 1.40 33.56 -14.75
C ALA B 31 1.81 34.15 -16.09
N GLU B 32 2.68 33.45 -16.82
CA GLU B 32 3.07 33.94 -18.14
C GLU B 32 1.86 33.97 -19.08
N LEU B 33 1.10 32.88 -19.12
CA LEU B 33 -0.09 32.85 -19.97
C LEU B 33 -1.04 33.97 -19.60
N GLU B 34 -1.29 34.17 -18.31
CA GLU B 34 -2.16 35.26 -17.87
C GLU B 34 -1.62 36.61 -18.34
N ALA B 35 -0.31 36.81 -18.25
CA ALA B 35 0.29 38.07 -18.69
C ALA B 35 0.14 38.26 -20.20
N VAL B 36 0.34 37.19 -20.98
CA VAL B 36 0.14 37.30 -22.42
C VAL B 36 -1.27 37.78 -22.72
N ASP B 37 -2.26 37.15 -22.10
CA ASP B 37 -3.66 37.48 -22.36
C ASP B 37 -3.95 38.94 -22.02
N TRP B 38 -3.54 39.38 -20.82
CA TRP B 38 -3.82 40.75 -20.40
C TRP B 38 -3.17 41.75 -21.34
N TYR B 39 -1.90 41.54 -21.64
CA TYR B 39 -1.21 42.46 -22.55
C TYR B 39 -1.90 42.54 -23.90
N ASP B 40 -2.30 41.39 -24.45
CA ASP B 40 -2.93 41.39 -25.77
C ASP B 40 -4.25 42.15 -25.73
N GLN B 41 -5.01 42.02 -24.64
CA GLN B 41 -6.24 42.78 -24.53
C GLN B 41 -5.98 44.28 -24.42
N ARG B 42 -4.95 44.66 -23.65
CA ARG B 42 -4.60 46.08 -23.50
C ARG B 42 -3.99 46.64 -24.78
N VAL B 43 -3.36 45.79 -25.59
CA VAL B 43 -2.87 46.23 -26.89
C VAL B 43 -4.04 46.62 -27.79
N ASP B 44 -5.13 45.86 -27.73
CA ASP B 44 -6.30 46.18 -28.55
C ASP B 44 -6.98 47.47 -28.08
N ALA B 45 -7.07 47.67 -26.78
CA ALA B 45 -7.84 48.80 -26.24
C ALA B 45 -7.01 50.06 -26.09
N SER B 46 -5.68 49.94 -25.99
CA SER B 46 -4.86 51.12 -25.83
C SER B 46 -5.05 52.07 -27.00
N THR B 47 -5.17 53.37 -26.69
CA THR B 47 -5.27 54.41 -27.70
C THR B 47 -4.02 55.27 -27.77
N ASP B 48 -2.93 54.83 -27.14
CA ASP B 48 -1.64 55.51 -27.17
C ASP B 48 -0.62 54.57 -27.82
N PRO B 49 -0.19 54.84 -29.06
CA PRO B 49 0.63 53.85 -29.77
C PRO B 49 1.94 53.57 -29.08
N GLU B 50 2.55 54.57 -28.43
CA GLU B 50 3.83 54.35 -27.76
C GLU B 50 3.67 53.36 -26.60
N LEU B 51 2.58 53.45 -25.86
CA LEU B 51 2.32 52.45 -24.84
C LEU B 51 2.04 51.10 -25.47
N THR B 52 1.22 51.07 -26.51
CA THR B 52 0.91 49.83 -27.20
C THR B 52 2.19 49.13 -27.65
N ALA B 53 3.19 49.90 -28.10
CA ALA B 53 4.43 49.28 -28.52
C ALA B 53 5.11 48.55 -27.36
N ILE B 54 5.09 49.16 -26.17
CA ILE B 54 5.69 48.51 -25.01
C ILE B 54 4.88 47.28 -24.62
N LEU B 55 3.55 47.41 -24.54
CA LEU B 55 2.72 46.26 -24.14
C LEU B 55 2.92 45.09 -25.09
N ALA B 56 3.00 45.37 -26.39
CA ALA B 56 3.19 44.29 -27.35
C ALA B 56 4.57 43.67 -27.19
N HIS B 57 5.59 44.49 -26.96
CA HIS B 57 6.94 43.97 -26.77
C HIS B 57 6.97 43.01 -25.58
N ASN B 58 6.46 43.46 -24.43
CA ASN B 58 6.45 42.62 -23.25
C ASN B 58 5.65 41.35 -23.50
N ARG B 59 4.46 41.49 -24.08
CA ARG B 59 3.62 40.34 -24.39
C ARG B 59 4.42 39.22 -25.04
N ASP B 60 5.13 39.53 -26.11
CA ASP B 60 5.82 38.49 -26.86
C ASP B 60 7.00 37.89 -26.09
N GLU B 61 7.55 38.62 -25.12
CA GLU B 61 8.59 38.00 -24.30
C GLU B 61 8.00 37.09 -23.23
N GLU B 62 6.78 37.35 -22.76
CA GLU B 62 6.14 36.41 -21.85
C GLU B 62 5.98 35.04 -22.52
N LYS B 63 5.71 35.02 -23.82
CA LYS B 63 5.64 33.77 -24.57
C LYS B 63 6.98 33.05 -24.57
N GLU B 64 8.06 33.81 -24.65
CA GLU B 64 9.38 33.21 -24.53
C GLU B 64 9.58 32.62 -23.13
N HIS B 65 9.24 33.39 -22.10
CA HIS B 65 9.33 32.88 -20.73
C HIS B 65 8.50 31.63 -20.53
N ALA B 66 7.30 31.59 -21.08
CA ALA B 66 6.46 30.41 -20.96
C ALA B 66 7.06 29.23 -21.70
N ALA B 67 7.56 29.46 -22.92
CA ALA B 67 8.17 28.37 -23.69
C ALA B 67 9.37 27.77 -22.98
N MET B 68 10.23 28.61 -22.41
CA MET B 68 11.40 28.10 -21.71
C MET B 68 10.98 27.21 -20.55
N THR B 69 10.06 27.69 -19.72
CA THR B 69 9.62 26.91 -18.57
C THR B 69 8.90 25.66 -18.99
N LEU B 70 8.12 25.74 -20.07
CA LEU B 70 7.37 24.59 -20.53
C LEU B 70 8.31 23.49 -21.04
N GLU B 71 9.42 23.88 -21.70
CA GLU B 71 10.41 22.89 -22.12
C GLU B 71 11.01 22.16 -20.93
N TRP B 72 11.23 22.88 -19.83
CA TRP B 72 11.70 22.22 -18.62
C TRP B 72 10.69 21.17 -18.15
N LEU B 73 9.40 21.53 -18.13
CA LEU B 73 8.38 20.57 -17.75
C LEU B 73 8.44 19.35 -18.65
N ARG B 74 8.62 19.56 -19.96
CA ARG B 74 8.71 18.43 -20.86
C ARG B 74 9.85 17.52 -20.47
N ARG B 75 10.98 18.09 -20.06
CA ARG B 75 12.15 17.28 -19.75
C ARG B 75 12.06 16.59 -18.40
N ASN B 76 11.16 17.04 -17.52
CA ASN B 76 11.09 16.55 -16.15
C ASN B 76 9.75 15.92 -15.85
N ASP B 77 8.98 15.58 -16.88
CA ASP B 77 7.69 14.92 -16.69
C ASP B 77 7.38 14.15 -17.96
N ALA B 78 7.31 12.82 -17.83
CA ALA B 78 7.22 11.96 -19.00
C ALA B 78 5.94 12.18 -19.79
N LYS B 79 4.83 12.45 -19.10
CA LYS B 79 3.55 12.59 -19.78
C LYS B 79 3.40 13.97 -20.44
N TRP B 80 4.01 15.01 -19.87
CA TRP B 80 4.13 16.27 -20.60
C TRP B 80 4.87 16.04 -21.90
N ALA B 81 5.92 15.22 -21.88
CA ALA B 81 6.67 14.91 -23.09
C ALA B 81 5.80 14.13 -24.07
N GLU B 82 5.05 13.14 -23.57
CA GLU B 82 4.22 12.33 -24.45
C GLU B 82 3.18 13.17 -25.16
N HIS B 83 2.40 13.94 -24.41
CA HIS B 83 1.28 14.68 -25.01
C HIS B 83 1.75 15.88 -25.82
N LEU B 84 2.82 16.55 -25.40
CA LEU B 84 3.34 17.64 -26.21
C LEU B 84 3.87 17.12 -27.55
N ARG B 85 4.49 15.94 -27.55
CA ARG B 85 5.02 15.40 -28.80
C ARG B 85 3.90 15.07 -29.78
N THR B 86 2.73 14.68 -29.26
CA THR B 86 1.63 14.29 -30.12
C THR B 86 1.10 15.47 -30.93
N TYR B 87 1.00 16.64 -30.29
CA TYR B 87 0.23 17.74 -30.89
C TYR B 87 1.08 18.91 -31.35
N LEU B 88 2.23 19.16 -30.75
CA LEU B 88 3.02 20.32 -31.12
C LEU B 88 3.69 20.10 -32.47
N PHE B 89 3.68 21.16 -33.28
CA PHE B 89 4.31 21.15 -34.60
C PHE B 89 3.69 20.05 -35.45
N THR B 90 2.37 20.06 -35.55
CA THR B 90 1.64 19.06 -36.29
C THR B 90 0.81 19.74 -37.36
N GLU B 91 0.31 18.93 -38.29
CA GLU B 91 -0.60 19.38 -39.32
C GLU B 91 -1.85 18.50 -39.27
N GLY B 92 -2.98 19.08 -39.65
CA GLY B 92 -4.22 18.34 -39.63
C GLY B 92 -5.02 18.64 -38.38
N PRO B 93 -6.20 18.06 -38.28
CA PRO B 93 -7.07 18.36 -37.13
C PRO B 93 -6.37 18.04 -35.81
N ILE B 94 -6.41 19.01 -34.89
CA ILE B 94 -5.77 18.84 -33.58
C ILE B 94 -6.45 17.74 -32.79
N THR B 95 -7.78 17.69 -32.82
CA THR B 95 -8.50 16.63 -32.09
C THR B 95 -8.12 15.24 -32.63
N SER C 7 -12.23 45.98 -15.80
CA SER C 7 -11.12 46.00 -14.86
C SER C 7 -11.04 47.32 -14.08
N THR C 8 -11.63 48.37 -14.65
CA THR C 8 -11.63 49.67 -14.00
C THR C 8 -12.68 49.70 -12.89
N HIS C 9 -12.44 50.56 -11.89
CA HIS C 9 -13.35 50.67 -10.77
C HIS C 9 -14.55 51.57 -11.09
N GLU C 10 -14.35 52.57 -11.94
CA GLU C 10 -15.43 53.45 -12.35
C GLU C 10 -15.88 53.12 -13.77
N PRO C 11 -17.13 53.42 -14.13
CA PRO C 11 -17.58 53.16 -15.51
C PRO C 11 -16.73 53.93 -16.51
N LEU C 12 -16.43 53.28 -17.65
CA LEU C 12 -15.50 53.83 -18.60
C LEU C 12 -16.02 55.09 -19.27
N GLU C 13 -17.35 55.31 -19.29
CA GLU C 13 -17.82 56.52 -19.99
C GLU C 13 -17.37 57.79 -19.29
N VAL C 14 -17.20 57.76 -17.97
CA VAL C 14 -16.84 58.96 -17.23
C VAL C 14 -15.33 59.12 -17.07
N LEU C 15 -14.55 58.13 -17.48
CA LEU C 15 -13.10 58.21 -17.36
C LEU C 15 -12.49 58.83 -18.62
N LYS C 16 -11.51 59.68 -18.43
CA LYS C 16 -10.77 60.28 -19.53
C LYS C 16 -9.91 59.22 -20.20
N GLU C 17 -9.68 59.39 -21.50
CA GLU C 17 -8.90 58.40 -22.24
C GLU C 17 -7.51 58.25 -21.63
N GLU C 18 -6.88 59.38 -21.26
CA GLU C 18 -5.55 59.33 -20.66
C GLU C 18 -5.56 58.57 -19.33
N THR C 19 -6.63 58.70 -18.55
CA THR C 19 -6.73 57.97 -17.29
C THR C 19 -6.77 56.47 -17.52
N VAL C 20 -7.49 56.03 -18.55
CA VAL C 20 -7.59 54.60 -18.83
C VAL C 20 -6.27 54.07 -19.38
N ASN C 21 -5.54 54.87 -20.16
CA ASN C 21 -4.24 54.44 -20.64
C ASN C 21 -3.24 54.31 -19.48
N ARG C 22 -3.25 55.28 -18.57
CA ARG C 22 -2.42 55.16 -17.37
C ARG C 22 -2.85 53.96 -16.53
N HIS C 23 -4.15 53.67 -16.50
CA HIS C 23 -4.61 52.46 -15.82
C HIS C 23 -3.99 51.22 -16.46
N ARG C 24 -3.98 51.15 -17.79
CA ARG C 24 -3.41 49.99 -18.45
C ARG C 24 -1.94 49.85 -18.14
N ALA C 25 -1.22 50.96 -18.05
CA ALA C 25 0.21 50.90 -17.76
C ALA C 25 0.44 50.49 -16.31
N ILE C 26 -0.37 51.01 -15.39
CA ILE C 26 -0.15 50.77 -13.96
C ILE C 26 -0.37 49.31 -13.61
N VAL C 27 -1.49 48.73 -14.04
CA VAL C 27 -1.75 47.33 -13.69
C VAL C 27 -0.72 46.41 -14.33
N SER C 28 -0.14 46.83 -15.46
CA SER C 28 0.94 46.06 -16.06
C SER C 28 2.17 46.08 -15.17
N VAL C 29 2.56 47.27 -14.68
CA VAL C 29 3.70 47.36 -13.78
C VAL C 29 3.44 46.52 -12.53
N MET C 30 2.21 46.55 -12.02
CA MET C 30 1.87 45.75 -10.85
C MET C 30 2.10 44.27 -11.13
N ALA C 31 1.63 43.80 -12.28
CA ALA C 31 1.82 42.39 -12.64
C ALA C 31 3.29 42.05 -12.81
N GLU C 32 4.08 42.97 -13.37
CA GLU C 32 5.51 42.73 -13.51
C GLU C 32 6.18 42.62 -12.15
N LEU C 33 5.90 43.58 -11.26
CA LEU C 33 6.46 43.52 -9.91
C LEU C 33 6.06 42.22 -9.22
N GLU C 34 4.79 41.83 -9.32
CA GLU C 34 4.33 40.59 -8.72
C GLU C 34 5.09 39.40 -9.26
N ALA C 35 5.36 39.39 -10.57
CA ALA C 35 6.11 38.29 -11.17
C ALA C 35 7.54 38.26 -10.68
N VAL C 36 8.16 39.43 -10.54
CA VAL C 36 9.50 39.50 -10.00
C VAL C 36 9.55 38.89 -8.61
N ASP C 37 8.62 39.28 -7.75
CA ASP C 37 8.58 38.78 -6.38
C ASP C 37 8.39 37.27 -6.36
N TRP C 38 7.42 36.76 -7.12
CA TRP C 38 7.17 35.32 -7.14
C TRP C 38 8.39 34.55 -7.64
N TYR C 39 8.94 34.98 -8.78
CA TYR C 39 10.11 34.32 -9.33
C TYR C 39 11.31 34.34 -8.37
N ASP C 40 11.55 35.49 -7.74
CA ASP C 40 12.68 35.58 -6.82
C ASP C 40 12.53 34.60 -5.66
N GLN C 41 11.30 34.43 -5.16
CA GLN C 41 11.08 33.47 -4.09
C GLN C 41 11.29 32.05 -4.58
N ARG C 42 10.83 31.73 -5.79
CA ARG C 42 11.01 30.38 -6.31
C ARG C 42 12.47 30.11 -6.64
N VAL C 43 13.24 31.14 -6.97
CA VAL C 43 14.68 30.97 -7.19
C VAL C 43 15.37 30.50 -5.92
N ASP C 44 14.99 31.09 -4.78
CA ASP C 44 15.61 30.71 -3.52
C ASP C 44 15.22 29.30 -3.10
N ALA C 45 13.97 28.92 -3.36
CA ALA C 45 13.46 27.65 -2.86
C ALA C 45 13.66 26.50 -3.84
N SER C 46 13.84 26.79 -5.12
CA SER C 46 13.99 25.73 -6.11
C SER C 46 15.20 24.87 -5.79
N THR C 47 15.03 23.55 -5.91
CA THR C 47 16.11 22.61 -5.72
C THR C 47 16.56 21.98 -7.03
N ASP C 48 16.15 22.54 -8.16
CA ASP C 48 16.55 22.05 -9.47
C ASP C 48 17.33 23.14 -10.19
N PRO C 49 18.64 22.96 -10.41
CA PRO C 49 19.44 24.07 -10.96
C PRO C 49 19.00 24.53 -12.34
N GLU C 50 18.54 23.61 -13.17
CA GLU C 50 18.11 23.96 -14.52
C GLU C 50 16.85 24.83 -14.49
N LEU C 51 15.92 24.52 -13.58
CA LEU C 51 14.73 25.36 -13.44
C LEU C 51 15.07 26.72 -12.86
N THR C 52 15.94 26.76 -11.85
CA THR C 52 16.32 28.03 -11.24
C THR C 52 16.90 29.00 -12.25
N ALA C 53 17.67 28.49 -13.21
CA ALA C 53 18.25 29.35 -14.23
C ALA C 53 17.17 30.04 -15.07
N ILE C 54 16.11 29.30 -15.42
CA ILE C 54 15.02 29.88 -16.18
C ILE C 54 14.27 30.91 -15.35
N LEU C 55 13.91 30.56 -14.11
CA LEU C 55 13.18 31.49 -13.24
C LEU C 55 13.95 32.79 -13.07
N ALA C 56 15.26 32.70 -12.82
CA ALA C 56 16.06 33.91 -12.64
C ALA C 56 16.14 34.72 -13.93
N HIS C 57 16.31 34.03 -15.06
CA HIS C 57 16.33 34.73 -16.34
C HIS C 57 15.05 35.50 -16.57
N ASN C 58 13.90 34.84 -16.42
CA ASN C 58 12.63 35.51 -16.60
C ASN C 58 12.48 36.65 -15.61
N ARG C 59 12.77 36.38 -14.34
CA ARG C 59 12.67 37.41 -13.30
C ARG C 59 13.32 38.72 -13.73
N ASP C 60 14.58 38.67 -14.18
CA ASP C 60 15.30 39.89 -14.48
C ASP C 60 14.74 40.59 -15.71
N GLU C 61 14.11 39.87 -16.63
CA GLU C 61 13.47 40.52 -17.76
C GLU C 61 12.13 41.15 -17.39
N GLU C 62 11.43 40.60 -16.38
CA GLU C 62 10.25 41.28 -15.89
C GLU C 62 10.60 42.68 -15.41
N LYS C 63 11.78 42.84 -14.81
CA LYS C 63 12.22 44.16 -14.37
C LYS C 63 12.37 45.10 -15.54
N GLU C 64 12.89 44.62 -16.66
CA GLU C 64 12.99 45.42 -17.87
C GLU C 64 11.62 45.84 -18.37
N HIS C 65 10.66 44.89 -18.43
CA HIS C 65 9.30 45.24 -18.82
C HIS C 65 8.73 46.34 -17.94
N ALA C 66 8.96 46.25 -16.62
CA ALA C 66 8.45 47.27 -15.72
C ALA C 66 9.13 48.62 -15.98
N ALA C 67 10.43 48.61 -16.20
CA ALA C 67 11.14 49.86 -16.43
C ALA C 67 10.62 50.58 -17.68
N MET C 68 10.40 49.85 -18.76
CA MET C 68 9.89 50.48 -19.98
C MET C 68 8.52 51.09 -19.74
N THR C 69 7.60 50.32 -19.14
CA THR C 69 6.26 50.82 -18.88
C THR C 69 6.30 51.97 -17.89
N LEU C 70 7.22 51.90 -16.93
CA LEU C 70 7.35 52.98 -15.96
C LEU C 70 7.85 54.26 -16.61
N GLU C 71 8.78 54.15 -17.56
CA GLU C 71 9.24 55.32 -18.29
C GLU C 71 8.10 55.98 -19.05
N TRP C 72 7.20 55.18 -19.61
CA TRP C 72 6.03 55.74 -20.29
C TRP C 72 5.19 56.54 -19.30
N LEU C 73 4.95 55.98 -18.12
CA LEU C 73 4.20 56.70 -17.10
C LEU C 73 4.87 58.03 -16.76
N ARG C 74 6.20 58.02 -16.65
CA ARG C 74 6.91 59.25 -16.36
C ARG C 74 6.67 60.29 -17.44
N ARG C 75 6.64 59.86 -18.71
CA ARG C 75 6.48 60.77 -19.83
C ARG C 75 5.06 61.27 -20.00
N ASN C 76 4.09 60.59 -19.39
CA ASN C 76 2.68 60.92 -19.59
C ASN C 76 1.99 61.30 -18.28
N ASP C 77 2.77 61.64 -17.25
CA ASP C 77 2.19 62.03 -15.97
C ASP C 77 3.17 62.96 -15.26
N ALA C 78 2.75 64.19 -15.01
CA ALA C 78 3.68 65.20 -14.50
C ALA C 78 4.20 64.84 -13.11
N LYS C 79 3.33 64.31 -12.24
CA LYS C 79 3.74 64.02 -10.87
C LYS C 79 4.54 62.73 -10.77
N TRP C 80 4.29 61.75 -11.64
CA TRP C 80 5.23 60.64 -11.73
C TRP C 80 6.63 61.14 -12.07
N ALA C 81 6.72 62.09 -13.01
CA ALA C 81 8.02 62.63 -13.41
C ALA C 81 8.68 63.39 -12.26
N GLU C 82 7.89 64.19 -11.54
CA GLU C 82 8.45 64.95 -10.43
C GLU C 82 8.99 64.02 -9.35
N HIS C 83 8.17 63.07 -8.90
CA HIS C 83 8.56 62.24 -7.77
C HIS C 83 9.64 61.23 -8.15
N LEU C 84 9.59 60.70 -9.37
CA LEU C 84 10.68 59.84 -9.83
C LEU C 84 11.97 60.62 -9.99
N ARG C 85 11.88 61.90 -10.39
CA ARG C 85 13.07 62.76 -10.50
C ARG C 85 13.71 63.01 -9.15
N THR C 86 12.92 63.15 -8.10
CA THR C 86 13.48 63.48 -6.81
C THR C 86 14.26 62.31 -6.21
N TYR C 87 13.77 61.07 -6.36
CA TYR C 87 14.29 59.97 -5.55
C TYR C 87 15.11 58.94 -6.29
N LEU C 88 14.88 58.70 -7.57
CA LEU C 88 15.64 57.66 -8.27
C LEU C 88 17.05 58.14 -8.63
N PHE C 89 18.02 57.24 -8.51
CA PHE C 89 19.43 57.53 -8.77
C PHE C 89 19.96 58.61 -7.83
N THR C 90 19.79 58.37 -6.54
CA THR C 90 20.19 59.30 -5.50
C THR C 90 21.14 58.61 -4.53
N GLU C 91 21.66 59.40 -3.59
CA GLU C 91 22.48 58.91 -2.51
C GLU C 91 22.03 59.55 -1.21
N GLY C 92 22.36 58.90 -0.10
CA GLY C 92 21.96 59.39 1.19
C GLY C 92 20.56 58.92 1.56
N PRO C 93 20.08 59.32 2.72
CA PRO C 93 18.75 58.86 3.17
C PRO C 93 17.66 59.24 2.18
N ILE C 94 16.86 58.24 1.79
CA ILE C 94 15.79 58.44 0.81
C ILE C 94 14.68 59.29 1.40
N THR C 95 14.47 59.21 2.71
CA THR C 95 13.46 60.00 3.38
C THR C 95 13.87 61.45 3.57
N ALA C 96 14.95 61.89 2.92
CA ALA C 96 15.41 63.27 3.02
C ALA C 96 15.71 63.84 1.63
N SER D 7 2.39 35.83 3.95
CA SER D 7 2.33 36.68 2.75
C SER D 7 3.14 36.08 1.61
N THR D 8 4.21 35.36 1.96
CA THR D 8 5.10 34.79 0.98
C THR D 8 4.55 33.49 0.42
N HIS D 9 5.04 33.11 -0.77
CA HIS D 9 4.63 31.87 -1.41
C HIS D 9 5.47 30.70 -0.92
N GLU D 10 6.79 30.87 -0.88
CA GLU D 10 7.65 29.81 -0.38
C GLU D 10 7.80 29.97 1.12
N PRO D 11 8.07 28.86 1.84
CA PRO D 11 8.30 28.97 3.29
C PRO D 11 9.47 29.90 3.57
N LEU D 12 9.33 30.73 4.62
CA LEU D 12 10.36 31.70 4.96
C LEU D 12 11.69 31.07 5.39
N GLU D 13 11.70 29.82 5.80
CA GLU D 13 12.92 29.15 6.21
C GLU D 13 13.92 29.04 5.07
N VAL D 14 13.42 28.87 3.84
CA VAL D 14 14.30 28.66 2.67
C VAL D 14 14.57 29.95 1.89
N LEU D 15 13.90 31.05 2.21
CA LEU D 15 14.11 32.30 1.50
C LEU D 15 15.23 33.08 2.15
N LYS D 16 16.06 33.71 1.33
CA LYS D 16 17.02 34.64 1.91
C LYS D 16 16.27 35.86 2.45
N GLU D 17 16.71 36.38 3.58
CA GLU D 17 15.99 37.52 4.14
C GLU D 17 16.06 38.73 3.19
N GLU D 18 17.17 38.90 2.50
CA GLU D 18 17.24 39.96 1.51
C GLU D 18 16.12 39.79 0.49
N THR D 19 15.83 38.55 0.10
CA THR D 19 14.69 38.29 -0.77
C THR D 19 13.39 38.69 -0.08
N VAL D 20 13.27 38.42 1.23
CA VAL D 20 12.05 38.75 1.95
C VAL D 20 11.91 40.27 2.09
N ASN D 21 13.03 40.98 2.29
CA ASN D 21 12.97 42.44 2.35
C ASN D 21 12.56 43.02 1.01
N ARG D 22 13.09 42.47 -0.09
CA ARG D 22 12.66 42.88 -1.43
C ARG D 22 11.19 42.55 -1.65
N HIS D 23 10.73 41.43 -1.11
CA HIS D 23 9.30 41.12 -1.15
C HIS D 23 8.50 42.22 -0.47
N ARG D 24 8.95 42.65 0.72
CA ARG D 24 8.25 43.70 1.44
C ARG D 24 8.22 44.98 0.63
N ALA D 25 9.30 45.26 -0.10
CA ALA D 25 9.36 46.47 -0.92
C ALA D 25 8.44 46.35 -2.13
N ILE D 26 8.40 45.17 -2.78
CA ILE D 26 7.64 45.02 -4.00
C ILE D 26 6.14 45.14 -3.74
N VAL D 27 5.62 44.41 -2.73
CA VAL D 27 4.19 44.47 -2.47
C VAL D 27 3.76 45.86 -2.04
N SER D 28 4.67 46.62 -1.41
CA SER D 28 4.35 48.00 -1.07
C SER D 28 4.17 48.84 -2.33
N VAL D 29 5.11 48.75 -3.28
CA VAL D 29 4.97 49.48 -4.53
C VAL D 29 3.70 49.05 -5.26
N MET D 30 3.42 47.75 -5.28
CA MET D 30 2.20 47.26 -5.91
C MET D 30 0.98 47.92 -5.29
N ALA D 31 0.94 48.00 -3.96
CA ALA D 31 -0.18 48.64 -3.27
C ALA D 31 -0.24 50.13 -3.61
N GLU D 32 0.92 50.78 -3.68
CA GLU D 32 0.94 52.20 -4.04
C GLU D 32 0.40 52.40 -5.45
N LEU D 33 0.87 51.60 -6.40
CA LEU D 33 0.39 51.71 -7.78
C LEU D 33 -1.12 51.49 -7.85
N GLU D 34 -1.63 50.48 -7.14
CA GLU D 34 -3.07 50.25 -7.14
C GLU D 34 -3.81 51.47 -6.60
N ALA D 35 -3.27 52.11 -5.57
CA ALA D 35 -3.92 53.30 -5.02
C ALA D 35 -3.91 54.45 -6.01
N VAL D 36 -2.81 54.65 -6.72
CA VAL D 36 -2.75 55.74 -7.70
C VAL D 36 -3.86 55.58 -8.73
N ASP D 37 -4.01 54.36 -9.26
CA ASP D 37 -5.00 54.11 -10.29
C ASP D 37 -6.42 54.36 -9.77
N TRP D 38 -6.75 53.77 -8.62
CA TRP D 38 -8.09 53.92 -8.08
C TRP D 38 -8.42 55.38 -7.81
N TYR D 39 -7.52 56.09 -7.13
CA TYR D 39 -7.74 57.50 -6.85
C TYR D 39 -7.93 58.29 -8.13
N ASP D 40 -7.11 58.03 -9.14
CA ASP D 40 -7.23 58.76 -10.40
C ASP D 40 -8.58 58.50 -11.05
N GLN D 41 -9.07 57.26 -10.98
CA GLN D 41 -10.38 56.96 -11.54
C GLN D 41 -11.48 57.68 -10.77
N ARG D 42 -11.36 57.72 -9.44
CA ARG D 42 -12.35 58.42 -8.64
C ARG D 42 -12.26 59.92 -8.85
N VAL D 43 -11.07 60.42 -9.19
CA VAL D 43 -10.94 61.84 -9.50
C VAL D 43 -11.75 62.20 -10.74
N ASP D 44 -11.71 61.33 -11.76
CA ASP D 44 -12.48 61.58 -12.97
C ASP D 44 -13.97 61.48 -12.73
N ALA D 45 -14.39 60.52 -11.90
CA ALA D 45 -15.80 60.23 -11.72
C ALA D 45 -16.45 61.01 -10.58
N SER D 46 -15.66 61.50 -9.63
CA SER D 46 -16.23 62.20 -8.48
C SER D 46 -17.00 63.43 -8.94
N THR D 47 -18.17 63.64 -8.32
CA THR D 47 -18.98 64.81 -8.60
C THR D 47 -19.00 65.80 -7.42
N ASP D 48 -18.08 65.64 -6.47
CA ASP D 48 -17.94 66.55 -5.34
C ASP D 48 -16.56 67.18 -5.38
N PRO D 49 -16.44 68.48 -5.68
CA PRO D 49 -15.10 69.06 -5.88
C PRO D 49 -14.18 68.97 -4.67
N GLU D 50 -14.71 69.11 -3.45
CA GLU D 50 -13.82 69.05 -2.30
C GLU D 50 -13.27 67.64 -2.10
N LEU D 51 -14.08 66.61 -2.37
CA LEU D 51 -13.55 65.25 -2.31
C LEU D 51 -12.53 65.01 -3.41
N THR D 52 -12.83 65.47 -4.64
CA THR D 52 -11.90 65.33 -5.74
C THR D 52 -10.54 65.91 -5.39
N ALA D 53 -10.53 67.01 -4.64
CA ALA D 53 -9.27 67.60 -4.22
C ALA D 53 -8.51 66.65 -3.29
N ILE D 54 -9.22 65.98 -2.38
CA ILE D 54 -8.56 65.06 -1.47
C ILE D 54 -8.04 63.84 -2.23
N LEU D 55 -8.88 63.24 -3.06
CA LEU D 55 -8.45 62.09 -3.84
C LEU D 55 -7.24 62.44 -4.70
N ALA D 56 -7.25 63.61 -5.33
CA ALA D 56 -6.13 64.00 -6.20
C ALA D 56 -4.88 64.25 -5.37
N HIS D 57 -5.04 64.88 -4.20
CA HIS D 57 -3.91 65.07 -3.31
C HIS D 57 -3.29 63.74 -2.92
N ASN D 58 -4.13 62.82 -2.42
CA ASN D 58 -3.62 61.52 -2.00
C ASN D 58 -2.95 60.81 -3.16
N ARG D 59 -3.60 60.80 -4.32
CA ARG D 59 -3.04 60.17 -5.52
C ARG D 59 -1.59 60.58 -5.74
N ASP D 60 -1.32 61.87 -5.78
CA ASP D 60 0.03 62.34 -6.10
C ASP D 60 1.05 61.99 -5.03
N GLU D 61 0.62 61.82 -3.78
CA GLU D 61 1.56 61.38 -2.76
C GLU D 61 1.81 59.88 -2.82
N GLU D 62 0.84 59.10 -3.31
CA GLU D 62 1.11 57.68 -3.50
C GLU D 62 2.26 57.48 -4.48
N LYS D 63 2.34 58.34 -5.50
CA LYS D 63 3.46 58.29 -6.42
C LYS D 63 4.79 58.58 -5.72
N GLU D 64 4.77 59.52 -4.77
CA GLU D 64 5.96 59.79 -3.98
C GLU D 64 6.35 58.56 -3.17
N HIS D 65 5.37 57.94 -2.52
CA HIS D 65 5.64 56.70 -1.80
C HIS D 65 6.23 55.64 -2.71
N ALA D 66 5.68 55.52 -3.93
CA ALA D 66 6.19 54.52 -4.86
C ALA D 66 7.64 54.84 -5.26
N ALA D 67 7.92 56.11 -5.56
CA ALA D 67 9.26 56.49 -5.97
C ALA D 67 10.27 56.18 -4.88
N MET D 68 9.94 56.48 -3.62
CA MET D 68 10.86 56.23 -2.53
C MET D 68 11.16 54.73 -2.43
N THR D 69 10.11 53.91 -2.42
CA THR D 69 10.32 52.47 -2.32
C THR D 69 11.02 51.94 -3.57
N LEU D 70 10.73 52.53 -4.73
CA LEU D 70 11.37 52.10 -5.95
C LEU D 70 12.87 52.41 -5.92
N GLU D 71 13.26 53.56 -5.34
CA GLU D 71 14.69 53.87 -5.20
C GLU D 71 15.38 52.85 -4.30
N TRP D 72 14.70 52.40 -3.23
CA TRP D 72 15.29 51.38 -2.37
C TRP D 72 15.53 50.09 -3.14
N LEU D 73 14.55 49.66 -3.95
CA LEU D 73 14.75 48.47 -4.77
C LEU D 73 15.95 48.63 -5.70
N ARG D 74 16.09 49.80 -6.32
CA ARG D 74 17.21 50.03 -7.22
C ARG D 74 18.53 49.85 -6.50
N ARG D 75 18.62 50.30 -5.26
CA ARG D 75 19.86 50.25 -4.51
C ARG D 75 20.17 48.85 -3.99
N ASN D 76 19.19 47.96 -3.96
CA ASN D 76 19.35 46.64 -3.36
C ASN D 76 19.09 45.51 -4.36
N ASP D 77 19.12 45.80 -5.66
CA ASP D 77 18.93 44.77 -6.68
C ASP D 77 19.63 45.22 -7.95
N ALA D 78 20.60 44.42 -8.39
CA ALA D 78 21.47 44.86 -9.49
C ALA D 78 20.67 45.07 -10.77
N LYS D 79 19.71 44.19 -11.05
CA LYS D 79 18.97 44.31 -12.31
C LYS D 79 17.93 45.41 -12.27
N TRP D 80 17.37 45.73 -11.11
CA TRP D 80 16.57 46.95 -11.02
C TRP D 80 17.43 48.16 -11.40
N ALA D 81 18.66 48.22 -10.89
CA ALA D 81 19.54 49.35 -11.20
C ALA D 81 19.92 49.37 -12.67
N GLU D 82 20.20 48.21 -13.26
CA GLU D 82 20.57 48.17 -14.66
C GLU D 82 19.43 48.64 -15.55
N HIS D 83 18.25 48.02 -15.42
CA HIS D 83 17.15 48.30 -16.34
C HIS D 83 16.53 49.66 -16.10
N LEU D 84 16.45 50.10 -14.85
CA LEU D 84 16.00 51.47 -14.56
C LEU D 84 16.99 52.51 -15.13
N ARG D 85 18.29 52.23 -15.11
CA ARG D 85 19.25 53.16 -15.71
C ARG D 85 19.05 53.26 -17.22
N THR D 86 18.59 52.17 -17.86
CA THR D 86 18.45 52.15 -19.32
C THR D 86 17.28 52.99 -19.80
N TYR D 87 16.15 52.96 -19.07
CA TYR D 87 14.91 53.52 -19.60
C TYR D 87 14.44 54.78 -18.90
N LEU D 88 14.82 55.01 -17.66
CA LEU D 88 14.32 56.16 -16.95
C LEU D 88 15.02 57.42 -17.45
N PHE D 89 14.26 58.49 -17.64
CA PHE D 89 14.82 59.81 -18.01
C PHE D 89 15.57 59.72 -19.33
N THR D 90 14.86 59.22 -20.33
CA THR D 90 15.42 59.01 -21.66
C THR D 90 14.58 59.73 -22.70
N GLU D 91 15.15 59.89 -23.88
CA GLU D 91 14.44 60.43 -25.04
C GLU D 91 14.40 59.37 -26.14
N GLY D 92 13.36 59.44 -26.97
CA GLY D 92 13.22 58.53 -28.07
C GLY D 92 12.29 57.38 -27.77
N PRO D 93 12.12 56.49 -28.76
CA PRO D 93 11.23 55.34 -28.56
C PRO D 93 11.73 54.44 -27.44
N ILE D 94 10.84 54.19 -26.46
CA ILE D 94 11.20 53.36 -25.32
C ILE D 94 11.65 51.98 -25.77
N THR D 95 11.12 51.49 -26.88
CA THR D 95 11.53 50.18 -27.38
C THR D 95 12.72 50.30 -28.32
N SER E 7 -17.84 48.60 -9.36
CA SER E 7 -17.32 48.74 -8.00
C SER E 7 -18.44 48.70 -6.97
N THR E 8 -19.60 49.24 -7.33
CA THR E 8 -20.72 49.33 -6.41
C THR E 8 -21.40 47.97 -6.23
N HIS E 9 -22.13 47.85 -5.13
CA HIS E 9 -22.87 46.63 -4.81
C HIS E 9 -24.25 46.59 -5.45
N GLU E 10 -24.87 47.75 -5.66
CA GLU E 10 -26.12 47.94 -6.36
C GLU E 10 -25.92 48.62 -7.67
N PRO E 11 -26.79 48.50 -8.64
CA PRO E 11 -26.65 49.16 -9.91
C PRO E 11 -26.55 50.69 -9.74
N LEU E 12 -25.66 51.33 -10.50
CA LEU E 12 -25.56 52.79 -10.40
C LEU E 12 -26.85 53.51 -10.81
N GLU E 13 -27.73 52.85 -11.53
CA GLU E 13 -28.98 53.44 -11.95
C GLU E 13 -29.84 53.81 -10.75
N VAL E 14 -29.77 53.01 -9.68
CA VAL E 14 -30.65 53.18 -8.53
C VAL E 14 -30.00 53.93 -7.36
N LEU E 15 -28.72 54.21 -7.41
CA LEU E 15 -28.00 54.83 -6.30
C LEU E 15 -28.03 56.34 -6.40
N LYS E 16 -28.17 57.02 -5.26
CA LYS E 16 -28.14 58.47 -5.27
C LYS E 16 -26.72 58.94 -5.52
N GLU E 17 -26.56 60.07 -6.19
CA GLU E 17 -25.22 60.63 -6.36
C GLU E 17 -24.49 60.84 -5.02
N GLU E 18 -25.21 61.31 -3.99
CA GLU E 18 -24.62 61.49 -2.68
C GLU E 18 -24.14 60.15 -2.15
N THR E 19 -24.89 59.08 -2.42
CA THR E 19 -24.50 57.75 -1.94
C THR E 19 -23.23 57.25 -2.62
N VAL E 20 -23.10 57.50 -3.91
CA VAL E 20 -21.95 57.02 -4.66
C VAL E 20 -20.69 57.80 -4.27
N ASN E 21 -20.82 59.10 -4.03
CA ASN E 21 -19.66 59.86 -3.58
C ASN E 21 -19.20 59.40 -2.20
N ARG E 22 -20.15 59.15 -1.29
CA ARG E 22 -19.78 58.60 0.01
C ARG E 22 -19.14 57.23 -0.15
N HIS E 23 -19.60 56.46 -1.11
CA HIS E 23 -18.94 55.19 -1.41
C HIS E 23 -17.48 55.41 -1.80
N ARG E 24 -17.23 56.40 -2.65
CA ARG E 24 -15.85 56.66 -3.07
C ARG E 24 -14.96 57.05 -1.90
N ALA E 25 -15.50 57.81 -0.94
CA ALA E 25 -14.68 58.16 0.20
C ALA E 25 -14.45 56.94 1.09
N ILE E 26 -15.48 56.11 1.30
CA ILE E 26 -15.40 55.00 2.24
C ILE E 26 -14.37 53.99 1.76
N VAL E 27 -14.44 53.57 0.50
CA VAL E 27 -13.49 52.59 0.01
C VAL E 27 -12.08 53.18 0.01
N SER E 28 -11.94 54.50 -0.10
CA SER E 28 -10.64 55.14 0.01
C SER E 28 -10.09 55.01 1.43
N VAL E 29 -10.91 55.33 2.43
CA VAL E 29 -10.46 55.18 3.81
C VAL E 29 -10.09 53.74 4.09
N MET E 30 -10.87 52.79 3.55
CA MET E 30 -10.58 51.38 3.74
C MET E 30 -9.19 51.04 3.20
N ALA E 31 -8.87 51.53 2.01
CA ALA E 31 -7.57 51.24 1.42
C ALA E 31 -6.44 51.87 2.23
N GLU E 32 -6.66 53.08 2.76
CA GLU E 32 -5.63 53.71 3.59
C GLU E 32 -5.39 52.92 4.88
N LEU E 33 -6.48 52.55 5.58
CA LEU E 33 -6.34 51.75 6.78
C LEU E 33 -5.58 50.45 6.49
N GLU E 34 -5.95 49.76 5.42
CA GLU E 34 -5.25 48.52 5.07
C GLU E 34 -3.75 48.78 4.86
N ALA E 35 -3.40 49.90 4.22
CA ALA E 35 -2.00 50.22 4.00
C ALA E 35 -1.28 50.49 5.31
N VAL E 36 -1.94 51.19 6.24
CA VAL E 36 -1.36 51.43 7.55
C VAL E 36 -1.04 50.10 8.22
N ASP E 37 -2.00 49.18 8.22
CA ASP E 37 -1.80 47.90 8.90
C ASP E 37 -0.65 47.11 8.28
N TRP E 38 -0.67 46.94 6.96
CA TRP E 38 0.38 46.18 6.29
C TRP E 38 1.75 46.83 6.48
N TYR E 39 1.83 48.14 6.27
CA TYR E 39 3.10 48.82 6.45
C TYR E 39 3.63 48.65 7.88
N ASP E 40 2.75 48.80 8.88
CA ASP E 40 3.18 48.70 10.26
C ASP E 40 3.72 47.30 10.55
N GLN E 41 3.10 46.28 9.96
CA GLN E 41 3.61 44.92 10.14
C GLN E 41 4.96 44.75 9.46
N ARG E 42 5.13 45.33 8.27
CA ARG E 42 6.40 45.24 7.57
C ARG E 42 7.48 46.04 8.26
N VAL E 43 7.09 47.10 8.98
CA VAL E 43 8.07 47.85 9.76
C VAL E 43 8.64 46.96 10.86
N ASP E 44 7.77 46.19 11.53
CA ASP E 44 8.23 45.31 12.60
C ASP E 44 9.10 44.18 12.08
N ALA E 45 8.78 43.65 10.89
CA ALA E 45 9.48 42.48 10.39
C ALA E 45 10.70 42.81 9.57
N SER E 46 10.78 44.01 9.01
CA SER E 46 11.90 44.35 8.14
C SER E 46 13.21 44.27 8.89
N THR E 47 14.22 43.71 8.23
CA THR E 47 15.57 43.62 8.75
C THR E 47 16.54 44.54 8.01
N ASP E 48 16.02 45.47 7.21
CA ASP E 48 16.86 46.45 6.53
C ASP E 48 16.46 47.84 7.01
N PRO E 49 17.29 48.53 7.78
CA PRO E 49 16.84 49.81 8.37
C PRO E 49 16.46 50.86 7.36
N GLU E 50 17.14 50.93 6.22
CA GLU E 50 16.78 51.94 5.22
C GLU E 50 15.37 51.71 4.71
N LEU E 51 14.99 50.45 4.50
CA LEU E 51 13.62 50.14 4.10
C LEU E 51 12.65 50.46 5.23
N THR E 52 13.00 50.11 6.46
CA THR E 52 12.11 50.39 7.59
C THR E 52 11.78 51.88 7.67
N ALA E 53 12.74 52.73 7.35
CA ALA E 53 12.47 54.16 7.38
C ALA E 53 11.42 54.55 6.34
N ILE E 54 11.49 53.94 5.15
CA ILE E 54 10.53 54.28 4.10
C ILE E 54 9.14 53.77 4.46
N LEU E 55 9.03 52.51 4.85
CA LEU E 55 7.72 51.98 5.22
C LEU E 55 7.10 52.80 6.35
N ALA E 56 7.89 53.18 7.35
CA ALA E 56 7.34 53.96 8.45
C ALA E 56 6.90 55.34 7.97
N HIS E 57 7.69 55.97 7.11
CA HIS E 57 7.31 57.27 6.58
C HIS E 57 6.00 57.18 5.80
N ASN E 58 5.92 56.24 4.87
CA ASN E 58 4.70 56.10 4.07
C ASN E 58 3.51 55.82 4.97
N ARG E 59 3.67 54.85 5.89
CA ARG E 59 2.61 54.52 6.84
C ARG E 59 2.01 55.76 7.46
N ASP E 60 2.85 56.63 8.01
CA ASP E 60 2.34 57.77 8.75
C ASP E 60 1.63 58.75 7.82
N GLU E 61 1.98 58.77 6.53
CA GLU E 61 1.21 59.62 5.64
C GLU E 61 -0.11 58.99 5.24
N GLU E 62 -0.20 57.65 5.22
CA GLU E 62 -1.48 57.01 4.97
C GLU E 62 -2.50 57.41 6.03
N LYS E 63 -2.05 57.53 7.28
CA LYS E 63 -2.93 58.00 8.33
C LYS E 63 -3.44 59.40 8.02
N GLU E 64 -2.56 60.25 7.48
CA GLU E 64 -2.96 61.59 7.07
C GLU E 64 -4.00 61.50 5.95
N HIS E 65 -3.73 60.66 4.94
CA HIS E 65 -4.70 60.48 3.87
C HIS E 65 -6.05 60.03 4.42
N ALA E 66 -6.04 59.10 5.37
CA ALA E 66 -7.29 58.61 5.96
C ALA E 66 -8.01 59.70 6.74
N ALA E 67 -7.28 60.48 7.54
CA ALA E 67 -7.91 61.53 8.33
C ALA E 67 -8.58 62.56 7.43
N MET E 68 -7.92 62.94 6.34
CA MET E 68 -8.49 63.91 5.41
C MET E 68 -9.80 63.40 4.83
N THR E 69 -9.83 62.14 4.38
CA THR E 69 -11.05 61.59 3.80
C THR E 69 -12.14 61.43 4.84
N LEU E 70 -11.77 61.09 6.08
CA LEU E 70 -12.78 60.96 7.12
C LEU E 70 -13.39 62.30 7.44
N GLU E 71 -12.59 63.37 7.42
CA GLU E 71 -13.15 64.70 7.64
C GLU E 71 -14.19 65.02 6.58
N TRP E 72 -13.94 64.63 5.31
CA TRP E 72 -14.94 64.83 4.28
C TRP E 72 -16.22 64.05 4.60
N LEU E 73 -16.06 62.80 5.05
CA LEU E 73 -17.24 62.03 5.45
C LEU E 73 -17.98 62.71 6.58
N ARG E 74 -17.25 63.24 7.56
CA ARG E 74 -17.89 63.94 8.67
C ARG E 74 -18.73 65.10 8.17
N ARG E 75 -18.22 65.84 7.20
CA ARG E 75 -18.94 67.01 6.70
C ARG E 75 -20.11 66.66 5.78
N ASN E 76 -20.16 65.44 5.23
CA ASN E 76 -21.14 65.07 4.23
C ASN E 76 -22.01 63.89 4.65
N ASP E 77 -22.05 63.57 5.94
CA ASP E 77 -22.88 62.49 6.44
C ASP E 77 -23.23 62.79 7.89
N ALA E 78 -24.53 62.93 8.16
CA ALA E 78 -24.96 63.40 9.48
C ALA E 78 -24.56 62.43 10.59
N LYS E 79 -24.69 61.13 10.35
CA LYS E 79 -24.43 60.18 11.42
C LYS E 79 -22.94 59.95 11.63
N TRP E 80 -22.13 60.04 10.57
CA TRP E 80 -20.69 60.06 10.80
C TRP E 80 -20.31 61.21 11.69
N ALA E 81 -20.89 62.39 11.44
CA ALA E 81 -20.57 63.55 12.26
C ALA E 81 -21.09 63.37 13.68
N GLU E 82 -22.31 62.84 13.83
CA GLU E 82 -22.85 62.64 15.16
C GLU E 82 -21.98 61.69 15.97
N HIS E 83 -21.69 60.52 15.41
CA HIS E 83 -20.99 59.48 16.16
C HIS E 83 -19.52 59.82 16.35
N LEU E 84 -18.88 60.44 15.35
CA LEU E 84 -17.48 60.83 15.52
C LEU E 84 -17.31 61.90 16.59
N ARG E 85 -18.27 62.83 16.68
CA ARG E 85 -18.19 63.85 17.73
C ARG E 85 -18.34 63.23 19.12
N THR E 86 -19.10 62.13 19.22
CA THR E 86 -19.32 61.51 20.52
C THR E 86 -18.05 60.91 21.08
N TYR E 87 -17.24 60.26 20.24
CA TYR E 87 -16.14 59.44 20.75
C TYR E 87 -14.76 60.00 20.44
N LEU E 88 -14.58 60.74 19.36
CA LEU E 88 -13.26 61.22 19.00
C LEU E 88 -12.84 62.38 19.90
N PHE E 89 -11.57 62.35 20.29
CA PHE E 89 -11.00 63.38 21.16
C PHE E 89 -11.71 63.40 22.50
N THR E 90 -11.80 62.22 23.11
CA THR E 90 -12.41 62.03 24.41
C THR E 90 -11.40 61.37 25.34
N GLU E 91 -11.58 61.57 26.64
CA GLU E 91 -10.81 60.90 27.67
C GLU E 91 -11.80 60.19 28.57
N GLY E 92 -11.61 58.91 28.80
CA GLY E 92 -12.57 58.16 29.55
C GLY E 92 -13.05 56.94 28.79
N PRO E 93 -13.54 55.93 29.51
CA PRO E 93 -13.96 54.68 28.86
C PRO E 93 -14.77 54.89 27.58
N ILE E 94 -14.28 54.33 26.47
CA ILE E 94 -14.95 54.50 25.18
C ILE E 94 -16.33 53.88 25.22
N THR E 95 -16.47 52.74 25.89
CA THR E 95 -17.76 52.07 26.02
C THR E 95 -18.55 52.66 27.21
N ALA E 96 -18.77 53.97 27.14
CA ALA E 96 -19.53 54.70 28.16
C ALA E 96 -19.65 56.18 27.77
N SER F 7 -4.63 36.19 10.01
CA SER F 7 -5.10 37.37 9.29
C SER F 7 -3.98 38.42 9.09
N THR F 8 -2.84 38.20 9.76
CA THR F 8 -1.70 39.12 9.64
C THR F 8 -0.75 38.63 8.56
N HIS F 9 -0.13 39.59 7.85
CA HIS F 9 0.72 39.26 6.71
C HIS F 9 2.13 38.84 7.14
N GLU F 10 2.62 39.36 8.26
CA GLU F 10 3.88 38.89 8.81
C GLU F 10 3.63 37.90 9.93
N PRO F 11 4.58 37.00 10.18
CA PRO F 11 4.41 36.04 11.29
C PRO F 11 4.27 36.75 12.64
N LEU F 12 3.40 36.23 13.49
CA LEU F 12 3.14 36.86 14.77
C LEU F 12 4.36 36.88 15.68
N GLU F 13 5.33 36.00 15.43
CA GLU F 13 6.53 35.97 16.26
C GLU F 13 7.36 37.25 16.14
N VAL F 14 7.34 37.88 14.96
CA VAL F 14 8.14 39.07 14.74
C VAL F 14 7.35 40.36 14.96
N LEU F 15 6.04 40.28 15.16
CA LEU F 15 5.23 41.46 15.37
C LEU F 15 5.13 41.80 16.86
N LYS F 16 5.19 43.08 17.16
CA LYS F 16 4.96 43.55 18.52
C LYS F 16 3.49 43.41 18.92
N GLU F 17 3.26 43.26 20.23
CA GLU F 17 1.91 43.12 20.73
C GLU F 17 1.05 44.32 20.32
N GLU F 18 1.62 45.52 20.39
CA GLU F 18 0.85 46.70 20.03
C GLU F 18 0.43 46.66 18.56
N THR F 19 1.31 46.16 17.69
CA THR F 19 1.00 46.09 16.26
C THR F 19 -0.17 45.16 15.97
N VAL F 20 -0.23 44.02 16.65
CA VAL F 20 -1.32 43.09 16.39
C VAL F 20 -2.64 43.65 16.93
N ASN F 21 -2.61 44.35 18.05
CA ASN F 21 -3.84 44.96 18.57
C ASN F 21 -4.33 46.07 17.65
N ARG F 22 -3.43 46.91 17.16
CA ARG F 22 -3.82 47.92 16.19
C ARG F 22 -4.33 47.27 14.90
N HIS F 23 -3.74 46.13 14.51
CA HIS F 23 -4.25 45.37 13.38
C HIS F 23 -5.69 44.93 13.63
N ARG F 24 -5.96 44.39 14.82
CA ARG F 24 -7.33 43.96 15.13
C ARG F 24 -8.30 45.13 15.07
N ALA F 25 -7.87 46.31 15.50
CA ALA F 25 -8.74 47.47 15.44
C ALA F 25 -8.92 47.93 14.00
N ILE F 26 -7.84 47.96 13.22
CA ILE F 26 -7.90 48.48 11.86
C ILE F 26 -8.80 47.62 10.99
N VAL F 27 -8.61 46.30 11.01
CA VAL F 27 -9.43 45.44 10.17
C VAL F 27 -10.89 45.50 10.63
N SER F 28 -11.12 45.78 11.90
CA SER F 28 -12.48 45.98 12.38
C SER F 28 -13.08 47.25 11.78
N VAL F 29 -12.35 48.36 11.83
CA VAL F 29 -12.85 49.61 11.24
C VAL F 29 -13.12 49.43 9.75
N MET F 30 -12.25 48.69 9.06
CA MET F 30 -12.47 48.40 7.65
C MET F 30 -13.79 47.66 7.44
N ALA F 31 -14.05 46.64 8.26
CA ALA F 31 -15.27 45.87 8.12
C ALA F 31 -16.49 46.74 8.42
N GLU F 32 -16.39 47.61 9.43
CA GLU F 32 -17.49 48.53 9.72
C GLU F 32 -17.71 49.49 8.56
N LEU F 33 -16.64 50.07 8.04
CA LEU F 33 -16.76 50.95 6.88
C LEU F 33 -17.45 50.23 5.72
N GLU F 34 -17.01 49.00 5.41
CA GLU F 34 -17.64 48.25 4.34
C GLU F 34 -19.13 48.04 4.61
N ALA F 35 -19.49 47.78 5.87
CA ALA F 35 -20.89 47.58 6.20
C ALA F 35 -21.69 48.85 5.97
N VAL F 36 -21.15 50.00 6.35
CA VAL F 36 -21.84 51.27 6.13
C VAL F 36 -22.13 51.46 4.65
N ASP F 37 -21.11 51.23 3.81
CA ASP F 37 -21.26 51.43 2.37
C ASP F 37 -22.31 50.50 1.78
N TRP F 38 -22.23 49.20 2.09
CA TRP F 38 -23.19 48.26 1.53
C TRP F 38 -24.60 48.58 1.99
N TYR F 39 -24.79 48.79 3.29
CA TYR F 39 -26.13 49.08 3.79
C TYR F 39 -26.69 50.32 3.10
N ASP F 40 -25.87 51.38 2.97
CA ASP F 40 -26.37 52.61 2.35
C ASP F 40 -26.80 52.37 0.91
N GLN F 41 -26.05 51.54 0.17
CA GLN F 41 -26.44 51.24 -1.20
C GLN F 41 -27.74 50.47 -1.26
N ARG F 42 -27.93 49.51 -0.33
CA ARG F 42 -29.17 48.75 -0.32
C ARG F 42 -30.35 49.60 0.16
N VAL F 43 -30.08 50.62 0.97
CA VAL F 43 -31.16 51.51 1.37
C VAL F 43 -31.70 52.25 0.14
N ASP F 44 -30.82 52.65 -0.77
CA ASP F 44 -31.26 53.31 -2.00
C ASP F 44 -32.03 52.36 -2.90
N ALA F 45 -31.61 51.10 -2.97
CA ALA F 45 -32.17 50.15 -3.93
C ALA F 45 -33.37 49.38 -3.41
N SER F 46 -33.51 49.28 -2.10
CA SER F 46 -34.59 48.50 -1.52
C SER F 46 -35.95 49.02 -1.97
N THR F 47 -36.83 48.10 -2.34
CA THR F 47 -38.20 48.40 -2.69
C THR F 47 -39.17 47.91 -1.62
N ASP F 48 -38.67 47.55 -0.45
CA ASP F 48 -39.50 47.14 0.70
C ASP F 48 -39.22 48.08 1.87
N PRO F 49 -40.16 48.99 2.20
CA PRO F 49 -39.84 50.01 3.21
C PRO F 49 -39.51 49.44 4.57
N GLU F 50 -40.16 48.34 4.99
CA GLU F 50 -39.82 47.79 6.32
C GLU F 50 -38.38 47.26 6.34
N LEU F 51 -37.92 46.63 5.27
CA LEU F 51 -36.52 46.22 5.25
C LEU F 51 -35.61 47.45 5.24
N THR F 52 -35.96 48.45 4.41
CA THR F 52 -35.15 49.67 4.34
C THR F 52 -34.97 50.29 5.72
N ALA F 53 -36.01 50.22 6.56
CA ALA F 53 -35.88 50.77 7.91
C ALA F 53 -34.81 50.03 8.69
N ILE F 54 -34.75 48.70 8.56
CA ILE F 54 -33.76 47.92 9.28
C ILE F 54 -32.36 48.21 8.75
N LEU F 55 -32.20 48.17 7.42
CA LEU F 55 -30.90 48.43 6.82
C LEU F 55 -30.37 49.79 7.24
N ALA F 56 -31.25 50.80 7.26
CA ALA F 56 -30.82 52.14 7.66
C ALA F 56 -30.44 52.18 9.13
N HIS F 57 -31.21 51.50 9.98
CA HIS F 57 -30.89 51.44 11.41
C HIS F 57 -29.51 50.83 11.64
N ASN F 58 -29.27 49.66 11.05
CA ASN F 58 -27.98 48.99 11.22
C ASN F 58 -26.86 49.86 10.68
N ARG F 59 -27.01 50.39 9.47
CA ARG F 59 -25.98 51.23 8.88
C ARG F 59 -25.47 52.27 9.87
N ASP F 60 -26.37 53.03 10.46
CA ASP F 60 -25.96 54.13 11.31
C ASP F 60 -25.27 53.65 12.57
N GLU F 61 -25.58 52.43 13.02
CA GLU F 61 -24.87 51.92 14.19
C GLU F 61 -23.49 51.39 13.83
N GLU F 62 -23.30 50.95 12.58
CA GLU F 62 -21.95 50.60 12.15
C GLU F 62 -21.04 51.81 12.26
N LYS F 63 -21.57 53.00 11.95
CA LYS F 63 -20.77 54.21 12.08
C LYS F 63 -20.36 54.42 13.53
N GLU F 64 -21.26 54.14 14.48
CA GLU F 64 -20.92 54.21 15.89
C GLU F 64 -19.82 53.20 16.24
N HIS F 65 -19.98 51.96 15.78
CA HIS F 65 -18.94 50.96 16.00
C HIS F 65 -17.60 51.42 15.43
N ALA F 66 -17.61 52.03 14.24
CA ALA F 66 -16.38 52.52 13.65
C ALA F 66 -15.80 53.68 14.47
N ALA F 67 -16.67 54.63 14.87
CA ALA F 67 -16.19 55.78 15.62
C ALA F 67 -15.53 55.35 16.92
N MET F 68 -16.12 54.38 17.61
CA MET F 68 -15.55 53.87 18.86
C MET F 68 -14.17 53.26 18.62
N THR F 69 -14.05 52.40 17.61
CA THR F 69 -12.78 51.75 17.32
C THR F 69 -11.73 52.74 16.86
N LEU F 70 -12.13 53.76 16.10
CA LEU F 70 -11.15 54.76 15.67
C LEU F 70 -10.61 55.55 16.87
N GLU F 71 -11.48 55.89 17.83
CA GLU F 71 -10.99 56.60 19.00
C GLU F 71 -9.91 55.79 19.71
N TRP F 72 -10.09 54.47 19.79
CA TRP F 72 -9.08 53.62 20.39
C TRP F 72 -7.76 53.70 19.61
N LEU F 73 -7.85 53.65 18.28
CA LEU F 73 -6.64 53.81 17.47
C LEU F 73 -5.98 55.15 17.75
N ARG F 74 -6.79 56.21 17.84
CA ARG F 74 -6.21 57.53 18.11
C ARG F 74 -5.46 57.54 19.43
N ARG F 75 -6.00 56.86 20.44
CA ARG F 75 -5.39 56.85 21.77
C ARG F 75 -4.16 55.96 21.85
N ASN F 76 -3.96 55.05 20.89
CA ASN F 76 -2.87 54.08 20.95
C ASN F 76 -1.90 54.23 19.78
N ASP F 77 -1.90 55.38 19.11
CA ASP F 77 -0.99 55.63 18.00
C ASP F 77 -0.77 57.13 17.88
N ALA F 78 0.49 57.56 18.04
CA ALA F 78 0.79 58.99 18.11
C ALA F 78 0.41 59.70 16.80
N LYS F 79 0.63 59.05 15.65
CA LYS F 79 0.37 59.67 14.36
C LYS F 79 -1.11 59.62 13.98
N TRP F 80 -1.86 58.62 14.43
CA TRP F 80 -3.31 58.72 14.30
C TRP F 80 -3.83 59.93 15.05
N ALA F 81 -3.31 60.17 16.25
CA ALA F 81 -3.74 61.32 17.03
C ALA F 81 -3.33 62.63 16.38
N GLU F 82 -2.09 62.70 15.87
CA GLU F 82 -1.62 63.93 15.26
C GLU F 82 -2.46 64.28 14.04
N HIS F 83 -2.63 63.32 13.11
CA HIS F 83 -3.30 63.62 11.85
C HIS F 83 -4.80 63.78 12.03
N LEU F 84 -5.41 63.02 12.93
CA LEU F 84 -6.84 63.20 13.15
C LEU F 84 -7.15 64.56 13.74
N ARG F 85 -6.28 65.05 14.62
CA ARG F 85 -6.47 66.38 15.21
C ARG F 85 -6.36 67.47 14.15
N THR F 86 -5.53 67.26 13.13
CA THR F 86 -5.35 68.28 12.11
C THR F 86 -6.61 68.49 11.29
N TYR F 87 -7.33 67.43 10.96
CA TYR F 87 -8.36 67.52 9.95
C TYR F 87 -9.78 67.33 10.46
N LEU F 88 -10.00 66.58 11.55
CA LEU F 88 -11.35 66.34 12.00
C LEU F 88 -11.90 67.57 12.69
N PHE F 89 -13.16 67.89 12.37
CA PHE F 89 -13.87 69.04 12.96
C PHE F 89 -13.11 70.35 12.70
N THR F 90 -12.85 70.60 11.42
CA THR F 90 -12.12 71.78 11.00
C THR F 90 -12.97 72.59 10.04
N GLU F 91 -12.50 73.80 9.74
CA GLU F 91 -13.16 74.70 8.80
C GLU F 91 -12.24 74.96 7.62
N GLY F 92 -12.82 75.07 6.43
CA GLY F 92 -12.06 75.44 5.26
C GLY F 92 -11.59 74.25 4.45
N PRO F 93 -10.95 74.50 3.31
CA PRO F 93 -10.53 73.40 2.45
C PRO F 93 -9.71 72.36 3.21
N ILE F 94 -10.14 71.10 3.13
CA ILE F 94 -9.46 70.03 3.84
C ILE F 94 -8.02 69.90 3.36
N THR F 95 -7.78 70.16 2.08
CA THR F 95 -6.45 70.06 1.49
C THR F 95 -5.66 71.34 1.80
N ALA F 96 -5.24 71.44 3.07
CA ALA F 96 -4.49 72.60 3.54
C ALA F 96 -4.07 72.39 5.00
N SER G 7 -9.44 27.68 8.79
CA SER G 7 -10.83 28.13 8.86
C SER G 7 -10.87 29.36 9.77
N THR G 8 -10.28 29.23 10.96
CA THR G 8 -10.23 30.33 11.91
C THR G 8 -9.18 31.34 11.45
N HIS G 9 -8.94 32.37 12.24
CA HIS G 9 -8.18 33.52 11.78
C HIS G 9 -7.30 34.16 12.86
N GLU G 10 -7.78 34.19 14.09
CA GLU G 10 -6.81 34.23 15.17
C GLU G 10 -6.25 32.81 15.33
N PRO G 11 -5.01 32.67 15.82
CA PRO G 11 -4.48 31.31 16.07
C PRO G 11 -5.37 30.58 17.07
N LEU G 12 -5.60 29.30 16.82
CA LEU G 12 -6.52 28.54 17.66
C LEU G 12 -6.00 28.38 19.08
N GLU G 13 -4.69 28.54 19.31
CA GLU G 13 -4.18 28.34 20.66
C GLU G 13 -4.77 29.34 21.63
N VAL G 14 -5.04 30.56 21.16
CA VAL G 14 -5.58 31.57 22.07
C VAL G 14 -7.10 31.63 22.03
N LEU G 15 -7.74 30.92 21.13
CA LEU G 15 -9.18 30.89 21.06
C LEU G 15 -9.72 29.79 21.96
N LYS G 16 -10.81 30.09 22.66
CA LYS G 16 -11.46 29.13 23.55
C LYS G 16 -12.24 28.13 22.73
N GLU G 17 -12.34 26.90 23.23
CA GLU G 17 -13.04 25.84 22.53
C GLU G 17 -14.48 26.24 22.16
N GLU G 18 -15.18 26.95 23.07
CA GLU G 18 -16.55 27.38 22.79
C GLU G 18 -16.60 28.39 21.65
N THR G 19 -15.58 29.27 21.56
CA THR G 19 -15.56 30.24 20.47
C THR G 19 -15.40 29.54 19.13
N VAL G 20 -14.58 28.49 19.08
CA VAL G 20 -14.35 27.79 17.83
C VAL G 20 -15.58 27.00 17.43
N ASN G 21 -16.30 26.46 18.41
CA ASN G 21 -17.54 25.74 18.11
C ASN G 21 -18.59 26.69 17.56
N ARG G 22 -18.73 27.88 18.17
CA ARG G 22 -19.62 28.89 17.61
C ARG G 22 -19.15 29.36 16.23
N HIS G 23 -17.83 29.41 16.01
CA HIS G 23 -17.32 29.71 14.68
C HIS G 23 -17.80 28.67 13.68
N ARG G 24 -17.70 27.39 14.05
CA ARG G 24 -18.15 26.32 13.16
C ARG G 24 -19.65 26.43 12.88
N ALA G 25 -20.42 26.85 13.89
CA ALA G 25 -21.85 27.02 13.71
C ALA G 25 -22.17 28.24 12.87
N ILE G 26 -21.44 29.35 13.08
CA ILE G 26 -21.76 30.58 12.39
C ILE G 26 -21.47 30.45 10.90
N VAL G 27 -20.29 29.96 10.53
CA VAL G 27 -19.96 29.88 9.11
C VAL G 27 -20.88 28.90 8.41
N SER G 28 -21.41 27.91 9.14
CA SER G 28 -22.40 27.02 8.55
C SER G 28 -23.67 27.78 8.20
N VAL G 29 -24.17 28.58 9.13
CA VAL G 29 -25.36 29.39 8.85
C VAL G 29 -25.10 30.30 7.67
N MET G 30 -23.90 30.86 7.59
CA MET G 30 -23.55 31.72 6.46
C MET G 30 -23.68 30.96 5.14
N ALA G 31 -23.15 29.74 5.09
CA ALA G 31 -23.21 28.94 3.87
C ALA G 31 -24.64 28.57 3.51
N GLU G 32 -25.47 28.27 4.51
CA GLU G 32 -26.88 27.98 4.25
C GLU G 32 -27.60 29.20 3.71
N LEU G 33 -27.42 30.35 4.35
CA LEU G 33 -28.03 31.57 3.85
C LEU G 33 -27.59 31.84 2.41
N GLU G 34 -26.30 31.73 2.14
CA GLU G 34 -25.83 31.95 0.77
C GLU G 34 -26.48 30.97 -0.20
N ALA G 35 -26.63 29.72 0.20
CA ALA G 35 -27.28 28.74 -0.66
C ALA G 35 -28.74 29.08 -0.89
N VAL G 36 -29.45 29.55 0.14
CA VAL G 36 -30.85 29.95 -0.02
C VAL G 36 -30.96 31.05 -1.07
N ASP G 37 -30.12 32.07 -0.97
CA ASP G 37 -30.20 33.19 -1.88
C ASP G 37 -29.97 32.77 -3.31
N TRP G 38 -28.88 32.05 -3.57
CA TRP G 38 -28.56 31.65 -4.94
C TRP G 38 -29.62 30.71 -5.51
N TYR G 39 -30.01 29.70 -4.73
CA TYR G 39 -31.04 28.78 -5.21
C TYR G 39 -32.30 29.55 -5.59
N ASP G 40 -32.71 30.48 -4.74
CA ASP G 40 -33.91 31.25 -5.02
C ASP G 40 -33.79 32.03 -6.33
N GLN G 41 -32.60 32.59 -6.60
CA GLN G 41 -32.40 33.33 -7.83
C GLN G 41 -32.44 32.41 -9.05
N ARG G 42 -31.86 31.22 -8.94
CA ARG G 42 -31.89 30.27 -10.06
C ARG G 42 -33.29 29.73 -10.27
N VAL G 43 -34.11 29.69 -9.22
CA VAL G 43 -35.50 29.31 -9.38
C VAL G 43 -36.21 30.30 -10.29
N ASP G 44 -35.93 31.60 -10.10
CA ASP G 44 -36.59 32.61 -10.92
C ASP G 44 -36.11 32.54 -12.37
N ALA G 45 -34.83 32.26 -12.58
CA ALA G 45 -34.23 32.34 -13.90
C ALA G 45 -34.29 31.03 -14.69
N SER G 46 -34.46 29.91 -14.01
CA SER G 46 -34.47 28.62 -14.68
C SER G 46 -35.57 28.54 -15.72
N THR G 47 -35.24 27.98 -16.88
CA THR G 47 -36.21 27.78 -17.95
C THR G 47 -36.55 26.31 -18.16
N ASP G 48 -36.17 25.44 -17.23
CA ASP G 48 -36.46 24.01 -17.28
C ASP G 48 -37.30 23.62 -16.07
N PRO G 49 -38.55 23.22 -16.25
CA PRO G 49 -39.42 22.99 -15.06
C PRO G 49 -38.90 21.92 -14.13
N GLU G 50 -38.30 20.85 -14.65
CA GLU G 50 -37.81 19.81 -13.74
C GLU G 50 -36.69 20.33 -12.87
N LEU G 51 -35.80 21.16 -13.43
CA LEU G 51 -34.73 21.76 -12.64
C LEU G 51 -35.27 22.74 -11.61
N THR G 52 -36.25 23.56 -12.01
CA THR G 52 -36.83 24.52 -11.08
C THR G 52 -37.37 23.84 -9.84
N ALA G 53 -37.98 22.66 -9.99
CA ALA G 53 -38.48 21.95 -8.81
C ALA G 53 -37.35 21.53 -7.88
N ILE G 54 -36.24 21.06 -8.45
CA ILE G 54 -35.12 20.61 -7.63
C ILE G 54 -34.50 21.78 -6.89
N LEU G 55 -34.22 22.87 -7.59
CA LEU G 55 -33.63 24.04 -6.94
C LEU G 55 -34.51 24.55 -5.80
N ALA G 56 -35.82 24.62 -6.02
CA ALA G 56 -36.72 25.11 -4.99
C ALA G 56 -36.79 24.14 -3.82
N HIS G 57 -36.83 22.84 -4.10
CA HIS G 57 -36.83 21.84 -3.04
C HIS G 57 -35.59 21.97 -2.17
N ASN G 58 -34.41 22.02 -2.79
CA ASN G 58 -33.18 22.17 -2.01
C ASN G 58 -33.21 23.49 -1.24
N ARG G 59 -33.58 24.58 -1.91
CA ARG G 59 -33.63 25.89 -1.25
C ARG G 59 -34.32 25.84 0.11
N ASP G 60 -35.54 25.31 0.15
CA ASP G 60 -36.30 25.29 1.39
C ASP G 60 -35.67 24.37 2.44
N GLU G 61 -34.91 23.35 2.03
CA GLU G 61 -34.21 22.56 3.03
C GLU G 61 -32.97 23.27 3.56
N GLU G 62 -32.34 24.14 2.74
CA GLU G 62 -31.24 24.95 3.27
C GLU G 62 -31.75 25.83 4.41
N LYS G 63 -32.97 26.36 4.29
CA LYS G 63 -33.54 27.15 5.37
C LYS G 63 -33.70 26.32 6.63
N GLU G 64 -34.11 25.06 6.49
CA GLU G 64 -34.20 24.17 7.65
C GLU G 64 -32.84 23.98 8.30
N HIS G 65 -31.81 23.72 7.48
CA HIS G 65 -30.46 23.58 8.03
C HIS G 65 -30.05 24.82 8.80
N ALA G 66 -30.36 26.00 8.27
CA ALA G 66 -30.00 27.23 8.96
C ALA G 66 -30.72 27.34 10.29
N ALA G 67 -32.01 27.02 10.31
CA ALA G 67 -32.81 27.15 11.52
C ALA G 67 -32.27 26.28 12.63
N MET G 68 -31.86 25.05 12.30
CA MET G 68 -31.32 24.18 13.32
C MET G 68 -30.07 24.78 13.95
N THR G 69 -29.14 25.23 13.11
CA THR G 69 -27.88 25.78 13.61
C THR G 69 -28.11 27.06 14.40
N LEU G 70 -29.08 27.87 13.99
CA LEU G 70 -29.38 29.07 14.77
C LEU G 70 -29.89 28.72 16.15
N GLU G 71 -30.73 27.67 16.25
CA GLU G 71 -31.22 27.23 17.56
C GLU G 71 -30.07 26.81 18.45
N TRP G 72 -29.07 26.15 17.86
CA TRP G 72 -27.88 25.80 18.63
C TRP G 72 -27.17 27.06 19.11
N LEU G 73 -27.01 28.05 18.23
CA LEU G 73 -26.39 29.30 18.64
C LEU G 73 -27.18 29.95 19.76
N ARG G 74 -28.51 29.93 19.66
CA ARG G 74 -29.34 30.52 20.70
C ARG G 74 -29.10 29.84 22.04
N ARG G 75 -28.93 28.52 22.03
CA ARG G 75 -28.76 27.77 23.26
C ARG G 75 -27.37 27.90 23.84
N ASN G 76 -26.39 28.37 23.06
CA ASN G 76 -25.01 28.39 23.52
C ASN G 76 -24.40 29.77 23.55
N ASP G 77 -25.23 30.82 23.52
CA ASP G 77 -24.73 32.19 23.57
C ASP G 77 -25.82 33.07 24.15
N ALA G 78 -25.53 33.71 25.27
CA ALA G 78 -26.56 34.43 26.01
C ALA G 78 -27.14 35.58 25.18
N LYS G 79 -26.29 36.26 24.41
CA LYS G 79 -26.78 37.40 23.66
C LYS G 79 -27.52 37.00 22.40
N TRP G 80 -27.15 35.87 21.78
CA TRP G 80 -28.00 35.34 20.72
C TRP G 80 -29.39 35.04 21.26
N ALA G 81 -29.48 34.47 22.46
CA ALA G 81 -30.77 34.17 23.05
C ALA G 81 -31.54 35.45 23.36
N GLU G 82 -30.86 36.45 23.91
CA GLU G 82 -31.51 37.70 24.23
C GLU G 82 -32.08 38.37 22.97
N HIS G 83 -31.23 38.57 21.95
CA HIS G 83 -31.66 39.36 20.81
C HIS G 83 -32.66 38.60 19.94
N LEU G 84 -32.53 37.28 19.81
CA LEU G 84 -33.50 36.52 19.04
C LEU G 84 -34.86 36.52 19.72
N ARG G 85 -34.89 36.44 21.05
CA ARG G 85 -36.17 36.53 21.76
C ARG G 85 -36.82 37.90 21.59
N THR G 86 -36.03 38.96 21.50
CA THR G 86 -36.62 40.28 21.36
C THR G 86 -37.36 40.43 20.03
N TYR G 87 -36.83 39.89 18.94
CA TYR G 87 -37.32 40.23 17.62
C TYR G 87 -38.05 39.11 16.89
N LEU G 88 -37.76 37.85 17.15
CA LEU G 88 -38.40 36.78 16.40
C LEU G 88 -39.84 36.52 16.84
N PHE G 89 -40.70 36.27 15.86
CA PHE G 89 -42.12 35.98 16.08
C PHE G 89 -42.83 37.13 16.79
N THR G 90 -42.70 38.32 16.21
CA THR G 90 -43.27 39.52 16.76
C THR G 90 -44.18 40.18 15.72
N GLU G 91 -44.92 41.18 16.17
CA GLU G 91 -45.70 42.03 15.27
C GLU G 91 -45.36 43.47 15.61
N GLY G 92 -45.64 44.36 14.68
CA GLY G 92 -45.31 45.75 14.84
C GLY G 92 -43.94 46.06 14.27
N PRO G 93 -43.64 47.34 14.08
CA PRO G 93 -42.36 47.71 13.45
C PRO G 93 -41.16 47.06 14.13
N ILE G 94 -40.33 46.41 13.33
CA ILE G 94 -39.21 45.64 13.87
C ILE G 94 -38.18 46.57 14.49
N THR G 95 -37.98 47.75 13.90
CA THR G 95 -37.08 48.74 14.47
C THR G 95 -37.77 49.51 15.60
N ALA G 96 -38.13 48.77 16.64
CA ALA G 96 -38.83 49.33 17.81
C ALA G 96 -38.72 48.38 19.00
N SER H 7 -24.45 42.05 -7.77
CA SER H 7 -24.37 41.21 -6.58
C SER H 7 -25.20 39.93 -6.78
N THR H 8 -25.65 39.69 -8.00
CA THR H 8 -26.48 38.54 -8.30
C THR H 8 -25.94 37.81 -9.53
N HIS H 9 -25.92 36.45 -9.52
CA HIS H 9 -25.56 35.75 -10.76
C HIS H 9 -26.56 36.13 -11.84
N GLU H 10 -27.85 35.95 -11.55
CA GLU H 10 -28.85 36.01 -12.59
C GLU H 10 -29.14 37.47 -12.94
N PRO H 11 -29.54 37.75 -14.17
CA PRO H 11 -29.91 39.13 -14.53
C PRO H 11 -31.09 39.62 -13.68
N LEU H 12 -31.04 40.89 -13.30
CA LEU H 12 -32.07 41.45 -12.43
C LEU H 12 -33.42 41.49 -13.10
N GLU H 13 -33.45 41.45 -14.43
CA GLU H 13 -34.72 41.48 -15.15
C GLU H 13 -35.56 40.24 -14.89
N VAL H 14 -34.93 39.10 -14.64
CA VAL H 14 -35.67 37.87 -14.45
C VAL H 14 -35.98 37.57 -12.99
N LEU H 15 -35.44 38.36 -12.07
CA LEU H 15 -35.68 38.13 -10.66
C LEU H 15 -36.93 38.89 -10.21
N LYS H 16 -37.75 38.23 -9.39
CA LYS H 16 -38.90 38.91 -8.80
C LYS H 16 -38.45 39.87 -7.71
N GLU H 17 -39.22 40.93 -7.53
CA GLU H 17 -38.82 41.97 -6.59
C GLU H 17 -38.57 41.40 -5.20
N GLU H 18 -39.45 40.52 -4.72
CA GLU H 18 -39.24 39.93 -3.40
C GLU H 18 -37.94 39.13 -3.35
N THR H 19 -37.58 38.45 -4.45
CA THR H 19 -36.34 37.68 -4.47
C THR H 19 -35.13 38.60 -4.31
N VAL H 20 -35.15 39.77 -4.94
CA VAL H 20 -34.02 40.68 -4.82
C VAL H 20 -33.99 41.33 -3.44
N ASN H 21 -35.15 41.63 -2.87
CA ASN H 21 -35.17 42.19 -1.51
C ASN H 21 -34.71 41.17 -0.48
N ARG H 22 -35.15 39.90 -0.60
CA ARG H 22 -34.64 38.86 0.28
C ARG H 22 -33.14 38.66 0.10
N HIS H 23 -32.65 38.82 -1.13
CA HIS H 23 -31.20 38.77 -1.35
C HIS H 23 -30.50 39.85 -0.52
N ARG H 24 -31.03 41.08 -0.53
CA ARG H 24 -30.42 42.15 0.24
C ARG H 24 -30.43 41.82 1.73
N ALA H 25 -31.50 41.20 2.22
CA ALA H 25 -31.55 40.85 3.63
C ALA H 25 -30.59 39.72 3.95
N ILE H 26 -30.51 38.72 3.07
CA ILE H 26 -29.70 37.55 3.35
C ILE H 26 -28.22 37.91 3.42
N VAL H 27 -27.72 38.66 2.43
CA VAL H 27 -26.30 39.00 2.46
C VAL H 27 -25.99 39.90 3.66
N SER H 28 -26.96 40.68 4.12
CA SER H 28 -26.74 41.47 5.33
C SER H 28 -26.53 40.57 6.54
N VAL H 29 -27.42 39.58 6.72
CA VAL H 29 -27.26 38.65 7.83
C VAL H 29 -25.93 37.92 7.73
N MET H 30 -25.51 37.55 6.52
CA MET H 30 -24.20 36.92 6.37
C MET H 30 -23.10 37.85 6.87
N ALA H 31 -23.16 39.13 6.49
CA ALA H 31 -22.14 40.07 6.94
C ALA H 31 -22.19 40.25 8.44
N GLU H 32 -23.40 40.28 9.02
CA GLU H 32 -23.52 40.39 10.47
C GLU H 32 -22.94 39.15 11.15
N LEU H 33 -23.32 37.96 10.68
CA LEU H 33 -22.78 36.73 11.24
C LEU H 33 -21.26 36.71 11.14
N GLU H 34 -20.72 37.11 10.00
CA GLU H 34 -19.26 37.15 9.86
C GLU H 34 -18.64 38.09 10.88
N ALA H 35 -19.28 39.24 11.12
CA ALA H 35 -18.75 40.19 12.08
C ALA H 35 -18.78 39.62 13.49
N VAL H 36 -19.84 38.90 13.85
CA VAL H 36 -19.92 38.30 15.17
C VAL H 36 -18.73 37.37 15.41
N ASP H 37 -18.51 36.45 14.46
CA ASP H 37 -17.44 35.46 14.64
C ASP H 37 -16.08 36.15 14.74
N TRP H 38 -15.78 37.09 13.85
CA TRP H 38 -14.49 37.76 13.87
C TRP H 38 -14.29 38.52 15.17
N TYR H 39 -15.29 39.32 15.55
CA TYR H 39 -15.16 40.09 16.79
C TYR H 39 -14.94 39.15 17.97
N ASP H 40 -15.67 38.04 18.02
CA ASP H 40 -15.50 37.13 19.14
C ASP H 40 -14.09 36.54 19.15
N GLN H 41 -13.55 36.24 17.97
CA GLN H 41 -12.19 35.72 17.91
C GLN H 41 -11.19 36.78 18.33
N ARG H 42 -11.40 38.03 17.93
CA ARG H 42 -10.51 39.11 18.34
C ARG H 42 -10.68 39.41 19.82
N VAL H 43 -11.87 39.18 20.38
CA VAL H 43 -12.05 39.33 21.83
C VAL H 43 -11.20 38.31 22.57
N ASP H 44 -11.15 37.07 22.07
CA ASP H 44 -10.34 36.04 22.72
C ASP H 44 -8.85 36.32 22.57
N ALA H 45 -8.43 36.85 21.43
CA ALA H 45 -7.01 37.06 21.17
C ALA H 45 -6.51 38.41 21.62
N SER H 46 -7.39 39.40 21.77
CA SER H 46 -6.93 40.74 22.13
C SER H 46 -6.22 40.73 23.47
N THR H 47 -5.10 41.46 23.53
CA THR H 47 -4.37 41.65 24.77
C THR H 47 -4.50 43.07 25.30
N ASP H 48 -5.44 43.85 24.79
CA ASP H 48 -5.73 45.20 25.29
C ASP H 48 -7.16 45.21 25.80
N PRO H 49 -7.39 45.28 27.12
CA PRO H 49 -8.77 45.12 27.62
C PRO H 49 -9.74 46.16 27.13
N GLU H 50 -9.32 47.42 26.95
CA GLU H 50 -10.26 48.44 26.49
C GLU H 50 -10.67 48.19 25.04
N LEU H 51 -9.75 47.72 24.21
CA LEU H 51 -10.16 47.31 22.87
C LEU H 51 -11.08 46.11 22.94
N THR H 52 -10.76 45.15 23.81
CA THR H 52 -11.62 43.99 23.98
C THR H 52 -13.03 44.44 24.32
N ALA H 53 -13.15 45.50 25.14
CA ALA H 53 -14.48 46.00 25.50
C ALA H 53 -15.22 46.51 24.28
N ILE H 54 -14.52 47.20 23.38
CA ILE H 54 -15.15 47.69 22.16
C ILE H 54 -15.54 46.52 21.26
N LEU H 55 -14.62 45.58 21.04
CA LEU H 55 -14.91 44.43 20.19
C LEU H 55 -16.11 43.64 20.73
N ALA H 56 -16.19 43.46 22.04
CA ALA H 56 -17.31 42.72 22.62
C ALA H 56 -18.62 43.49 22.48
N HIS H 57 -18.58 44.80 22.70
CA HIS H 57 -19.78 45.61 22.54
C HIS H 57 -20.29 45.54 21.10
N ASN H 58 -19.41 45.78 20.13
CA ASN H 58 -19.83 45.69 18.74
C ASN H 58 -20.34 44.30 18.42
N ARG H 59 -19.59 43.28 18.82
CA ARG H 59 -19.97 41.90 18.57
C ARG H 59 -21.43 41.64 18.89
N ASP H 60 -21.84 41.97 20.11
CA ASP H 60 -23.20 41.68 20.57
C ASP H 60 -24.25 42.53 19.87
N GLU H 61 -23.88 43.70 19.35
CA GLU H 61 -24.87 44.45 18.60
C GLU H 61 -25.04 43.91 17.19
N GLU H 62 -24.01 43.28 16.62
CA GLU H 62 -24.16 42.61 15.34
C GLU H 62 -25.22 41.51 15.43
N LYS H 63 -25.30 40.84 16.57
CA LYS H 63 -26.33 39.83 16.78
C LYS H 63 -27.72 40.45 16.75
N GLU H 64 -27.86 41.63 17.34
CA GLU H 64 -29.13 42.34 17.27
C GLU H 64 -29.46 42.69 15.82
N HIS H 65 -28.49 43.22 15.08
CA HIS H 65 -28.71 43.52 13.67
C HIS H 65 -29.14 42.28 12.93
N ALA H 66 -28.48 41.15 13.20
CA ALA H 66 -28.86 39.91 12.53
C ALA H 66 -30.26 39.48 12.93
N ALA H 67 -30.58 39.53 14.22
CA ALA H 67 -31.90 39.10 14.67
C ALA H 67 -33.00 39.94 14.04
N MET H 68 -32.79 41.26 13.96
CA MET H 68 -33.79 42.14 13.35
C MET H 68 -34.04 41.76 11.90
N THR H 69 -32.97 41.59 11.13
CA THR H 69 -33.08 41.26 9.71
C THR H 69 -33.66 39.87 9.50
N LEU H 70 -33.34 38.94 10.39
CA LEU H 70 -33.86 37.58 10.24
C LEU H 70 -35.36 37.56 10.46
N GLU H 71 -35.85 38.35 11.41
CA GLU H 71 -37.29 38.47 11.65
C GLU H 71 -38.01 38.98 10.40
N TRP H 72 -37.40 39.91 9.67
CA TRP H 72 -37.99 40.37 8.42
C TRP H 72 -38.09 39.21 7.42
N LEU H 73 -37.03 38.42 7.30
CA LEU H 73 -37.11 37.24 6.44
C LEU H 73 -38.24 36.33 6.90
N ARG H 74 -38.40 36.16 8.21
CA ARG H 74 -39.49 35.32 8.71
C ARG H 74 -40.83 35.87 8.26
N ARG H 75 -40.99 37.19 8.29
CA ARG H 75 -42.27 37.79 7.92
C ARG H 75 -42.51 37.85 6.41
N ASN H 76 -41.48 37.67 5.59
CA ASN H 76 -41.62 37.80 4.15
C ASN H 76 -41.29 36.50 3.41
N ASP H 77 -41.27 35.38 4.12
CA ASP H 77 -40.96 34.08 3.51
C ASP H 77 -41.63 32.99 4.33
N ALA H 78 -42.54 32.26 3.70
CA ALA H 78 -43.35 31.30 4.44
C ALA H 78 -42.51 30.17 5.02
N LYS H 79 -41.53 29.68 4.27
CA LYS H 79 -40.76 28.55 4.77
C LYS H 79 -39.68 28.97 5.77
N TRP H 80 -39.15 30.19 5.66
CA TRP H 80 -38.36 30.70 6.78
C TRP H 80 -39.18 30.71 8.06
N ALA H 81 -40.44 31.14 7.96
CA ALA H 81 -41.32 31.16 9.12
C ALA H 81 -41.64 29.75 9.61
N GLU H 82 -41.87 28.83 8.68
CA GLU H 82 -42.17 27.46 9.06
C GLU H 82 -41.00 26.83 9.81
N HIS H 83 -39.81 26.92 9.25
CA HIS H 83 -38.67 26.23 9.83
C HIS H 83 -38.22 26.91 11.13
N LEU H 84 -38.35 28.22 11.24
CA LEU H 84 -37.85 28.89 12.41
C LEU H 84 -38.67 28.55 13.64
N ARG H 85 -40.00 28.50 13.49
CA ARG H 85 -40.79 28.13 14.66
C ARG H 85 -40.54 26.69 15.05
N THR H 86 -40.30 25.83 14.08
CA THR H 86 -40.04 24.43 14.41
C THR H 86 -38.85 24.29 15.35
N TYR H 87 -37.80 25.07 15.13
CA TYR H 87 -36.53 24.88 15.83
C TYR H 87 -36.18 25.97 16.82
N LEU H 88 -36.62 27.21 16.63
CA LEU H 88 -36.26 28.26 17.56
C LEU H 88 -37.07 28.13 18.84
N PHE H 89 -36.41 28.35 19.97
CA PHE H 89 -37.04 28.31 21.29
C PHE H 89 -37.66 26.93 21.53
N THR H 90 -36.83 25.91 21.40
CA THR H 90 -37.24 24.53 21.59
C THR H 90 -36.36 23.90 22.66
N GLU H 91 -36.73 22.67 23.05
CA GLU H 91 -35.97 21.87 23.99
C GLU H 91 -35.79 20.48 23.39
N GLY H 92 -34.83 19.74 23.93
CA GLY H 92 -34.54 18.42 23.42
C GLY H 92 -33.72 18.48 22.15
N PRO H 93 -33.54 17.34 21.49
CA PRO H 93 -32.66 17.31 20.30
C PRO H 93 -33.12 18.29 19.23
N ILE H 94 -32.16 19.06 18.71
CA ILE H 94 -32.47 20.03 17.66
C ILE H 94 -32.83 19.32 16.37
N THR H 95 -32.29 18.12 16.14
CA THR H 95 -32.59 17.40 14.91
C THR H 95 -33.91 16.64 15.06
N ALA H 96 -34.98 17.41 15.22
CA ALA H 96 -36.32 16.86 15.44
C ALA H 96 -37.37 17.98 15.55
N SER I 7 -21.85 35.90 -13.22
CA SER I 7 -22.12 34.48 -13.09
C SER I 7 -21.36 33.67 -14.15
N THR I 8 -21.82 33.82 -15.40
CA THR I 8 -21.24 33.11 -16.51
C THR I 8 -19.98 33.83 -17.01
N HIS I 9 -19.06 33.05 -17.58
CA HIS I 9 -17.82 33.61 -18.11
C HIS I 9 -17.99 34.21 -19.50
N GLU I 10 -19.02 33.80 -20.22
CA GLU I 10 -19.35 34.39 -21.51
C GLU I 10 -20.66 35.17 -21.40
N PRO I 11 -20.87 36.19 -22.23
CA PRO I 11 -22.15 36.91 -22.19
C PRO I 11 -23.32 35.98 -22.49
N LEU I 12 -24.43 36.17 -21.77
CA LEU I 12 -25.57 35.28 -21.91
C LEU I 12 -26.22 35.36 -23.28
N GLU I 13 -26.01 36.43 -24.05
CA GLU I 13 -26.59 36.48 -25.37
C GLU I 13 -26.00 35.41 -26.28
N VAL I 14 -24.74 35.04 -26.06
CA VAL I 14 -24.10 34.07 -26.95
C VAL I 14 -24.25 32.64 -26.44
N LEU I 15 -24.79 32.46 -25.24
CA LEU I 15 -24.98 31.14 -24.68
C LEU I 15 -26.34 30.58 -25.07
N LYS I 16 -26.35 29.29 -25.39
CA LYS I 16 -27.59 28.55 -25.65
C LYS I 16 -28.39 28.30 -24.38
N GLU I 17 -29.70 28.16 -24.58
CA GLU I 17 -30.66 28.07 -23.49
C GLU I 17 -30.26 26.96 -22.54
N GLU I 18 -29.95 25.81 -23.11
CA GLU I 18 -29.58 24.63 -22.33
C GLU I 18 -28.27 24.82 -21.58
N THR I 19 -27.30 25.49 -22.19
CA THR I 19 -26.02 25.67 -21.53
C THR I 19 -26.18 26.41 -20.21
N VAL I 20 -27.05 27.42 -20.18
CA VAL I 20 -27.24 28.17 -18.96
C VAL I 20 -27.96 27.34 -17.91
N ASN I 21 -28.91 26.49 -18.31
CA ASN I 21 -29.57 25.64 -17.32
C ASN I 21 -28.60 24.64 -16.72
N ARG I 22 -27.76 24.03 -17.56
CA ARG I 22 -26.72 23.14 -17.04
C ARG I 22 -25.73 23.90 -16.17
N HIS I 23 -25.43 25.15 -16.51
CA HIS I 23 -24.61 25.98 -15.63
C HIS I 23 -25.25 26.12 -14.26
N ARG I 24 -26.56 26.38 -14.21
CA ARG I 24 -27.24 26.51 -12.93
C ARG I 24 -27.18 25.20 -12.16
N ALA I 25 -27.31 24.08 -12.86
CA ALA I 25 -27.22 22.78 -12.19
C ALA I 25 -25.79 22.47 -11.77
N ILE I 26 -24.82 22.81 -12.60
CA ILE I 26 -23.45 22.47 -12.29
C ILE I 26 -22.98 23.24 -11.05
N VAL I 27 -23.18 24.56 -11.03
CA VAL I 27 -22.72 25.35 -9.90
C VAL I 27 -23.46 24.96 -8.63
N SER I 28 -24.68 24.45 -8.77
CA SER I 28 -25.40 23.94 -7.59
C SER I 28 -24.71 22.72 -7.02
N VAL I 29 -24.39 21.74 -7.87
CA VAL I 29 -23.69 20.54 -7.41
C VAL I 29 -22.37 20.92 -6.76
N MET I 30 -21.65 21.89 -7.34
CA MET I 30 -20.39 22.33 -6.78
C MET I 30 -20.57 22.82 -5.34
N ALA I 31 -21.61 23.64 -5.13
CA ALA I 31 -21.88 24.16 -3.78
C ALA I 31 -22.27 23.04 -2.83
N GLU I 32 -23.06 22.07 -3.32
CA GLU I 32 -23.44 20.95 -2.49
C GLU I 32 -22.21 20.12 -2.11
N LEU I 33 -21.38 19.80 -3.09
CA LEU I 33 -20.14 19.09 -2.80
C LEU I 33 -19.28 19.88 -1.80
N GLU I 34 -19.12 21.18 -2.04
CA GLU I 34 -18.34 22.00 -1.12
C GLU I 34 -18.93 21.95 0.28
N ALA I 35 -20.26 21.97 0.39
CA ALA I 35 -20.91 21.93 1.69
C ALA I 35 -20.68 20.60 2.38
N VAL I 36 -20.73 19.50 1.62
CA VAL I 36 -20.46 18.19 2.22
C VAL I 36 -19.07 18.18 2.84
N ASP I 37 -18.07 18.65 2.09
CA ASP I 37 -16.69 18.63 2.58
C ASP I 37 -16.54 19.49 3.82
N TRP I 38 -17.03 20.73 3.77
CA TRP I 38 -16.92 21.62 4.91
C TRP I 38 -17.61 21.03 6.14
N TYR I 39 -18.85 20.57 5.98
CA TYR I 39 -19.56 19.97 7.11
C TYR I 39 -18.79 18.78 7.68
N ASP I 40 -18.29 17.92 6.80
CA ASP I 40 -17.60 16.71 7.27
C ASP I 40 -16.36 17.06 8.07
N GLN I 41 -15.62 18.09 7.65
CA GLN I 41 -14.43 18.50 8.41
C GLN I 41 -14.81 19.04 9.78
N ARG I 42 -15.89 19.84 9.85
CA ARG I 42 -16.33 20.39 11.13
C ARG I 42 -16.89 19.31 12.04
N VAL I 43 -17.41 18.22 11.48
CA VAL I 43 -17.86 17.10 12.29
C VAL I 43 -16.68 16.47 13.02
N ASP I 44 -15.54 16.34 12.33
CA ASP I 44 -14.36 15.75 12.96
C ASP I 44 -13.85 16.64 14.07
N ALA I 45 -13.87 17.97 13.85
CA ALA I 45 -13.24 18.92 14.76
C ALA I 45 -14.16 19.42 15.85
N SER I 46 -15.47 19.33 15.67
CA SER I 46 -16.40 19.83 16.66
C SER I 46 -16.23 19.09 17.99
N THR I 47 -16.25 19.87 19.08
CA THR I 47 -16.19 19.32 20.43
C THR I 47 -17.51 19.48 21.17
N ASP I 48 -18.58 19.80 20.46
CA ASP I 48 -19.91 19.92 21.04
C ASP I 48 -20.82 18.89 20.37
N PRO I 49 -21.20 17.82 21.07
CA PRO I 49 -21.89 16.72 20.39
C PRO I 49 -23.19 17.13 19.74
N GLU I 50 -23.96 18.06 20.34
CA GLU I 50 -25.23 18.45 19.74
C GLU I 50 -24.99 19.19 18.43
N LEU I 51 -23.95 20.00 18.35
CA LEU I 51 -23.60 20.63 17.09
C LEU I 51 -23.15 19.58 16.06
N THR I 52 -22.31 18.65 16.50
CA THR I 52 -21.88 17.59 15.60
C THR I 52 -23.06 16.86 14.98
N ALA I 53 -24.13 16.66 15.76
CA ALA I 53 -25.33 16.00 15.22
C ALA I 53 -25.97 16.86 14.13
N ILE I 54 -26.03 18.17 14.34
CA ILE I 54 -26.60 19.05 13.33
C ILE I 54 -25.72 19.07 12.08
N LEU I 55 -24.41 19.24 12.26
CA LEU I 55 -23.51 19.27 11.12
C LEU I 55 -23.61 17.99 10.29
N ALA I 56 -23.66 16.83 10.96
CA ALA I 56 -23.77 15.58 10.25
C ALA I 56 -25.13 15.44 9.57
N HIS I 57 -26.19 15.85 10.24
CA HIS I 57 -27.52 15.77 9.62
C HIS I 57 -27.58 16.57 8.33
N ASN I 58 -27.18 17.85 8.38
CA ASN I 58 -27.19 18.67 7.18
C ASN I 58 -26.30 18.07 6.10
N ARG I 59 -25.08 17.68 6.48
CA ARG I 59 -24.13 17.09 5.53
C ARG I 59 -24.79 16.04 4.66
N ASP I 60 -25.46 15.06 5.27
CA ASP I 60 -26.02 13.96 4.50
C ASP I 60 -27.17 14.42 3.60
N GLU I 61 -27.86 15.50 3.95
CA GLU I 61 -28.89 16.00 3.06
C GLU I 61 -28.30 16.80 1.91
N GLU I 62 -27.10 17.39 2.11
CA GLU I 62 -26.42 18.02 0.98
C GLU I 62 -26.12 16.99 -0.11
N LYS I 63 -25.76 15.77 0.30
CA LYS I 63 -25.52 14.71 -0.69
C LYS I 63 -26.79 14.39 -1.47
N GLU I 64 -27.93 14.37 -0.78
CA GLU I 64 -29.19 14.15 -1.47
C GLU I 64 -29.46 15.27 -2.45
N HIS I 65 -29.24 16.52 -2.04
CA HIS I 65 -29.38 17.64 -2.95
C HIS I 65 -28.50 17.48 -4.18
N ALA I 66 -27.25 17.07 -3.97
CA ALA I 66 -26.35 16.89 -5.10
C ALA I 66 -26.82 15.78 -6.00
N ALA I 67 -27.24 14.64 -5.43
CA ALA I 67 -27.68 13.52 -6.25
C ALA I 67 -28.87 13.89 -7.11
N MET I 68 -29.81 14.65 -6.56
CA MET I 68 -30.97 15.08 -7.34
C MET I 68 -30.54 15.92 -8.53
N THR I 69 -29.67 16.90 -8.30
CA THR I 69 -29.24 17.79 -9.39
C THR I 69 -28.42 17.03 -10.43
N LEU I 70 -27.61 16.07 -9.97
CA LEU I 70 -26.77 15.32 -10.89
C LEU I 70 -27.61 14.44 -11.81
N GLU I 71 -28.68 13.87 -11.28
CA GLU I 71 -29.60 13.08 -12.11
C GLU I 71 -30.22 13.95 -13.21
N TRP I 72 -30.55 15.19 -12.88
CA TRP I 72 -31.05 16.11 -13.90
C TRP I 72 -30.00 16.31 -15.00
N LEU I 73 -28.74 16.50 -14.60
CA LEU I 73 -27.66 16.65 -15.58
C LEU I 73 -27.57 15.43 -16.48
N ARG I 74 -27.69 14.24 -15.89
CA ARG I 74 -27.63 13.02 -16.69
C ARG I 74 -28.74 13.00 -17.72
N ARG I 75 -29.94 13.46 -17.34
CA ARG I 75 -31.07 13.41 -18.25
C ARG I 75 -31.04 14.50 -19.32
N ASN I 76 -30.22 15.53 -19.15
CA ASN I 76 -30.19 16.69 -20.05
C ASN I 76 -28.83 16.90 -20.70
N ASP I 77 -27.98 15.87 -20.68
CA ASP I 77 -26.66 15.93 -21.27
C ASP I 77 -26.29 14.51 -21.64
N ALA I 78 -26.08 14.28 -22.94
CA ALA I 78 -25.88 12.91 -23.42
C ALA I 78 -24.60 12.30 -22.87
N LYS I 79 -23.51 13.08 -22.79
CA LYS I 79 -22.24 12.49 -22.37
C LYS I 79 -22.15 12.33 -20.85
N TRP I 80 -22.85 13.19 -20.08
CA TRP I 80 -23.01 12.89 -18.66
C TRP I 80 -23.66 11.53 -18.49
N ALA I 81 -24.68 11.23 -19.31
CA ALA I 81 -25.36 9.95 -19.23
C ALA I 81 -24.43 8.80 -19.61
N GLU I 82 -23.65 8.97 -20.67
CA GLU I 82 -22.72 7.93 -21.06
C GLU I 82 -21.66 7.70 -19.99
N HIS I 83 -20.99 8.76 -19.54
CA HIS I 83 -19.87 8.59 -18.64
C HIS I 83 -20.33 8.15 -17.25
N LEU I 84 -21.49 8.66 -16.80
CA LEU I 84 -21.99 8.22 -15.50
C LEU I 84 -22.39 6.75 -15.53
N ARG I 85 -23.00 6.30 -16.64
CA ARG I 85 -23.38 4.89 -16.72
C ARG I 85 -22.16 3.99 -16.78
N THR I 86 -21.05 4.50 -17.33
CA THR I 86 -19.85 3.67 -17.43
C THR I 86 -19.27 3.38 -16.05
N TYR I 87 -19.27 4.36 -15.16
CA TYR I 87 -18.49 4.24 -13.93
C TYR I 87 -19.33 4.11 -12.67
N LEU I 88 -20.55 4.62 -12.64
CA LEU I 88 -21.34 4.60 -11.42
C LEU I 88 -21.91 3.22 -11.17
N PHE I 89 -21.89 2.82 -9.89
CA PHE I 89 -22.44 1.53 -9.45
C PHE I 89 -21.70 0.38 -10.12
N THR I 90 -20.39 0.38 -9.97
CA THR I 90 -19.53 -0.62 -10.58
C THR I 90 -18.69 -1.29 -9.51
N GLU I 91 -18.04 -2.38 -9.90
CA GLU I 91 -17.05 -3.04 -9.07
C GLU I 91 -15.82 -3.31 -9.91
N GLY I 92 -14.68 -3.45 -9.24
CA GLY I 92 -13.43 -3.63 -9.91
C GLY I 92 -12.72 -2.30 -10.10
N PRO I 93 -11.48 -2.34 -10.59
CA PRO I 93 -10.71 -1.10 -10.71
C PRO I 93 -11.44 -0.06 -11.56
N ILE I 94 -11.58 1.14 -11.00
CA ILE I 94 -12.35 2.20 -11.67
C ILE I 94 -11.63 2.66 -12.92
N THR I 95 -10.31 2.79 -12.87
CA THR I 95 -9.58 3.26 -14.04
C THR I 95 -9.69 2.30 -15.21
N ALA I 96 -10.06 1.04 -14.95
CA ALA I 96 -10.20 0.03 -15.99
C ALA I 96 -11.55 0.12 -16.69
N SER J 7 -5.49 23.84 2.06
CA SER J 7 -6.61 23.22 1.37
C SER J 7 -7.79 23.01 2.31
N THR J 8 -7.50 22.52 3.52
CA THR J 8 -8.53 22.17 4.49
C THR J 8 -8.89 23.37 5.37
N HIS J 9 -10.13 23.37 5.83
CA HIS J 9 -10.57 24.41 6.75
C HIS J 9 -10.21 24.09 8.19
N GLU J 10 -10.39 22.87 8.62
CA GLU J 10 -9.99 22.49 9.95
C GLU J 10 -8.54 21.96 9.93
N PRO J 11 -7.82 22.09 11.03
CA PRO J 11 -6.44 21.58 11.07
C PRO J 11 -6.38 20.07 10.82
N LEU J 12 -5.36 19.66 10.08
CA LEU J 12 -5.24 18.25 9.73
C LEU J 12 -5.03 17.36 10.94
N GLU J 13 -4.58 17.91 12.07
CA GLU J 13 -4.36 17.09 13.25
C GLU J 13 -5.66 16.48 13.76
N VAL J 14 -6.78 17.19 13.61
CA VAL J 14 -8.05 16.72 14.15
C VAL J 14 -8.90 15.99 13.12
N LEU J 15 -8.50 15.95 11.85
CA LEU J 15 -9.31 15.37 10.80
C LEU J 15 -8.98 13.90 10.61
N LYS J 16 -10.00 13.10 10.34
CA LYS J 16 -9.78 11.73 9.95
C LYS J 16 -9.11 11.67 8.58
N GLU J 17 -8.17 10.76 8.41
CA GLU J 17 -7.57 10.55 7.08
C GLU J 17 -8.63 10.28 6.00
N GLU J 18 -9.59 9.43 6.30
CA GLU J 18 -10.67 9.16 5.36
C GLU J 18 -11.40 10.45 5.01
N THR J 19 -11.58 11.35 6.00
CA THR J 19 -12.20 12.64 5.71
C THR J 19 -11.35 13.45 4.75
N VAL J 20 -10.03 13.39 4.93
CA VAL J 20 -9.13 14.13 4.05
C VAL J 20 -9.09 13.52 2.66
N ASN J 21 -9.17 12.20 2.55
CA ASN J 21 -9.23 11.58 1.23
C ASN J 21 -10.51 11.94 0.50
N ARG J 22 -11.64 11.95 1.21
CA ARG J 22 -12.88 12.40 0.58
C ARG J 22 -12.79 13.87 0.19
N HIS J 23 -12.08 14.68 1.00
CA HIS J 23 -11.83 16.07 0.63
C HIS J 23 -11.07 16.15 -0.69
N ARG J 24 -10.05 15.31 -0.86
CA ARG J 24 -9.29 15.31 -2.10
C ARG J 24 -10.18 14.91 -3.27
N ALA J 25 -11.07 13.95 -3.06
CA ALA J 25 -11.96 13.55 -4.14
C ALA J 25 -13.01 14.62 -4.41
N ILE J 26 -13.56 15.23 -3.36
CA ILE J 26 -14.63 16.19 -3.55
C ILE J 26 -14.11 17.41 -4.32
N VAL J 27 -12.99 17.98 -3.89
CA VAL J 27 -12.47 19.17 -4.55
C VAL J 27 -12.08 18.86 -5.98
N SER J 28 -11.73 17.61 -6.26
CA SER J 28 -11.47 17.21 -7.64
C SER J 28 -12.75 17.26 -8.47
N VAL J 29 -13.83 16.67 -7.95
CA VAL J 29 -15.11 16.71 -8.66
C VAL J 29 -15.56 18.16 -8.85
N MET J 30 -15.36 18.99 -7.83
CA MET J 30 -15.72 20.40 -7.94
C MET J 30 -14.98 21.05 -9.09
N ALA J 31 -13.67 20.80 -9.17
CA ALA J 31 -12.87 21.37 -10.24
C ALA J 31 -13.30 20.83 -11.60
N GLU J 32 -13.63 19.54 -11.68
CA GLU J 32 -14.07 18.96 -12.94
C GLU J 32 -15.39 19.56 -13.40
N LEU J 33 -16.37 19.66 -12.50
CA LEU J 33 -17.64 20.27 -12.88
C LEU J 33 -17.42 21.70 -13.37
N GLU J 34 -16.63 22.48 -12.63
CA GLU J 34 -16.35 23.85 -13.05
C GLU J 34 -15.72 23.88 -14.43
N ALA J 35 -14.84 22.92 -14.73
CA ALA J 35 -14.22 22.85 -16.05
C ALA J 35 -15.25 22.52 -17.14
N VAL J 36 -16.18 21.61 -16.85
CA VAL J 36 -17.24 21.32 -17.81
C VAL J 36 -18.04 22.58 -18.11
N ASP J 37 -18.41 23.32 -17.07
CA ASP J 37 -19.21 24.52 -17.27
C ASP J 37 -18.44 25.55 -18.10
N TRP J 38 -17.19 25.81 -17.73
CA TRP J 38 -16.39 26.81 -18.43
C TRP J 38 -16.23 26.44 -19.91
N TYR J 39 -15.82 25.20 -20.19
CA TYR J 39 -15.64 24.77 -21.57
C TYR J 39 -16.93 24.87 -22.36
N ASP J 40 -18.05 24.44 -21.79
CA ASP J 40 -19.30 24.48 -22.52
C ASP J 40 -19.69 25.91 -22.90
N GLN J 41 -19.45 26.86 -21.99
CA GLN J 41 -19.76 28.25 -22.31
C GLN J 41 -18.86 28.78 -23.42
N ARG J 42 -17.59 28.38 -23.40
CA ARG J 42 -16.67 28.81 -24.45
C ARG J 42 -16.99 28.14 -25.78
N VAL J 43 -17.56 26.93 -25.74
CA VAL J 43 -17.99 26.29 -26.98
C VAL J 43 -19.09 27.10 -27.64
N ASP J 44 -20.03 27.62 -26.86
CA ASP J 44 -21.11 28.44 -27.41
C ASP J 44 -20.59 29.76 -27.96
N ALA J 45 -19.61 30.36 -27.29
CA ALA J 45 -19.13 31.69 -27.65
C ALA J 45 -17.99 31.67 -28.66
N SER J 46 -17.23 30.58 -28.74
CA SER J 46 -16.10 30.54 -29.65
C SER J 46 -16.57 30.72 -31.09
N THR J 47 -15.83 31.54 -31.84
CA THR J 47 -16.06 31.75 -33.26
C THR J 47 -14.97 31.16 -34.14
N ASP J 48 -14.12 30.29 -33.58
CA ASP J 48 -13.09 29.58 -34.34
C ASP J 48 -13.39 28.09 -34.30
N PRO J 49 -13.79 27.47 -35.40
CA PRO J 49 -14.26 26.07 -35.33
C PRO J 49 -13.20 25.11 -34.82
N GLU J 50 -11.93 25.32 -35.15
CA GLU J 50 -10.90 24.42 -34.67
C GLU J 50 -10.74 24.49 -33.16
N LEU J 51 -10.84 25.70 -32.59
CA LEU J 51 -10.81 25.84 -31.15
C LEU J 51 -12.06 25.23 -30.51
N THR J 52 -13.24 25.47 -31.10
CA THR J 52 -14.45 24.90 -30.55
C THR J 52 -14.36 23.38 -30.45
N ALA J 53 -13.75 22.74 -31.45
CA ALA J 53 -13.61 21.29 -31.42
C ALA J 53 -12.75 20.85 -30.23
N ILE J 54 -11.66 21.59 -29.95
CA ILE J 54 -10.81 21.27 -28.81
C ILE J 54 -11.55 21.54 -27.51
N LEU J 55 -12.19 22.70 -27.40
CA LEU J 55 -12.94 23.02 -26.18
C LEU J 55 -14.01 21.97 -25.92
N ALA J 56 -14.71 21.54 -26.97
CA ALA J 56 -15.76 20.54 -26.79
C ALA J 56 -15.19 19.18 -26.43
N HIS J 57 -14.10 18.79 -27.06
CA HIS J 57 -13.47 17.52 -26.74
C HIS J 57 -13.05 17.46 -25.28
N ASN J 58 -12.31 18.48 -24.81
CA ASN J 58 -11.88 18.50 -23.42
C ASN J 58 -13.08 18.48 -22.48
N ARG J 59 -14.09 19.30 -22.76
CA ARG J 59 -15.30 19.35 -21.96
C ARG J 59 -15.81 17.96 -21.63
N ASP J 60 -16.03 17.14 -22.65
CA ASP J 60 -16.65 15.84 -22.41
C ASP J 60 -15.72 14.89 -21.67
N GLU J 61 -14.41 15.09 -21.75
CA GLU J 61 -13.52 14.25 -20.95
C GLU J 61 -13.48 14.71 -19.50
N GLU J 62 -13.73 15.99 -19.23
CA GLU J 62 -13.87 16.41 -17.85
C GLU J 62 -15.02 15.68 -17.17
N LYS J 63 -16.12 15.44 -17.92
CA LYS J 63 -17.23 14.66 -17.39
C LYS J 63 -16.80 13.24 -17.05
N GLU J 64 -15.93 12.66 -17.88
CA GLU J 64 -15.40 11.35 -17.57
C GLU J 64 -14.59 11.38 -16.29
N HIS J 65 -13.72 12.39 -16.15
CA HIS J 65 -12.97 12.54 -14.90
C HIS J 65 -13.91 12.66 -13.70
N ALA J 66 -14.98 13.45 -13.85
CA ALA J 66 -15.92 13.63 -12.74
C ALA J 66 -16.63 12.32 -12.41
N ALA J 67 -17.06 11.58 -13.43
CA ALA J 67 -17.73 10.31 -13.16
C ALA J 67 -16.80 9.36 -12.42
N MET J 68 -15.55 9.25 -12.86
CA MET J 68 -14.63 8.33 -12.21
C MET J 68 -14.40 8.72 -10.75
N THR J 69 -14.11 10.00 -10.50
CA THR J 69 -13.85 10.43 -9.13
C THR J 69 -15.10 10.31 -8.28
N LEU J 70 -16.27 10.55 -8.87
CA LEU J 70 -17.53 10.43 -8.14
C LEU J 70 -17.80 8.98 -7.76
N GLU J 71 -17.46 8.03 -8.64
CA GLU J 71 -17.63 6.63 -8.32
C GLU J 71 -16.82 6.25 -7.10
N TRP J 72 -15.60 6.81 -6.98
CA TRP J 72 -14.80 6.54 -5.79
C TRP J 72 -15.49 7.07 -4.54
N LEU J 73 -16.02 8.29 -4.58
CA LEU J 73 -16.76 8.78 -3.42
C LEU J 73 -17.90 7.86 -3.07
N ARG J 74 -18.64 7.41 -4.08
CA ARG J 74 -19.79 6.54 -3.82
C ARG J 74 -19.34 5.30 -3.09
N ARG J 75 -18.17 4.75 -3.44
CA ARG J 75 -17.71 3.51 -2.83
C ARG J 75 -17.14 3.70 -1.43
N ASN J 76 -16.79 4.93 -1.05
CA ASN J 76 -16.12 5.21 0.21
C ASN J 76 -16.94 6.11 1.13
N ASP J 77 -18.24 6.23 0.87
CA ASP J 77 -19.14 7.01 1.71
C ASP J 77 -20.53 6.42 1.54
N ALA J 78 -21.08 5.90 2.63
CA ALA J 78 -22.33 5.15 2.54
C ALA J 78 -23.48 6.02 2.07
N LYS J 79 -23.54 7.26 2.53
CA LYS J 79 -24.71 8.08 2.20
C LYS J 79 -24.59 8.66 0.79
N TRP J 80 -23.37 8.87 0.28
CA TRP J 80 -23.22 9.15 -1.15
C TRP J 80 -23.79 7.99 -1.96
N ALA J 81 -23.51 6.75 -1.55
CA ALA J 81 -24.02 5.59 -2.25
C ALA J 81 -25.55 5.48 -2.14
N GLU J 82 -26.09 5.69 -0.94
CA GLU J 82 -27.53 5.61 -0.75
C GLU J 82 -28.25 6.67 -1.60
N HIS J 83 -27.81 7.93 -1.49
CA HIS J 83 -28.54 9.00 -2.17
C HIS J 83 -28.36 8.94 -3.69
N LEU J 84 -27.19 8.54 -4.17
CA LEU J 84 -27.01 8.43 -5.60
C LEU J 84 -27.89 7.32 -6.15
N ARG J 85 -28.03 6.21 -5.41
CA ARG J 85 -28.91 5.14 -5.88
C ARG J 85 -30.36 5.56 -5.88
N THR J 86 -30.79 6.44 -4.98
CA THR J 86 -32.19 6.82 -4.99
C THR J 86 -32.57 7.49 -6.30
N TYR J 87 -31.70 8.34 -6.82
CA TYR J 87 -32.05 9.23 -7.91
C TYR J 87 -31.37 8.94 -9.24
N LEU J 88 -30.19 8.32 -9.26
CA LEU J 88 -29.50 8.15 -10.52
C LEU J 88 -30.15 7.06 -11.36
N PHE J 89 -30.28 7.33 -12.66
CA PHE J 89 -30.85 6.39 -13.62
C PHE J 89 -32.30 6.05 -13.25
N THR J 90 -33.11 7.10 -13.14
CA THR J 90 -34.51 6.96 -12.74
C THR J 90 -35.40 7.56 -13.81
N GLU J 91 -36.71 7.36 -13.66
CA GLU J 91 -37.67 7.69 -14.70
C GLU J 91 -38.62 8.81 -14.31
N GLY J 92 -39.26 8.72 -13.15
CA GLY J 92 -40.25 9.69 -12.80
C GLY J 92 -39.68 11.06 -12.47
N PRO J 93 -40.49 11.93 -11.87
CA PRO J 93 -39.94 13.20 -11.38
C PRO J 93 -38.89 12.95 -10.30
N ILE J 94 -37.86 13.80 -10.28
CA ILE J 94 -36.75 13.63 -9.35
C ILE J 94 -37.18 13.98 -7.93
N THR J 95 -38.02 15.00 -7.76
CA THR J 95 -38.56 15.34 -6.45
C THR J 95 -39.69 14.37 -6.09
N ALA J 96 -39.32 13.09 -6.03
CA ALA J 96 -40.29 12.02 -5.80
C ALA J 96 -39.56 10.70 -5.54
N SER K 7 -18.46 -6.91 11.54
CA SER K 7 -19.23 -8.08 11.98
C SER K 7 -19.31 -9.15 10.88
N THR K 8 -18.52 -8.99 9.83
CA THR K 8 -18.43 -9.97 8.77
C THR K 8 -17.23 -10.89 9.03
N HIS K 9 -17.11 -11.91 8.19
CA HIS K 9 -16.03 -12.89 8.30
C HIS K 9 -14.89 -12.64 7.31
N GLU K 10 -15.19 -12.29 6.11
CA GLU K 10 -14.12 -11.86 5.22
C GLU K 10 -13.87 -10.37 5.38
N PRO K 11 -12.66 -9.89 5.07
CA PRO K 11 -12.39 -8.45 5.15
C PRO K 11 -13.29 -7.64 4.22
N LEU K 12 -13.71 -6.47 4.68
CA LEU K 12 -14.70 -5.68 3.96
C LEU K 12 -14.20 -5.20 2.61
N GLU K 13 -12.88 -5.05 2.44
CA GLU K 13 -12.36 -4.55 1.17
C GLU K 13 -12.60 -5.55 0.04
N VAL K 14 -12.64 -6.85 0.36
CA VAL K 14 -12.80 -7.85 -0.68
C VAL K 14 -14.26 -8.19 -0.96
N LEU K 15 -15.19 -7.67 -0.17
CA LEU K 15 -16.60 -7.93 -0.33
C LEU K 15 -17.23 -6.90 -1.26
N LYS K 16 -18.12 -7.36 -2.15
CA LYS K 16 -18.88 -6.46 -2.99
C LYS K 16 -19.92 -5.73 -2.17
N GLU K 17 -20.18 -4.48 -2.56
CA GLU K 17 -21.08 -3.65 -1.77
C GLU K 17 -22.45 -4.29 -1.62
N GLU K 18 -22.97 -4.88 -2.69
CA GLU K 18 -24.26 -5.54 -2.59
C GLU K 18 -24.21 -6.69 -1.59
N THR K 19 -23.08 -7.39 -1.53
CA THR K 19 -22.95 -8.49 -0.59
C THR K 19 -23.03 -8.00 0.85
N VAL K 20 -22.46 -6.82 1.14
CA VAL K 20 -22.50 -6.30 2.49
C VAL K 20 -23.90 -5.85 2.86
N ASN K 21 -24.65 -5.28 1.91
CA ASN K 21 -26.01 -4.89 2.23
C ASN K 21 -26.86 -6.11 2.49
N ARG K 22 -26.71 -7.18 1.70
CA ARG K 22 -27.42 -8.41 1.99
C ARG K 22 -26.99 -9.02 3.32
N HIS K 23 -25.73 -8.84 3.71
CA HIS K 23 -25.29 -9.27 5.02
C HIS K 23 -26.10 -8.55 6.11
N ARG K 24 -26.26 -7.24 5.97
CA ARG K 24 -27.02 -6.48 6.96
C ARG K 24 -28.47 -6.95 7.02
N ALA K 25 -29.05 -7.27 5.86
CA ALA K 25 -30.43 -7.75 5.84
C ALA K 25 -30.52 -9.15 6.42
N ILE K 26 -29.56 -10.02 6.11
CA ILE K 26 -29.64 -11.39 6.57
C ILE K 26 -29.54 -11.47 8.09
N VAL K 27 -28.55 -10.80 8.67
CA VAL K 27 -28.39 -10.86 10.12
C VAL K 27 -29.58 -10.20 10.82
N SER K 28 -30.22 -9.24 10.17
CA SER K 28 -31.43 -8.67 10.74
C SER K 28 -32.55 -9.71 10.81
N VAL K 29 -32.78 -10.45 9.73
CA VAL K 29 -33.82 -11.48 9.76
C VAL K 29 -33.48 -12.53 10.80
N MET K 30 -32.20 -12.90 10.92
CA MET K 30 -31.86 -13.88 11.95
C MET K 30 -32.23 -13.37 13.34
N ALA K 31 -31.93 -12.11 13.63
CA ALA K 31 -32.29 -11.55 14.93
C ALA K 31 -33.79 -11.53 15.13
N GLU K 32 -34.56 -11.20 14.08
CA GLU K 32 -36.01 -11.21 14.19
C GLU K 32 -36.53 -12.61 14.45
N LEU K 33 -36.06 -13.60 13.68
CA LEU K 33 -36.47 -14.98 13.90
C LEU K 33 -36.15 -15.42 15.33
N GLU K 34 -34.94 -15.12 15.80
CA GLU K 34 -34.55 -15.47 17.17
C GLU K 34 -35.51 -14.82 18.17
N ALA K 35 -35.90 -13.58 17.92
CA ALA K 35 -36.83 -12.89 18.83
C ALA K 35 -38.20 -13.55 18.81
N VAL K 36 -38.70 -13.91 17.62
CA VAL K 36 -39.98 -14.58 17.53
C VAL K 36 -39.95 -15.85 18.36
N ASP K 37 -38.90 -16.65 18.20
CA ASP K 37 -38.80 -17.93 18.88
C ASP K 37 -38.76 -17.76 20.39
N TRP K 38 -37.86 -16.89 20.89
CA TRP K 38 -37.75 -16.70 22.33
C TRP K 38 -39.02 -16.12 22.92
N TYR K 39 -39.58 -15.11 22.26
CA TYR K 39 -40.84 -14.53 22.76
C TYR K 39 -41.93 -15.60 22.84
N ASP K 40 -42.07 -16.42 21.79
CA ASP K 40 -43.11 -17.45 21.78
C ASP K 40 -42.91 -18.45 22.91
N GLN K 41 -41.66 -18.80 23.21
CA GLN K 41 -41.40 -19.70 24.33
C GLN K 41 -41.79 -19.04 25.65
N ARG K 42 -41.47 -17.76 25.81
CA ARG K 42 -41.82 -17.06 27.05
C ARG K 42 -43.32 -16.84 27.16
N VAL K 43 -44.02 -16.74 26.03
CA VAL K 43 -45.48 -16.67 26.08
C VAL K 43 -46.06 -17.97 26.64
N ASP K 44 -45.50 -19.11 26.22
CA ASP K 44 -45.97 -20.38 26.75
C ASP K 44 -45.61 -20.56 28.22
N ALA K 45 -44.43 -20.07 28.63
CA ALA K 45 -43.94 -20.29 29.98
C ALA K 45 -44.38 -19.21 30.96
N SER K 46 -44.69 -18.02 30.46
CA SER K 46 -45.06 -16.93 31.35
C SER K 46 -46.28 -17.30 32.15
N THR K 47 -46.24 -16.99 33.45
CA THR K 47 -47.37 -17.19 34.35
C THR K 47 -48.02 -15.87 34.77
N ASP K 48 -47.68 -14.78 34.08
CA ASP K 48 -48.27 -13.47 34.33
C ASP K 48 -48.99 -13.00 33.08
N PRO K 49 -50.33 -12.97 33.07
CA PRO K 49 -51.04 -12.71 31.81
C PRO K 49 -50.75 -11.36 31.21
N GLU K 50 -50.57 -10.31 32.03
CA GLU K 50 -50.31 -8.99 31.46
C GLU K 50 -48.95 -8.95 30.77
N LEU K 51 -47.94 -9.62 31.31
CA LEU K 51 -46.69 -9.73 30.58
C LEU K 51 -46.87 -10.56 29.30
N THR K 52 -47.60 -11.67 29.39
CA THR K 52 -47.85 -12.49 28.22
C THR K 52 -48.43 -11.68 27.08
N ALA K 53 -49.28 -10.70 27.41
CA ALA K 53 -49.85 -9.85 26.37
C ALA K 53 -48.76 -9.06 25.65
N ILE K 54 -47.80 -8.54 26.40
CA ILE K 54 -46.72 -7.77 25.77
C ILE K 54 -45.84 -8.68 24.93
N LEU K 55 -45.41 -9.80 25.50
CA LEU K 55 -44.52 -10.68 24.75
C LEU K 55 -45.14 -11.12 23.43
N ALA K 56 -46.43 -11.48 23.45
CA ALA K 56 -47.10 -11.92 22.23
C ALA K 56 -47.24 -10.76 21.24
N HIS K 57 -47.55 -9.57 21.75
CA HIS K 57 -47.62 -8.39 20.88
C HIS K 57 -46.28 -8.14 20.19
N ASN K 58 -45.19 -8.05 20.97
CA ASN K 58 -43.88 -7.83 20.36
C ASN K 58 -43.54 -8.95 19.40
N ARG K 59 -43.74 -10.20 19.84
CA ARG K 59 -43.47 -11.35 18.99
C ARG K 59 -44.01 -11.16 17.57
N ASP K 60 -45.29 -10.82 17.44
CA ASP K 60 -45.90 -10.74 16.12
C ASP K 60 -45.34 -9.58 15.29
N GLU K 61 -44.86 -8.52 15.94
CA GLU K 61 -44.26 -7.45 15.14
C GLU K 61 -42.86 -7.83 14.67
N GLU K 62 -42.15 -8.69 15.40
CA GLU K 62 -40.88 -9.19 14.89
C GLU K 62 -41.09 -9.93 13.57
N LYS K 63 -42.21 -10.64 13.44
CA LYS K 63 -42.51 -11.30 12.17
C LYS K 63 -42.68 -10.28 11.05
N GLU K 64 -43.32 -9.15 11.35
CA GLU K 64 -43.48 -8.09 10.36
C GLU K 64 -42.12 -7.53 9.94
N HIS K 65 -41.26 -7.23 10.92
CA HIS K 65 -39.92 -6.76 10.62
C HIS K 65 -39.21 -7.77 9.71
N ALA K 66 -39.36 -9.06 10.01
CA ALA K 66 -38.73 -10.09 9.21
C ALA K 66 -39.30 -10.13 7.81
N ALA K 67 -40.63 -10.06 7.67
CA ALA K 67 -41.24 -10.08 6.35
C ALA K 67 -40.76 -8.91 5.50
N MET K 68 -40.70 -7.72 6.09
CA MET K 68 -40.27 -6.53 5.36
C MET K 68 -38.85 -6.71 4.84
N THR K 69 -37.95 -7.20 5.69
CA THR K 69 -36.56 -7.38 5.27
C THR K 69 -36.45 -8.50 4.23
N LEU K 70 -37.27 -9.55 4.36
CA LEU K 70 -37.22 -10.63 3.39
C LEU K 70 -37.65 -10.15 2.02
N GLU K 71 -38.65 -9.28 1.95
CA GLU K 71 -39.07 -8.72 0.67
C GLU K 71 -37.92 -7.95 0.03
N TRP K 72 -37.16 -7.21 0.82
CA TRP K 72 -36.00 -6.53 0.28
C TRP K 72 -35.01 -7.53 -0.29
N LEU K 73 -34.75 -8.62 0.44
CA LEU K 73 -33.86 -9.65 -0.06
C LEU K 73 -34.36 -10.22 -1.38
N ARG K 74 -35.67 -10.43 -1.49
CA ARG K 74 -36.23 -10.93 -2.74
C ARG K 74 -35.97 -9.97 -3.89
N ARG K 75 -36.08 -8.66 -3.63
CA ARG K 75 -35.93 -7.69 -4.70
C ARG K 75 -34.48 -7.48 -5.11
N ASN K 76 -33.52 -7.90 -4.28
CA ASN K 76 -32.11 -7.61 -4.52
C ASN K 76 -31.28 -8.87 -4.66
N ASP K 77 -31.92 -10.01 -4.92
CA ASP K 77 -31.19 -11.26 -5.11
C ASP K 77 -32.03 -12.18 -5.98
N ALA K 78 -31.48 -12.55 -7.14
CA ALA K 78 -32.27 -13.30 -8.12
C ALA K 78 -32.70 -14.66 -7.57
N LYS K 79 -31.81 -15.33 -6.83
CA LYS K 79 -32.13 -16.67 -6.36
C LYS K 79 -33.06 -16.67 -5.16
N TRP K 80 -32.99 -15.64 -4.31
CA TRP K 80 -34.03 -15.48 -3.30
C TRP K 80 -35.39 -15.36 -3.98
N ALA K 81 -35.46 -14.59 -5.07
CA ALA K 81 -36.72 -14.42 -5.76
C ALA K 81 -37.18 -15.73 -6.40
N GLU K 82 -36.28 -16.46 -7.02
CA GLU K 82 -36.68 -17.72 -7.65
C GLU K 82 -37.22 -18.69 -6.63
N HIS K 83 -36.47 -18.94 -5.55
CA HIS K 83 -36.85 -19.99 -4.63
C HIS K 83 -38.05 -19.58 -3.77
N LEU K 84 -38.11 -18.31 -3.37
CA LEU K 84 -39.30 -17.84 -2.67
C LEU K 84 -40.53 -17.89 -3.59
N ARG K 85 -40.35 -17.64 -4.88
CA ARG K 85 -41.46 -17.74 -5.82
C ARG K 85 -41.96 -19.17 -5.94
N THR K 86 -41.05 -20.15 -5.81
CA THR K 86 -41.42 -21.56 -5.99
C THR K 86 -42.24 -22.09 -4.83
N TYR K 87 -41.92 -21.71 -3.61
CA TYR K 87 -42.47 -22.39 -2.45
C TYR K 87 -43.44 -21.55 -1.64
N LEU K 88 -43.34 -20.23 -1.65
CA LEU K 88 -44.22 -19.42 -0.82
C LEU K 88 -45.61 -19.33 -1.44
N PHE K 89 -46.62 -19.41 -0.56
CA PHE K 89 -48.02 -19.30 -0.95
C PHE K 89 -48.40 -20.41 -1.92
N THR K 90 -48.13 -21.64 -1.50
CA THR K 90 -48.41 -22.81 -2.30
C THR K 90 -49.30 -23.77 -1.52
N GLU K 91 -49.83 -24.77 -2.22
CA GLU K 91 -50.56 -25.87 -1.60
C GLU K 91 -49.86 -27.17 -1.97
N GLY K 92 -50.25 -28.24 -1.29
CA GLY K 92 -49.67 -29.54 -1.53
C GLY K 92 -48.33 -29.66 -0.83
N PRO K 93 -47.73 -30.85 -0.91
CA PRO K 93 -46.44 -31.05 -0.24
C PRO K 93 -45.43 -29.99 -0.65
N ILE K 94 -44.68 -29.49 0.33
CA ILE K 94 -43.71 -28.43 0.09
C ILE K 94 -42.51 -28.97 -0.70
N THR K 95 -42.06 -30.18 -0.37
CA THR K 95 -40.90 -30.71 -1.08
C THR K 95 -41.18 -30.96 -2.55
N ALA K 96 -42.44 -30.88 -2.98
CA ALA K 96 -42.80 -31.14 -4.37
C ALA K 96 -43.31 -29.89 -5.10
N ALA K 97 -43.13 -28.71 -4.52
CA ALA K 97 -43.66 -27.49 -5.12
C ALA K 97 -42.61 -26.76 -5.96
N SER L 7 -31.90 -26.91 23.64
CA SER L 7 -31.77 -25.75 22.76
C SER L 7 -32.81 -24.68 23.08
N THR L 8 -33.93 -25.10 23.66
CA THR L 8 -34.98 -24.17 24.05
C THR L 8 -34.61 -23.46 25.34
N HIS L 9 -35.16 -22.25 25.51
CA HIS L 9 -34.82 -21.42 26.66
C HIS L 9 -35.79 -21.57 27.82
N GLU L 10 -36.97 -22.02 27.58
CA GLU L 10 -37.85 -22.43 28.66
C GLU L 10 -37.87 -23.95 28.78
N PRO L 11 -38.13 -24.50 29.96
CA PRO L 11 -38.24 -25.97 30.05
C PRO L 11 -39.35 -26.47 29.14
N LEU L 12 -39.09 -27.58 28.45
CA LEU L 12 -40.01 -28.06 27.44
C LEU L 12 -41.33 -28.52 28.05
N GLU L 13 -41.36 -28.83 29.34
CA GLU L 13 -42.60 -29.33 29.93
C GLU L 13 -43.70 -28.28 29.87
N VAL L 14 -43.34 -27.01 29.92
CA VAL L 14 -44.31 -25.94 29.86
C VAL L 14 -44.52 -25.42 28.44
N LEU L 15 -43.69 -25.83 27.49
CA LEU L 15 -43.84 -25.38 26.11
C LEU L 15 -44.79 -26.32 25.37
N LYS L 16 -45.68 -25.72 24.58
CA LYS L 16 -46.57 -26.47 23.71
C LYS L 16 -45.81 -27.05 22.52
N GLU L 17 -46.25 -28.23 22.08
CA GLU L 17 -45.55 -28.92 21.01
C GLU L 17 -45.49 -28.05 19.77
N GLU L 18 -46.57 -27.33 19.47
CA GLU L 18 -46.56 -26.46 18.30
C GLU L 18 -45.46 -25.40 18.41
N THR L 19 -45.24 -24.88 19.63
CA THR L 19 -44.18 -23.91 19.81
C THR L 19 -42.81 -24.53 19.55
N VAL L 20 -42.61 -25.78 20.00
CA VAL L 20 -41.32 -26.43 19.82
C VAL L 20 -41.09 -26.79 18.36
N ASN L 21 -42.14 -27.18 17.64
CA ASN L 21 -41.97 -27.47 16.22
C ASN L 21 -41.66 -26.19 15.44
N ARG L 22 -42.33 -25.09 15.77
CA ARG L 22 -41.97 -23.82 15.15
C ARG L 22 -40.55 -23.41 15.55
N HIS L 23 -40.15 -23.72 16.77
CA HIS L 23 -38.76 -23.48 17.18
C HIS L 23 -37.80 -24.23 16.27
N ARG L 24 -38.10 -25.50 16.00
CA ARG L 24 -37.21 -26.28 15.14
C ARG L 24 -37.14 -25.70 13.73
N ALA L 25 -38.27 -25.22 13.20
CA ALA L 25 -38.25 -24.62 11.88
C ALA L 25 -37.53 -23.27 11.91
N ILE L 26 -37.74 -22.49 12.97
CA ILE L 26 -37.13 -21.16 13.05
C ILE L 26 -35.62 -21.27 13.11
N VAL L 27 -35.09 -22.14 13.98
CA VAL L 27 -33.64 -22.26 14.09
C VAL L 27 -33.05 -22.80 12.79
N SER L 28 -33.83 -23.55 12.02
CA SER L 28 -33.37 -24.02 10.72
C SER L 28 -33.21 -22.85 9.76
N VAL L 29 -34.24 -22.00 9.66
CA VAL L 29 -34.15 -20.84 8.77
C VAL L 29 -32.98 -19.95 9.17
N MET L 30 -32.76 -19.78 10.48
CA MET L 30 -31.63 -18.97 10.93
C MET L 30 -30.32 -19.54 10.43
N ALA L 31 -30.18 -20.87 10.52
CA ALA L 31 -28.97 -21.54 10.07
C ALA L 31 -28.80 -21.41 8.56
N GLU L 32 -29.91 -21.51 7.82
CA GLU L 32 -29.85 -21.35 6.37
C GLU L 32 -29.45 -19.94 5.99
N LEU L 33 -30.09 -18.94 6.60
CA LEU L 33 -29.71 -17.56 6.34
C LEU L 33 -28.23 -17.34 6.66
N GLU L 34 -27.77 -17.84 7.81
CA GLU L 34 -26.36 -17.68 8.16
C GLU L 34 -25.46 -18.32 7.11
N ALA L 35 -25.85 -19.50 6.61
CA ALA L 35 -25.06 -20.16 5.58
C ALA L 35 -25.05 -19.36 4.28
N VAL L 36 -26.19 -18.78 3.90
CA VAL L 36 -26.22 -17.95 2.69
C VAL L 36 -25.22 -16.81 2.80
N ASP L 37 -25.22 -16.10 3.94
CA ASP L 37 -24.33 -14.96 4.11
C ASP L 37 -22.86 -15.37 4.08
N TRP L 38 -22.47 -16.39 4.86
CA TRP L 38 -21.07 -16.79 4.89
C TRP L 38 -20.61 -17.27 3.52
N TYR L 39 -21.40 -18.12 2.85
CA TYR L 39 -21.02 -18.57 1.52
C TYR L 39 -20.85 -17.38 0.57
N ASP L 40 -21.77 -16.42 0.62
CA ASP L 40 -21.69 -15.29 -0.30
C ASP L 40 -20.40 -14.50 -0.08
N GLN L 41 -20.01 -14.32 1.18
CA GLN L 41 -18.78 -13.60 1.47
C GLN L 41 -17.56 -14.37 0.99
N ARG L 42 -17.56 -15.70 1.15
CA ARG L 42 -16.46 -16.52 0.68
C ARG L 42 -16.40 -16.58 -0.84
N VAL L 43 -17.54 -16.43 -1.52
CA VAL L 43 -17.55 -16.33 -2.96
C VAL L 43 -16.80 -15.09 -3.42
N ASP L 44 -17.02 -13.96 -2.73
CA ASP L 44 -16.36 -12.72 -3.10
C ASP L 44 -14.85 -12.78 -2.86
N ALA L 45 -14.44 -13.44 -1.78
CA ALA L 45 -13.05 -13.42 -1.38
C ALA L 45 -12.24 -14.55 -1.99
N SER L 46 -12.90 -15.62 -2.42
CA SER L 46 -12.17 -16.77 -2.95
C SER L 46 -11.37 -16.35 -4.17
N THR L 47 -10.15 -16.87 -4.24
CA THR L 47 -9.27 -16.67 -5.39
C THR L 47 -9.04 -17.94 -6.19
N ASP L 48 -9.85 -18.96 -5.96
CA ASP L 48 -9.80 -20.23 -6.71
C ASP L 48 -11.13 -20.41 -7.42
N PRO L 49 -11.19 -20.30 -8.74
CA PRO L 49 -12.51 -20.31 -9.40
C PRO L 49 -13.31 -21.58 -9.16
N GLU L 50 -12.67 -22.77 -9.09
CA GLU L 50 -13.43 -23.99 -8.86
C GLU L 50 -14.05 -24.01 -7.47
N LEU L 51 -13.34 -23.54 -6.47
CA LEU L 51 -13.93 -23.44 -5.15
C LEU L 51 -15.10 -22.46 -5.16
N THR L 52 -14.92 -21.31 -5.82
CA THR L 52 -15.97 -20.31 -5.89
C THR L 52 -17.25 -20.89 -6.48
N ALA L 53 -17.13 -21.75 -7.49
CA ALA L 53 -18.31 -22.37 -8.10
C ALA L 53 -19.04 -23.26 -7.11
N ILE L 54 -18.31 -24.02 -6.28
CA ILE L 54 -18.94 -24.87 -5.29
C ILE L 54 -19.62 -24.04 -4.21
N LEU L 55 -18.91 -23.04 -3.69
CA LEU L 55 -19.49 -22.16 -2.67
C LEU L 55 -20.74 -21.47 -3.20
N ALA L 56 -20.70 -21.01 -4.45
CA ALA L 56 -21.87 -20.34 -5.02
C ALA L 56 -23.02 -21.32 -5.22
N HIS L 57 -22.73 -22.54 -5.66
CA HIS L 57 -23.78 -23.54 -5.82
C HIS L 57 -24.47 -23.81 -4.50
N ASN L 58 -23.69 -24.10 -3.45
CA ASN L 58 -24.28 -24.38 -2.14
C ASN L 58 -25.10 -23.18 -1.66
N ARG L 59 -24.51 -21.98 -1.72
CA ARG L 59 -25.20 -20.77 -1.31
C ARG L 59 -26.62 -20.72 -1.85
N ASP L 60 -26.78 -20.90 -3.16
CA ASP L 60 -28.11 -20.75 -3.76
C ASP L 60 -29.05 -21.86 -3.31
N GLU L 61 -28.54 -23.03 -2.94
CA GLU L 61 -29.44 -24.06 -2.44
C GLU L 61 -29.83 -23.81 -0.99
N GLU L 62 -28.97 -23.14 -0.21
CA GLU L 62 -29.38 -22.76 1.15
C GLU L 62 -30.62 -21.88 1.11
N LYS L 63 -30.71 -21.01 0.10
CA LYS L 63 -31.89 -20.17 -0.06
C LYS L 63 -33.13 -21.02 -0.31
N GLU L 64 -32.97 -22.08 -1.10
CA GLU L 64 -34.07 -23.01 -1.35
C GLU L 64 -34.50 -23.68 -0.05
N HIS L 65 -33.53 -24.17 0.74
CA HIS L 65 -33.86 -24.78 2.03
C HIS L 65 -34.64 -23.81 2.91
N ALA L 66 -34.22 -22.55 2.97
CA ALA L 66 -34.92 -21.57 3.79
C ALA L 66 -36.33 -21.34 3.27
N ALA L 67 -36.49 -21.20 1.96
CA ALA L 67 -37.82 -20.94 1.41
C ALA L 67 -38.80 -22.04 1.79
N MET L 68 -38.36 -23.30 1.69
CA MET L 68 -39.22 -24.43 2.05
C MET L 68 -39.61 -24.35 3.53
N THR L 69 -38.64 -24.09 4.41
CA THR L 69 -38.91 -24.03 5.83
C THR L 69 -39.79 -22.84 6.19
N LEU L 70 -39.62 -21.71 5.51
CA LEU L 70 -40.47 -20.56 5.80
C LEU L 70 -41.90 -20.81 5.36
N GLU L 71 -42.09 -21.51 4.23
CA GLU L 71 -43.43 -21.87 3.80
C GLU L 71 -44.14 -22.72 4.85
N TRP L 72 -43.41 -23.62 5.51
CA TRP L 72 -44.01 -24.38 6.61
C TRP L 72 -44.43 -23.45 7.74
N LEU L 73 -43.55 -22.52 8.12
CA LEU L 73 -43.91 -21.54 9.14
C LEU L 73 -45.14 -20.75 8.73
N ARG L 74 -45.18 -20.32 7.47
CA ARG L 74 -46.34 -19.57 6.98
C ARG L 74 -47.61 -20.39 7.13
N ARG L 75 -47.53 -21.69 6.87
CA ARG L 75 -48.72 -22.52 6.94
C ARG L 75 -49.12 -22.87 8.37
N ASN L 76 -48.20 -22.72 9.34
CA ASN L 76 -48.46 -23.17 10.71
C ASN L 76 -48.43 -22.03 11.72
N ASP L 77 -48.54 -20.79 11.26
CA ASP L 77 -48.52 -19.62 12.14
C ASP L 77 -49.29 -18.50 11.47
N ALA L 78 -50.34 -18.03 12.16
CA ALA L 78 -51.27 -17.10 11.53
C ALA L 78 -50.60 -15.78 11.17
N LYS L 79 -49.71 -15.29 12.05
CA LYS L 79 -49.11 -13.99 11.83
C LYS L 79 -47.94 -14.04 10.86
N TRP L 80 -47.23 -15.17 10.78
CA TRP L 80 -46.30 -15.34 9.68
C TRP L 80 -47.05 -15.27 8.35
N ALA L 81 -48.25 -15.85 8.29
CA ALA L 81 -49.04 -15.81 7.08
C ALA L 81 -49.50 -14.40 6.74
N GLU L 82 -49.97 -13.66 7.74
CA GLU L 82 -50.44 -12.31 7.45
C GLU L 82 -49.30 -11.44 6.93
N HIS L 83 -48.18 -11.39 7.65
CA HIS L 83 -47.13 -10.42 7.33
C HIS L 83 -46.40 -10.79 6.04
N LEU L 84 -46.19 -12.08 5.78
CA LEU L 84 -45.55 -12.46 4.54
C LEU L 84 -46.41 -12.10 3.32
N ARG L 85 -47.73 -12.26 3.43
CA ARG L 85 -48.60 -11.86 2.32
C ARG L 85 -48.56 -10.36 2.08
N THR L 86 -48.42 -9.57 3.14
CA THR L 86 -48.43 -8.12 3.01
C THR L 86 -47.21 -7.62 2.25
N TYR L 87 -46.05 -8.21 2.49
CA TYR L 87 -44.79 -7.63 2.02
C TYR L 87 -44.11 -8.42 0.91
N LEU L 88 -44.30 -9.74 0.84
CA LEU L 88 -43.63 -10.51 -0.18
C LEU L 88 -44.30 -10.30 -1.54
N PHE L 89 -43.46 -10.16 -2.57
CA PHE L 89 -43.92 -9.99 -3.94
C PHE L 89 -44.78 -8.74 -4.10
N THR L 90 -44.22 -7.61 -3.68
CA THR L 90 -44.90 -6.32 -3.75
C THR L 90 -44.05 -5.34 -4.55
N GLU L 91 -44.65 -4.21 -4.90
CA GLU L 91 -43.97 -3.12 -5.60
C GLU L 91 -44.26 -1.82 -4.87
N GLY L 92 -43.34 -0.87 -5.01
CA GLY L 92 -43.40 0.36 -4.26
C GLY L 92 -42.66 0.27 -2.95
N PRO L 93 -42.69 1.33 -2.15
CA PRO L 93 -41.97 1.32 -0.88
C PRO L 93 -42.44 0.17 0.01
N ILE L 94 -41.47 -0.53 0.61
CA ILE L 94 -41.81 -1.70 1.42
C ILE L 94 -42.44 -1.26 2.73
N THR L 95 -41.98 -0.16 3.32
CA THR L 95 -42.56 0.32 4.56
C THR L 95 -44.00 0.80 4.38
N ALA L 96 -44.44 1.04 3.14
CA ALA L 96 -45.79 1.54 2.87
C ALA L 96 -46.78 0.45 2.45
N ALA L 97 -46.34 -0.80 2.32
CA ALA L 97 -47.24 -1.90 1.96
C ALA L 97 -47.99 -2.41 3.19
N SER M 7 -12.03 -14.46 9.44
CA SER M 7 -12.32 -15.63 10.27
C SER M 7 -11.04 -16.42 10.55
N THR M 8 -9.93 -16.00 9.94
CA THR M 8 -8.66 -16.68 10.14
C THR M 8 -8.03 -16.23 11.46
N HIS M 9 -7.25 -17.14 12.05
CA HIS M 9 -6.62 -16.86 13.34
C HIS M 9 -5.26 -16.20 13.20
N GLU M 10 -4.59 -16.40 12.12
CA GLU M 10 -3.36 -15.67 11.84
C GLU M 10 -3.64 -14.48 10.94
N PRO M 11 -2.83 -13.41 11.01
CA PRO M 11 -3.02 -12.28 10.10
C PRO M 11 -2.89 -12.72 8.65
N LEU M 12 -3.73 -12.15 7.80
CA LEU M 12 -3.76 -12.59 6.41
C LEU M 12 -2.48 -12.28 5.65
N GLU M 13 -1.68 -11.32 6.11
CA GLU M 13 -0.45 -10.98 5.39
C GLU M 13 0.55 -12.12 5.42
N VAL M 14 0.54 -12.93 6.49
CA VAL M 14 1.51 -14.01 6.63
C VAL M 14 0.98 -15.35 6.14
N LEU M 15 -0.30 -15.43 5.78
CA LEU M 15 -0.88 -16.67 5.31
C LEU M 15 -0.74 -16.79 3.80
N LYS M 16 -0.44 -17.99 3.34
CA LYS M 16 -0.40 -18.25 1.91
C LYS M 16 -1.82 -18.23 1.33
N GLU M 17 -1.95 -17.75 0.09
CA GLU M 17 -3.28 -17.65 -0.51
C GLU M 17 -4.01 -19.00 -0.56
N GLU M 18 -3.30 -20.05 -0.96
CA GLU M 18 -3.92 -21.36 -1.00
C GLU M 18 -4.38 -21.78 0.39
N THR M 19 -3.60 -21.44 1.41
CA THR M 19 -3.98 -21.76 2.77
C THR M 19 -5.28 -21.08 3.17
N VAL M 20 -5.48 -19.84 2.74
CA VAL M 20 -6.72 -19.14 3.08
C VAL M 20 -7.90 -19.74 2.32
N ASN M 21 -7.69 -20.15 1.07
CA ASN M 21 -8.75 -20.79 0.31
C ASN M 21 -9.13 -22.13 0.90
N ARG M 22 -8.13 -22.91 1.34
CA ARG M 22 -8.42 -24.14 2.05
C ARG M 22 -9.15 -23.86 3.36
N HIS M 23 -8.84 -22.75 4.00
CA HIS M 23 -9.60 -22.33 5.18
C HIS M 23 -11.07 -22.13 4.84
N ARG M 24 -11.35 -21.47 3.71
CA ARG M 24 -12.73 -21.26 3.30
C ARG M 24 -13.45 -22.59 3.05
N ALA M 25 -12.74 -23.57 2.49
CA ALA M 25 -13.37 -24.85 2.25
C ALA M 25 -13.60 -25.62 3.54
N ILE M 26 -12.64 -25.56 4.47
CA ILE M 26 -12.76 -26.34 5.70
C ILE M 26 -13.92 -25.84 6.54
N VAL M 27 -13.98 -24.53 6.80
CA VAL M 27 -15.07 -24.01 7.63
C VAL M 27 -16.41 -24.24 6.95
N SER M 28 -16.44 -24.30 5.62
CA SER M 28 -17.68 -24.64 4.93
C SER M 28 -18.09 -26.08 5.23
N VAL M 29 -17.15 -27.01 5.12
CA VAL M 29 -17.46 -28.40 5.44
C VAL M 29 -17.93 -28.53 6.88
N MET M 30 -17.30 -27.78 7.80
CA MET M 30 -17.70 -27.79 9.20
C MET M 30 -19.15 -27.34 9.34
N ALA M 31 -19.53 -26.26 8.64
CA ALA M 31 -20.89 -25.76 8.74
C ALA M 31 -21.89 -26.79 8.20
N GLU M 32 -21.53 -27.48 7.12
CA GLU M 32 -22.40 -28.51 6.58
C GLU M 32 -22.55 -29.66 7.57
N LEU M 33 -21.43 -30.13 8.12
CA LEU M 33 -21.49 -31.20 9.11
C LEU M 33 -22.38 -30.80 10.27
N GLU M 34 -22.19 -29.58 10.78
CA GLU M 34 -23.03 -29.11 11.87
C GLU M 34 -24.49 -29.11 11.46
N ALA M 35 -24.77 -28.71 10.22
CA ALA M 35 -26.14 -28.69 9.74
C ALA M 35 -26.72 -30.09 9.64
N VAL M 36 -25.94 -31.04 9.15
CA VAL M 36 -26.42 -32.42 9.06
C VAL M 36 -26.84 -32.93 10.43
N ASP M 37 -25.99 -32.70 11.43
CA ASP M 37 -26.26 -33.17 12.79
C ASP M 37 -27.52 -32.52 13.35
N TRP M 38 -27.62 -31.20 13.27
CA TRP M 38 -28.77 -30.51 13.84
C TRP M 38 -30.06 -30.96 13.17
N TYR M 39 -30.08 -30.98 11.84
CA TYR M 39 -31.27 -31.42 11.12
C TYR M 39 -31.65 -32.85 11.50
N ASP M 40 -30.67 -33.74 11.59
CA ASP M 40 -30.96 -35.14 11.90
C ASP M 40 -31.60 -35.27 13.27
N GLN M 41 -31.13 -34.46 14.23
CA GLN M 41 -31.72 -34.49 15.56
C GLN M 41 -33.15 -33.96 15.52
N ARG M 42 -33.40 -32.93 14.72
CA ARG M 42 -34.75 -32.39 14.62
C ARG M 42 -35.67 -33.34 13.86
N VAL M 43 -35.12 -34.15 12.96
CA VAL M 43 -35.93 -35.15 12.30
C VAL M 43 -36.45 -36.17 13.30
N ASP M 44 -35.60 -36.57 14.25
CA ASP M 44 -36.04 -37.53 15.26
C ASP M 44 -37.05 -36.92 16.21
N ALA M 45 -36.87 -35.65 16.58
CA ALA M 45 -37.70 -35.03 17.60
C ALA M 45 -38.94 -34.36 17.03
N SER M 46 -38.94 -33.97 15.76
CA SER M 46 -40.09 -33.28 15.20
C SER M 46 -41.30 -34.18 15.26
N THR M 47 -42.43 -33.59 15.68
CA THR M 47 -43.71 -34.30 15.73
C THR M 47 -44.69 -33.79 14.65
N ASP M 48 -44.17 -33.07 13.66
CA ASP M 48 -44.97 -32.61 12.52
C ASP M 48 -44.41 -33.26 11.26
N PRO M 49 -45.11 -34.21 10.65
CA PRO M 49 -44.51 -34.96 9.53
C PRO M 49 -44.11 -34.09 8.36
N GLU M 50 -44.88 -33.05 8.05
CA GLU M 50 -44.55 -32.23 6.88
C GLU M 50 -43.27 -31.45 7.12
N LEU M 51 -43.05 -30.95 8.33
CA LEU M 51 -41.77 -30.34 8.64
C LEU M 51 -40.66 -31.38 8.63
N THR M 52 -40.91 -32.55 9.22
CA THR M 52 -39.90 -33.60 9.24
C THR M 52 -39.43 -33.94 7.83
N ALA M 53 -40.33 -33.92 6.86
CA ALA M 53 -39.94 -34.17 5.48
C ALA M 53 -38.98 -33.10 4.97
N ILE M 54 -39.25 -31.84 5.31
CA ILE M 54 -38.37 -30.76 4.89
C ILE M 54 -37.02 -30.88 5.56
N LEU M 55 -37.01 -31.08 6.88
CA LEU M 55 -35.75 -31.21 7.60
C LEU M 55 -34.91 -32.33 7.01
N ALA M 56 -35.54 -33.46 6.65
CA ALA M 56 -34.80 -34.58 6.07
C ALA M 56 -34.30 -34.25 4.67
N HIS M 57 -35.12 -33.58 3.86
CA HIS M 57 -34.70 -33.21 2.52
C HIS M 57 -33.48 -32.31 2.56
N ASN M 58 -33.53 -31.22 3.35
CA ASN M 58 -32.38 -30.33 3.45
C ASN M 58 -31.17 -31.07 4.00
N ARG M 59 -31.35 -31.83 5.08
CA ARG M 59 -30.26 -32.60 5.68
C ARG M 59 -29.43 -33.32 4.63
N ASP M 60 -30.09 -34.10 3.77
CA ASP M 60 -29.38 -34.92 2.80
C ASP M 60 -28.69 -34.08 1.73
N GLU M 61 -29.16 -32.87 1.47
CA GLU M 61 -28.46 -32.02 0.53
C GLU M 61 -27.24 -31.37 1.16
N GLU M 62 -27.24 -31.14 2.47
CA GLU M 62 -26.04 -30.64 3.12
C GLU M 62 -24.89 -31.63 2.95
N LYS M 63 -25.19 -32.94 2.99
CA LYS M 63 -24.15 -33.94 2.75
C LYS M 63 -23.58 -33.81 1.35
N GLU M 64 -24.45 -33.53 0.37
CA GLU M 64 -23.97 -33.26 -0.98
C GLU M 64 -23.04 -32.06 -0.99
N HIS M 65 -23.44 -30.98 -0.33
CA HIS M 65 -22.58 -29.81 -0.23
C HIS M 65 -21.22 -30.19 0.37
N ALA M 66 -21.23 -30.99 1.44
CA ALA M 66 -19.98 -31.38 2.06
C ALA M 66 -19.13 -32.21 1.12
N ALA M 67 -19.76 -33.15 0.41
CA ALA M 67 -19.01 -33.98 -0.56
C ALA M 67 -18.41 -33.12 -1.67
N MET M 68 -19.14 -32.14 -2.16
CA MET M 68 -18.63 -31.27 -3.19
C MET M 68 -17.37 -30.55 -2.72
N THR M 69 -17.46 -29.94 -1.53
CA THR M 69 -16.33 -29.17 -0.99
C THR M 69 -15.20 -30.08 -0.58
N LEU M 70 -15.51 -31.27 -0.07
CA LEU M 70 -14.46 -32.19 0.36
C LEU M 70 -13.65 -32.69 -0.83
N GLU M 71 -14.30 -32.93 -1.97
CA GLU M 71 -13.57 -33.30 -3.16
C GLU M 71 -12.59 -32.22 -3.57
N TRP M 72 -12.98 -30.95 -3.43
CA TRP M 72 -12.06 -29.85 -3.74
C TRP M 72 -10.86 -29.92 -2.83
N LEU M 73 -11.08 -30.17 -1.55
CA LEU M 73 -9.95 -30.32 -0.64
C LEU M 73 -9.05 -31.46 -1.09
N ARG M 74 -9.63 -32.57 -1.51
CA ARG M 74 -8.82 -33.70 -1.96
C ARG M 74 -7.96 -33.32 -3.15
N ARG M 75 -8.53 -32.53 -4.08
CA ARG M 75 -7.80 -32.14 -5.28
C ARG M 75 -6.76 -31.07 -5.04
N ASN M 76 -6.85 -30.35 -3.92
CA ASN M 76 -5.98 -29.20 -3.67
C ASN M 76 -5.14 -29.38 -2.41
N ASP M 77 -5.01 -30.59 -1.91
CA ASP M 77 -4.18 -30.85 -0.74
C ASP M 77 -3.69 -32.28 -0.82
N ALA M 78 -2.38 -32.45 -0.91
CA ALA M 78 -1.82 -33.76 -1.18
C ALA M 78 -2.14 -34.74 -0.07
N LYS M 79 -2.10 -34.29 1.19
CA LYS M 79 -2.27 -35.22 2.29
C LYS M 79 -3.74 -35.59 2.51
N TRP M 80 -4.67 -34.69 2.18
CA TRP M 80 -6.09 -35.09 2.13
C TRP M 80 -6.29 -36.21 1.12
N ALA M 81 -5.63 -36.11 -0.04
CA ALA M 81 -5.80 -37.13 -1.07
C ALA M 81 -5.25 -38.47 -0.61
N GLU M 82 -4.09 -38.47 0.04
CA GLU M 82 -3.50 -39.72 0.51
C GLU M 82 -4.40 -40.40 1.54
N HIS M 83 -4.79 -39.67 2.59
CA HIS M 83 -5.54 -40.30 3.67
C HIS M 83 -6.96 -40.64 3.24
N LEU M 84 -7.58 -39.79 2.42
CA LEU M 84 -8.91 -40.13 1.89
C LEU M 84 -8.83 -41.35 0.99
N ARG M 85 -7.73 -41.51 0.23
CA ARG M 85 -7.57 -42.71 -0.58
C ARG M 85 -7.45 -43.96 0.28
N THR M 86 -6.84 -43.84 1.46
CA THR M 86 -6.61 -45.00 2.31
C THR M 86 -7.91 -45.57 2.88
N TYR M 87 -8.85 -44.74 3.29
CA TYR M 87 -9.94 -45.22 4.14
C TYR M 87 -11.31 -45.20 3.48
N LEU M 88 -11.57 -44.30 2.53
CA LEU M 88 -12.90 -44.20 1.93
C LEU M 88 -13.17 -45.30 0.92
N PHE M 89 -14.42 -45.79 0.96
CA PHE M 89 -14.85 -46.89 0.09
C PHE M 89 -14.00 -48.13 0.32
N THR M 90 -13.91 -48.56 1.58
CA THR M 90 -13.09 -49.70 1.96
C THR M 90 -13.96 -50.70 2.71
N GLU M 91 -13.49 -51.94 2.75
CA GLU M 91 -14.12 -53.01 3.51
C GLU M 91 -13.19 -53.44 4.64
N GLY M 92 -13.80 -53.80 5.77
CA GLY M 92 -13.03 -54.30 6.89
C GLY M 92 -12.80 -53.23 7.93
N PRO M 93 -12.12 -53.59 9.03
CA PRO M 93 -11.89 -52.63 10.11
C PRO M 93 -11.27 -51.34 9.60
N ILE M 94 -11.92 -50.22 9.93
CA ILE M 94 -11.45 -48.93 9.43
C ILE M 94 -10.05 -48.63 9.93
N THR M 95 -9.68 -49.16 11.09
CA THR M 95 -8.35 -48.91 11.65
C THR M 95 -7.34 -49.81 10.93
N ALA M 96 -7.13 -49.51 9.65
CA ALA M 96 -6.19 -50.25 8.81
C ALA M 96 -5.90 -49.49 7.50
N SER N 7 -24.11 -31.63 24.55
CA SER N 7 -23.62 -31.57 23.18
C SER N 7 -24.77 -31.57 22.17
N THR N 8 -25.89 -32.19 22.56
CA THR N 8 -27.03 -32.33 21.68
C THR N 8 -28.03 -31.20 21.90
N HIS N 9 -28.83 -30.94 20.87
CA HIS N 9 -29.84 -29.89 20.88
C HIS N 9 -31.24 -30.39 21.23
N GLU N 10 -31.61 -31.60 20.74
CA GLU N 10 -32.87 -32.19 21.14
C GLU N 10 -32.66 -33.13 22.34
N PRO N 11 -33.69 -33.34 23.16
CA PRO N 11 -33.55 -34.24 24.31
C PRO N 11 -33.15 -35.63 23.87
N LEU N 12 -32.28 -36.27 24.66
CA LEU N 12 -31.73 -37.58 24.31
C LEU N 12 -32.77 -38.70 24.30
N GLU N 13 -33.88 -38.52 25.01
CA GLU N 13 -34.89 -39.58 25.08
C GLU N 13 -35.55 -39.79 23.74
N VAL N 14 -35.69 -38.71 22.94
CA VAL N 14 -36.41 -38.82 21.67
C VAL N 14 -35.51 -39.08 20.49
N LEU N 15 -34.19 -39.01 20.68
CA LEU N 15 -33.24 -39.27 19.60
C LEU N 15 -32.90 -40.75 19.57
N LYS N 16 -32.85 -41.31 18.37
CA LYS N 16 -32.40 -42.68 18.20
C LYS N 16 -30.90 -42.77 18.43
N GLU N 17 -30.46 -43.87 19.00
CA GLU N 17 -29.04 -44.08 19.28
C GLU N 17 -28.20 -44.01 18.00
N GLU N 18 -28.72 -44.54 16.88
CA GLU N 18 -27.97 -44.43 15.63
C GLU N 18 -27.74 -42.97 15.26
N THR N 19 -28.71 -42.10 15.56
CA THR N 19 -28.56 -40.67 15.34
C THR N 19 -27.50 -40.06 16.25
N VAL N 20 -27.46 -40.50 17.51
CA VAL N 20 -26.50 -39.98 18.47
C VAL N 20 -25.09 -40.46 18.17
N ASN N 21 -24.95 -41.69 17.67
CA ASN N 21 -23.63 -42.18 17.28
C ASN N 21 -23.09 -41.40 16.10
N ARG N 22 -23.95 -41.11 15.12
CA ARG N 22 -23.54 -40.26 14.02
C ARG N 22 -23.20 -38.85 14.52
N HIS N 23 -23.94 -38.37 15.52
CA HIS N 23 -23.61 -37.09 16.12
C HIS N 23 -22.19 -37.11 16.68
N ARG N 24 -21.84 -38.18 17.40
CA ARG N 24 -20.49 -38.26 17.96
C ARG N 24 -19.45 -38.24 16.86
N ALA N 25 -19.73 -38.91 15.74
CA ALA N 25 -18.77 -38.93 14.65
C ALA N 25 -18.68 -37.57 13.96
N ILE N 26 -19.83 -36.89 13.79
CA ILE N 26 -19.83 -35.64 13.04
C ILE N 26 -19.04 -34.58 13.80
N VAL N 27 -19.33 -34.39 15.08
CA VAL N 27 -18.62 -33.36 15.84
C VAL N 27 -17.13 -33.71 15.93
N SER N 28 -16.78 -34.98 15.84
CA SER N 28 -15.37 -35.36 15.79
C SER N 28 -14.72 -34.86 14.50
N VAL N 29 -15.36 -35.09 13.37
CA VAL N 29 -14.83 -34.59 12.10
C VAL N 29 -14.73 -33.08 12.15
N MET N 30 -15.74 -32.42 12.75
CA MET N 30 -15.71 -30.97 12.87
C MET N 30 -14.46 -30.53 13.64
N ALA N 31 -14.16 -31.20 14.74
CA ALA N 31 -12.97 -30.86 15.51
C ALA N 31 -11.70 -31.15 14.72
N GLU N 32 -11.68 -32.26 13.99
CA GLU N 32 -10.51 -32.60 13.20
C GLU N 32 -10.30 -31.57 12.09
N LEU N 33 -11.36 -31.25 11.36
CA LEU N 33 -11.26 -30.24 10.32
C LEU N 33 -10.78 -28.92 10.89
N GLU N 34 -11.35 -28.50 12.02
CA GLU N 34 -10.93 -27.25 12.63
C GLU N 34 -9.46 -27.29 13.00
N ALA N 35 -8.97 -28.44 13.49
CA ALA N 35 -7.56 -28.53 13.84
C ALA N 35 -6.66 -28.44 12.62
N VAL N 36 -7.06 -29.07 11.52
CA VAL N 36 -6.26 -28.97 10.29
C VAL N 36 -6.11 -27.51 9.88
N ASP N 37 -7.21 -26.77 9.90
CA ASP N 37 -7.19 -25.38 9.51
C ASP N 37 -6.30 -24.56 10.44
N TRP N 38 -6.47 -24.73 11.75
CA TRP N 38 -5.68 -23.96 12.70
C TRP N 38 -4.19 -24.27 12.55
N TYR N 39 -3.84 -25.54 12.53
CA TYR N 39 -2.43 -25.91 12.41
C TYR N 39 -1.83 -25.35 11.14
N ASP N 40 -2.54 -25.47 10.01
CA ASP N 40 -2.01 -25.01 8.75
C ASP N 40 -1.75 -23.51 8.78
N GLN N 41 -2.63 -22.75 9.45
CA GLN N 41 -2.40 -21.32 9.57
C GLN N 41 -1.17 -21.04 10.42
N ARG N 42 -0.99 -21.81 11.49
CA ARG N 42 0.17 -21.62 12.36
C ARG N 42 1.45 -22.05 11.67
N VAL N 43 1.36 -22.99 10.72
CA VAL N 43 2.52 -23.38 9.95
C VAL N 43 2.99 -22.23 9.08
N ASP N 44 2.05 -21.52 8.44
CA ASP N 44 2.41 -20.40 7.58
C ASP N 44 3.01 -19.26 8.40
N ALA N 45 2.49 -19.01 9.60
CA ALA N 45 2.92 -17.87 10.39
C ALA N 45 4.07 -18.16 11.33
N SER N 46 4.27 -19.43 11.70
CA SER N 46 5.33 -19.77 12.64
C SER N 46 6.67 -19.35 12.06
N THR N 47 7.50 -18.74 12.91
CA THR N 47 8.84 -18.34 12.56
C THR N 47 9.90 -19.20 13.26
N ASP N 48 9.50 -20.32 13.84
CA ASP N 48 10.41 -21.25 14.50
C ASP N 48 10.35 -22.57 13.75
N PRO N 49 11.39 -22.96 13.01
CA PRO N 49 11.28 -24.17 12.18
C PRO N 49 10.99 -25.42 12.98
N GLU N 50 11.49 -25.52 14.21
CA GLU N 50 11.30 -26.74 14.99
C GLU N 50 9.82 -26.90 15.34
N LEU N 51 9.15 -25.77 15.65
CA LEU N 51 7.72 -25.81 15.92
C LEU N 51 6.93 -26.07 14.65
N THR N 52 7.31 -25.46 13.53
CA THR N 52 6.60 -25.68 12.28
C THR N 52 6.57 -27.17 11.94
N ALA N 53 7.66 -27.87 12.20
CA ALA N 53 7.67 -29.31 11.93
C ALA N 53 6.62 -30.03 12.76
N ILE N 54 6.48 -29.65 14.03
CA ILE N 54 5.49 -30.28 14.89
C ILE N 54 4.08 -29.93 14.42
N LEU N 55 3.82 -28.65 14.18
CA LEU N 55 2.48 -28.24 13.73
C LEU N 55 2.09 -28.95 12.44
N ALA N 56 3.02 -29.03 11.48
CA ALA N 56 2.72 -29.67 10.21
C ALA N 56 2.52 -31.16 10.38
N HIS N 57 3.32 -31.80 11.22
CA HIS N 57 3.16 -33.23 11.46
C HIS N 57 1.78 -33.54 12.01
N ASN N 58 1.40 -32.87 13.09
CA ASN N 58 0.08 -33.09 13.67
C ASN N 58 -1.02 -32.78 12.65
N ARG N 59 -0.91 -31.64 11.99
CA ARG N 59 -1.90 -31.24 10.98
C ARG N 59 -2.26 -32.41 10.07
N ASP N 60 -1.24 -33.02 9.45
CA ASP N 60 -1.49 -34.07 8.47
C ASP N 60 -2.06 -35.33 9.11
N GLU N 61 -1.86 -35.54 10.40
CA GLU N 61 -2.46 -36.65 11.11
C GLU N 61 -3.91 -36.40 11.45
N GLU N 62 -4.30 -35.13 11.66
CA GLU N 62 -5.71 -34.81 11.87
C GLU N 62 -6.51 -35.19 10.64
N LYS N 63 -5.94 -35.01 9.44
CA LYS N 63 -6.62 -35.41 8.22
C LYS N 63 -6.86 -36.91 8.21
N GLU N 64 -5.90 -37.69 8.70
CA GLU N 64 -6.09 -39.12 8.82
C GLU N 64 -7.22 -39.44 9.79
N HIS N 65 -7.23 -38.79 10.95
CA HIS N 65 -8.32 -38.98 11.89
C HIS N 65 -9.67 -38.66 11.24
N ALA N 66 -9.72 -37.57 10.48
CA ALA N 66 -10.97 -37.18 9.81
C ALA N 66 -11.39 -38.21 8.77
N ALA N 67 -10.44 -38.67 7.96
CA ALA N 67 -10.78 -39.70 6.98
C ALA N 67 -11.30 -40.97 7.67
N MET N 68 -10.68 -41.40 8.77
CA MET N 68 -11.18 -42.59 9.46
C MET N 68 -12.63 -42.42 9.90
N THR N 69 -12.94 -41.28 10.58
CA THR N 69 -14.31 -41.07 11.06
C THR N 69 -15.27 -40.88 9.90
N LEU N 70 -14.81 -40.29 8.80
CA LEU N 70 -15.69 -40.07 7.66
C LEU N 70 -16.08 -41.37 6.97
N GLU N 71 -15.14 -42.32 6.89
CA GLU N 71 -15.47 -43.62 6.33
C GLU N 71 -16.57 -44.29 7.14
N TRP N 72 -16.49 -44.17 8.47
CA TRP N 72 -17.55 -44.74 9.31
C TRP N 72 -18.90 -44.10 8.99
N LEU N 73 -18.93 -42.78 8.84
CA LEU N 73 -20.17 -42.11 8.44
C LEU N 73 -20.67 -42.67 7.12
N ARG N 74 -19.76 -42.88 6.17
CA ARG N 74 -20.17 -43.43 4.89
C ARG N 74 -20.83 -44.80 5.05
N ARG N 75 -20.28 -45.62 5.94
CA ARG N 75 -20.80 -46.98 6.14
C ARG N 75 -22.08 -47.01 6.96
N ASN N 76 -22.42 -45.94 7.67
CA ASN N 76 -23.58 -45.94 8.56
C ASN N 76 -24.60 -44.87 8.17
N ASP N 77 -24.52 -44.36 6.95
CA ASP N 77 -25.49 -43.37 6.49
C ASP N 77 -25.56 -43.44 4.98
N ALA N 78 -26.75 -43.79 4.46
CA ALA N 78 -26.88 -44.09 3.04
C ALA N 78 -26.61 -42.87 2.18
N LYS N 79 -27.02 -41.69 2.64
CA LYS N 79 -26.83 -40.50 1.81
C LYS N 79 -25.40 -39.98 1.89
N TRP N 80 -24.72 -40.18 3.01
CA TRP N 80 -23.29 -39.93 3.00
C TRP N 80 -22.62 -40.79 1.94
N ALA N 81 -23.03 -42.05 1.82
CA ALA N 81 -22.44 -42.95 0.84
C ALA N 81 -22.77 -42.50 -0.58
N GLU N 82 -24.01 -42.10 -0.82
CA GLU N 82 -24.39 -41.66 -2.15
C GLU N 82 -23.59 -40.44 -2.58
N HIS N 83 -23.57 -39.40 -1.75
CA HIS N 83 -22.99 -38.14 -2.16
C HIS N 83 -21.47 -38.22 -2.18
N LEU N 84 -20.86 -38.96 -1.25
CA LEU N 84 -19.41 -39.14 -1.33
C LEU N 84 -19.01 -39.93 -2.57
N ARG N 85 -19.82 -40.89 -2.99
CA ARG N 85 -19.53 -41.63 -4.20
C ARG N 85 -19.60 -40.76 -5.46
N THR N 86 -20.50 -39.77 -5.47
CA THR N 86 -20.64 -38.97 -6.69
C THR N 86 -19.41 -38.11 -6.94
N TYR N 87 -18.83 -37.55 -5.88
CA TYR N 87 -17.83 -36.51 -6.04
C TYR N 87 -16.41 -36.92 -5.65
N LEU N 88 -16.23 -37.88 -4.77
CA LEU N 88 -14.88 -38.20 -4.34
C LEU N 88 -14.14 -38.97 -5.42
N PHE N 89 -12.87 -38.63 -5.63
CA PHE N 89 -12.00 -39.34 -6.57
C PHE N 89 -12.59 -39.25 -7.98
N THR N 90 -12.83 -38.01 -8.39
CA THR N 90 -13.40 -37.74 -9.70
C THR N 90 -12.51 -36.78 -10.49
N GLU N 91 -12.86 -36.61 -11.76
CA GLU N 91 -12.22 -35.66 -12.64
C GLU N 91 -13.27 -34.69 -13.16
N GLY N 92 -12.81 -33.62 -13.79
CA GLY N 92 -13.71 -32.66 -14.40
C GLY N 92 -14.45 -31.81 -13.39
N PRO N 93 -15.28 -30.89 -13.88
CA PRO N 93 -15.92 -29.93 -12.97
C PRO N 93 -16.72 -30.61 -11.88
N ILE N 94 -16.55 -30.13 -10.65
CA ILE N 94 -17.28 -30.68 -9.51
C ILE N 94 -18.72 -30.20 -9.51
N THR N 95 -18.98 -29.01 -10.02
CA THR N 95 -20.33 -28.48 -10.08
C THR N 95 -21.03 -28.97 -11.33
N SER O 7 -6.86 -15.78 17.63
CA SER O 7 -5.77 -14.82 17.52
C SER O 7 -5.35 -14.32 18.91
N THR O 8 -4.69 -13.17 18.94
CA THR O 8 -4.11 -12.64 20.15
C THR O 8 -5.13 -11.80 20.93
N HIS O 9 -4.77 -11.43 22.16
CA HIS O 9 -5.54 -10.48 22.96
C HIS O 9 -4.84 -9.14 23.15
N GLU O 10 -3.54 -9.04 22.79
CA GLU O 10 -2.82 -7.79 22.66
C GLU O 10 -2.45 -7.58 21.19
N PRO O 11 -2.29 -6.34 20.76
CA PRO O 11 -1.88 -6.10 19.35
C PRO O 11 -0.53 -6.76 19.05
N LEU O 12 -0.42 -7.35 17.86
CA LEU O 12 0.81 -8.06 17.50
C LEU O 12 2.02 -7.14 17.43
N GLU O 13 1.79 -5.82 17.32
CA GLU O 13 2.87 -4.85 17.24
C GLU O 13 3.70 -4.83 18.52
N VAL O 14 3.05 -5.09 19.66
CA VAL O 14 3.75 -5.04 20.95
C VAL O 14 4.22 -6.41 21.42
N LEU O 15 3.84 -7.49 20.74
CA LEU O 15 4.22 -8.83 21.15
C LEU O 15 5.55 -9.23 20.49
N LYS O 16 6.42 -9.88 21.26
CA LYS O 16 7.68 -10.37 20.78
C LYS O 16 7.46 -11.61 19.94
N GLU O 17 8.32 -11.81 18.94
CA GLU O 17 8.22 -12.98 18.09
C GLU O 17 8.22 -14.28 18.90
N GLU O 18 9.06 -14.32 19.94
CA GLU O 18 9.16 -15.50 20.78
C GLU O 18 7.87 -15.72 21.54
N THR O 19 7.20 -14.66 21.96
CA THR O 19 5.92 -14.80 22.67
C THR O 19 4.84 -15.37 21.78
N VAL O 20 4.78 -14.92 20.52
CA VAL O 20 3.74 -15.37 19.62
C VAL O 20 3.95 -16.82 19.23
N ASN O 21 5.21 -17.27 19.10
CA ASN O 21 5.44 -18.67 18.79
C ASN O 21 5.02 -19.56 19.96
N ARG O 22 5.31 -19.14 21.19
CA ARG O 22 4.82 -19.87 22.36
C ARG O 22 3.30 -19.85 22.41
N HIS O 23 2.68 -18.75 21.97
CA HIS O 23 1.22 -18.69 21.86
C HIS O 23 0.71 -19.76 20.89
N ARG O 24 1.33 -19.90 19.73
CA ARG O 24 0.89 -20.89 18.76
C ARG O 24 0.99 -22.30 19.31
N ALA O 25 2.04 -22.57 20.08
CA ALA O 25 2.22 -23.89 20.68
C ALA O 25 1.24 -24.12 21.82
N ILE O 26 0.98 -23.08 22.61
CA ILE O 26 0.11 -23.26 23.78
C ILE O 26 -1.32 -23.59 23.34
N VAL O 27 -1.87 -22.81 22.41
CA VAL O 27 -3.24 -23.07 21.97
C VAL O 27 -3.33 -24.43 21.28
N SER O 28 -2.23 -24.89 20.68
CA SER O 28 -2.25 -26.22 20.11
C SER O 28 -2.40 -27.27 21.20
N VAL O 29 -1.62 -27.14 22.27
CA VAL O 29 -1.76 -28.09 23.39
C VAL O 29 -3.16 -28.02 23.97
N MET O 30 -3.74 -26.83 24.06
CA MET O 30 -5.12 -26.69 24.55
C MET O 30 -6.08 -27.47 23.65
N ALA O 31 -5.93 -27.33 22.33
CA ALA O 31 -6.81 -28.04 21.41
C ALA O 31 -6.63 -29.54 21.51
N GLU O 32 -5.39 -30.00 21.68
CA GLU O 32 -5.14 -31.43 21.80
C GLU O 32 -5.78 -31.97 23.07
N LEU O 33 -5.55 -31.30 24.19
CA LEU O 33 -6.16 -31.72 25.45
C LEU O 33 -7.67 -31.77 25.34
N GLU O 34 -8.28 -30.71 24.80
CA GLU O 34 -9.72 -30.72 24.61
C GLU O 34 -10.15 -31.90 23.74
N ALA O 35 -9.38 -32.21 22.70
CA ALA O 35 -9.71 -33.34 21.85
C ALA O 35 -9.60 -34.65 22.61
N VAL O 36 -8.58 -34.78 23.46
CA VAL O 36 -8.44 -35.98 24.28
C VAL O 36 -9.67 -36.15 25.16
N ASP O 37 -10.09 -35.08 25.83
CA ASP O 37 -11.22 -35.18 26.74
C ASP O 37 -12.49 -35.55 26.00
N TRP O 38 -12.78 -34.85 24.91
CA TRP O 38 -14.01 -35.12 24.16
C TRP O 38 -14.02 -36.55 23.65
N TYR O 39 -12.93 -36.97 23.02
CA TYR O 39 -12.85 -38.34 22.51
C TYR O 39 -13.02 -39.35 23.62
N ASP O 40 -12.38 -39.11 24.77
CA ASP O 40 -12.47 -40.05 25.88
C ASP O 40 -13.90 -40.17 26.38
N GLN O 41 -14.62 -39.05 26.41
CA GLN O 41 -16.03 -39.10 26.81
C GLN O 41 -16.87 -39.84 25.78
N ARG O 42 -16.61 -39.65 24.49
CA ARG O 42 -17.41 -40.34 23.49
C ARG O 42 -17.12 -41.83 23.48
N VAL O 43 -15.92 -42.23 23.88
CA VAL O 43 -15.60 -43.65 23.98
C VAL O 43 -16.45 -44.31 25.05
N ASP O 44 -16.64 -43.63 26.19
CA ASP O 44 -17.45 -44.20 27.27
C ASP O 44 -18.92 -44.32 26.86
N ALA O 45 -19.41 -43.34 26.11
CA ALA O 45 -20.82 -43.28 25.75
C ALA O 45 -21.17 -43.97 24.44
N SER O 46 -20.20 -44.15 23.54
CA SER O 46 -20.49 -44.70 22.23
C SER O 46 -21.07 -46.10 22.37
N THR O 47 -22.12 -46.38 21.59
CA THR O 47 -22.75 -47.69 21.54
C THR O 47 -22.51 -48.41 20.22
N ASP O 48 -21.58 -47.94 19.40
CA ASP O 48 -21.21 -48.62 18.16
C ASP O 48 -19.74 -49.04 18.26
N PRO O 49 -19.42 -50.32 18.34
CA PRO O 49 -18.01 -50.70 18.57
C PRO O 49 -17.05 -50.23 17.47
N GLU O 50 -17.48 -50.18 16.21
CA GLU O 50 -16.61 -49.72 15.14
C GLU O 50 -16.22 -48.25 15.31
N LEU O 51 -17.16 -47.40 15.75
CA LEU O 51 -16.82 -46.00 16.02
C LEU O 51 -15.94 -45.87 17.26
N THR O 52 -16.27 -46.60 18.33
CA THR O 52 -15.48 -46.49 19.56
C THR O 52 -14.01 -46.78 19.29
N ALA O 53 -13.72 -47.74 18.41
CA ALA O 53 -12.33 -48.04 18.11
C ALA O 53 -11.63 -46.85 17.47
N ILE O 54 -12.31 -46.15 16.56
CA ILE O 54 -11.72 -44.99 15.91
C ILE O 54 -11.51 -43.87 16.92
N LEU O 55 -12.53 -43.56 17.71
CA LEU O 55 -12.41 -42.50 18.70
C LEU O 55 -11.25 -42.77 19.66
N ALA O 56 -11.12 -44.01 20.13
CA ALA O 56 -10.05 -44.33 21.05
C ALA O 56 -8.69 -44.23 20.36
N HIS O 57 -8.60 -44.69 19.11
CA HIS O 57 -7.35 -44.59 18.36
C HIS O 57 -6.91 -43.14 18.24
N ASN O 58 -7.80 -42.27 17.75
CA ASN O 58 -7.45 -40.86 17.62
C ASN O 58 -7.08 -40.27 18.99
N ARG O 59 -7.91 -40.51 20.00
CA ARG O 59 -7.65 -40.00 21.33
C ARG O 59 -6.19 -40.17 21.74
N ASP O 60 -5.69 -41.39 21.68
CA ASP O 60 -4.36 -41.67 22.21
C ASP O 60 -3.28 -40.99 21.41
N GLU O 61 -3.53 -40.72 20.12
CA GLU O 61 -2.55 -39.98 19.34
C GLU O 61 -2.62 -38.48 19.60
N GLU O 62 -3.78 -37.97 20.00
CA GLU O 62 -3.82 -36.58 20.43
C GLU O 62 -2.85 -36.37 21.59
N LYS O 63 -2.74 -37.36 22.47
CA LYS O 63 -1.76 -37.31 23.55
C LYS O 63 -0.36 -37.23 23.00
N GLU O 64 -0.09 -37.93 21.90
CA GLU O 64 1.21 -37.83 21.24
C GLU O 64 1.45 -36.41 20.75
N HIS O 65 0.46 -35.85 20.04
CA HIS O 65 0.58 -34.48 19.55
C HIS O 65 0.85 -33.51 20.67
N ALA O 66 0.13 -33.64 21.79
CA ALA O 66 0.33 -32.74 22.91
C ALA O 66 1.73 -32.89 23.50
N ALA O 67 2.18 -34.13 23.67
CA ALA O 67 3.50 -34.36 24.23
C ALA O 67 4.57 -33.72 23.36
N MET O 68 4.46 -33.86 22.04
CA MET O 68 5.44 -33.27 21.14
C MET O 68 5.47 -31.75 21.29
N THR O 69 4.29 -31.13 21.28
CA THR O 69 4.23 -29.68 21.39
C THR O 69 4.67 -29.20 22.76
N LEU O 70 4.35 -29.96 23.80
CA LEU O 70 4.76 -29.57 25.15
C LEU O 70 6.27 -29.63 25.30
N GLU O 71 6.90 -30.64 24.69
CA GLU O 71 8.36 -30.72 24.72
C GLU O 71 8.99 -29.49 24.09
N TRP O 72 8.40 -29.00 23.00
CA TRP O 72 8.92 -27.78 22.40
C TRP O 72 8.80 -26.60 23.37
N LEU O 73 7.66 -26.48 24.04
CA LEU O 73 7.51 -25.41 25.03
C LEU O 73 8.57 -25.52 26.12
N ARG O 74 8.83 -26.74 26.59
CA ARG O 74 9.84 -26.94 27.62
C ARG O 74 11.21 -26.46 27.16
N ARG O 75 11.54 -26.71 25.90
CA ARG O 75 12.85 -26.33 25.38
C ARG O 75 12.92 -24.83 25.06
N ASN O 76 11.79 -24.14 25.00
CA ASN O 76 11.77 -22.74 24.60
C ASN O 76 11.22 -21.82 25.70
N ASP O 77 11.16 -22.30 26.94
CA ASP O 77 10.69 -21.48 28.05
C ASP O 77 11.31 -22.00 29.34
N ALA O 78 12.07 -21.14 30.02
CA ALA O 78 12.87 -21.60 31.16
C ALA O 78 11.99 -22.11 32.30
N LYS O 79 10.87 -21.44 32.56
CA LYS O 79 10.02 -21.85 33.67
C LYS O 79 9.19 -23.08 33.34
N TRP O 80 8.82 -23.26 32.07
CA TRP O 80 8.29 -24.56 31.66
C TRP O 80 9.31 -25.66 31.93
N ALA O 81 10.58 -25.39 31.63
CA ALA O 81 11.62 -26.39 31.88
C ALA O 81 11.79 -26.66 33.36
N GLU O 82 11.79 -25.60 34.19
CA GLU O 82 11.94 -25.77 35.63
C GLU O 82 10.79 -26.56 36.23
N HIS O 83 9.55 -26.13 35.99
CA HIS O 83 8.41 -26.73 36.68
C HIS O 83 8.10 -28.13 36.15
N LEU O 84 8.27 -28.37 34.85
CA LEU O 84 8.07 -29.72 34.34
C LEU O 84 9.13 -30.68 34.91
N ARG O 85 10.36 -30.21 35.07
CA ARG O 85 11.39 -31.05 35.68
C ARG O 85 11.08 -31.37 37.13
N THR O 86 10.44 -30.45 37.86
CA THR O 86 10.16 -30.71 39.26
C THR O 86 9.15 -31.83 39.46
N TYR O 87 8.14 -31.90 38.59
CA TYR O 87 6.98 -32.75 38.86
C TYR O 87 6.82 -33.94 37.91
N LEU O 88 7.31 -33.87 36.68
CA LEU O 88 7.08 -34.97 35.75
C LEU O 88 7.98 -36.15 36.10
N PHE O 89 7.41 -37.35 36.01
CA PHE O 89 8.13 -38.60 36.26
C PHE O 89 8.71 -38.61 37.67
N THR O 90 7.84 -38.42 38.64
CA THR O 90 8.21 -38.35 40.04
C THR O 90 7.47 -39.41 40.83
N GLU O 91 7.82 -39.51 42.11
CA GLU O 91 7.19 -40.46 43.02
C GLU O 91 6.76 -39.74 44.29
N GLY O 92 5.78 -40.33 44.97
CA GLY O 92 5.29 -39.78 46.21
C GLY O 92 4.36 -38.60 45.98
N PRO O 93 3.95 -37.94 47.07
CA PRO O 93 2.97 -36.86 46.94
C PRO O 93 3.47 -35.77 46.00
N ILE O 94 2.56 -35.32 45.13
CA ILE O 94 2.89 -34.24 44.19
C ILE O 94 2.96 -32.90 44.91
N THR O 95 2.36 -32.79 46.09
CA THR O 95 2.34 -31.52 46.82
C THR O 95 3.27 -31.55 48.03
N SER P 7 -20.33 -28.90 32.16
CA SER P 7 -18.88 -29.05 32.03
C SER P 7 -18.54 -30.23 31.10
N THR P 8 -19.44 -31.21 31.04
CA THR P 8 -19.20 -32.42 30.27
C THR P 8 -19.88 -32.34 28.91
N HIS P 9 -19.43 -33.18 27.99
CA HIS P 9 -20.04 -33.31 26.68
C HIS P 9 -20.98 -34.50 26.58
N GLU P 10 -20.73 -35.55 27.34
CA GLU P 10 -21.65 -36.67 27.48
C GLU P 10 -22.32 -36.61 28.85
N PRO P 11 -23.52 -37.16 28.99
CA PRO P 11 -24.18 -37.17 30.31
C PRO P 11 -23.32 -37.91 31.33
N LEU P 12 -23.33 -37.39 32.56
CA LEU P 12 -22.53 -38.01 33.61
C LEU P 12 -23.00 -39.42 33.91
N GLU P 13 -24.23 -39.76 33.52
CA GLU P 13 -24.76 -41.09 33.78
C GLU P 13 -23.99 -42.17 33.04
N VAL P 14 -23.50 -41.87 31.83
CA VAL P 14 -22.81 -42.86 31.01
C VAL P 14 -21.29 -42.80 31.13
N LEU P 15 -20.74 -41.81 31.83
CA LEU P 15 -19.30 -41.71 31.96
C LEU P 15 -18.79 -42.49 33.17
N LYS P 16 -17.70 -43.25 32.95
CA LYS P 16 -16.98 -43.92 34.04
C LYS P 16 -16.16 -42.90 34.82
N GLU P 17 -15.92 -43.25 36.10
CA GLU P 17 -15.44 -42.30 37.07
C GLU P 17 -14.11 -41.68 36.66
N GLU P 18 -13.19 -42.54 36.17
CA GLU P 18 -11.86 -41.99 35.86
C GLU P 18 -11.96 -40.95 34.75
N THR P 19 -12.85 -41.16 33.79
CA THR P 19 -12.99 -40.20 32.71
C THR P 19 -13.35 -38.82 33.24
N VAL P 20 -14.22 -38.76 34.24
CA VAL P 20 -14.62 -37.47 34.80
C VAL P 20 -13.47 -36.85 35.58
N ASN P 21 -12.67 -37.65 36.29
CA ASN P 21 -11.51 -37.09 36.99
C ASN P 21 -10.45 -36.61 36.02
N ARG P 22 -10.20 -37.39 34.96
CA ARG P 22 -9.28 -36.92 33.92
C ARG P 22 -9.84 -35.66 33.24
N HIS P 23 -11.16 -35.59 33.05
CA HIS P 23 -11.78 -34.38 32.54
C HIS P 23 -11.50 -33.19 33.46
N ARG P 24 -11.65 -33.37 34.77
CA ARG P 24 -11.37 -32.28 35.69
C ARG P 24 -9.91 -31.88 35.60
N ALA P 25 -9.00 -32.85 35.45
CA ALA P 25 -7.59 -32.53 35.34
C ALA P 25 -7.27 -31.88 34.00
N ILE P 26 -7.88 -32.36 32.92
CA ILE P 26 -7.57 -31.84 31.60
C ILE P 26 -8.02 -30.39 31.49
N VAL P 27 -9.26 -30.09 31.89
CA VAL P 27 -9.77 -28.73 31.79
C VAL P 27 -8.98 -27.79 32.67
N SER P 28 -8.41 -28.31 33.77
CA SER P 28 -7.53 -27.49 34.60
C SER P 28 -6.27 -27.10 33.85
N VAL P 29 -5.63 -28.07 33.19
CA VAL P 29 -4.45 -27.75 32.41
C VAL P 29 -4.78 -26.75 31.31
N MET P 30 -5.94 -26.93 30.66
CA MET P 30 -6.37 -26.00 29.62
C MET P 30 -6.46 -24.58 30.18
N ALA P 31 -7.08 -24.42 31.34
CA ALA P 31 -7.18 -23.10 31.93
C ALA P 31 -5.82 -22.56 32.31
N GLU P 32 -4.95 -23.41 32.86
CA GLU P 32 -3.60 -22.96 33.22
C GLU P 32 -2.83 -22.53 31.98
N LEU P 33 -2.87 -23.35 30.92
CA LEU P 33 -2.21 -22.97 29.67
C LEU P 33 -2.74 -21.64 29.15
N GLU P 34 -4.06 -21.49 29.14
CA GLU P 34 -4.63 -20.24 28.66
C GLU P 34 -4.15 -19.05 29.48
N ALA P 35 -4.04 -19.22 30.80
CA ALA P 35 -3.58 -18.12 31.65
C ALA P 35 -2.13 -17.76 31.36
N VAL P 36 -1.28 -18.76 31.12
CA VAL P 36 0.11 -18.48 30.77
C VAL P 36 0.17 -17.60 29.53
N ASP P 37 -0.57 -17.99 28.49
CA ASP P 37 -0.55 -17.25 27.24
C ASP P 37 -1.03 -15.81 27.43
N TRP P 38 -2.17 -15.63 28.10
CA TRP P 38 -2.70 -14.29 28.29
C TRP P 38 -1.74 -13.44 29.10
N TYR P 39 -1.24 -13.98 30.22
CA TYR P 39 -0.29 -13.22 31.04
C TYR P 39 0.96 -12.86 30.25
N ASP P 40 1.50 -13.81 29.48
CA ASP P 40 2.72 -13.54 28.72
C ASP P 40 2.51 -12.39 27.75
N GLN P 41 1.35 -12.36 27.09
CA GLN P 41 1.05 -11.27 26.18
C GLN P 41 0.95 -9.95 26.93
N ARG P 42 0.35 -9.97 28.12
CA ARG P 42 0.24 -8.73 28.89
C ARG P 42 1.59 -8.29 29.44
N VAL P 43 2.49 -9.24 29.70
CA VAL P 43 3.83 -8.85 30.13
C VAL P 43 4.54 -8.08 29.02
N ASP P 44 4.37 -8.52 27.78
CA ASP P 44 4.98 -7.82 26.66
C ASP P 44 4.32 -6.47 26.44
N ALA P 45 3.02 -6.38 26.63
CA ALA P 45 2.27 -5.17 26.31
C ALA P 45 2.15 -4.20 27.47
N SER P 46 2.29 -4.67 28.70
CA SER P 46 2.14 -3.79 29.85
C SER P 46 3.17 -2.67 29.78
N THR P 47 2.72 -1.45 30.07
CA THR P 47 3.60 -0.29 30.14
C THR P 47 3.76 0.23 31.56
N ASP P 48 3.38 -0.56 32.56
CA ASP P 48 3.59 -0.24 33.98
C ASP P 48 4.49 -1.32 34.57
N PRO P 49 5.76 -1.02 34.87
CA PRO P 49 6.69 -2.09 35.28
C PRO P 49 6.27 -2.83 36.53
N GLU P 50 5.65 -2.14 37.49
CA GLU P 50 5.22 -2.81 38.72
C GLU P 50 4.10 -3.82 38.42
N LEU P 51 3.20 -3.50 37.51
CA LEU P 51 2.21 -4.47 37.07
C LEU P 51 2.87 -5.63 36.31
N THR P 52 3.82 -5.32 35.44
CA THR P 52 4.49 -6.36 34.68
C THR P 52 5.10 -7.40 35.60
N ALA P 53 5.65 -6.97 36.74
CA ALA P 53 6.24 -7.92 37.68
C ALA P 53 5.18 -8.86 38.23
N ILE P 54 4.00 -8.34 38.55
CA ILE P 54 2.93 -9.19 39.08
C ILE P 54 2.46 -10.16 38.02
N LEU P 55 2.19 -9.67 36.81
CA LEU P 55 1.76 -10.56 35.73
C LEU P 55 2.80 -11.64 35.45
N ALA P 56 4.08 -11.27 35.48
CA ALA P 56 5.14 -12.26 35.22
C ALA P 56 5.22 -13.27 36.35
N HIS P 57 5.08 -12.82 37.60
CA HIS P 57 5.13 -13.73 38.75
C HIS P 57 4.02 -14.76 38.65
N ASN P 58 2.78 -14.31 38.44
CA ASN P 58 1.65 -15.22 38.32
C ASN P 58 1.83 -16.17 37.15
N ARG P 59 2.20 -15.63 35.99
CA ARG P 59 2.41 -16.45 34.79
C ARG P 59 3.23 -17.68 35.08
N ASP P 60 4.40 -17.50 35.70
CA ASP P 60 5.29 -18.62 35.91
C ASP P 60 4.73 -19.63 36.90
N GLU P 61 3.85 -19.18 37.81
CA GLU P 61 3.22 -20.11 38.73
C GLU P 61 2.10 -20.89 38.07
N GLU P 62 1.43 -20.32 37.07
CA GLU P 62 0.44 -21.10 36.33
C GLU P 62 1.11 -22.30 35.66
N LYS P 63 2.35 -22.13 35.19
CA LYS P 63 3.06 -23.25 34.60
C LYS P 63 3.26 -24.35 35.64
N GLU P 64 3.55 -23.96 36.88
CA GLU P 64 3.68 -24.94 37.95
C GLU P 64 2.37 -25.69 38.18
N HIS P 65 1.26 -24.96 38.25
CA HIS P 65 -0.05 -25.60 38.40
C HIS P 65 -0.30 -26.59 37.28
N ALA P 66 0.04 -26.21 36.04
CA ALA P 66 -0.14 -27.11 34.91
C ALA P 66 0.77 -28.33 35.02
N ALA P 67 2.03 -28.11 35.41
CA ALA P 67 2.96 -29.23 35.53
C ALA P 67 2.48 -30.23 36.57
N MET P 68 1.99 -29.72 37.71
CA MET P 68 1.49 -30.58 38.78
C MET P 68 0.33 -31.44 38.28
N THR P 69 -0.63 -30.83 37.59
CA THR P 69 -1.77 -31.58 37.08
C THR P 69 -1.35 -32.55 35.98
N LEU P 70 -0.38 -32.18 35.14
CA LEU P 70 0.05 -33.10 34.09
C LEU P 70 0.69 -34.34 34.69
N GLU P 71 1.44 -34.20 35.78
CA GLU P 71 2.02 -35.35 36.46
C GLU P 71 0.93 -36.29 36.95
N TRP P 72 -0.18 -35.73 37.44
CA TRP P 72 -1.30 -36.57 37.85
C TRP P 72 -1.88 -37.33 36.67
N LEU P 73 -2.07 -36.65 35.54
CA LEU P 73 -2.55 -37.32 34.34
C LEU P 73 -1.61 -38.43 33.91
N ARG P 74 -0.31 -38.16 33.97
CA ARG P 74 0.65 -39.18 33.57
C ARG P 74 0.51 -40.43 34.42
N ARG P 75 0.26 -40.26 35.72
CA ARG P 75 0.16 -41.39 36.64
C ARG P 75 -1.15 -42.15 36.52
N ASN P 76 -2.18 -41.55 35.91
CA ASN P 76 -3.50 -42.17 35.86
C ASN P 76 -3.96 -42.45 34.43
N ASP P 77 -3.04 -42.46 33.47
CA ASP P 77 -3.37 -42.76 32.09
C ASP P 77 -2.13 -43.34 31.43
N ALA P 78 -2.23 -44.57 30.95
CA ALA P 78 -1.06 -45.28 30.44
C ALA P 78 -0.48 -44.60 29.21
N LYS P 79 -1.36 -44.06 28.35
CA LYS P 79 -0.88 -43.47 27.10
C LYS P 79 -0.31 -42.08 27.31
N TRP P 80 -0.80 -41.32 28.30
CA TRP P 80 -0.11 -40.09 28.67
C TRP P 80 1.32 -40.40 29.10
N ALA P 81 1.50 -41.46 29.89
CA ALA P 81 2.83 -41.84 30.33
C ALA P 81 3.69 -42.30 29.17
N GLU P 82 3.12 -43.07 28.25
CA GLU P 82 3.89 -43.56 27.12
C GLU P 82 4.41 -42.41 26.26
N HIS P 83 3.51 -41.53 25.82
CA HIS P 83 3.89 -40.48 24.87
C HIS P 83 4.72 -39.39 25.53
N LEU P 84 4.40 -39.03 26.78
CA LEU P 84 5.26 -38.09 27.50
C LEU P 84 6.64 -38.70 27.74
N ARG P 85 6.74 -40.00 27.95
CA ARG P 85 8.02 -40.64 28.14
C ARG P 85 8.88 -40.54 26.90
N THR P 86 8.24 -40.56 25.71
CA THR P 86 8.95 -40.54 24.44
C THR P 86 9.59 -39.18 24.17
N TYR P 87 8.90 -38.09 24.48
CA TYR P 87 9.31 -36.78 23.97
C TYR P 87 9.81 -35.82 25.04
N LEU P 88 9.38 -35.97 26.29
CA LEU P 88 9.77 -35.01 27.31
C LEU P 88 11.22 -35.26 27.73
N PHE P 89 11.95 -34.16 27.93
CA PHE P 89 13.35 -34.21 28.37
C PHE P 89 14.21 -34.98 27.37
N THR P 90 14.12 -34.57 26.12
CA THR P 90 14.83 -35.23 25.03
C THR P 90 15.71 -34.23 24.31
N GLU P 91 16.52 -34.75 23.40
CA GLU P 91 17.41 -33.96 22.56
C GLU P 91 17.14 -34.32 21.10
N GLY P 92 17.48 -33.39 20.22
CA GLY P 92 17.34 -33.61 18.81
C GLY P 92 15.92 -33.47 18.32
N PRO P 93 15.72 -33.68 17.02
CA PRO P 93 14.40 -33.45 16.42
C PRO P 93 13.26 -34.07 17.23
N ILE P 94 12.26 -33.24 17.54
CA ILE P 94 11.13 -33.72 18.33
C ILE P 94 10.27 -34.69 17.52
N THR P 95 10.19 -34.49 16.20
CA THR P 95 9.51 -35.44 15.34
C THR P 95 10.34 -36.72 15.25
N ALA P 96 10.37 -37.49 16.34
CA ALA P 96 11.18 -38.71 16.43
C ALA P 96 10.89 -39.47 17.74
N SER Q 7 -25.15 -22.45 36.01
CA SER Q 7 -24.06 -21.53 36.35
C SER Q 7 -22.85 -22.32 36.88
N THR Q 8 -23.13 -23.36 37.66
CA THR Q 8 -22.07 -24.20 38.21
C THR Q 8 -21.55 -25.17 37.15
N HIS Q 9 -20.26 -25.50 37.26
CA HIS Q 9 -19.64 -26.47 36.37
C HIS Q 9 -19.69 -27.89 36.90
N GLU Q 10 -20.07 -28.07 38.16
CA GLU Q 10 -20.30 -29.40 38.72
C GLU Q 10 -21.78 -29.53 39.10
N PRO Q 11 -22.31 -30.76 39.10
CA PRO Q 11 -23.71 -30.93 39.56
C PRO Q 11 -23.87 -30.45 41.00
N LEU Q 12 -25.02 -29.82 41.27
CA LEU Q 12 -25.23 -29.18 42.55
C LEU Q 12 -25.27 -30.16 43.70
N GLU Q 13 -25.60 -31.42 43.43
CA GLU Q 13 -25.71 -32.40 44.51
C GLU Q 13 -24.38 -32.65 45.19
N VAL Q 14 -23.27 -32.55 44.45
CA VAL Q 14 -21.95 -32.83 45.01
C VAL Q 14 -21.25 -31.59 45.55
N LEU Q 15 -21.80 -30.41 45.31
CA LEU Q 15 -21.19 -29.19 45.81
C LEU Q 15 -21.70 -28.88 47.20
N LYS Q 16 -20.79 -28.46 48.07
CA LYS Q 16 -21.19 -27.94 49.37
C LYS Q 16 -21.86 -26.57 49.21
N GLU Q 17 -22.88 -26.31 50.04
CA GLU Q 17 -23.65 -25.08 49.86
C GLU Q 17 -22.76 -23.87 49.98
N GLU Q 18 -21.86 -23.86 50.96
CA GLU Q 18 -20.96 -22.73 51.09
C GLU Q 18 -20.09 -22.58 49.84
N THR Q 19 -19.70 -23.68 49.24
CA THR Q 19 -18.99 -23.58 47.97
C THR Q 19 -19.87 -22.89 46.93
N VAL Q 20 -21.15 -23.24 46.90
CA VAL Q 20 -22.06 -22.61 45.94
C VAL Q 20 -22.31 -21.15 46.31
N ASN Q 21 -22.36 -20.81 47.60
CA ASN Q 21 -22.50 -19.41 47.98
C ASN Q 21 -21.26 -18.61 47.59
N ARG Q 22 -20.07 -19.19 47.81
CA ARG Q 22 -18.86 -18.51 47.35
C ARG Q 22 -18.86 -18.38 45.84
N HIS Q 23 -19.41 -19.37 45.13
CA HIS Q 23 -19.59 -19.24 43.68
C HIS Q 23 -20.42 -18.02 43.34
N ARG Q 24 -21.53 -17.82 44.07
CA ARG Q 24 -22.38 -16.66 43.83
C ARG Q 24 -21.63 -15.36 44.08
N ALA Q 25 -20.78 -15.33 45.12
CA ALA Q 25 -20.03 -14.12 45.40
C ALA Q 25 -18.94 -13.89 44.36
N ILE Q 26 -18.25 -14.96 43.95
CA ILE Q 26 -17.14 -14.80 43.03
C ILE Q 26 -17.63 -14.30 41.67
N VAL Q 27 -18.66 -14.94 41.11
CA VAL Q 27 -19.14 -14.51 39.79
C VAL Q 27 -19.71 -13.10 39.89
N SER Q 28 -20.20 -12.71 41.06
CA SER Q 28 -20.65 -11.33 41.23
C SER Q 28 -19.48 -10.37 41.13
N VAL Q 29 -18.39 -10.64 41.86
CA VAL Q 29 -17.21 -9.78 41.77
C VAL Q 29 -16.68 -9.74 40.35
N MET Q 30 -16.71 -10.87 39.64
CA MET Q 30 -16.26 -10.90 38.25
C MET Q 30 -17.07 -9.95 37.41
N ALA Q 31 -18.40 -9.99 37.56
CA ALA Q 31 -19.25 -9.10 36.79
C ALA Q 31 -19.00 -7.64 37.15
N GLU Q 32 -18.77 -7.36 38.44
CA GLU Q 32 -18.48 -6.00 38.87
C GLU Q 32 -17.18 -5.51 38.25
N LEU Q 33 -16.13 -6.32 38.32
CA LEU Q 33 -14.87 -5.94 37.70
C LEU Q 33 -15.05 -5.67 36.22
N GLU Q 34 -15.75 -6.56 35.52
CA GLU Q 34 -15.98 -6.35 34.09
C GLU Q 34 -16.69 -5.04 33.83
N ALA Q 35 -17.66 -4.68 34.67
CA ALA Q 35 -18.38 -3.43 34.48
C ALA Q 35 -17.48 -2.23 34.68
N VAL Q 36 -16.60 -2.28 35.68
CA VAL Q 36 -15.66 -1.19 35.91
C VAL Q 36 -14.81 -0.95 34.66
N ASP Q 37 -14.25 -2.04 34.11
CA ASP Q 37 -13.40 -1.93 32.93
C ASP Q 37 -14.17 -1.35 31.74
N TRP Q 38 -15.36 -1.89 31.46
CA TRP Q 38 -16.13 -1.40 30.31
C TRP Q 38 -16.47 0.07 30.49
N TYR Q 39 -17.00 0.45 31.65
CA TYR Q 39 -17.35 1.84 31.89
C TYR Q 39 -16.14 2.74 31.73
N ASP Q 40 -15.00 2.34 32.30
CA ASP Q 40 -13.82 3.20 32.25
C ASP Q 40 -13.38 3.40 30.82
N GLN Q 41 -13.46 2.36 29.99
CA GLN Q 41 -13.12 2.50 28.58
C GLN Q 41 -14.10 3.42 27.87
N ARG Q 42 -15.39 3.31 28.20
CA ARG Q 42 -16.39 4.18 27.61
C ARG Q 42 -16.26 5.61 28.14
N VAL Q 43 -15.72 5.77 29.34
CA VAL Q 43 -15.45 7.11 29.85
C VAL Q 43 -14.37 7.79 29.01
N ASP Q 44 -13.32 7.05 28.66
CA ASP Q 44 -12.25 7.61 27.84
C ASP Q 44 -12.73 7.90 26.44
N ALA Q 45 -13.58 7.03 25.89
CA ALA Q 45 -13.97 7.13 24.49
C ALA Q 45 -15.20 8.02 24.30
N SER Q 46 -16.01 8.17 25.33
CA SER Q 46 -17.21 8.97 25.21
C SER Q 46 -16.84 10.40 24.83
N THR Q 47 -17.57 10.96 23.87
CA THR Q 47 -17.40 12.35 23.49
C THR Q 47 -18.62 13.19 23.84
N ASP Q 48 -19.52 12.66 24.66
CA ASP Q 48 -20.67 13.42 25.12
C ASP Q 48 -20.48 13.60 26.61
N PRO Q 49 -20.13 14.78 27.11
CA PRO Q 49 -19.78 14.90 28.54
C PRO Q 49 -20.89 14.51 29.49
N GLU Q 50 -22.15 14.75 29.13
CA GLU Q 50 -23.23 14.40 30.04
C GLU Q 50 -23.29 12.89 30.25
N LEU Q 51 -23.04 12.11 29.18
CA LEU Q 51 -22.96 10.66 29.32
C LEU Q 51 -21.74 10.25 30.11
N THR Q 52 -20.58 10.86 29.83
CA THR Q 52 -19.36 10.50 30.56
C THR Q 52 -19.55 10.63 32.06
N ALA Q 53 -20.30 11.65 32.50
CA ALA Q 53 -20.55 11.81 33.92
C ALA Q 53 -21.31 10.62 34.49
N ILE Q 54 -22.30 10.14 33.74
CA ILE Q 54 -23.07 8.98 34.19
C ILE Q 54 -22.22 7.73 34.22
N LEU Q 55 -21.50 7.47 33.12
CA LEU Q 55 -20.63 6.30 33.05
C LEU Q 55 -19.59 6.30 34.17
N ALA Q 56 -19.03 7.47 34.46
CA ALA Q 56 -18.03 7.57 35.53
C ALA Q 56 -18.67 7.33 36.90
N HIS Q 57 -19.86 7.87 37.12
CA HIS Q 57 -20.55 7.65 38.38
C HIS Q 57 -20.81 6.17 38.61
N ASN Q 58 -21.41 5.49 37.62
CA ASN Q 58 -21.69 4.07 37.79
C ASN Q 58 -20.40 3.29 38.00
N ARG Q 59 -19.39 3.56 37.19
CA ARG Q 59 -18.09 2.90 37.33
C ARG Q 59 -17.64 2.84 38.78
N ASP Q 60 -17.60 3.98 39.44
CA ASP Q 60 -17.06 4.01 40.79
C ASP Q 60 -17.96 3.28 41.78
N GLU Q 61 -19.26 3.16 41.50
CA GLU Q 61 -20.12 2.41 42.40
C GLU Q 61 -19.99 0.91 42.19
N GLU Q 62 -19.62 0.47 40.98
CA GLU Q 62 -19.34 -0.94 40.76
C GLU Q 62 -18.15 -1.38 41.61
N LYS Q 63 -17.16 -0.50 41.78
CA LYS Q 63 -16.03 -0.81 42.67
C LYS Q 63 -16.51 -1.00 44.10
N GLU Q 64 -17.47 -0.18 44.53
CA GLU Q 64 -18.04 -0.35 45.85
C GLU Q 64 -18.73 -1.70 45.96
N HIS Q 65 -19.53 -2.07 44.97
CA HIS Q 65 -20.17 -3.38 44.98
C HIS Q 65 -19.13 -4.50 45.07
N ALA Q 66 -18.05 -4.39 44.30
CA ALA Q 66 -17.02 -5.42 44.32
C ALA Q 66 -16.34 -5.49 45.68
N ALA Q 67 -16.02 -4.34 46.27
CA ALA Q 67 -15.38 -4.32 47.57
C ALA Q 67 -16.26 -4.99 48.63
N MET Q 68 -17.57 -4.71 48.61
CA MET Q 68 -18.50 -5.34 49.55
C MET Q 68 -18.50 -6.84 49.38
N THR Q 69 -18.59 -7.32 48.14
CA THR Q 69 -18.60 -8.76 47.90
C THR Q 69 -17.27 -9.38 48.25
N LEU Q 70 -16.17 -8.64 48.05
CA LEU Q 70 -14.84 -9.16 48.41
C LEU Q 70 -14.68 -9.31 49.92
N GLU Q 71 -15.21 -8.34 50.70
CA GLU Q 71 -15.17 -8.46 52.15
C GLU Q 71 -15.91 -9.69 52.62
N TRP Q 72 -17.03 -10.01 51.98
CA TRP Q 72 -17.75 -11.23 52.33
C TRP Q 72 -16.89 -12.46 52.07
N LEU Q 73 -16.23 -12.50 50.91
CA LEU Q 73 -15.33 -13.61 50.62
C LEU Q 73 -14.22 -13.70 51.66
N ARG Q 74 -13.67 -12.56 52.06
CA ARG Q 74 -12.62 -12.57 53.07
C ARG Q 74 -13.11 -13.17 54.38
N ARG Q 75 -14.35 -12.86 54.76
CA ARG Q 75 -14.88 -13.34 56.02
C ARG Q 75 -15.30 -14.80 55.98
N ASN Q 76 -15.47 -15.36 54.79
CA ASN Q 76 -16.00 -16.72 54.67
C ASN Q 76 -15.04 -17.67 53.97
N ASP Q 77 -13.77 -17.32 53.89
CA ASP Q 77 -12.77 -18.18 53.26
C ASP Q 77 -11.42 -17.82 53.88
N ALA Q 78 -10.78 -18.80 54.52
CA ALA Q 78 -9.58 -18.50 55.31
C ALA Q 78 -8.44 -18.00 54.43
N LYS Q 79 -8.25 -18.60 53.25
CA LYS Q 79 -7.12 -18.22 52.43
C LYS Q 79 -7.36 -16.91 51.69
N TRP Q 80 -8.61 -16.57 51.38
CA TRP Q 80 -8.90 -15.21 50.94
C TRP Q 80 -8.47 -14.22 52.01
N ALA Q 81 -8.76 -14.55 53.28
CA ALA Q 81 -8.39 -13.66 54.37
C ALA Q 81 -6.87 -13.58 54.53
N GLU Q 82 -6.18 -14.72 54.40
CA GLU Q 82 -4.72 -14.70 54.52
C GLU Q 82 -4.07 -13.85 53.45
N HIS Q 83 -4.39 -14.13 52.18
CA HIS Q 83 -3.70 -13.45 51.11
C HIS Q 83 -4.10 -11.99 51.02
N LEU Q 84 -5.37 -11.65 51.32
CA LEU Q 84 -5.77 -10.26 51.30
C LEU Q 84 -5.08 -9.44 52.37
N ARG Q 85 -4.87 -10.03 53.57
CA ARG Q 85 -4.09 -9.33 54.59
C ARG Q 85 -2.61 -9.19 54.19
N THR Q 86 -2.07 -10.16 53.47
CA THR Q 86 -0.65 -10.09 53.14
C THR Q 86 -0.33 -8.91 52.23
N TYR Q 87 -1.17 -8.65 51.23
CA TYR Q 87 -0.78 -7.75 50.15
C TYR Q 87 -1.50 -6.42 50.13
N LEU Q 88 -2.71 -6.33 50.70
CA LEU Q 88 -3.47 -5.07 50.65
C LEU Q 88 -2.97 -4.05 51.66
N PHE Q 89 -2.94 -2.80 51.20
CA PHE Q 89 -2.49 -1.68 52.02
C PHE Q 89 -1.04 -1.88 52.45
N THR Q 90 -0.16 -2.04 51.46
CA THR Q 90 1.24 -2.31 51.70
C THR Q 90 2.07 -1.23 51.02
N GLU Q 91 3.40 -1.34 51.18
CA GLU Q 91 4.35 -0.44 50.54
C GLU Q 91 5.42 -1.26 49.82
N GLY Q 92 6.02 -0.63 48.81
CA GLY Q 92 7.11 -1.25 48.09
C GLY Q 92 6.66 -2.38 47.19
N PRO Q 93 7.62 -3.06 46.56
CA PRO Q 93 7.26 -4.09 45.57
C PRO Q 93 6.32 -5.15 46.15
N ILE Q 94 5.30 -5.49 45.36
CA ILE Q 94 4.26 -6.39 45.85
C ILE Q 94 4.73 -7.83 45.84
N THR Q 95 5.48 -8.24 44.80
CA THR Q 95 5.86 -9.64 44.69
C THR Q 95 6.62 -10.11 45.93
N ALA Q 96 7.36 -9.22 46.59
CA ALA Q 96 8.09 -9.56 47.80
C ALA Q 96 7.30 -9.14 49.04
N SER R 7 -9.12 -7.49 22.96
CA SER R 7 -9.42 -7.43 24.38
C SER R 7 -10.26 -6.18 24.70
N THR R 8 -9.80 -5.02 24.24
CA THR R 8 -10.48 -3.77 24.54
C THR R 8 -11.77 -3.65 23.74
N HIS R 9 -12.80 -3.09 24.38
CA HIS R 9 -14.08 -2.84 23.73
C HIS R 9 -14.11 -1.50 23.01
N GLU R 10 -13.35 -0.53 23.48
CA GLU R 10 -13.10 0.71 22.76
C GLU R 10 -11.76 0.63 22.03
N PRO R 11 -11.62 1.34 20.92
CA PRO R 11 -10.34 1.35 20.19
C PRO R 11 -9.20 1.87 21.05
N LEU R 12 -8.03 1.27 20.88
CA LEU R 12 -6.86 1.67 21.66
C LEU R 12 -6.44 3.11 21.39
N GLU R 13 -6.89 3.71 20.26
CA GLU R 13 -6.50 5.07 19.92
C GLU R 13 -7.12 6.07 20.89
N VAL R 14 -8.32 5.77 21.42
CA VAL R 14 -9.02 6.73 22.29
C VAL R 14 -8.85 6.42 23.78
N LEU R 15 -8.24 5.29 24.11
CA LEU R 15 -8.04 4.96 25.52
C LEU R 15 -6.70 5.51 25.98
N LYS R 16 -6.69 6.09 27.19
CA LYS R 16 -5.42 6.50 27.78
C LYS R 16 -4.67 5.26 28.31
N GLU R 17 -3.34 5.38 28.28
CA GLU R 17 -2.50 4.23 28.60
C GLU R 17 -2.79 3.76 30.00
N GLU R 18 -3.02 4.67 30.94
CA GLU R 18 -3.33 4.26 32.30
C GLU R 18 -4.60 3.41 32.34
N THR R 19 -5.58 3.75 31.51
CA THR R 19 -6.80 2.97 31.43
C THR R 19 -6.53 1.55 30.91
N VAL R 20 -5.65 1.41 29.93
CA VAL R 20 -5.38 0.09 29.35
C VAL R 20 -4.63 -0.80 30.33
N ASN R 21 -3.75 -0.21 31.15
CA ASN R 21 -3.06 -1.00 32.17
C ASN R 21 -4.02 -1.51 33.23
N ARG R 22 -4.96 -0.66 33.67
CA ARG R 22 -5.98 -1.13 34.61
C ARG R 22 -6.84 -2.21 33.96
N HIS R 23 -7.10 -2.11 32.66
CA HIS R 23 -7.79 -3.18 31.96
C HIS R 23 -7.01 -4.48 32.10
N ARG R 24 -5.68 -4.43 31.90
CA ARG R 24 -4.86 -5.63 32.00
C ARG R 24 -4.90 -6.20 33.41
N ALA R 25 -4.98 -5.34 34.43
CA ALA R 25 -5.09 -5.84 35.78
C ALA R 25 -6.48 -6.41 36.04
N ILE R 26 -7.52 -5.75 35.54
CA ILE R 26 -8.88 -6.17 35.85
C ILE R 26 -9.19 -7.53 35.23
N VAL R 27 -8.93 -7.69 33.92
CA VAL R 27 -9.24 -8.96 33.26
C VAL R 27 -8.39 -10.08 33.85
N SER R 28 -7.21 -9.75 34.37
CA SER R 28 -6.39 -10.73 35.07
C SER R 28 -7.05 -11.18 36.36
N VAL R 29 -7.52 -10.23 37.17
CA VAL R 29 -8.21 -10.58 38.41
C VAL R 29 -9.45 -11.42 38.11
N MET R 30 -10.18 -11.06 37.05
CA MET R 30 -11.36 -11.84 36.67
C MET R 30 -10.98 -13.30 36.42
N ALA R 31 -9.90 -13.52 35.68
CA ALA R 31 -9.49 -14.88 35.37
C ALA R 31 -9.11 -15.64 36.63
N GLU R 32 -8.43 -14.97 37.56
CA GLU R 32 -8.06 -15.60 38.83
C GLU R 32 -9.28 -16.00 39.64
N LEU R 33 -10.23 -15.07 39.78
CA LEU R 33 -11.47 -15.37 40.47
C LEU R 33 -12.18 -16.55 39.83
N GLU R 34 -12.24 -16.56 38.49
CA GLU R 34 -12.84 -17.68 37.78
C GLU R 34 -12.12 -18.99 38.10
N ALA R 35 -10.78 -18.94 38.19
CA ALA R 35 -10.02 -20.14 38.52
C ALA R 35 -10.31 -20.61 39.94
N VAL R 36 -10.39 -19.67 40.90
CA VAL R 36 -10.74 -20.05 42.26
C VAL R 36 -12.09 -20.76 42.29
N ASP R 37 -13.09 -20.19 41.64
CA ASP R 37 -14.42 -20.78 41.65
C ASP R 37 -14.41 -22.17 41.00
N TRP R 38 -13.83 -22.28 39.81
CA TRP R 38 -13.81 -23.57 39.12
C TRP R 38 -13.06 -24.62 39.93
N TYR R 39 -11.86 -24.28 40.40
CA TYR R 39 -11.09 -25.23 41.20
C TYR R 39 -11.86 -25.65 42.45
N ASP R 40 -12.48 -24.70 43.14
CA ASP R 40 -13.18 -25.04 44.38
C ASP R 40 -14.31 -26.01 44.11
N GLN R 41 -15.02 -25.84 42.99
CA GLN R 41 -16.09 -26.78 42.66
C GLN R 41 -15.53 -28.17 42.37
N ARG R 42 -14.41 -28.24 41.66
CA ARG R 42 -13.80 -29.53 41.33
C ARG R 42 -13.21 -30.20 42.56
N VAL R 43 -12.77 -29.42 43.56
CA VAL R 43 -12.30 -30.00 44.82
C VAL R 43 -13.42 -30.74 45.53
N ASP R 44 -14.62 -30.15 45.54
CA ASP R 44 -15.76 -30.78 46.17
C ASP R 44 -16.19 -32.02 45.41
N ALA R 45 -16.10 -31.96 44.07
CA ALA R 45 -16.57 -33.03 43.19
C ALA R 45 -15.49 -34.06 42.88
N SER R 46 -14.21 -33.68 43.05
CA SER R 46 -13.11 -34.59 42.73
C SER R 46 -13.24 -35.85 43.57
N THR R 47 -13.04 -37.00 42.94
CA THR R 47 -13.08 -38.29 43.60
C THR R 47 -11.73 -38.96 43.72
N ASP R 48 -10.64 -38.25 43.43
CA ASP R 48 -9.29 -38.77 43.60
C ASP R 48 -8.57 -37.86 44.60
N PRO R 49 -8.26 -38.32 45.81
CA PRO R 49 -7.67 -37.40 46.80
C PRO R 49 -6.37 -36.76 46.32
N GLU R 50 -5.57 -37.48 45.53
CA GLU R 50 -4.32 -36.91 45.04
C GLU R 50 -4.60 -35.76 44.07
N LEU R 51 -5.64 -35.89 43.24
CA LEU R 51 -6.05 -34.79 42.39
C LEU R 51 -6.65 -33.65 43.20
N THR R 52 -7.49 -33.99 44.19
CA THR R 52 -8.11 -32.96 45.03
C THR R 52 -7.08 -32.08 45.71
N ALA R 53 -5.96 -32.68 46.14
CA ALA R 53 -4.90 -31.88 46.76
C ALA R 53 -4.31 -30.89 45.78
N ILE R 54 -4.12 -31.30 44.53
CA ILE R 54 -3.56 -30.40 43.52
C ILE R 54 -4.51 -29.25 43.24
N LEU R 55 -5.78 -29.57 42.98
CA LEU R 55 -6.76 -28.54 42.70
C LEU R 55 -6.85 -27.55 43.85
N ALA R 56 -6.80 -28.04 45.09
CA ALA R 56 -6.89 -27.16 46.25
C ALA R 56 -5.64 -26.30 46.38
N HIS R 57 -4.46 -26.88 46.12
CA HIS R 57 -3.22 -26.11 46.18
C HIS R 57 -3.26 -24.97 45.18
N ASN R 58 -3.58 -25.28 43.92
CA ASN R 58 -3.65 -24.24 42.90
C ASN R 58 -4.70 -23.20 43.28
N ARG R 59 -5.90 -23.67 43.63
CA ARG R 59 -7.00 -22.77 44.00
C ARG R 59 -6.52 -21.69 44.97
N ASP R 60 -5.92 -22.08 46.08
CA ASP R 60 -5.51 -21.09 47.07
C ASP R 60 -4.41 -20.19 46.56
N GLU R 61 -3.62 -20.67 45.60
CA GLU R 61 -2.57 -19.84 45.02
C GLU R 61 -3.13 -18.86 44.00
N GLU R 62 -4.23 -19.21 43.33
CA GLU R 62 -4.91 -18.22 42.49
C GLU R 62 -5.37 -17.03 43.31
N LYS R 63 -5.84 -17.26 44.54
CA LYS R 63 -6.25 -16.16 45.40
C LYS R 63 -5.08 -15.23 45.69
N GLU R 64 -3.88 -15.79 45.86
CA GLU R 64 -2.70 -14.96 46.04
C GLU R 64 -2.47 -14.08 44.81
N HIS R 65 -2.57 -14.67 43.61
CA HIS R 65 -2.42 -13.88 42.40
C HIS R 65 -3.40 -12.72 42.36
N ALA R 66 -4.65 -12.96 42.76
CA ALA R 66 -5.66 -11.91 42.76
C ALA R 66 -5.32 -10.80 43.76
N ALA R 67 -4.89 -11.17 44.97
CA ALA R 67 -4.58 -10.17 45.99
C ALA R 67 -3.48 -9.22 45.54
N MET R 68 -2.42 -9.76 44.94
CA MET R 68 -1.35 -8.89 44.46
C MET R 68 -1.86 -7.95 43.38
N THR R 69 -2.62 -8.48 42.43
CA THR R 69 -3.13 -7.64 41.35
C THR R 69 -4.11 -6.61 41.90
N LEU R 70 -4.91 -6.99 42.89
CA LEU R 70 -5.83 -6.02 43.46
C LEU R 70 -5.07 -4.91 44.16
N GLU R 71 -3.99 -5.27 44.88
CA GLU R 71 -3.18 -4.25 45.53
C GLU R 71 -2.63 -3.27 44.51
N TRP R 72 -2.23 -3.77 43.33
CA TRP R 72 -1.81 -2.86 42.27
C TRP R 72 -2.95 -1.94 41.85
N LEU R 73 -4.16 -2.50 41.67
CA LEU R 73 -5.30 -1.67 41.35
C LEU R 73 -5.53 -0.60 42.41
N ARG R 74 -5.43 -0.99 43.69
CA ARG R 74 -5.62 -0.03 44.76
C ARG R 74 -4.61 1.12 44.66
N ARG R 75 -3.37 0.80 44.31
CA ARG R 75 -2.33 1.82 44.27
C ARG R 75 -2.44 2.71 43.05
N ASN R 76 -3.19 2.30 42.02
CA ASN R 76 -3.23 3.02 40.76
C ASN R 76 -4.64 3.49 40.41
N ASP R 77 -5.55 3.54 41.38
CA ASP R 77 -6.92 4.00 41.14
C ASP R 77 -7.47 4.55 42.44
N ALA R 78 -7.85 5.83 42.46
CA ALA R 78 -8.17 6.49 43.72
C ALA R 78 -9.38 5.89 44.40
N LYS R 79 -10.44 5.59 43.63
CA LYS R 79 -11.65 5.11 44.26
C LYS R 79 -11.58 3.61 44.59
N TRP R 80 -10.82 2.83 43.83
CA TRP R 80 -10.51 1.49 44.30
C TRP R 80 -9.89 1.55 45.70
N ALA R 81 -9.00 2.51 45.91
CA ALA R 81 -8.39 2.67 47.21
C ALA R 81 -9.44 3.07 48.25
N GLU R 82 -10.34 3.99 47.90
CA GLU R 82 -11.36 4.41 48.85
C GLU R 82 -12.29 3.26 49.21
N HIS R 83 -12.87 2.60 48.21
CA HIS R 83 -13.91 1.62 48.49
C HIS R 83 -13.31 0.37 49.14
N LEU R 84 -12.11 -0.03 48.73
CA LEU R 84 -11.48 -1.15 49.40
C LEU R 84 -11.16 -0.79 50.86
N ARG R 85 -10.78 0.46 51.10
CA ARG R 85 -10.48 0.89 52.45
C ARG R 85 -11.73 0.86 53.32
N THR R 86 -12.88 1.19 52.74
CA THR R 86 -14.11 1.26 53.52
C THR R 86 -14.55 -0.12 54.00
N TYR R 87 -14.45 -1.16 53.17
CA TYR R 87 -15.15 -2.40 53.44
C TYR R 87 -14.27 -3.55 53.86
N LEU R 88 -13.00 -3.58 53.45
CA LEU R 88 -12.16 -4.75 53.78
C LEU R 88 -11.64 -4.66 55.21
N PHE R 89 -11.60 -5.81 55.86
CA PHE R 89 -11.18 -5.91 57.24
C PHE R 89 -12.09 -5.09 58.16
N THR R 90 -13.39 -5.37 58.09
CA THR R 90 -14.39 -4.68 58.88
C THR R 90 -15.20 -5.69 59.66
N GLU R 91 -16.02 -5.17 60.56
CA GLU R 91 -16.93 -5.98 61.37
C GLU R 91 -18.36 -5.46 61.19
N GLY R 92 -19.31 -6.28 61.58
CA GLY R 92 -20.70 -5.92 61.48
C GLY R 92 -21.19 -5.94 60.05
N PRO R 93 -22.39 -5.44 59.83
CA PRO R 93 -22.97 -5.50 58.48
C PRO R 93 -22.03 -4.92 57.43
N ILE R 94 -21.87 -5.65 56.33
CA ILE R 94 -20.91 -5.25 55.30
C ILE R 94 -21.42 -4.02 54.54
N THR R 95 -22.73 -3.86 54.42
CA THR R 95 -23.27 -2.71 53.69
C THR R 95 -22.91 -1.37 54.32
N ALA R 96 -22.29 -1.37 55.49
CA ALA R 96 -21.79 -0.16 56.13
C ALA R 96 -20.28 -0.27 56.36
N SER S 7 -16.47 -3.25 19.76
CA SER S 7 -17.76 -3.37 20.43
C SER S 7 -18.91 -3.13 19.45
N THR S 8 -18.63 -2.39 18.36
CA THR S 8 -19.64 -2.08 17.37
C THR S 8 -19.65 -3.13 16.27
N HIS S 9 -20.82 -3.32 15.66
CA HIS S 9 -20.95 -4.27 14.56
C HIS S 9 -20.57 -3.66 13.22
N GLU S 10 -20.63 -2.35 13.10
CA GLU S 10 -20.21 -1.63 11.91
C GLU S 10 -18.90 -0.89 12.19
N PRO S 11 -18.09 -0.65 11.16
CA PRO S 11 -16.85 0.10 11.40
C PRO S 11 -17.17 1.49 11.95
N LEU S 12 -16.33 1.94 12.89
CA LEU S 12 -16.56 3.26 13.49
C LEU S 12 -16.43 4.41 12.50
N GLU S 13 -15.75 4.22 11.38
CA GLU S 13 -15.58 5.25 10.39
C GLU S 13 -16.91 5.67 9.76
N VAL S 14 -17.86 4.74 9.64
CA VAL S 14 -19.13 5.03 8.97
C VAL S 14 -20.26 5.36 9.94
N LEU S 15 -20.06 5.22 11.24
CA LEU S 15 -21.10 5.51 12.23
C LEU S 15 -21.02 6.98 12.65
N LYS S 16 -22.18 7.62 12.82
CA LYS S 16 -22.23 8.98 13.34
C LYS S 16 -21.92 8.92 14.82
N GLU S 17 -21.26 9.95 15.33
CA GLU S 17 -20.83 10.00 16.71
C GLU S 17 -21.96 9.83 17.72
N GLU S 18 -23.15 10.44 17.43
CA GLU S 18 -24.30 10.27 18.32
C GLU S 18 -24.69 8.80 18.38
N THR S 19 -24.54 8.06 17.27
CA THR S 19 -24.86 6.63 17.27
C THR S 19 -23.91 5.85 18.17
N VAL S 20 -22.63 6.19 18.14
CA VAL S 20 -21.67 5.47 18.97
C VAL S 20 -21.88 5.82 20.44
N ASN S 21 -22.23 7.07 20.73
CA ASN S 21 -22.53 7.42 22.12
C ASN S 21 -23.78 6.71 22.61
N ARG S 22 -24.84 6.70 21.80
CA ARG S 22 -26.01 5.91 22.16
C ARG S 22 -25.68 4.43 22.24
N HIS S 23 -24.76 3.95 21.39
CA HIS S 23 -24.28 2.58 21.54
C HIS S 23 -23.66 2.37 22.92
N ARG S 24 -22.84 3.32 23.37
CA ARG S 24 -22.21 3.21 24.69
C ARG S 24 -23.25 3.19 25.80
N ALA S 25 -24.31 3.99 25.66
CA ALA S 25 -25.36 4.01 26.68
C ALA S 25 -26.20 2.74 26.65
N ILE S 26 -26.52 2.24 25.46
CA ILE S 26 -27.42 1.09 25.35
C ILE S 26 -26.77 -0.15 25.95
N VAL S 27 -25.54 -0.46 25.54
CA VAL S 27 -24.89 -1.65 26.07
C VAL S 27 -24.67 -1.52 27.57
N SER S 28 -24.55 -0.27 28.06
CA SER S 28 -24.47 -0.05 29.49
C SER S 28 -25.78 -0.45 30.16
N VAL S 29 -26.91 0.01 29.61
CA VAL S 29 -28.21 -0.37 30.16
C VAL S 29 -28.38 -1.88 30.09
N MET S 30 -27.93 -2.51 29.00
CA MET S 30 -28.02 -3.96 28.88
C MET S 30 -27.27 -4.63 30.01
N ALA S 31 -26.05 -4.16 30.29
CA ALA S 31 -25.26 -4.75 31.35
C ALA S 31 -25.91 -4.55 32.70
N GLU S 32 -26.52 -3.38 32.92
CA GLU S 32 -27.22 -3.15 34.18
C GLU S 32 -28.40 -4.11 34.31
N LEU S 33 -29.23 -4.21 33.28
CA LEU S 33 -30.37 -5.12 33.30
C LEU S 33 -29.90 -6.55 33.56
N GLU S 34 -28.86 -7.00 32.88
CA GLU S 34 -28.35 -8.34 33.11
C GLU S 34 -27.93 -8.52 34.57
N ALA S 35 -27.30 -7.51 35.14
CA ALA S 35 -26.87 -7.61 36.53
C ALA S 35 -28.06 -7.70 37.47
N VAL S 36 -29.11 -6.92 37.20
CA VAL S 36 -30.30 -6.99 38.04
C VAL S 36 -30.86 -8.40 38.06
N ASP S 37 -31.01 -9.01 36.87
CA ASP S 37 -31.55 -10.36 36.79
C ASP S 37 -30.67 -11.36 37.51
N TRP S 38 -29.36 -11.33 37.23
CA TRP S 38 -28.45 -12.27 37.88
C TRP S 38 -28.46 -12.11 39.39
N TYR S 39 -28.32 -10.87 39.87
CA TYR S 39 -28.36 -10.62 41.30
C TYR S 39 -29.68 -11.10 41.91
N ASP S 40 -30.80 -10.81 41.26
CA ASP S 40 -32.10 -11.21 41.79
C ASP S 40 -32.20 -12.73 41.90
N GLN S 41 -31.68 -13.44 40.92
CA GLN S 41 -31.70 -14.90 40.98
C GLN S 41 -30.83 -15.43 42.11
N ARG S 42 -29.66 -14.82 42.32
CA ARG S 42 -28.77 -15.27 43.39
C ARG S 42 -29.33 -14.94 44.76
N VAL S 43 -30.14 -13.88 44.87
CA VAL S 43 -30.79 -13.56 46.13
C VAL S 43 -31.76 -14.66 46.52
N ASP S 44 -32.50 -15.18 45.55
CA ASP S 44 -33.46 -16.25 45.84
C ASP S 44 -32.73 -17.53 46.24
N ALA S 45 -31.60 -17.82 45.60
CA ALA S 45 -30.92 -19.10 45.80
C ALA S 45 -29.92 -19.06 46.93
N SER S 46 -29.42 -17.89 47.29
CA SER S 46 -28.41 -17.79 48.34
C SER S 46 -28.92 -18.34 49.66
N THR S 47 -28.06 -19.12 50.33
CA THR S 47 -28.35 -19.66 51.65
C THR S 47 -27.50 -19.02 52.74
N ASP S 48 -26.85 -17.91 52.45
CA ASP S 48 -26.09 -17.15 53.43
C ASP S 48 -26.73 -15.78 53.55
N PRO S 49 -27.39 -15.45 54.67
CA PRO S 49 -28.11 -14.17 54.73
C PRO S 49 -27.22 -12.94 54.57
N GLU S 50 -25.97 -12.98 55.02
CA GLU S 50 -25.07 -11.83 54.90
C GLU S 50 -24.75 -11.54 53.44
N LEU S 51 -24.57 -12.59 52.64
CA LEU S 51 -24.37 -12.41 51.22
C LEU S 51 -25.65 -11.95 50.54
N THR S 52 -26.79 -12.51 50.93
CA THR S 52 -28.07 -12.12 50.34
C THR S 52 -28.30 -10.62 50.48
N ALA S 53 -27.92 -10.05 51.62
CA ALA S 53 -28.06 -8.62 51.82
C ALA S 53 -27.19 -7.84 50.84
N ILE S 54 -25.95 -8.30 50.61
CA ILE S 54 -25.07 -7.62 49.67
C ILE S 54 -25.61 -7.74 48.26
N LEU S 55 -25.98 -8.95 47.84
CA LEU S 55 -26.52 -9.13 46.49
C LEU S 55 -27.75 -8.26 46.27
N ALA S 56 -28.64 -8.19 47.26
CA ALA S 56 -29.85 -7.40 47.10
C ALA S 56 -29.54 -5.92 47.06
N HIS S 57 -28.61 -5.46 47.89
CA HIS S 57 -28.22 -4.06 47.86
C HIS S 57 -27.68 -3.67 46.49
N ASN S 58 -26.73 -4.46 45.98
CA ASN S 58 -26.17 -4.18 44.66
C ASN S 58 -27.25 -4.19 43.60
N ARG S 59 -28.08 -5.23 43.58
CA ARG S 59 -29.17 -5.33 42.61
C ARG S 59 -29.91 -4.00 42.47
N ASP S 60 -30.37 -3.44 43.59
CA ASP S 60 -31.21 -2.25 43.52
C ASP S 60 -30.43 -1.03 43.04
N GLU S 61 -29.11 -1.01 43.26
CA GLU S 61 -28.34 0.10 42.72
C GLU S 61 -28.06 -0.06 41.23
N GLU S 62 -28.02 -1.29 40.71
CA GLU S 62 -27.95 -1.46 39.26
C GLU S 62 -29.18 -0.86 38.59
N LYS S 63 -30.35 -1.00 39.23
CA LYS S 63 -31.56 -0.38 38.68
C LYS S 63 -31.42 1.13 38.63
N GLU S 64 -30.79 1.72 39.64
CA GLU S 64 -30.52 3.15 39.61
C GLU S 64 -29.59 3.50 38.46
N HIS S 65 -28.51 2.73 38.29
CA HIS S 65 -27.60 2.96 37.17
C HIS S 65 -28.35 2.90 35.85
N ALA S 66 -29.25 1.94 35.69
CA ALA S 66 -29.99 1.81 34.45
C ALA S 66 -30.91 3.00 34.22
N ALA S 67 -31.62 3.43 35.27
CA ALA S 67 -32.55 4.55 35.12
C ALA S 67 -31.83 5.82 34.68
N MET S 68 -30.66 6.12 35.26
CA MET S 68 -29.94 7.32 34.85
C MET S 68 -29.54 7.25 33.38
N THR S 69 -29.01 6.12 32.95
CA THR S 69 -28.59 5.97 31.56
C THR S 69 -29.80 6.03 30.64
N LEU S 70 -30.95 5.50 31.09
CA LEU S 70 -32.16 5.57 30.27
C LEU S 70 -32.65 7.01 30.14
N GLU S 71 -32.55 7.80 31.21
CA GLU S 71 -32.92 9.21 31.10
C GLU S 71 -32.04 9.92 30.09
N TRP S 72 -30.75 9.59 30.07
CA TRP S 72 -29.88 10.18 29.05
C TRP S 72 -30.34 9.79 27.65
N LEU S 73 -30.65 8.51 27.45
CA LEU S 73 -31.17 8.08 26.16
C LEU S 73 -32.44 8.85 25.80
N ARG S 74 -33.32 9.04 26.77
CA ARG S 74 -34.56 9.76 26.51
C ARG S 74 -34.29 11.18 26.04
N ARG S 75 -33.30 11.84 26.63
CA ARG S 75 -33.00 13.23 26.31
C ARG S 75 -32.24 13.39 25.01
N ASN S 76 -31.64 12.33 24.48
CA ASN S 76 -30.81 12.43 23.30
C ASN S 76 -31.37 11.61 22.14
N ASP S 77 -32.64 11.22 22.22
CA ASP S 77 -33.27 10.46 21.15
C ASP S 77 -34.77 10.73 21.18
N ALA S 78 -35.28 11.30 20.10
CA ALA S 78 -36.68 11.74 20.10
C ALA S 78 -37.63 10.56 20.24
N LYS S 79 -37.30 9.43 19.61
CA LYS S 79 -38.23 8.32 19.63
C LYS S 79 -38.19 7.54 20.93
N TRP S 80 -37.03 7.49 21.60
CA TRP S 80 -37.02 7.00 22.98
C TRP S 80 -37.93 7.84 23.84
N ALA S 81 -37.87 9.18 23.66
CA ALA S 81 -38.71 10.08 24.43
C ALA S 81 -40.18 9.91 24.09
N GLU S 82 -40.49 9.71 22.81
CA GLU S 82 -41.88 9.51 22.40
C GLU S 82 -42.45 8.24 23.02
N HIS S 83 -41.74 7.11 22.85
CA HIS S 83 -42.30 5.82 23.28
C HIS S 83 -42.28 5.66 24.79
N LEU S 84 -41.26 6.18 25.46
CA LEU S 84 -41.24 6.13 26.92
C LEU S 84 -42.35 6.98 27.52
N ARG S 85 -42.68 8.13 26.92
CA ARG S 85 -43.79 8.94 27.40
C ARG S 85 -45.12 8.20 27.25
N THR S 86 -45.27 7.37 26.22
CA THR S 86 -46.53 6.68 25.99
C THR S 86 -46.83 5.66 27.08
N TYR S 87 -45.82 4.93 27.54
CA TYR S 87 -46.05 3.74 28.35
C TYR S 87 -45.58 3.85 29.80
N LEU S 88 -44.59 4.68 30.09
CA LEU S 88 -44.08 4.74 31.46
C LEU S 88 -45.07 5.50 32.36
N PHE S 89 -45.24 5.01 33.59
CA PHE S 89 -46.12 5.62 34.58
C PHE S 89 -47.55 5.68 34.07
N THR S 90 -48.07 4.51 33.71
CA THR S 90 -49.37 4.35 33.09
C THR S 90 -50.25 3.45 33.94
N GLU S 91 -51.55 3.56 33.72
CA GLU S 91 -52.55 2.67 34.30
C GLU S 91 -53.19 1.85 33.20
N GLY S 92 -53.83 0.76 33.61
CA GLY S 92 -54.56 -0.08 32.68
C GLY S 92 -53.67 -0.84 31.72
N PRO S 93 -54.28 -1.53 30.76
CA PRO S 93 -53.49 -2.42 29.89
C PRO S 93 -52.37 -1.69 29.17
N ILE S 94 -51.18 -2.28 29.21
CA ILE S 94 -50.02 -1.67 28.57
C ILE S 94 -50.14 -1.74 27.05
N THR S 95 -50.71 -2.81 26.53
CA THR S 95 -50.84 -2.97 25.09
C THR S 95 -51.77 -1.93 24.46
N ALA S 96 -52.40 -1.06 25.24
CA ALA S 96 -53.36 -0.11 24.69
C ALA S 96 -53.08 1.33 25.07
N ALA S 97 -51.92 1.65 25.62
CA ALA S 97 -51.63 3.02 26.01
C ALA S 97 -50.95 3.77 24.88
N SER T 7 -31.74 -21.24 30.56
CA SER T 7 -31.89 -19.79 30.41
C SER T 7 -31.51 -19.05 31.70
N THR T 8 -31.98 -19.56 32.82
CA THR T 8 -31.70 -18.96 34.12
C THR T 8 -30.37 -19.49 34.70
N HIS T 9 -29.71 -18.65 35.49
CA HIS T 9 -28.44 -19.02 36.10
C HIS T 9 -28.61 -19.90 37.32
N GLU T 10 -29.74 -19.75 38.05
CA GLU T 10 -30.04 -20.57 39.21
C GLU T 10 -31.11 -21.61 38.85
N PRO T 11 -31.13 -22.74 39.53
CA PRO T 11 -32.18 -23.74 39.25
C PRO T 11 -33.57 -23.18 39.50
N LEU T 12 -34.51 -23.56 38.63
CA LEU T 12 -35.87 -23.03 38.71
C LEU T 12 -36.55 -23.43 40.00
N GLU T 13 -36.08 -24.50 40.65
CA GLU T 13 -36.71 -24.97 41.89
C GLU T 13 -36.57 -23.95 43.01
N VAL T 14 -35.48 -23.19 43.03
CA VAL T 14 -35.24 -22.23 44.10
C VAL T 14 -35.64 -20.80 43.76
N LEU T 15 -36.07 -20.53 42.52
CA LEU T 15 -36.43 -19.18 42.09
C LEU T 15 -37.90 -18.90 42.34
N LYS T 16 -38.21 -17.68 42.76
CA LYS T 16 -39.59 -17.24 42.94
C LYS T 16 -40.25 -17.09 41.59
N GLU T 17 -41.54 -17.42 41.48
CA GLU T 17 -42.24 -17.22 40.21
C GLU T 17 -42.17 -15.75 39.75
N GLU T 18 -42.29 -14.81 40.69
CA GLU T 18 -42.17 -13.40 40.34
C GLU T 18 -40.78 -13.09 39.81
N THR T 19 -39.74 -13.75 40.37
CA THR T 19 -38.37 -13.55 39.90
C THR T 19 -38.18 -14.06 38.48
N VAL T 20 -38.78 -15.21 38.17
CA VAL T 20 -38.64 -15.77 36.83
C VAL T 20 -39.40 -14.95 35.81
N ASN T 21 -40.57 -14.42 36.18
CA ASN T 21 -41.28 -13.55 35.25
C ASN T 21 -40.51 -12.26 35.00
N ARG T 22 -39.90 -11.69 36.05
CA ARG T 22 -39.05 -10.51 35.84
C ARG T 22 -37.85 -10.87 34.98
N HIS T 23 -37.33 -12.09 35.12
CA HIS T 23 -36.28 -12.55 34.24
C HIS T 23 -36.74 -12.53 32.79
N ARG T 24 -37.96 -13.01 32.53
CA ARG T 24 -38.47 -13.03 31.16
C ARG T 24 -38.61 -11.62 30.62
N ALA T 25 -39.03 -10.66 31.45
CA ALA T 25 -39.16 -9.29 30.99
C ALA T 25 -37.79 -8.66 30.77
N ILE T 26 -36.84 -8.94 31.66
CA ILE T 26 -35.54 -8.29 31.59
C ILE T 26 -34.80 -8.72 30.32
N VAL T 27 -34.75 -10.03 30.07
CA VAL T 27 -34.00 -10.50 28.91
C VAL T 27 -34.64 -10.00 27.63
N SER T 28 -35.96 -9.76 27.65
CA SER T 28 -36.63 -9.17 26.50
C SER T 28 -36.18 -7.74 26.27
N VAL T 29 -36.17 -6.92 27.32
CA VAL T 29 -35.72 -5.55 27.17
C VAL T 29 -34.29 -5.52 26.65
N MET T 30 -33.45 -6.43 27.15
CA MET T 30 -32.06 -6.50 26.69
C MET T 30 -32.01 -6.74 25.19
N ALA T 31 -32.80 -7.69 24.70
CA ALA T 31 -32.80 -7.98 23.28
C ALA T 31 -33.32 -6.80 22.48
N GLU T 32 -34.34 -6.11 23.00
CA GLU T 32 -34.86 -4.93 22.32
C GLU T 32 -33.79 -3.85 22.25
N LEU T 33 -33.13 -3.57 23.37
CA LEU T 33 -32.05 -2.60 23.37
C LEU T 33 -30.96 -2.99 22.38
N GLU T 34 -30.56 -4.26 22.37
CA GLU T 34 -29.55 -4.70 21.42
C GLU T 34 -30.03 -4.49 19.97
N ALA T 35 -31.31 -4.77 19.71
CA ALA T 35 -31.84 -4.59 18.36
C ALA T 35 -31.84 -3.12 17.97
N VAL T 36 -32.19 -2.23 18.91
CA VAL T 36 -32.11 -0.81 18.60
C VAL T 36 -30.69 -0.44 18.18
N ASP T 37 -29.70 -0.89 18.95
CA ASP T 37 -28.30 -0.54 18.69
C ASP T 37 -27.84 -1.09 17.34
N TRP T 38 -28.10 -2.37 17.08
CA TRP T 38 -27.68 -2.97 15.83
C TRP T 38 -28.32 -2.27 14.65
N TYR T 39 -29.64 -2.08 14.71
CA TYR T 39 -30.35 -1.42 13.61
C TYR T 39 -29.82 0.00 13.38
N ASP T 40 -29.59 0.74 14.46
CA ASP T 40 -29.13 2.11 14.32
C ASP T 40 -27.76 2.17 13.64
N GLN T 41 -26.88 1.22 13.94
CA GLN T 41 -25.58 1.17 13.27
C GLN T 41 -25.75 0.83 11.80
N ARG T 42 -26.65 -0.10 11.48
CA ARG T 42 -26.86 -0.50 10.09
C ARG T 42 -27.54 0.60 9.30
N VAL T 43 -28.31 1.46 9.97
CA VAL T 43 -28.88 2.60 9.27
C VAL T 43 -27.77 3.50 8.76
N ASP T 44 -26.74 3.71 9.58
CA ASP T 44 -25.64 4.60 9.18
C ASP T 44 -24.82 3.99 8.06
N ALA T 45 -24.63 2.67 8.08
CA ALA T 45 -23.74 1.98 7.15
C ALA T 45 -24.44 1.52 5.87
N SER T 46 -25.76 1.38 5.88
CA SER T 46 -26.46 0.91 4.69
C SER T 46 -26.24 1.85 3.50
N THR T 47 -26.05 1.26 2.32
CA THR T 47 -25.90 2.02 1.08
C THR T 47 -27.07 1.84 0.14
N ASP T 48 -28.17 1.25 0.60
CA ASP T 48 -29.36 1.04 -0.21
C ASP T 48 -30.53 1.77 0.44
N PRO T 49 -31.11 2.77 -0.21
CA PRO T 49 -32.18 3.54 0.46
C PRO T 49 -33.36 2.69 0.89
N GLU T 50 -33.72 1.67 0.11
CA GLU T 50 -34.87 0.85 0.49
C GLU T 50 -34.60 0.05 1.77
N LEU T 51 -33.38 -0.48 1.92
CA LEU T 51 -33.03 -1.16 3.15
C LEU T 51 -32.93 -0.17 4.31
N THR T 52 -32.32 0.99 4.09
CA THR T 52 -32.19 1.96 5.17
C THR T 52 -33.55 2.33 5.76
N ALA T 53 -34.57 2.47 4.91
CA ALA T 53 -35.91 2.80 5.42
C ALA T 53 -36.45 1.68 6.29
N ILE T 54 -36.23 0.43 5.90
CA ILE T 54 -36.72 -0.70 6.69
C ILE T 54 -35.98 -0.80 8.02
N LEU T 55 -34.65 -0.73 7.98
CA LEU T 55 -33.87 -0.83 9.21
C LEU T 55 -34.27 0.27 10.20
N ALA T 56 -34.46 1.51 9.71
CA ALA T 56 -34.84 2.59 10.62
C ALA T 56 -36.25 2.39 11.17
N HIS T 57 -37.17 1.92 10.34
CA HIS T 57 -38.53 1.64 10.82
C HIS T 57 -38.51 0.60 11.93
N ASN T 58 -37.85 -0.54 11.67
CA ASN T 58 -37.79 -1.57 12.70
C ASN T 58 -37.13 -1.04 13.97
N ARG T 59 -36.00 -0.35 13.81
CA ARG T 59 -35.30 0.22 14.95
C ARG T 59 -36.26 0.92 15.89
N ASP T 60 -37.07 1.85 15.38
CA ASP T 60 -37.92 2.66 16.24
C ASP T 60 -39.04 1.83 16.88
N GLU T 61 -39.44 0.72 16.26
CA GLU T 61 -40.44 -0.11 16.90
C GLU T 61 -39.84 -0.94 18.02
N GLU T 62 -38.55 -1.29 17.93
CA GLU T 62 -37.89 -1.96 19.06
C GLU T 62 -37.95 -1.08 20.30
N LYS T 63 -37.83 0.24 20.13
CA LYS T 63 -37.94 1.15 21.27
C LYS T 63 -39.32 1.05 21.89
N GLU T 64 -40.35 0.94 21.06
CA GLU T 64 -41.70 0.76 21.60
C GLU T 64 -41.78 -0.56 22.37
N HIS T 65 -41.28 -1.65 21.78
CA HIS T 65 -41.28 -2.92 22.48
C HIS T 65 -40.55 -2.82 23.82
N ALA T 66 -39.41 -2.13 23.83
CA ALA T 66 -38.66 -2.00 25.06
C ALA T 66 -39.43 -1.20 26.10
N ALA T 67 -40.04 -0.08 25.68
CA ALA T 67 -40.78 0.73 26.63
C ALA T 67 -41.94 -0.05 27.25
N MET T 68 -42.66 -0.82 26.42
CA MET T 68 -43.79 -1.59 26.93
C MET T 68 -43.32 -2.58 27.99
N THR T 69 -42.26 -3.33 27.70
CA THR T 69 -41.79 -4.33 28.65
C THR T 69 -41.24 -3.64 29.90
N LEU T 70 -40.61 -2.48 29.73
CA LEU T 70 -40.04 -1.77 30.87
C LEU T 70 -41.14 -1.28 31.79
N GLU T 71 -42.27 -0.85 31.22
CA GLU T 71 -43.40 -0.44 32.03
C GLU T 71 -43.89 -1.60 32.90
N TRP T 72 -43.90 -2.81 32.36
CA TRP T 72 -44.30 -3.96 33.15
C TRP T 72 -43.36 -4.16 34.33
N LEU T 73 -42.05 -4.07 34.09
CA LEU T 73 -41.12 -4.19 35.20
C LEU T 73 -41.37 -3.11 36.25
N ARG T 74 -41.63 -1.88 35.81
CA ARG T 74 -41.88 -0.81 36.76
C ARG T 74 -43.09 -1.14 37.64
N ARG T 75 -44.11 -1.75 37.04
CA ARG T 75 -45.33 -2.07 37.77
C ARG T 75 -45.18 -3.29 38.67
N ASN T 76 -44.16 -4.11 38.46
CA ASN T 76 -44.02 -5.38 39.17
C ASN T 76 -42.71 -5.46 39.95
N ASP T 77 -42.09 -4.31 40.20
CA ASP T 77 -40.87 -4.27 41.01
C ASP T 77 -40.80 -2.88 41.65
N ALA T 78 -40.79 -2.85 42.97
CA ALA T 78 -40.94 -1.58 43.67
C ALA T 78 -39.77 -0.65 43.39
N LYS T 79 -38.56 -1.20 43.34
CA LYS T 79 -37.39 -0.34 43.21
C LYS T 79 -37.16 0.10 41.76
N TRP T 80 -37.58 -0.70 40.78
CA TRP T 80 -37.62 -0.15 39.42
C TRP T 80 -38.49 1.09 39.38
N ALA T 81 -39.64 1.06 40.07
CA ALA T 81 -40.54 2.22 40.08
C ALA T 81 -39.91 3.40 40.81
N GLU T 82 -39.27 3.15 41.96
CA GLU T 82 -38.66 4.25 42.69
C GLU T 82 -37.58 4.93 41.85
N HIS T 83 -36.64 4.14 41.31
CA HIS T 83 -35.49 4.73 40.62
C HIS T 83 -35.88 5.33 39.28
N LEU T 84 -36.81 4.71 38.55
CA LEU T 84 -37.29 5.33 37.31
C LEU T 84 -38.03 6.62 37.62
N ARG T 85 -38.76 6.68 38.73
CA ARG T 85 -39.43 7.91 39.11
C ARG T 85 -38.44 9.03 39.40
N THR T 86 -37.26 8.69 39.91
CA THR T 86 -36.28 9.71 40.25
C THR T 86 -35.70 10.38 39.00
N TYR T 87 -35.46 9.60 37.94
CA TYR T 87 -34.67 10.09 36.82
C TYR T 87 -35.42 10.29 35.51
N LEU T 88 -36.51 9.57 35.27
CA LEU T 88 -37.18 9.69 33.98
C LEU T 88 -38.00 10.97 33.91
N PHE T 89 -37.93 11.64 32.75
CA PHE T 89 -38.68 12.87 32.51
C PHE T 89 -38.33 13.94 33.54
N THR T 90 -37.03 14.21 33.67
CA THR T 90 -36.52 15.16 34.64
C THR T 90 -35.73 16.22 33.89
N GLU T 91 -35.40 17.28 34.61
CA GLU T 91 -34.55 18.36 34.12
C GLU T 91 -33.34 18.48 35.02
N GLY T 92 -32.29 19.11 34.50
CA GLY T 92 -31.07 19.31 35.25
C GLY T 92 -30.14 18.12 35.17
N PRO T 93 -28.97 18.23 35.77
CA PRO T 93 -27.96 17.16 35.63
C PRO T 93 -28.48 15.85 36.19
N ILE T 94 -28.25 14.77 35.44
CA ILE T 94 -28.73 13.45 35.85
C ILE T 94 -27.97 12.94 37.06
N THR T 95 -26.71 13.33 37.22
CA THR T 95 -25.94 12.89 38.38
C THR T 95 -26.32 13.67 39.63
N THR U 8 30.65 -22.73 -4.22
CA THR U 8 29.43 -23.38 -3.74
C THR U 8 28.17 -22.78 -4.35
N HIS U 9 27.11 -23.58 -4.47
CA HIS U 9 25.83 -23.12 -4.99
C HIS U 9 24.84 -22.77 -3.87
N GLU U 10 25.15 -23.10 -2.62
CA GLU U 10 24.33 -22.75 -1.47
C GLU U 10 25.13 -21.89 -0.51
N PRO U 11 24.48 -21.05 0.28
CA PRO U 11 25.20 -20.25 1.27
C PRO U 11 25.96 -21.14 2.25
N LEU U 12 27.18 -20.72 2.59
CA LEU U 12 28.00 -21.53 3.48
C LEU U 12 27.43 -21.65 4.90
N GLU U 13 26.51 -20.76 5.30
CA GLU U 13 25.98 -20.87 6.64
C GLU U 13 25.13 -22.13 6.82
N VAL U 14 24.45 -22.58 5.75
CA VAL U 14 23.56 -23.74 5.85
C VAL U 14 24.21 -25.05 5.42
N LEU U 15 25.42 -25.01 4.87
CA LEU U 15 26.10 -26.23 4.47
C LEU U 15 26.89 -26.75 5.67
N LYS U 16 26.83 -28.05 5.89
CA LYS U 16 27.68 -28.70 6.87
C LYS U 16 29.13 -28.79 6.35
N GLU U 17 30.07 -28.66 7.28
CA GLU U 17 31.46 -28.58 6.89
C GLU U 17 31.88 -29.82 6.10
N GLU U 18 31.45 -30.99 6.52
CA GLU U 18 31.78 -32.19 5.78
C GLU U 18 31.27 -32.11 4.34
N THR U 19 30.11 -31.54 4.14
CA THR U 19 29.63 -31.34 2.79
C THR U 19 30.57 -30.43 1.99
N VAL U 20 31.07 -29.37 2.63
CA VAL U 20 31.96 -28.44 1.94
C VAL U 20 33.31 -29.09 1.67
N ASN U 21 33.79 -29.94 2.58
CA ASN U 21 35.05 -30.64 2.33
C ASN U 21 34.90 -31.61 1.16
N ARG U 22 33.79 -32.34 1.10
CA ARG U 22 33.55 -33.18 -0.06
C ARG U 22 33.42 -32.36 -1.33
N HIS U 23 32.85 -31.16 -1.23
CA HIS U 23 32.82 -30.24 -2.37
C HIS U 23 34.23 -29.91 -2.84
N ARG U 24 35.12 -29.60 -1.89
CA ARG U 24 36.50 -29.27 -2.25
C ARG U 24 37.19 -30.44 -2.94
N ALA U 25 36.93 -31.66 -2.47
CA ALA U 25 37.52 -32.84 -3.10
C ALA U 25 36.90 -33.10 -4.47
N ILE U 26 35.59 -32.92 -4.59
CA ILE U 26 34.92 -33.27 -5.84
C ILE U 26 35.40 -32.37 -6.96
N VAL U 27 35.43 -31.05 -6.73
CA VAL U 27 35.85 -30.14 -7.78
C VAL U 27 37.31 -30.36 -8.13
N SER U 28 38.11 -30.83 -7.17
CA SER U 28 39.49 -31.19 -7.48
C SER U 28 39.55 -32.39 -8.42
N VAL U 29 38.81 -33.45 -8.11
CA VAL U 29 38.79 -34.61 -9.01
C VAL U 29 38.30 -34.20 -10.39
N MET U 30 37.28 -33.33 -10.45
CA MET U 30 36.82 -32.86 -11.75
C MET U 30 37.94 -32.16 -12.49
N ALA U 31 38.69 -31.29 -11.80
CA ALA U 31 39.77 -30.55 -12.44
C ALA U 31 40.86 -31.50 -12.91
N GLU U 32 41.17 -32.52 -12.11
CA GLU U 32 42.17 -33.51 -12.53
C GLU U 32 41.69 -34.26 -13.76
N LEU U 33 40.44 -34.74 -13.74
CA LEU U 33 39.88 -35.43 -14.89
C LEU U 33 39.95 -34.56 -16.14
N GLU U 34 39.57 -33.29 -16.00
CA GLU U 34 39.64 -32.36 -17.13
C GLU U 34 41.07 -32.24 -17.64
N ALA U 35 42.04 -32.18 -16.72
CA ALA U 35 43.43 -32.05 -17.12
C ALA U 35 43.92 -33.29 -17.86
N VAL U 36 43.52 -34.48 -17.40
CA VAL U 36 43.89 -35.71 -18.08
C VAL U 36 43.36 -35.70 -19.51
N ASP U 37 42.09 -35.36 -19.67
CA ASP U 37 41.48 -35.34 -20.99
C ASP U 37 42.17 -34.34 -21.90
N TRP U 38 42.37 -33.11 -21.42
CA TRP U 38 43.00 -32.08 -22.25
C TRP U 38 44.42 -32.48 -22.61
N TYR U 39 45.22 -32.91 -21.62
CA TYR U 39 46.59 -33.33 -21.91
C TYR U 39 46.61 -34.48 -22.91
N ASP U 40 45.74 -35.48 -22.73
CA ASP U 40 45.76 -36.63 -23.63
C ASP U 40 45.49 -36.21 -25.08
N GLN U 41 44.58 -35.26 -25.28
CA GLN U 41 44.31 -34.78 -26.62
C GLN U 41 45.51 -34.03 -27.19
N ARG U 42 46.20 -33.23 -26.37
CA ARG U 42 47.39 -32.53 -26.85
C ARG U 42 48.55 -33.47 -27.11
N VAL U 43 48.59 -34.62 -26.43
CA VAL U 43 49.62 -35.61 -26.73
C VAL U 43 49.43 -36.16 -28.14
N ASP U 44 48.17 -36.43 -28.51
CA ASP U 44 47.90 -36.97 -29.85
C ASP U 44 48.19 -35.95 -30.94
N ALA U 45 47.90 -34.67 -30.68
CA ALA U 45 48.01 -33.65 -31.72
C ALA U 45 49.38 -33.01 -31.77
N SER U 46 50.15 -33.09 -30.68
CA SER U 46 51.46 -32.45 -30.66
C SER U 46 52.36 -33.01 -31.76
N THR U 47 53.09 -32.11 -32.42
CA THR U 47 54.06 -32.49 -33.43
C THR U 47 55.50 -32.25 -32.97
N ASP U 48 55.71 -31.97 -31.69
CA ASP U 48 57.05 -31.78 -31.13
C ASP U 48 57.29 -32.87 -30.08
N PRO U 49 58.15 -33.84 -30.35
CA PRO U 49 58.28 -34.96 -29.40
C PRO U 49 58.75 -34.53 -28.01
N GLU U 50 59.57 -33.49 -27.90
CA GLU U 50 60.05 -33.08 -26.59
C GLU U 50 58.92 -32.56 -25.72
N LEU U 51 57.99 -31.81 -26.31
CA LEU U 51 56.82 -31.37 -25.56
C LEU U 51 55.90 -32.53 -25.23
N THR U 52 55.66 -33.43 -26.20
CA THR U 52 54.78 -34.57 -25.96
C THR U 52 55.23 -35.38 -24.76
N ALA U 53 56.54 -35.49 -24.56
CA ALA U 53 57.03 -36.21 -23.38
C ALA U 53 56.58 -35.52 -22.10
N ILE U 54 56.68 -34.18 -22.06
CA ILE U 54 56.26 -33.44 -20.88
C ILE U 54 54.76 -33.58 -20.68
N LEU U 55 53.99 -33.34 -21.74
CA LEU U 55 52.55 -33.44 -21.65
C LEU U 55 52.12 -34.81 -21.16
N ALA U 56 52.78 -35.86 -21.65
CA ALA U 56 52.43 -37.22 -21.23
C ALA U 56 52.80 -37.45 -19.77
N HIS U 57 53.95 -36.94 -19.35
CA HIS U 57 54.36 -37.08 -17.95
C HIS U 57 53.35 -36.42 -17.01
N ASN U 58 53.03 -35.15 -17.27
CA ASN U 58 52.06 -34.46 -16.42
C ASN U 58 50.71 -35.19 -16.43
N ARG U 59 50.21 -35.52 -17.62
CA ARG U 59 48.93 -36.22 -17.74
C ARG U 59 48.84 -37.39 -16.77
N ASP U 60 49.84 -38.27 -16.79
CA ASP U 60 49.77 -39.48 -15.98
C ASP U 60 49.81 -39.15 -14.49
N GLU U 61 50.44 -38.04 -14.11
CA GLU U 61 50.43 -37.66 -12.70
C GLU U 61 49.11 -37.02 -12.29
N GLU U 62 48.38 -36.42 -13.23
CA GLU U 62 47.04 -35.94 -12.92
C GLU U 62 46.15 -37.09 -12.47
N LYS U 63 46.31 -38.26 -13.11
CA LYS U 63 45.56 -39.45 -12.71
C LYS U 63 45.89 -39.86 -11.27
N GLU U 64 47.17 -39.74 -10.89
CA GLU U 64 47.55 -40.02 -9.52
C GLU U 64 46.88 -39.05 -8.56
N HIS U 65 46.91 -37.74 -8.89
CA HIS U 65 46.24 -36.76 -8.05
C HIS U 65 44.76 -37.08 -7.88
N ALA U 66 44.08 -37.45 -8.96
CA ALA U 66 42.67 -37.78 -8.89
C ALA U 66 42.45 -39.01 -8.04
N ALA U 67 43.29 -40.03 -8.20
CA ALA U 67 43.12 -41.24 -7.41
C ALA U 67 43.26 -40.94 -5.93
N MET U 68 44.26 -40.14 -5.55
CA MET U 68 44.46 -39.81 -4.14
C MET U 68 43.24 -39.11 -3.55
N THR U 69 42.73 -38.08 -4.25
CA THR U 69 41.59 -37.33 -3.77
C THR U 69 40.34 -38.21 -3.76
N LEU U 70 40.22 -39.14 -4.71
CA LEU U 70 39.06 -40.02 -4.73
C LEU U 70 39.09 -40.98 -3.55
N GLU U 71 40.26 -41.46 -3.15
CA GLU U 71 40.33 -42.30 -1.96
C GLU U 71 39.86 -41.55 -0.72
N TRP U 72 40.18 -40.27 -0.61
CA TRP U 72 39.67 -39.47 0.50
C TRP U 72 38.14 -39.43 0.48
N LEU U 73 37.56 -39.21 -0.70
CA LEU U 73 36.11 -39.23 -0.82
C LEU U 73 35.53 -40.56 -0.39
N ARG U 74 36.15 -41.67 -0.81
CA ARG U 74 35.65 -42.98 -0.40
C ARG U 74 35.65 -43.14 1.11
N ARG U 75 36.69 -42.64 1.78
CA ARG U 75 36.80 -42.79 3.22
C ARG U 75 35.88 -41.86 3.99
N ASN U 76 35.32 -40.84 3.35
CA ASN U 76 34.51 -39.85 4.04
C ASN U 76 33.09 -39.80 3.50
N ASP U 77 32.67 -40.83 2.78
CA ASP U 77 31.31 -40.91 2.28
C ASP U 77 30.95 -42.38 2.10
N ALA U 78 29.93 -42.84 2.84
CA ALA U 78 29.64 -44.26 2.87
C ALA U 78 29.25 -44.78 1.49
N LYS U 79 28.50 -43.98 0.73
CA LYS U 79 27.96 -44.49 -0.52
C LYS U 79 29.00 -44.49 -1.63
N TRP U 80 29.98 -43.58 -1.59
CA TRP U 80 31.12 -43.69 -2.49
C TRP U 80 31.82 -45.03 -2.32
N ALA U 81 32.00 -45.46 -1.07
CA ALA U 81 32.65 -46.74 -0.82
C ALA U 81 31.81 -47.91 -1.32
N GLU U 82 30.50 -47.86 -1.10
CA GLU U 82 29.64 -48.95 -1.54
C GLU U 82 29.69 -49.12 -3.05
N HIS U 83 29.45 -48.03 -3.80
CA HIS U 83 29.35 -48.15 -5.25
C HIS U 83 30.73 -48.36 -5.89
N LEU U 84 31.77 -47.72 -5.36
CA LEU U 84 33.11 -47.96 -5.87
C LEU U 84 33.60 -49.38 -5.59
N ARG U 85 33.19 -49.95 -4.45
CA ARG U 85 33.58 -51.32 -4.13
C ARG U 85 32.97 -52.31 -5.10
N THR U 86 31.76 -52.03 -5.60
CA THR U 86 31.09 -52.96 -6.50
C THR U 86 31.79 -53.06 -7.85
N TYR U 87 32.28 -51.95 -8.39
CA TYR U 87 32.66 -51.91 -9.80
C TYR U 87 34.17 -51.81 -10.05
N LEU U 88 34.94 -51.24 -9.13
CA LEU U 88 36.36 -51.05 -9.38
C LEU U 88 37.12 -52.36 -9.21
N PHE U 89 38.08 -52.59 -10.12
CA PHE U 89 38.91 -53.79 -10.12
C PHE U 89 38.07 -55.05 -10.27
N THR U 90 37.26 -55.05 -11.33
CA THR U 90 36.33 -56.13 -11.59
C THR U 90 36.59 -56.73 -12.97
N GLU U 91 35.90 -57.84 -13.24
CA GLU U 91 35.93 -58.50 -14.52
C GLU U 91 34.50 -58.73 -15.00
N GLY U 92 34.31 -58.69 -16.31
CA GLY U 92 33.02 -58.96 -16.90
C GLY U 92 32.13 -57.74 -17.04
N PRO U 93 30.91 -57.96 -17.53
CA PRO U 93 30.02 -56.83 -17.82
C PRO U 93 29.83 -55.93 -16.60
N ILE U 94 29.78 -54.63 -16.86
CA ILE U 94 29.65 -53.62 -15.82
C ILE U 94 28.19 -53.24 -15.58
N THR U 95 27.38 -53.17 -16.64
CA THR U 95 26.05 -52.61 -16.51
C THR U 95 25.16 -53.45 -15.60
N ALA U 96 25.41 -54.75 -15.53
CA ALA U 96 24.62 -55.64 -14.68
C ALA U 96 25.43 -56.88 -14.33
N GLU V 10 41.26 -30.55 -29.12
CA GLU V 10 41.92 -30.79 -30.40
C GLU V 10 40.94 -31.32 -31.45
N PRO V 11 41.23 -31.06 -32.72
CA PRO V 11 40.36 -31.56 -33.78
C PRO V 11 40.26 -33.08 -33.79
N LEU V 12 39.06 -33.58 -34.06
CA LEU V 12 38.86 -35.04 -34.22
C LEU V 12 39.68 -35.64 -35.37
N GLU V 13 40.17 -34.81 -36.30
CA GLU V 13 41.00 -35.28 -37.40
C GLU V 13 42.33 -35.87 -36.93
N VAL V 14 42.90 -35.34 -35.84
CA VAL V 14 44.23 -35.79 -35.38
C VAL V 14 44.16 -36.68 -34.14
N LEU V 15 42.97 -36.87 -33.56
CA LEU V 15 42.84 -37.67 -32.34
C LEU V 15 42.61 -39.14 -32.67
N LYS V 16 43.27 -40.00 -31.89
CA LYS V 16 43.02 -41.44 -31.97
C LYS V 16 41.64 -41.80 -31.41
N GLU V 17 41.08 -42.88 -31.95
CA GLU V 17 39.69 -43.23 -31.68
C GLU V 17 39.42 -43.45 -30.21
N GLU V 18 40.19 -44.32 -29.58
CA GLU V 18 39.99 -44.57 -28.16
C GLU V 18 40.25 -43.32 -27.32
N THR V 19 41.18 -42.48 -27.73
CA THR V 19 41.39 -41.25 -26.99
C THR V 19 40.08 -40.45 -26.90
N VAL V 20 39.30 -40.42 -27.98
CA VAL V 20 38.02 -39.72 -27.97
C VAL V 20 37.03 -40.46 -27.08
N ASN V 21 37.09 -41.80 -27.06
CA ASN V 21 36.19 -42.55 -26.19
C ASN V 21 36.50 -42.33 -24.72
N ARG V 22 37.80 -42.29 -24.37
CA ARG V 22 38.17 -41.95 -23.00
C ARG V 22 37.71 -40.53 -22.68
N HIS V 23 37.76 -39.64 -23.66
CA HIS V 23 37.21 -38.30 -23.45
C HIS V 23 35.74 -38.37 -23.07
N ARG V 24 34.96 -39.19 -23.78
CA ARG V 24 33.54 -39.31 -23.48
C ARG V 24 33.30 -39.83 -22.07
N ALA V 25 34.14 -40.76 -21.61
CA ALA V 25 33.97 -41.28 -20.25
C ALA V 25 34.37 -40.22 -19.23
N ILE V 26 35.45 -39.49 -19.50
CA ILE V 26 35.94 -38.51 -18.53
C ILE V 26 34.91 -37.40 -18.32
N VAL V 27 34.41 -36.83 -19.42
CA VAL V 27 33.44 -35.73 -19.28
C VAL V 27 32.16 -36.25 -18.62
N SER V 28 31.85 -37.54 -18.79
CA SER V 28 30.72 -38.13 -18.09
C SER V 28 30.97 -38.20 -16.59
N VAL V 29 32.15 -38.70 -16.20
CA VAL V 29 32.48 -38.74 -14.78
C VAL V 29 32.46 -37.35 -14.18
N MET V 30 32.98 -36.36 -14.91
CA MET V 30 32.96 -34.99 -14.41
C MET V 30 31.53 -34.53 -14.16
N ALA V 31 30.64 -34.81 -15.12
CA ALA V 31 29.24 -34.43 -14.96
C ALA V 31 28.62 -35.15 -13.77
N GLU V 32 28.95 -36.42 -13.58
CA GLU V 32 28.43 -37.17 -12.45
C GLU V 32 28.92 -36.57 -11.14
N LEU V 33 30.23 -36.32 -11.05
CA LEU V 33 30.78 -35.72 -9.85
C LEU V 33 30.11 -34.39 -9.53
N GLU V 34 29.96 -33.54 -10.55
CA GLU V 34 29.30 -32.26 -10.32
C GLU V 34 27.89 -32.46 -9.80
N ALA V 35 27.19 -33.46 -10.32
CA ALA V 35 25.83 -33.73 -9.86
C ALA V 35 25.82 -34.16 -8.41
N VAL V 36 26.78 -35.00 -8.01
CA VAL V 36 26.86 -35.41 -6.61
C VAL V 36 27.01 -34.18 -5.72
N ASP V 37 27.93 -33.29 -6.10
CA ASP V 37 28.20 -32.10 -5.28
C ASP V 37 26.97 -31.21 -5.19
N TRP V 38 26.35 -30.91 -6.33
CA TRP V 38 25.19 -30.01 -6.34
C TRP V 38 24.03 -30.59 -5.52
N TYR V 39 23.69 -31.86 -5.75
CA TYR V 39 22.60 -32.47 -5.00
C TYR V 39 22.88 -32.43 -3.51
N ASP V 40 24.11 -32.74 -3.10
CA ASP V 40 24.44 -32.77 -1.68
C ASP V 40 24.28 -31.41 -1.04
N GLN V 41 24.66 -30.34 -1.74
CA GLN V 41 24.49 -29.00 -1.18
C GLN V 41 23.03 -28.63 -1.05
N ARG V 42 22.21 -29.00 -2.04
CA ARG V 42 20.78 -28.71 -1.97
C ARG V 42 20.10 -29.57 -0.91
N VAL V 43 20.63 -30.76 -0.63
CA VAL V 43 20.11 -31.57 0.46
C VAL V 43 20.30 -30.86 1.79
N ASP V 44 21.46 -30.24 1.99
CA ASP V 44 21.71 -29.53 3.23
C ASP V 44 20.83 -28.29 3.36
N ALA V 45 20.58 -27.60 2.24
CA ALA V 45 19.85 -26.34 2.28
C ALA V 45 18.36 -26.50 2.14
N SER V 46 17.91 -27.62 1.57
CA SER V 46 16.48 -27.83 1.37
C SER V 46 15.74 -27.82 2.71
N THR V 47 14.61 -27.13 2.73
CA THR V 47 13.72 -27.08 3.88
C THR V 47 12.43 -27.88 3.66
N ASP V 48 12.38 -28.68 2.61
CA ASP V 48 11.22 -29.53 2.32
C ASP V 48 11.63 -31.00 2.37
N PRO V 49 11.22 -31.75 3.39
CA PRO V 49 11.74 -33.12 3.53
C PRO V 49 11.44 -34.00 2.34
N GLU V 50 10.26 -33.84 1.69
CA GLU V 50 9.95 -34.70 0.56
C GLU V 50 10.92 -34.47 -0.60
N LEU V 51 11.29 -33.22 -0.85
CA LEU V 51 12.30 -32.92 -1.85
C LEU V 51 13.67 -33.40 -1.40
N THR V 52 14.02 -33.14 -0.13
CA THR V 52 15.31 -33.58 0.38
C THR V 52 15.50 -35.07 0.15
N ALA V 53 14.43 -35.86 0.33
CA ALA V 53 14.52 -37.29 0.08
C ALA V 53 14.83 -37.59 -1.38
N ILE V 54 14.21 -36.85 -2.28
CA ILE V 54 14.44 -37.05 -3.70
C ILE V 54 15.88 -36.66 -4.06
N LEU V 55 16.32 -35.49 -3.59
CA LEU V 55 17.67 -35.05 -3.88
C LEU V 55 18.69 -36.06 -3.35
N ALA V 56 18.46 -36.59 -2.15
CA ALA V 56 19.41 -37.56 -1.59
C ALA V 56 19.42 -38.86 -2.39
N HIS V 57 18.24 -39.31 -2.83
CA HIS V 57 18.18 -40.51 -3.66
C HIS V 57 19.00 -40.33 -4.93
N ASN V 58 18.74 -39.25 -5.65
CA ASN V 58 19.49 -38.98 -6.88
C ASN V 58 20.99 -38.83 -6.60
N ARG V 59 21.33 -38.02 -5.60
CA ARG V 59 22.72 -37.80 -5.25
C ARG V 59 23.51 -39.11 -5.22
N ASP V 60 23.03 -40.09 -4.46
CA ASP V 60 23.82 -41.28 -4.19
C ASP V 60 23.98 -42.13 -5.43
N GLU V 61 23.01 -42.05 -6.34
CA GLU V 61 23.14 -42.86 -7.55
C GLU V 61 24.05 -42.25 -8.60
N GLU V 62 24.20 -40.94 -8.64
CA GLU V 62 25.23 -40.36 -9.50
C GLU V 62 26.60 -40.96 -9.15
N LYS V 63 26.83 -41.22 -7.87
CA LYS V 63 28.06 -41.89 -7.44
C LYS V 63 28.18 -43.27 -8.07
N GLU V 64 27.06 -43.98 -8.19
CA GLU V 64 27.08 -45.26 -8.90
C GLU V 64 27.41 -45.07 -10.38
N HIS V 65 26.76 -44.10 -11.02
CA HIS V 65 27.06 -43.81 -12.43
C HIS V 65 28.53 -43.49 -12.62
N ALA V 66 29.11 -42.71 -11.70
CA ALA V 66 30.53 -42.38 -11.81
C ALA V 66 31.40 -43.62 -11.65
N ALA V 67 31.05 -44.48 -10.68
CA ALA V 67 31.83 -45.69 -10.44
C ALA V 67 31.83 -46.60 -11.66
N MET V 68 30.67 -46.77 -12.31
CA MET V 68 30.62 -47.61 -13.49
C MET V 68 31.51 -47.05 -14.60
N THR V 69 31.38 -45.75 -14.87
CA THR V 69 32.17 -45.14 -15.92
C THR V 69 33.65 -45.13 -15.56
N LEU V 70 33.95 -44.96 -14.28
CA LEU V 70 35.35 -44.95 -13.86
C LEU V 70 36.00 -46.33 -14.03
N GLU V 71 35.24 -47.41 -13.76
CA GLU V 71 35.76 -48.75 -14.01
C GLU V 71 36.10 -48.95 -15.48
N TRP V 72 35.25 -48.43 -16.38
CA TRP V 72 35.57 -48.52 -17.80
C TRP V 72 36.90 -47.82 -18.09
N LEU V 73 37.09 -46.62 -17.52
CA LEU V 73 38.37 -45.93 -17.69
C LEU V 73 39.52 -46.77 -17.14
N ARG V 74 39.31 -47.41 -15.99
CA ARG V 74 40.37 -48.26 -15.43
C ARG V 74 40.73 -49.39 -16.38
N ARG V 75 39.72 -49.98 -17.03
CA ARG V 75 39.96 -51.11 -17.91
C ARG V 75 40.51 -50.69 -19.27
N ASN V 76 40.39 -49.41 -19.64
CA ASN V 76 40.78 -48.95 -20.97
C ASN V 76 41.90 -47.92 -20.92
N ASP V 77 42.60 -47.82 -19.80
CA ASP V 77 43.72 -46.90 -19.65
C ASP V 77 44.64 -47.49 -18.60
N ALA V 78 45.87 -47.81 -19.00
CA ALA V 78 46.76 -48.56 -18.11
C ALA V 78 47.11 -47.76 -16.85
N LYS V 79 47.32 -46.45 -16.99
CA LYS V 79 47.78 -45.65 -15.86
C LYS V 79 46.66 -45.33 -14.88
N TRP V 80 45.42 -45.22 -15.37
CA TRP V 80 44.29 -45.15 -14.44
C TRP V 80 44.25 -46.38 -13.55
N ALA V 81 44.53 -47.55 -14.11
CA ALA V 81 44.55 -48.76 -13.30
C ALA V 81 45.69 -48.71 -12.29
N GLU V 82 46.87 -48.26 -12.71
CA GLU V 82 48.01 -48.23 -11.82
C GLU V 82 47.72 -47.35 -10.61
N HIS V 83 47.35 -46.10 -10.85
CA HIS V 83 47.20 -45.14 -9.77
C HIS V 83 45.99 -45.43 -8.92
N LEU V 84 44.91 -45.92 -9.53
CA LEU V 84 43.74 -46.31 -8.74
C LEU V 84 44.07 -47.50 -7.85
N ARG V 85 44.86 -48.45 -8.31
CA ARG V 85 45.18 -49.54 -7.40
C ARG V 85 46.00 -49.08 -6.20
N THR V 86 46.85 -48.08 -6.39
CA THR V 86 47.73 -47.65 -5.30
C THR V 86 46.96 -47.04 -4.15
N TYR V 87 45.91 -46.27 -4.42
CA TYR V 87 45.29 -45.47 -3.38
C TYR V 87 43.89 -45.94 -2.98
N LEU V 88 43.14 -46.60 -3.86
CA LEU V 88 41.76 -46.92 -3.56
C LEU V 88 41.71 -48.12 -2.62
N PHE V 89 40.82 -48.09 -1.65
CA PHE V 89 40.61 -49.20 -0.71
C PHE V 89 41.91 -49.52 0.00
N THR V 90 42.47 -48.50 0.63
CA THR V 90 43.73 -48.62 1.34
C THR V 90 43.54 -48.21 2.79
N GLU V 91 44.52 -48.57 3.61
CA GLU V 91 44.59 -48.15 5.01
C GLU V 91 45.88 -47.37 5.22
N GLY V 92 45.79 -46.28 5.97
CA GLY V 92 46.96 -45.49 6.27
C GLY V 92 46.98 -44.18 5.51
N PRO V 93 48.04 -43.40 5.71
CA PRO V 93 48.08 -42.05 5.11
C PRO V 93 48.01 -42.12 3.59
N ILE V 94 47.07 -41.35 3.02
CA ILE V 94 46.99 -41.28 1.57
C ILE V 94 48.23 -40.58 1.01
N THR V 95 48.87 -39.74 1.82
CA THR V 95 50.07 -39.03 1.39
C THR V 95 51.16 -39.14 2.47
N THR W 8 21.17 -18.43 -7.34
CA THR W 8 19.96 -17.61 -7.29
C THR W 8 20.24 -16.17 -7.74
N HIS W 9 19.37 -15.64 -8.62
CA HIS W 9 19.54 -14.28 -9.11
C HIS W 9 19.21 -13.26 -8.02
N GLU W 10 18.00 -13.33 -7.48
CA GLU W 10 17.62 -12.39 -6.45
C GLU W 10 18.19 -12.76 -5.10
N PRO W 11 18.44 -11.79 -4.21
CA PRO W 11 18.97 -12.07 -2.87
C PRO W 11 18.04 -12.96 -2.07
N LEU W 12 18.61 -13.88 -1.29
CA LEU W 12 17.79 -14.84 -0.55
C LEU W 12 16.95 -14.20 0.55
N GLU W 13 17.31 -13.01 1.04
CA GLU W 13 16.53 -12.42 2.13
C GLU W 13 15.11 -12.07 1.66
N VAL W 14 14.93 -11.75 0.38
CA VAL W 14 13.62 -11.35 -0.11
C VAL W 14 12.83 -12.50 -0.74
N LEU W 15 13.45 -13.67 -0.91
CA LEU W 15 12.78 -14.79 -1.55
C LEU W 15 12.02 -15.66 -0.55
N LYS W 16 10.84 -16.10 -0.97
CA LYS W 16 10.05 -17.06 -0.20
C LYS W 16 10.70 -18.44 -0.22
N GLU W 17 10.57 -19.16 0.89
CA GLU W 17 11.28 -20.41 1.06
C GLU W 17 10.91 -21.41 -0.01
N GLU W 18 9.60 -21.55 -0.27
CA GLU W 18 9.19 -22.49 -1.31
C GLU W 18 9.73 -22.08 -2.66
N THR W 19 9.81 -20.78 -2.92
CA THR W 19 10.41 -20.33 -4.17
C THR W 19 11.85 -20.84 -4.27
N VAL W 20 12.57 -20.80 -3.16
CA VAL W 20 13.94 -21.31 -3.15
C VAL W 20 13.94 -22.83 -3.28
N ASN W 21 12.98 -23.51 -2.64
CA ASN W 21 12.90 -24.96 -2.76
C ASN W 21 12.52 -25.36 -4.18
N ARG W 22 11.58 -24.65 -4.79
CA ARG W 22 11.27 -24.93 -6.19
C ARG W 22 12.46 -24.64 -7.09
N HIS W 23 13.25 -23.61 -6.75
CA HIS W 23 14.49 -23.34 -7.48
C HIS W 23 15.42 -24.54 -7.42
N ARG W 24 15.58 -25.14 -6.23
CA ARG W 24 16.44 -26.31 -6.10
C ARG W 24 15.94 -27.46 -6.96
N ALA W 25 14.61 -27.62 -7.04
CA ALA W 25 14.07 -28.68 -7.87
C ALA W 25 14.22 -28.36 -9.35
N ILE W 26 14.02 -27.10 -9.72
CA ILE W 26 14.05 -26.72 -11.13
C ILE W 26 15.46 -26.92 -11.70
N VAL W 27 16.47 -26.40 -11.01
CA VAL W 27 17.84 -26.52 -11.51
C VAL W 27 18.26 -27.98 -11.56
N SER W 28 17.67 -28.82 -10.69
CA SER W 28 17.93 -30.25 -10.77
C SER W 28 17.40 -30.86 -12.06
N VAL W 29 16.15 -30.54 -12.40
CA VAL W 29 15.57 -31.07 -13.63
C VAL W 29 16.39 -30.63 -14.84
N MET W 30 16.86 -29.38 -14.86
CA MET W 30 17.68 -28.93 -15.98
C MET W 30 18.94 -29.76 -16.09
N ALA W 31 19.61 -30.01 -14.96
CA ALA W 31 20.83 -30.80 -14.99
C ALA W 31 20.55 -32.23 -15.46
N GLU W 32 19.43 -32.81 -15.00
CA GLU W 32 19.06 -34.14 -15.46
C GLU W 32 18.76 -34.12 -16.95
N LEU W 33 17.97 -33.14 -17.40
CA LEU W 33 17.71 -32.99 -18.82
C LEU W 33 19.02 -32.84 -19.60
N GLU W 34 19.92 -31.99 -19.10
CA GLU W 34 21.22 -31.81 -19.73
C GLU W 34 22.00 -33.12 -19.80
N ALA W 35 21.94 -33.92 -18.74
CA ALA W 35 22.64 -35.20 -18.75
C ALA W 35 22.06 -36.17 -19.77
N VAL W 36 20.73 -36.23 -19.87
CA VAL W 36 20.09 -37.13 -20.83
C VAL W 36 20.57 -36.81 -22.24
N ASP W 37 20.54 -35.53 -22.61
CA ASP W 37 20.91 -35.15 -23.97
C ASP W 37 22.36 -35.49 -24.29
N TRP W 38 23.28 -35.08 -23.42
CA TRP W 38 24.69 -35.34 -23.69
C TRP W 38 24.98 -36.83 -23.72
N TYR W 39 24.47 -37.58 -22.73
CA TYR W 39 24.69 -39.02 -22.74
C TYR W 39 24.17 -39.63 -24.04
N ASP W 40 22.98 -39.21 -24.48
CA ASP W 40 22.42 -39.75 -25.71
C ASP W 40 23.31 -39.43 -26.90
N GLN W 41 23.90 -38.24 -26.93
CA GLN W 41 24.80 -37.90 -28.02
C GLN W 41 26.07 -38.74 -27.96
N ARG W 42 26.61 -38.99 -26.77
CA ARG W 42 27.81 -39.81 -26.66
C ARG W 42 27.52 -41.28 -26.96
N VAL W 43 26.28 -41.72 -26.70
CA VAL W 43 25.89 -43.08 -27.08
C VAL W 43 25.94 -43.25 -28.58
N ASP W 44 25.48 -42.24 -29.33
CA ASP W 44 25.47 -42.33 -30.78
C ASP W 44 26.89 -42.31 -31.34
N ALA W 45 27.79 -41.53 -30.73
CA ALA W 45 29.12 -41.34 -31.26
C ALA W 45 30.14 -42.33 -30.73
N SER W 46 29.86 -42.96 -29.59
CA SER W 46 30.83 -43.88 -28.99
C SER W 46 31.13 -45.06 -29.92
N THR W 47 32.40 -45.41 -30.02
CA THR W 47 32.83 -46.56 -30.80
C THR W 47 33.30 -47.72 -29.94
N ASP W 48 32.99 -47.70 -28.65
CA ASP W 48 33.29 -48.81 -27.75
C ASP W 48 32.00 -49.35 -27.17
N PRO W 49 31.58 -50.57 -27.54
CA PRO W 49 30.27 -51.05 -27.10
C PRO W 49 30.12 -51.11 -25.60
N GLU W 50 31.18 -51.42 -24.85
CA GLU W 50 31.04 -51.53 -23.41
C GLU W 50 30.74 -50.18 -22.77
N LEU W 51 31.38 -49.11 -23.26
CA LEU W 51 31.08 -47.77 -22.78
C LEU W 51 29.68 -47.35 -23.21
N THR W 52 29.31 -47.62 -24.46
CA THR W 52 27.97 -47.26 -24.93
C THR W 52 26.89 -47.85 -24.03
N ALA W 53 27.11 -49.07 -23.52
CA ALA W 53 26.15 -49.68 -22.60
C ALA W 53 26.04 -48.88 -21.32
N ILE W 54 27.18 -48.42 -20.78
CA ILE W 54 27.17 -47.66 -19.54
C ILE W 54 26.50 -46.31 -19.76
N LEU W 55 26.88 -45.61 -20.83
CA LEU W 55 26.30 -44.30 -21.12
C LEU W 55 24.78 -44.40 -21.26
N ALA W 56 24.30 -45.42 -21.96
CA ALA W 56 22.86 -45.56 -22.15
C ALA W 56 22.17 -45.90 -20.83
N HIS W 57 22.77 -46.76 -20.01
CA HIS W 57 22.18 -47.09 -18.72
C HIS W 57 22.00 -45.85 -17.85
N ASN W 58 23.06 -45.07 -17.69
CA ASN W 58 22.97 -43.82 -16.92
C ASN W 58 21.97 -42.88 -17.56
N ARG W 59 22.08 -42.70 -18.88
CA ARG W 59 21.18 -41.81 -19.61
C ARG W 59 19.72 -41.98 -19.21
N ASP W 60 19.21 -43.22 -19.29
CA ASP W 60 17.79 -43.48 -19.11
C ASP W 60 17.36 -43.25 -17.68
N GLU W 61 18.30 -43.40 -16.75
CA GLU W 61 18.00 -43.10 -15.36
C GLU W 61 18.02 -41.62 -15.02
N GLU W 62 18.80 -40.81 -15.72
CA GLU W 62 18.68 -39.38 -15.53
C GLU W 62 17.24 -38.94 -15.80
N LYS W 63 16.59 -39.57 -16.77
CA LYS W 63 15.17 -39.34 -17.01
C LYS W 63 14.36 -39.70 -15.77
N GLU W 64 14.75 -40.78 -15.09
CA GLU W 64 14.08 -41.14 -13.85
C GLU W 64 14.25 -40.07 -12.79
N HIS W 65 15.49 -39.60 -12.59
CA HIS W 65 15.73 -38.54 -11.62
C HIS W 65 14.89 -37.31 -11.97
N ALA W 66 14.84 -36.95 -13.25
CA ALA W 66 14.04 -35.80 -13.67
C ALA W 66 12.56 -36.03 -13.40
N ALA W 67 12.07 -37.24 -13.70
CA ALA W 67 10.65 -37.54 -13.47
C ALA W 67 10.29 -37.44 -12.00
N MET W 68 11.13 -37.99 -11.13
CA MET W 68 10.85 -37.92 -9.69
C MET W 68 10.77 -36.47 -9.23
N THR W 69 11.74 -35.65 -9.65
CA THR W 69 11.75 -34.25 -9.22
C THR W 69 10.59 -33.46 -9.79
N LEU W 70 10.15 -33.78 -11.00
CA LEU W 70 9.03 -33.05 -11.59
C LEU W 70 7.74 -33.28 -10.81
N GLU W 71 7.51 -34.51 -10.32
CA GLU W 71 6.31 -34.77 -9.54
C GLU W 71 6.27 -33.87 -8.32
N TRP W 72 7.43 -33.64 -7.68
CA TRP W 72 7.45 -32.74 -6.52
C TRP W 72 7.03 -31.33 -6.93
N LEU W 73 7.54 -30.84 -8.07
CA LEU W 73 7.12 -29.53 -8.56
C LEU W 73 5.62 -29.48 -8.77
N ARG W 74 5.03 -30.55 -9.32
CA ARG W 74 3.60 -30.56 -9.56
C ARG W 74 2.82 -30.39 -8.26
N ARG W 75 3.27 -31.02 -7.18
CA ARG W 75 2.55 -30.96 -5.92
C ARG W 75 2.76 -29.65 -5.19
N ASN W 76 3.79 -28.89 -5.55
CA ASN W 76 4.15 -27.68 -4.83
C ASN W 76 4.05 -26.45 -5.72
N ASP W 77 3.33 -26.56 -6.83
CA ASP W 77 3.09 -25.45 -7.73
C ASP W 77 1.77 -25.73 -8.44
N ALA W 78 0.77 -24.88 -8.20
CA ALA W 78 -0.57 -25.15 -8.73
C ALA W 78 -0.59 -25.15 -10.26
N LYS W 79 0.15 -24.24 -10.89
CA LYS W 79 0.12 -24.10 -12.33
C LYS W 79 0.95 -25.15 -13.05
N TRP W 80 2.01 -25.68 -12.41
CA TRP W 80 2.65 -26.85 -12.96
C TRP W 80 1.67 -28.00 -13.06
N ALA W 81 0.81 -28.16 -12.05
CA ALA W 81 -0.19 -29.21 -12.07
C ALA W 81 -1.22 -28.96 -13.16
N GLU W 82 -1.66 -27.71 -13.31
CA GLU W 82 -2.65 -27.40 -14.33
C GLU W 82 -2.11 -27.71 -15.72
N HIS W 83 -0.95 -27.16 -16.09
CA HIS W 83 -0.46 -27.36 -17.45
C HIS W 83 0.04 -28.76 -17.70
N LEU W 84 0.66 -29.38 -16.68
CA LEU W 84 1.05 -30.78 -16.85
C LEU W 84 -0.19 -31.67 -17.03
N ARG W 85 -1.29 -31.35 -16.36
CA ARG W 85 -2.51 -32.15 -16.52
C ARG W 85 -3.10 -32.01 -17.92
N THR W 86 -2.98 -30.83 -18.53
CA THR W 86 -3.60 -30.59 -19.84
C THR W 86 -2.90 -31.37 -20.95
N TYR W 87 -1.56 -31.47 -20.91
CA TYR W 87 -0.79 -31.92 -22.06
C TYR W 87 -0.19 -33.30 -21.90
N LEU W 88 0.04 -33.74 -20.66
CA LEU W 88 0.67 -35.04 -20.45
C LEU W 88 -0.31 -36.18 -20.71
N PHE W 89 0.19 -37.23 -21.36
CA PHE W 89 -0.60 -38.42 -21.66
C PHE W 89 -1.83 -38.07 -22.52
N THR W 90 -1.55 -37.45 -23.65
CA THR W 90 -2.59 -37.00 -24.57
C THR W 90 -2.36 -37.61 -25.95
N GLU W 91 -3.21 -37.23 -26.91
CA GLU W 91 -3.08 -37.68 -28.29
C GLU W 91 -3.50 -36.55 -29.21
N GLY W 92 -3.00 -36.63 -30.45
CA GLY W 92 -3.28 -35.62 -31.44
C GLY W 92 -2.39 -34.40 -31.26
N PRO W 93 -2.44 -33.48 -32.23
CA PRO W 93 -1.60 -32.29 -32.14
C PRO W 93 -1.75 -31.60 -30.79
N ILE W 94 -0.65 -31.03 -30.30
CA ILE W 94 -0.59 -30.49 -28.94
C ILE W 94 -0.86 -29.00 -28.89
N THR W 95 -0.86 -28.31 -30.03
CA THR W 95 -1.12 -26.87 -30.06
C THR W 95 -2.52 -26.58 -29.54
N THR X 8 24.91 -28.38 -29.98
CA THR X 8 25.26 -29.80 -29.86
C THR X 8 26.71 -29.99 -29.43
N HIS X 9 27.08 -31.25 -29.20
CA HIS X 9 28.44 -31.59 -28.78
C HIS X 9 29.13 -32.46 -29.83
N GLU X 10 28.80 -33.75 -29.86
CA GLU X 10 29.35 -34.63 -30.87
C GLU X 10 29.09 -34.07 -32.27
N PRO X 11 29.94 -34.40 -33.24
CA PRO X 11 29.68 -33.94 -34.61
C PRO X 11 28.33 -34.43 -35.10
N LEU X 12 27.64 -33.58 -35.86
CA LEU X 12 26.28 -33.90 -36.29
C LEU X 12 26.24 -35.08 -37.25
N GLU X 13 27.35 -35.44 -37.88
CA GLU X 13 27.36 -36.54 -38.83
C GLU X 13 27.08 -37.88 -38.14
N VAL X 14 27.50 -38.03 -36.88
CA VAL X 14 27.36 -39.31 -36.18
C VAL X 14 26.11 -39.40 -35.32
N LEU X 15 25.37 -38.31 -35.18
CA LEU X 15 24.14 -38.32 -34.40
C LEU X 15 22.96 -38.65 -35.33
N LYS X 16 22.06 -39.50 -34.83
CA LYS X 16 20.82 -39.76 -35.54
C LYS X 16 19.88 -38.56 -35.44
N GLU X 17 19.06 -38.36 -36.48
CA GLU X 17 18.23 -37.17 -36.55
C GLU X 17 17.30 -37.07 -35.36
N GLU X 18 16.70 -38.19 -34.94
CA GLU X 18 15.81 -38.13 -33.79
C GLU X 18 16.56 -37.66 -32.54
N THR X 19 17.82 -38.08 -32.39
CA THR X 19 18.61 -37.61 -31.26
C THR X 19 18.78 -36.10 -31.31
N VAL X 20 19.01 -35.55 -32.51
CA VAL X 20 19.14 -34.11 -32.65
C VAL X 20 17.78 -33.43 -32.45
N ASN X 21 16.70 -34.09 -32.88
CA ASN X 21 15.37 -33.54 -32.63
C ASN X 21 15.04 -33.56 -31.14
N ARG X 22 15.38 -34.65 -30.45
CA ARG X 22 15.19 -34.69 -29.00
C ARG X 22 16.08 -33.68 -28.30
N HIS X 23 17.29 -33.45 -28.84
CA HIS X 23 18.16 -32.42 -28.31
C HIS X 23 17.50 -31.05 -28.37
N ARG X 24 16.86 -30.73 -29.50
CA ARG X 24 16.18 -29.45 -29.61
C ARG X 24 15.07 -29.32 -28.57
N ALA X 25 14.37 -30.41 -28.30
CA ALA X 25 13.32 -30.36 -27.29
C ALA X 25 13.90 -30.23 -25.89
N ILE X 26 15.00 -30.94 -25.61
CA ILE X 26 15.55 -30.93 -24.26
C ILE X 26 16.06 -29.55 -23.90
N VAL X 27 16.88 -28.95 -24.77
CA VAL X 27 17.41 -27.63 -24.48
C VAL X 27 16.29 -26.61 -24.41
N SER X 28 15.20 -26.85 -25.12
CA SER X 28 14.03 -25.98 -25.04
C SER X 28 13.39 -26.05 -23.66
N VAL X 29 13.17 -27.27 -23.15
CA VAL X 29 12.61 -27.43 -21.82
C VAL X 29 13.54 -26.80 -20.79
N MET X 30 14.86 -26.98 -20.95
CA MET X 30 15.81 -26.38 -20.01
C MET X 30 15.66 -24.87 -19.97
N ALA X 31 15.54 -24.23 -21.13
CA ALA X 31 15.34 -22.79 -21.18
C ALA X 31 14.01 -22.41 -20.53
N GLU X 32 12.96 -23.20 -20.74
CA GLU X 32 11.68 -22.93 -20.10
C GLU X 32 11.79 -23.04 -18.59
N LEU X 33 12.42 -24.12 -18.10
CA LEU X 33 12.62 -24.28 -16.66
C LEU X 33 13.39 -23.11 -16.08
N GLU X 34 14.48 -22.71 -16.75
CA GLU X 34 15.25 -21.56 -16.31
C GLU X 34 14.39 -20.29 -16.29
N ALA X 35 13.54 -20.11 -17.30
CA ALA X 35 12.68 -18.93 -17.34
C ALA X 35 11.68 -18.94 -16.20
N VAL X 36 11.12 -20.11 -15.91
CA VAL X 36 10.17 -20.24 -14.79
C VAL X 36 10.84 -19.82 -13.49
N ASP X 37 12.05 -20.32 -13.24
CA ASP X 37 12.75 -20.01 -12.00
C ASP X 37 13.08 -18.52 -11.92
N TRP X 38 13.65 -17.96 -12.98
CA TRP X 38 14.06 -16.56 -12.96
C TRP X 38 12.87 -15.64 -12.73
N TYR X 39 11.78 -15.84 -13.46
CA TYR X 39 10.60 -15.02 -13.28
C TYR X 39 10.06 -15.11 -11.85
N ASP X 40 10.00 -16.33 -11.30
CA ASP X 40 9.43 -16.50 -9.96
C ASP X 40 10.25 -15.75 -8.92
N GLN X 41 11.58 -15.75 -9.06
CA GLN X 41 12.40 -15.01 -8.11
C GLN X 41 12.17 -13.51 -8.25
N ARG X 42 12.03 -13.02 -9.49
CA ARG X 42 11.78 -11.60 -9.68
C ARG X 42 10.40 -11.19 -9.21
N VAL X 43 9.44 -12.13 -9.23
CA VAL X 43 8.10 -11.85 -8.70
C VAL X 43 8.17 -11.58 -7.21
N ASP X 44 8.97 -12.36 -6.47
CA ASP X 44 9.08 -12.16 -5.03
C ASP X 44 9.82 -10.86 -4.72
N ALA X 45 10.83 -10.53 -5.51
CA ALA X 45 11.69 -9.39 -5.20
C ALA X 45 11.20 -8.09 -5.81
N SER X 46 10.36 -8.16 -6.85
CA SER X 46 9.88 -6.96 -7.52
C SER X 46 9.13 -6.06 -6.56
N THR X 47 9.38 -4.75 -6.67
CA THR X 47 8.69 -3.74 -5.89
C THR X 47 7.71 -2.90 -6.70
N ASP X 48 7.38 -3.35 -7.92
CA ASP X 48 6.38 -2.69 -8.77
C ASP X 48 5.26 -3.68 -9.04
N PRO X 49 4.05 -3.48 -8.50
CA PRO X 49 3.01 -4.51 -8.65
C PRO X 49 2.63 -4.81 -10.07
N GLU X 50 2.61 -3.78 -10.94
CA GLU X 50 2.27 -4.03 -12.35
C GLU X 50 3.33 -4.88 -13.05
N LEU X 51 4.60 -4.67 -12.75
CA LEU X 51 5.63 -5.54 -13.30
C LEU X 51 5.49 -6.97 -12.76
N THR X 52 5.22 -7.08 -11.46
CA THR X 52 5.01 -8.40 -10.87
C THR X 52 3.93 -9.16 -11.62
N ALA X 53 2.87 -8.46 -12.02
CA ALA X 53 1.79 -9.11 -12.77
C ALA X 53 2.30 -9.63 -14.11
N ILE X 54 3.14 -8.85 -14.79
CA ILE X 54 3.69 -9.28 -16.07
C ILE X 54 4.62 -10.47 -15.88
N LEU X 55 5.53 -10.36 -14.90
CA LEU X 55 6.45 -11.47 -14.63
C LEU X 55 5.69 -12.75 -14.30
N ALA X 56 4.64 -12.62 -13.48
CA ALA X 56 3.87 -13.81 -13.09
C ALA X 56 3.14 -14.40 -14.29
N HIS X 57 2.57 -13.54 -15.14
CA HIS X 57 1.89 -14.02 -16.33
C HIS X 57 2.85 -14.82 -17.21
N ASN X 58 4.01 -14.24 -17.52
CA ASN X 58 4.99 -14.94 -18.34
C ASN X 58 5.42 -16.24 -17.68
N ARG X 59 5.77 -16.18 -16.39
CA ARG X 59 6.22 -17.37 -15.67
C ARG X 59 5.28 -18.56 -15.88
N ASP X 60 3.99 -18.38 -15.63
CA ASP X 60 3.05 -19.49 -15.65
C ASP X 60 2.88 -20.06 -17.03
N GLU X 61 3.05 -19.24 -18.06
CA GLU X 61 2.97 -19.77 -19.41
C GLU X 61 4.25 -20.47 -19.85
N GLU X 62 5.39 -20.11 -19.31
CA GLU X 62 6.59 -20.91 -19.55
C GLU X 62 6.35 -22.36 -19.11
N LYS X 63 5.62 -22.53 -18.01
CA LYS X 63 5.22 -23.87 -17.59
C LYS X 63 4.39 -24.56 -18.66
N GLU X 64 3.51 -23.82 -19.33
CA GLU X 64 2.77 -24.39 -20.45
C GLU X 64 3.72 -24.82 -21.56
N HIS X 65 4.63 -23.92 -21.96
CA HIS X 65 5.61 -24.23 -22.99
C HIS X 65 6.44 -25.45 -22.61
N ALA X 66 6.83 -25.55 -21.34
CA ALA X 66 7.59 -26.70 -20.89
C ALA X 66 6.76 -27.97 -20.97
N ALA X 67 5.51 -27.92 -20.51
CA ALA X 67 4.66 -29.10 -20.52
C ALA X 67 4.42 -29.60 -21.94
N MET X 68 4.15 -28.68 -22.87
CA MET X 68 3.91 -29.06 -24.27
C MET X 68 5.13 -29.74 -24.87
N THR X 69 6.31 -29.16 -24.66
CA THR X 69 7.53 -29.76 -25.22
C THR X 69 7.84 -31.11 -24.55
N LEU X 70 7.55 -31.26 -23.26
CA LEU X 70 7.75 -32.53 -22.59
C LEU X 70 6.84 -33.63 -23.17
N GLU X 71 5.60 -33.28 -23.51
CA GLU X 71 4.69 -34.25 -24.11
C GLU X 71 5.27 -34.78 -25.42
N TRP X 72 5.93 -33.92 -26.20
CA TRP X 72 6.56 -34.41 -27.42
C TRP X 72 7.67 -35.41 -27.10
N LEU X 73 8.50 -35.09 -26.11
CA LEU X 73 9.53 -36.03 -25.68
C LEU X 73 8.92 -37.34 -25.21
N ARG X 74 7.84 -37.26 -24.42
CA ARG X 74 7.19 -38.46 -23.94
C ARG X 74 6.72 -39.32 -25.12
N ARG X 75 6.24 -38.69 -26.18
CA ARG X 75 5.75 -39.40 -27.36
C ARG X 75 6.88 -39.89 -28.26
N ASN X 76 8.10 -39.35 -28.11
CA ASN X 76 9.19 -39.67 -29.02
C ASN X 76 10.41 -40.24 -28.30
N ASP X 77 10.25 -40.70 -27.07
CA ASP X 77 11.35 -41.30 -26.33
C ASP X 77 10.75 -42.30 -25.36
N ALA X 78 11.16 -43.57 -25.49
CA ALA X 78 10.48 -44.66 -24.79
C ALA X 78 10.58 -44.56 -23.27
N LYS X 79 11.77 -44.29 -22.73
CA LYS X 79 11.93 -44.22 -21.28
C LYS X 79 11.47 -42.89 -20.67
N TRP X 80 11.48 -41.79 -21.42
CA TRP X 80 10.79 -40.60 -20.94
C TRP X 80 9.34 -40.96 -20.63
N ALA X 81 8.73 -41.81 -21.47
CA ALA X 81 7.35 -42.20 -21.27
C ALA X 81 7.15 -43.04 -20.00
N GLU X 82 8.03 -44.03 -19.77
CA GLU X 82 7.85 -44.88 -18.60
C GLU X 82 8.00 -44.11 -17.31
N HIS X 83 9.10 -43.38 -17.17
CA HIS X 83 9.37 -42.74 -15.91
C HIS X 83 8.32 -41.68 -15.58
N LEU X 84 7.82 -40.98 -16.60
CA LEU X 84 6.79 -39.99 -16.39
C LEU X 84 5.53 -40.65 -15.92
N ARG X 85 5.20 -41.84 -16.47
CA ARG X 85 3.99 -42.52 -16.01
C ARG X 85 4.15 -43.04 -14.58
N THR X 86 5.32 -43.50 -14.20
CA THR X 86 5.47 -44.09 -12.88
C THR X 86 5.22 -43.08 -11.76
N TYR X 87 5.71 -41.86 -11.93
CA TYR X 87 5.77 -40.90 -10.85
C TYR X 87 4.77 -39.75 -10.97
N LEU X 88 4.36 -39.39 -12.17
CA LEU X 88 3.48 -38.24 -12.37
C LEU X 88 2.05 -38.56 -11.96
N PHE X 89 1.42 -37.60 -11.26
CA PHE X 89 0.05 -37.73 -10.81
C PHE X 89 -0.12 -38.94 -9.89
N THR X 90 0.66 -38.94 -8.82
CA THR X 90 0.67 -40.02 -7.85
C THR X 90 0.35 -39.47 -6.47
N GLU X 91 0.16 -40.39 -5.52
CA GLU X 91 -0.09 -40.04 -4.13
C GLU X 91 0.95 -40.74 -3.25
N GLY X 92 1.10 -40.21 -2.03
CA GLY X 92 2.06 -40.74 -1.08
C GLY X 92 3.49 -40.36 -1.42
N PRO X 93 4.45 -40.81 -0.62
CA PRO X 93 5.86 -40.51 -0.89
C PRO X 93 6.26 -40.95 -2.30
N ILE X 94 7.23 -40.22 -2.86
CA ILE X 94 7.66 -40.45 -4.23
C ILE X 94 8.77 -41.49 -4.30
N THR X 95 9.69 -41.48 -3.34
CA THR X 95 10.81 -42.41 -3.36
C THR X 95 10.38 -43.82 -2.96
N THR Y 8 22.96 -8.31 -10.80
CA THR Y 8 23.35 -6.91 -10.89
C THR Y 8 24.87 -6.72 -10.80
N HIS Y 9 25.37 -5.66 -11.45
CA HIS Y 9 26.81 -5.41 -11.49
C HIS Y 9 27.28 -4.43 -10.43
N GLU Y 10 26.40 -3.61 -9.88
CA GLU Y 10 26.76 -2.75 -8.77
C GLU Y 10 26.11 -3.24 -7.49
N PRO Y 11 26.68 -2.93 -6.34
CA PRO Y 11 26.04 -3.37 -5.09
C PRO Y 11 24.64 -2.77 -4.96
N LEU Y 12 23.70 -3.61 -4.51
CA LEU Y 12 22.31 -3.17 -4.36
C LEU Y 12 22.18 -2.06 -3.32
N GLU Y 13 23.18 -1.87 -2.49
CA GLU Y 13 23.15 -0.82 -1.48
C GLU Y 13 23.08 0.56 -2.13
N VAL Y 14 23.73 0.72 -3.28
CA VAL Y 14 23.80 2.01 -3.97
C VAL Y 14 22.81 2.16 -5.11
N LEU Y 15 22.07 1.11 -5.49
CA LEU Y 15 21.15 1.19 -6.60
C LEU Y 15 19.78 1.67 -6.14
N LYS Y 16 19.17 2.53 -6.95
CA LYS Y 16 17.80 2.97 -6.69
C LYS Y 16 16.82 1.82 -6.96
N GLU Y 17 15.73 1.79 -6.21
CA GLU Y 17 14.75 0.71 -6.39
C GLU Y 17 14.19 0.70 -7.81
N GLU Y 18 13.89 1.86 -8.39
CA GLU Y 18 13.42 1.88 -9.77
C GLU Y 18 14.48 1.31 -10.71
N THR Y 19 15.76 1.59 -10.43
CA THR Y 19 16.82 1.04 -11.27
C THR Y 19 16.83 -0.49 -11.21
N VAL Y 20 16.61 -1.06 -10.03
CA VAL Y 20 16.60 -2.51 -9.90
C VAL Y 20 15.35 -3.10 -10.56
N ASN Y 21 14.22 -2.39 -10.50
CA ASN Y 21 13.03 -2.89 -11.17
C ASN Y 21 13.19 -2.86 -12.68
N ARG Y 22 13.78 -1.79 -13.21
CA ARG Y 22 14.08 -1.75 -14.64
C ARG Y 22 15.08 -2.85 -15.01
N HIS Y 23 16.02 -3.15 -14.10
CA HIS Y 23 16.93 -4.27 -14.32
C HIS Y 23 16.17 -5.57 -14.48
N ARG Y 24 15.19 -5.81 -13.60
CA ARG Y 24 14.40 -7.03 -13.69
C ARG Y 24 13.62 -7.09 -14.99
N ALA Y 25 13.12 -5.95 -15.45
CA ALA Y 25 12.38 -5.93 -16.70
C ALA Y 25 13.31 -6.16 -17.88
N ILE Y 26 14.50 -5.54 -17.85
CA ILE Y 26 15.42 -5.62 -18.98
C ILE Y 26 15.93 -7.04 -19.17
N VAL Y 27 16.38 -7.67 -18.07
CA VAL Y 27 16.90 -9.03 -18.18
C VAL Y 27 15.78 -9.99 -18.59
N SER Y 28 14.54 -9.67 -18.24
CA SER Y 28 13.41 -10.48 -18.71
C SER Y 28 13.26 -10.37 -20.23
N VAL Y 29 13.26 -9.15 -20.75
CA VAL Y 29 13.15 -8.97 -22.19
C VAL Y 29 14.31 -9.63 -22.91
N MET Y 30 15.53 -9.53 -22.37
CA MET Y 30 16.66 -10.21 -23.01
C MET Y 30 16.41 -11.72 -23.09
N ALA Y 31 15.92 -12.32 -22.01
CA ALA Y 31 15.65 -13.75 -22.02
C ALA Y 31 14.57 -14.11 -23.05
N GLU Y 32 13.55 -13.27 -23.18
CA GLU Y 32 12.51 -13.53 -24.18
C GLU Y 32 13.08 -13.43 -25.59
N LEU Y 33 13.82 -12.35 -25.88
CA LEU Y 33 14.44 -12.21 -27.19
C LEU Y 33 15.33 -13.40 -27.50
N GLU Y 34 16.12 -13.83 -26.53
CA GLU Y 34 16.93 -15.03 -26.71
C GLU Y 34 16.04 -16.23 -27.02
N ALA Y 35 14.90 -16.34 -26.34
CA ALA Y 35 14.01 -17.47 -26.60
C ALA Y 35 13.45 -17.43 -28.01
N VAL Y 36 13.06 -16.25 -28.48
CA VAL Y 36 12.53 -16.14 -29.83
C VAL Y 36 13.56 -16.62 -30.85
N ASP Y 37 14.79 -16.14 -30.72
CA ASP Y 37 15.81 -16.49 -31.70
C ASP Y 37 16.11 -17.99 -31.70
N TRP Y 38 16.38 -18.56 -30.54
CA TRP Y 38 16.75 -19.98 -30.46
C TRP Y 38 15.61 -20.86 -30.97
N TYR Y 39 14.39 -20.59 -30.51
CA TYR Y 39 13.23 -21.36 -31.01
C TYR Y 39 13.11 -21.26 -32.52
N ASP Y 40 13.25 -20.04 -33.06
CA ASP Y 40 13.10 -19.84 -34.50
C ASP Y 40 14.13 -20.63 -35.30
N GLN Y 41 15.37 -20.70 -34.80
CA GLN Y 41 16.39 -21.49 -35.47
C GLN Y 41 16.04 -22.97 -35.44
N ARG Y 42 15.50 -23.44 -34.32
CA ARG Y 42 15.12 -24.84 -34.23
C ARG Y 42 13.90 -25.14 -35.10
N VAL Y 43 13.05 -24.15 -35.34
CA VAL Y 43 11.94 -24.34 -36.24
C VAL Y 43 12.45 -24.62 -37.65
N ASP Y 44 13.48 -23.90 -38.07
CA ASP Y 44 14.00 -24.10 -39.42
C ASP Y 44 14.66 -25.47 -39.54
N ALA Y 45 15.35 -25.92 -38.51
CA ALA Y 45 16.15 -27.14 -38.58
C ALA Y 45 15.39 -28.39 -38.18
N SER Y 46 14.31 -28.26 -37.41
CA SER Y 46 13.59 -29.44 -36.94
C SER Y 46 13.06 -30.24 -38.11
N THR Y 47 13.22 -31.56 -38.02
CA THR Y 47 12.71 -32.49 -39.03
C THR Y 47 11.53 -33.29 -38.52
N ASP Y 48 10.95 -32.89 -37.39
CA ASP Y 48 9.76 -33.54 -36.85
C ASP Y 48 8.65 -32.51 -36.83
N PRO Y 49 7.64 -32.63 -37.69
CA PRO Y 49 6.62 -31.56 -37.77
C PRO Y 49 5.87 -31.33 -36.45
N GLU Y 50 5.67 -32.37 -35.66
CA GLU Y 50 4.95 -32.22 -34.41
C GLU Y 50 5.71 -31.31 -33.46
N LEU Y 51 7.06 -31.45 -33.46
CA LEU Y 51 7.92 -30.57 -32.68
C LEU Y 51 7.95 -29.18 -33.25
N THR Y 52 8.08 -29.05 -34.59
CA THR Y 52 8.11 -27.74 -35.22
C THR Y 52 6.88 -26.92 -34.86
N ALA Y 53 5.72 -27.58 -34.78
CA ALA Y 53 4.51 -26.88 -34.40
C ALA Y 53 4.60 -26.33 -32.98
N ILE Y 54 5.17 -27.12 -32.06
CA ILE Y 54 5.29 -26.67 -30.67
C ILE Y 54 6.29 -25.54 -30.56
N LEU Y 55 7.48 -25.72 -31.16
CA LEU Y 55 8.51 -24.70 -31.10
C LEU Y 55 8.03 -23.38 -31.69
N ALA Y 56 7.30 -23.44 -32.81
CA ALA Y 56 6.79 -22.22 -33.43
C ALA Y 56 5.73 -21.56 -32.55
N HIS Y 57 4.88 -22.37 -31.91
CA HIS Y 57 3.88 -21.81 -31.02
C HIS Y 57 4.54 -21.04 -29.89
N ASN Y 58 5.47 -21.68 -29.18
CA ASN Y 58 6.16 -21.02 -28.08
C ASN Y 58 6.92 -19.79 -28.58
N ARG Y 59 7.68 -19.95 -29.65
CA ARG Y 59 8.43 -18.83 -30.21
C ARG Y 59 7.56 -17.57 -30.31
N ASP Y 60 6.42 -17.69 -31.00
CA ASP Y 60 5.62 -16.50 -31.28
C ASP Y 60 5.04 -15.92 -30.00
N GLU Y 61 4.83 -16.74 -28.99
CA GLU Y 61 4.31 -16.25 -27.72
C GLU Y 61 5.41 -15.66 -26.83
N GLU Y 62 6.67 -16.06 -27.00
CA GLU Y 62 7.74 -15.33 -26.34
C GLU Y 62 7.75 -13.86 -26.77
N LYS Y 63 7.42 -13.61 -28.05
CA LYS Y 63 7.31 -12.24 -28.53
C LYS Y 63 6.23 -11.49 -27.77
N GLU Y 64 5.13 -12.16 -27.44
CA GLU Y 64 4.11 -11.54 -26.60
C GLU Y 64 4.67 -11.20 -25.23
N HIS Y 65 5.38 -12.13 -24.60
CA HIS Y 65 6.01 -11.83 -23.32
C HIS Y 65 6.97 -10.64 -23.41
N ALA Y 66 7.77 -10.58 -24.48
CA ALA Y 66 8.70 -9.47 -24.64
C ALA Y 66 7.96 -8.15 -24.78
N ALA Y 67 6.90 -8.13 -25.60
CA ALA Y 67 6.12 -6.92 -25.80
C ALA Y 67 5.51 -6.43 -24.49
N MET Y 68 4.99 -7.35 -23.68
CA MET Y 68 4.36 -6.98 -22.41
C MET Y 68 5.36 -6.30 -21.49
N THR Y 69 6.56 -6.89 -21.33
CA THR Y 69 7.56 -6.34 -20.43
C THR Y 69 8.11 -5.02 -20.95
N LEU Y 70 8.30 -4.93 -22.27
CA LEU Y 70 8.81 -3.69 -22.85
C LEU Y 70 7.81 -2.55 -22.71
N GLU Y 71 6.52 -2.82 -22.87
CA GLU Y 71 5.54 -1.76 -22.64
C GLU Y 71 5.68 -1.22 -21.22
N TRP Y 72 5.98 -2.11 -20.28
CA TRP Y 72 6.25 -1.66 -18.92
C TRP Y 72 7.47 -0.75 -18.88
N LEU Y 73 8.56 -1.12 -19.56
CA LEU Y 73 9.72 -0.24 -19.62
C LEU Y 73 9.36 1.11 -20.24
N ARG Y 74 8.57 1.09 -21.31
CA ARG Y 74 8.18 2.34 -21.95
C ARG Y 74 7.45 3.25 -20.97
N ARG Y 75 6.60 2.66 -20.11
CA ARG Y 75 5.82 3.45 -19.17
C ARG Y 75 6.64 3.93 -17.98
N ASN Y 76 7.81 3.34 -17.72
CA ASN Y 76 8.57 3.68 -16.53
C ASN Y 76 9.95 4.24 -16.83
N ASP Y 77 10.18 4.67 -18.06
CA ASP Y 77 11.47 5.28 -18.43
C ASP Y 77 11.23 6.21 -19.60
N ALA Y 78 11.50 7.51 -19.38
CA ALA Y 78 11.13 8.52 -20.36
C ALA Y 78 11.87 8.32 -21.69
N LYS Y 79 13.13 7.90 -21.63
CA LYS Y 79 13.89 7.78 -22.87
C LYS Y 79 13.54 6.52 -23.64
N TRP Y 80 13.15 5.45 -22.96
CA TRP Y 80 12.54 4.33 -23.68
C TRP Y 80 11.30 4.79 -24.42
N ALA Y 81 10.49 5.63 -23.76
CA ALA Y 81 9.27 6.13 -24.37
C ALA Y 81 9.57 7.04 -25.56
N GLU Y 82 10.58 7.90 -25.42
CA GLU Y 82 10.92 8.80 -26.51
C GLU Y 82 11.37 8.02 -27.75
N HIS Y 83 12.37 7.15 -27.59
CA HIS Y 83 12.97 6.51 -28.76
C HIS Y 83 12.07 5.44 -29.35
N LEU Y 84 11.32 4.70 -28.52
CA LEU Y 84 10.41 3.71 -29.08
C LEU Y 84 9.31 4.38 -29.89
N ARG Y 85 8.83 5.54 -29.44
CA ARG Y 85 7.82 6.26 -30.20
C ARG Y 85 8.38 6.77 -31.52
N THR Y 86 9.68 7.10 -31.57
CA THR Y 86 10.26 7.65 -32.79
C THR Y 86 10.27 6.64 -33.92
N TYR Y 87 10.54 5.37 -33.62
CA TYR Y 87 10.78 4.38 -34.67
C TYR Y 87 9.70 3.31 -34.78
N LEU Y 88 8.97 3.01 -33.72
CA LEU Y 88 7.99 1.92 -33.80
C LEU Y 88 6.76 2.38 -34.59
N PHE Y 89 6.27 1.47 -35.46
CA PHE Y 89 5.09 1.73 -36.28
C PHE Y 89 5.32 2.97 -37.16
N THR Y 90 6.40 2.93 -37.92
CA THR Y 90 6.77 4.03 -38.78
C THR Y 90 6.86 3.53 -40.21
N GLU Y 91 6.79 4.47 -41.16
CA GLU Y 91 7.05 4.19 -42.56
C GLU Y 91 8.26 5.02 -42.98
N GLY Y 92 9.06 4.46 -43.88
CA GLY Y 92 10.18 5.18 -44.43
C GLY Y 92 11.49 4.83 -43.76
N PRO Y 93 12.52 5.63 -44.00
CA PRO Y 93 13.86 5.26 -43.56
C PRO Y 93 13.96 5.19 -42.03
N ILE Y 94 14.41 4.05 -41.52
CA ILE Y 94 14.64 3.93 -40.08
C ILE Y 94 15.83 4.77 -39.66
N THR Y 95 16.90 4.74 -40.44
CA THR Y 95 18.08 5.54 -40.12
C THR Y 95 17.92 6.95 -40.69
N SER Z 7 27.55 -18.16 -33.73
CA SER Z 7 26.47 -17.32 -33.23
C SER Z 7 25.15 -18.11 -33.14
N THR Z 8 24.96 -19.00 -34.11
CA THR Z 8 23.71 -19.73 -34.22
C THR Z 8 23.80 -21.08 -33.50
N HIS Z 9 22.62 -21.60 -33.10
CA HIS Z 9 22.54 -22.96 -32.61
C HIS Z 9 22.78 -23.96 -33.72
N GLU Z 10 21.99 -23.85 -34.80
CA GLU Z 10 22.00 -24.79 -35.91
C GLU Z 10 22.98 -24.34 -36.99
N PRO Z 11 23.49 -25.29 -37.78
CA PRO Z 11 24.37 -24.91 -38.90
C PRO Z 11 23.64 -23.95 -39.85
N LEU Z 12 24.40 -23.00 -40.39
CA LEU Z 12 23.78 -21.94 -41.18
C LEU Z 12 23.14 -22.46 -42.45
N GLU Z 13 23.57 -23.62 -42.95
CA GLU Z 13 22.97 -24.15 -44.17
C GLU Z 13 21.51 -24.52 -43.97
N VAL Z 14 21.12 -24.93 -42.77
CA VAL Z 14 19.75 -25.35 -42.54
C VAL Z 14 18.86 -24.19 -42.10
N LEU Z 15 19.45 -23.03 -41.79
CA LEU Z 15 18.70 -21.85 -41.40
C LEU Z 15 18.40 -21.00 -42.63
N LYS Z 16 17.19 -20.46 -42.70
CA LYS Z 16 16.81 -19.59 -43.80
C LYS Z 16 17.54 -18.26 -43.65
N GLU Z 17 17.91 -17.64 -44.78
CA GLU Z 17 18.67 -16.40 -44.69
C GLU Z 17 17.93 -15.35 -43.87
N GLU Z 18 16.60 -15.26 -44.03
CA GLU Z 18 15.82 -14.30 -43.25
C GLU Z 18 15.88 -14.65 -41.76
N THR Z 19 15.92 -15.94 -41.44
CA THR Z 19 16.02 -16.33 -40.03
C THR Z 19 17.34 -15.85 -39.43
N VAL Z 20 18.43 -15.94 -40.19
CA VAL Z 20 19.72 -15.52 -39.67
C VAL Z 20 19.77 -14.00 -39.52
N ASN Z 21 19.12 -13.28 -40.43
CA ASN Z 21 19.10 -11.83 -40.31
C ASN Z 21 18.33 -11.38 -39.08
N ARG Z 22 17.20 -12.03 -38.79
CA ARG Z 22 16.48 -11.75 -37.55
C ARG Z 22 17.33 -12.12 -36.34
N HIS Z 23 18.12 -13.18 -36.46
CA HIS Z 23 19.07 -13.52 -35.40
C HIS Z 23 20.03 -12.37 -35.14
N ARG Z 24 20.56 -11.78 -36.21
CA ARG Z 24 21.52 -10.69 -36.05
C ARG Z 24 20.89 -9.49 -35.35
N ALA Z 25 19.61 -9.20 -35.66
CA ALA Z 25 18.93 -8.08 -35.02
C ALA Z 25 18.60 -8.41 -33.57
N ILE Z 26 18.21 -9.65 -33.29
CA ILE Z 26 17.80 -10.01 -31.93
C ILE Z 26 18.98 -9.92 -30.97
N VAL Z 27 20.13 -10.48 -31.35
CA VAL Z 27 21.29 -10.42 -30.45
C VAL Z 27 21.76 -8.98 -30.29
N SER Z 28 21.53 -8.13 -31.30
CA SER Z 28 21.84 -6.71 -31.18
C SER Z 28 20.96 -6.05 -30.14
N VAL Z 29 19.64 -6.26 -30.22
CA VAL Z 29 18.74 -5.69 -29.23
C VAL Z 29 19.09 -6.19 -27.84
N MET Z 30 19.46 -7.48 -27.73
CA MET Z 30 19.89 -8.03 -26.44
C MET Z 30 21.10 -7.29 -25.91
N ALA Z 31 22.09 -7.05 -26.78
CA ALA Z 31 23.28 -6.33 -26.34
C ALA Z 31 22.95 -4.90 -25.92
N GLU Z 32 22.05 -4.24 -26.67
CA GLU Z 32 21.67 -2.88 -26.32
C GLU Z 32 20.99 -2.86 -24.96
N LEU Z 33 20.03 -3.76 -24.75
CA LEU Z 33 19.36 -3.87 -23.46
C LEU Z 33 20.37 -4.09 -22.34
N GLU Z 34 21.31 -5.00 -22.55
CA GLU Z 34 22.34 -5.25 -21.54
C GLU Z 34 23.14 -3.99 -21.25
N ALA Z 35 23.46 -3.22 -22.29
CA ALA Z 35 24.19 -1.97 -22.09
C ALA Z 35 23.36 -0.96 -21.32
N VAL Z 36 22.06 -0.85 -21.63
CA VAL Z 36 21.20 0.08 -20.91
C VAL Z 36 21.22 -0.25 -19.42
N ASP Z 37 21.07 -1.53 -19.09
CA ASP Z 37 21.05 -1.95 -17.69
C ASP Z 37 22.40 -1.65 -17.02
N TRP Z 38 23.50 -2.04 -17.65
CA TRP Z 38 24.81 -1.83 -17.04
C TRP Z 38 25.08 -0.35 -16.82
N TYR Z 39 24.88 0.47 -17.85
CA TYR Z 39 25.14 1.90 -17.70
C TYR Z 39 24.29 2.49 -16.57
N ASP Z 40 23.01 2.11 -16.51
CA ASP Z 40 22.13 2.67 -15.50
C ASP Z 40 22.59 2.31 -14.08
N GLN Z 41 23.06 1.08 -13.89
CA GLN Z 41 23.57 0.71 -12.58
C GLN Z 41 24.84 1.48 -12.25
N ARG Z 42 25.72 1.67 -13.23
CA ARG Z 42 26.95 2.43 -12.99
C ARG Z 42 26.64 3.91 -12.81
N VAL Z 43 25.55 4.39 -13.39
CA VAL Z 43 25.12 5.76 -13.16
C VAL Z 43 24.76 5.96 -11.70
N ASP Z 44 24.06 4.99 -11.11
CA ASP Z 44 23.68 5.10 -9.71
C ASP Z 44 24.89 5.03 -8.79
N ALA Z 45 25.86 4.19 -9.12
CA ALA Z 45 26.98 3.93 -8.22
C ALA Z 45 28.15 4.90 -8.45
N SER Z 46 28.23 5.50 -9.62
CA SER Z 46 29.37 6.37 -9.92
C SER Z 46 29.41 7.53 -8.95
N THR Z 47 30.62 7.83 -8.47
CA THR Z 47 30.89 8.95 -7.59
C THR Z 47 31.65 10.07 -8.28
N ASP Z 48 31.74 10.04 -9.61
CA ASP Z 48 32.39 11.09 -10.39
C ASP Z 48 31.37 11.71 -11.31
N PRO Z 49 30.93 12.95 -11.06
CA PRO Z 49 29.83 13.51 -11.85
C PRO Z 49 30.13 13.59 -13.34
N GLU Z 50 31.38 13.88 -13.71
CA GLU Z 50 31.71 13.97 -15.13
C GLU Z 50 31.58 12.62 -15.83
N LEU Z 51 31.99 11.53 -15.16
CA LEU Z 51 31.78 10.20 -15.71
C LEU Z 51 30.29 9.86 -15.74
N THR Z 52 29.56 10.22 -14.70
CA THR Z 52 28.13 9.94 -14.67
C THR Z 52 27.43 10.55 -15.88
N ALA Z 53 27.86 11.75 -16.30
CA ALA Z 53 27.25 12.38 -17.45
C ALA Z 53 27.48 11.56 -18.72
N ILE Z 54 28.67 11.01 -18.88
CA ILE Z 54 28.96 10.19 -20.06
C ILE Z 54 28.18 8.88 -19.99
N LEU Z 55 28.21 8.20 -18.85
CA LEU Z 55 27.47 6.95 -18.72
C LEU Z 55 25.99 7.13 -19.02
N ALA Z 56 25.39 8.20 -18.52
CA ALA Z 56 23.97 8.46 -18.78
C ALA Z 56 23.72 8.80 -20.25
N HIS Z 57 24.62 9.59 -20.85
CA HIS Z 57 24.47 9.93 -22.26
C HIS Z 57 24.44 8.68 -23.11
N ASN Z 58 25.45 7.82 -22.95
CA ASN Z 58 25.52 6.59 -23.74
C ASN Z 58 24.30 5.72 -23.47
N ARG Z 59 23.99 5.51 -22.19
CA ARG Z 59 22.83 4.71 -21.81
C ARG Z 59 21.59 5.05 -22.64
N ASP Z 60 21.22 6.34 -22.69
CA ASP Z 60 20.00 6.74 -23.37
C ASP Z 60 20.12 6.58 -24.89
N GLU Z 61 21.34 6.64 -25.43
CA GLU Z 61 21.46 6.37 -26.87
C GLU Z 61 21.39 4.88 -27.18
N GLU Z 62 21.77 4.01 -26.23
CA GLU Z 62 21.57 2.58 -26.44
C GLU Z 62 20.09 2.26 -26.65
N LYS Z 63 19.21 2.97 -25.94
CA LYS Z 63 17.78 2.79 -26.13
C LYS Z 63 17.35 3.15 -27.54
N GLU Z 64 17.93 4.21 -28.10
CA GLU Z 64 17.64 4.54 -29.49
C GLU Z 64 18.12 3.42 -30.41
N HIS Z 65 19.34 2.93 -30.20
CA HIS Z 65 19.82 1.81 -31.01
C HIS Z 65 18.86 0.63 -30.94
N ALA Z 66 18.39 0.30 -29.73
CA ALA Z 66 17.48 -0.83 -29.56
C ALA Z 66 16.15 -0.56 -30.25
N ALA Z 67 15.60 0.66 -30.12
CA ALA Z 67 14.31 0.98 -30.71
C ALA Z 67 14.36 0.82 -32.23
N MET Z 68 15.41 1.35 -32.88
CA MET Z 68 15.50 1.23 -34.33
C MET Z 68 15.56 -0.24 -34.76
N THR Z 69 16.39 -1.04 -34.07
CA THR Z 69 16.51 -2.44 -34.44
C THR Z 69 15.20 -3.16 -34.21
N LEU Z 70 14.46 -2.78 -33.16
CA LEU Z 70 13.18 -3.42 -32.90
C LEU Z 70 12.17 -3.07 -34.00
N GLU Z 71 12.21 -1.85 -34.51
CA GLU Z 71 11.35 -1.48 -35.62
C GLU Z 71 11.63 -2.35 -36.84
N TRP Z 72 12.90 -2.64 -37.12
CA TRP Z 72 13.20 -3.53 -38.23
C TRP Z 72 12.59 -4.91 -38.01
N LEU Z 73 12.72 -5.44 -36.78
CA LEU Z 73 12.08 -6.71 -36.46
C LEU Z 73 10.57 -6.62 -36.66
N ARG Z 74 9.96 -5.50 -36.24
CA ARG Z 74 8.52 -5.35 -36.41
C ARG Z 74 8.14 -5.41 -37.89
N ARG Z 75 8.96 -4.81 -38.75
CA ARG Z 75 8.63 -4.77 -40.17
C ARG Z 75 8.92 -6.08 -40.88
N ASN Z 76 9.70 -6.98 -40.29
CA ASN Z 76 10.13 -8.20 -40.98
C ASN Z 76 9.67 -9.46 -40.26
N ASP Z 77 8.68 -9.35 -39.39
CA ASP Z 77 8.15 -10.52 -38.69
C ASP Z 77 6.72 -10.20 -38.30
N ALA Z 78 5.77 -10.99 -38.83
CA ALA Z 78 4.35 -10.64 -38.67
C ALA Z 78 3.93 -10.66 -37.21
N LYS Z 79 4.43 -11.62 -36.44
CA LYS Z 79 4.04 -11.77 -35.04
C LYS Z 79 4.73 -10.76 -34.14
N TRP Z 80 5.93 -10.30 -34.50
CA TRP Z 80 6.45 -9.12 -33.82
C TRP Z 80 5.52 -7.93 -34.03
N ALA Z 81 5.02 -7.75 -35.25
CA ALA Z 81 4.10 -6.65 -35.53
C ALA Z 81 2.79 -6.83 -34.78
N GLU Z 82 2.26 -8.06 -34.75
CA GLU Z 82 0.99 -8.30 -34.07
C GLU Z 82 1.12 -8.01 -32.58
N HIS Z 83 2.10 -8.62 -31.92
CA HIS Z 83 2.19 -8.51 -30.47
C HIS Z 83 2.62 -7.12 -30.03
N LEU Z 84 3.48 -6.46 -30.81
CA LEU Z 84 3.92 -5.13 -30.43
C LEU Z 84 2.79 -4.13 -30.49
N ARG Z 85 1.93 -4.25 -31.52
CA ARG Z 85 0.83 -3.29 -31.61
C ARG Z 85 -0.19 -3.52 -30.49
N THR Z 86 -0.36 -4.75 -30.06
CA THR Z 86 -1.32 -5.01 -28.99
C THR Z 86 -0.94 -4.26 -27.70
N TYR Z 87 0.34 -4.24 -27.36
CA TYR Z 87 0.77 -3.79 -26.04
C TYR Z 87 1.50 -2.45 -26.02
N LEU Z 88 2.18 -2.06 -27.08
CA LEU Z 88 2.95 -0.81 -27.06
C LEU Z 88 2.05 0.40 -27.21
N PHE Z 89 2.35 1.44 -26.42
CA PHE Z 89 1.59 2.69 -26.43
C PHE Z 89 0.12 2.41 -26.09
N THR Z 90 -0.07 1.78 -24.94
CA THR Z 90 -1.38 1.40 -24.47
C THR Z 90 -1.65 2.00 -23.09
N GLU Z 91 -2.91 1.91 -22.68
CA GLU Z 91 -3.34 2.34 -21.36
C GLU Z 91 -3.93 1.15 -20.60
N GLY Z 92 -3.95 1.26 -19.28
CA GLY Z 92 -4.57 0.26 -18.46
C GLY Z 92 -3.74 -0.99 -18.32
N PRO Z 93 -4.22 -1.97 -17.56
CA PRO Z 93 -3.38 -3.12 -17.21
C PRO Z 93 -2.79 -3.79 -18.45
N ILE Z 94 -1.47 -4.03 -18.39
CA ILE Z 94 -0.79 -4.62 -19.53
C ILE Z 94 -1.23 -6.05 -19.76
N THR Z 95 -1.78 -6.71 -18.75
CA THR Z 95 -2.19 -8.10 -18.87
C THR Z 95 -3.61 -8.23 -19.43
N SER AA 7 36.99 -17.27 -33.32
CA SER AA 7 37.09 -16.00 -32.62
C SER AA 7 35.96 -15.06 -33.06
N THR AA 8 35.61 -15.13 -34.33
CA THR AA 8 34.58 -14.27 -34.89
C THR AA 8 33.20 -14.88 -34.67
N HIS AA 9 32.18 -14.03 -34.72
CA HIS AA 9 30.81 -14.47 -34.59
C HIS AA 9 30.16 -14.83 -35.92
N GLU AA 10 30.57 -14.19 -37.00
CA GLU AA 10 30.13 -14.57 -38.33
C GLU AA 10 31.21 -15.43 -39.00
N PRO AA 11 30.83 -16.30 -39.94
CA PRO AA 11 31.85 -17.05 -40.69
C PRO AA 11 32.77 -16.12 -41.47
N LEU AA 12 34.06 -16.47 -41.51
CA LEU AA 12 35.03 -15.58 -42.12
C LEU AA 12 34.85 -15.44 -43.62
N GLU AA 13 34.19 -16.41 -44.27
CA GLU AA 13 34.01 -16.32 -45.71
C GLU AA 13 33.15 -15.13 -46.11
N VAL AA 14 32.20 -14.74 -45.26
CA VAL AA 14 31.34 -13.62 -45.58
C VAL AA 14 31.87 -12.33 -45.00
N LEU AA 15 32.89 -12.40 -44.17
CA LEU AA 15 33.50 -11.20 -43.62
C LEU AA 15 34.62 -10.69 -44.54
N LYS AA 16 34.64 -9.37 -44.74
CA LYS AA 16 35.78 -8.78 -45.45
C LYS AA 16 37.01 -8.82 -44.55
N GLU AA 17 38.16 -9.04 -45.19
CA GLU AA 17 39.38 -9.27 -44.43
C GLU AA 17 39.70 -8.07 -43.57
N GLU AA 18 39.44 -6.86 -44.09
CA GLU AA 18 39.71 -5.68 -43.29
C GLU AA 18 38.90 -5.69 -41.99
N THR AA 19 37.67 -6.22 -42.05
CA THR AA 19 36.85 -6.35 -40.84
C THR AA 19 37.51 -7.30 -39.86
N VAL AA 20 38.08 -8.40 -40.36
CA VAL AA 20 38.71 -9.38 -39.49
C VAL AA 20 39.97 -8.81 -38.86
N ASN AA 21 40.71 -7.98 -39.60
CA ASN AA 21 41.89 -7.33 -39.04
C ASN AA 21 41.49 -6.33 -37.96
N ARG AA 22 40.44 -5.54 -38.20
CA ARG AA 22 39.92 -4.66 -37.15
C ARG AA 22 39.39 -5.46 -35.97
N HIS AA 23 38.80 -6.63 -36.23
CA HIS AA 23 38.39 -7.50 -35.14
C HIS AA 23 39.59 -7.89 -34.27
N ARG AA 24 40.71 -8.25 -34.90
CA ARG AA 24 41.89 -8.64 -34.15
C ARG AA 24 42.41 -7.48 -33.29
N ALA AA 25 42.35 -6.26 -33.82
CA ALA AA 25 42.84 -5.11 -33.07
C ALA AA 25 41.91 -4.77 -31.91
N ILE AA 26 40.59 -4.91 -32.12
CA ILE AA 26 39.62 -4.57 -31.10
C ILE AA 26 39.73 -5.52 -29.91
N VAL AA 27 39.76 -6.83 -30.16
CA VAL AA 27 39.83 -7.79 -29.07
C VAL AA 27 41.14 -7.65 -28.31
N SER AA 28 42.18 -7.19 -28.99
CA SER AA 28 43.45 -6.91 -28.31
C SER AA 28 43.28 -5.73 -27.35
N VAL AA 29 42.69 -4.63 -27.82
CA VAL AA 29 42.47 -3.47 -26.96
C VAL AA 29 41.60 -3.85 -25.78
N MET AA 30 40.56 -4.68 -26.02
CA MET AA 30 39.74 -5.13 -24.91
C MET AA 30 40.57 -5.89 -23.88
N ALA AA 31 41.46 -6.77 -24.35
CA ALA AA 31 42.29 -7.54 -23.43
C ALA AA 31 43.22 -6.65 -22.64
N GLU AA 32 43.78 -5.63 -23.30
CA GLU AA 32 44.64 -4.67 -22.60
C GLU AA 32 43.86 -3.90 -21.56
N LEU AA 33 42.68 -3.38 -21.95
CA LEU AA 33 41.85 -2.65 -20.99
C LEU AA 33 41.54 -3.53 -19.80
N GLU AA 34 41.13 -4.78 -20.05
CA GLU AA 34 40.85 -5.70 -18.96
C GLU AA 34 42.08 -5.90 -18.08
N ALA AA 35 43.27 -6.00 -18.68
CA ALA AA 35 44.49 -6.17 -17.90
C ALA AA 35 44.79 -4.91 -17.09
N VAL AA 36 44.59 -3.73 -17.67
CA VAL AA 36 44.81 -2.49 -16.93
C VAL AA 36 43.93 -2.48 -15.67
N ASP AA 37 42.65 -2.79 -15.85
CA ASP AA 37 41.69 -2.74 -14.74
C ASP AA 37 42.07 -3.74 -13.65
N TRP AA 38 42.33 -4.99 -14.04
CA TRP AA 38 42.66 -6.02 -13.06
C TRP AA 38 43.93 -5.66 -12.30
N TYR AA 39 44.98 -5.26 -13.02
CA TYR AA 39 46.23 -4.89 -12.36
C TYR AA 39 46.02 -3.74 -11.38
N ASP AA 40 45.26 -2.71 -11.78
CA ASP AA 40 45.04 -1.56 -10.91
C ASP AA 40 44.31 -1.97 -9.64
N GLN AA 41 43.36 -2.90 -9.75
CA GLN AA 41 42.65 -3.38 -8.56
C GLN AA 41 43.61 -4.16 -7.66
N ARG AA 42 44.50 -4.95 -8.25
CA ARG AA 42 45.45 -5.72 -7.46
C ARG AA 42 46.50 -4.81 -6.83
N VAL AA 43 46.77 -3.67 -7.45
CA VAL AA 43 47.67 -2.69 -6.85
C VAL AA 43 47.08 -2.13 -5.57
N ASP AA 44 45.78 -1.85 -5.57
CA ASP AA 44 45.13 -1.31 -4.38
C ASP AA 44 45.08 -2.34 -3.27
N ALA AA 45 44.83 -3.61 -3.59
CA ALA AA 45 44.63 -4.62 -2.58
C ALA AA 45 45.92 -5.32 -2.15
N SER AA 46 46.94 -5.33 -3.00
CA SER AA 46 48.17 -6.02 -2.68
C SER AA 46 48.79 -5.46 -1.41
N THR AA 47 49.25 -6.36 -0.56
CA THR AA 47 49.93 -5.99 0.68
C THR AA 47 51.42 -6.30 0.64
N ASP AA 48 51.97 -6.59 -0.53
CA ASP AA 48 53.40 -6.83 -0.69
C ASP AA 48 53.95 -5.77 -1.63
N PRO AA 49 54.76 -4.82 -1.14
CA PRO AA 49 55.19 -3.71 -2.02
C PRO AA 49 55.97 -4.14 -3.23
N GLU AA 50 56.78 -5.20 -3.14
CA GLU AA 50 57.53 -5.65 -4.31
C GLU AA 50 56.59 -6.20 -5.38
N LEU AA 51 55.52 -6.87 -4.98
CA LEU AA 51 54.52 -7.32 -5.94
C LEU AA 51 53.80 -6.14 -6.55
N THR AA 52 53.44 -5.15 -5.73
CA THR AA 52 52.74 -3.97 -6.22
C THR AA 52 53.54 -3.24 -7.30
N ALA AA 53 54.87 -3.19 -7.15
CA ALA AA 53 55.69 -2.54 -8.17
C ALA AA 53 55.56 -3.27 -9.50
N ILE AA 54 55.56 -4.60 -9.47
CA ILE AA 54 55.44 -5.37 -10.70
C ILE AA 54 54.06 -5.16 -11.31
N LEU AA 55 53.00 -5.34 -10.50
CA LEU AA 55 51.65 -5.13 -10.99
C LEU AA 55 51.47 -3.72 -11.54
N ALA AA 56 52.03 -2.73 -10.83
CA ALA AA 56 51.91 -1.35 -11.28
C ALA AA 56 52.71 -1.14 -12.55
N HIS AA 57 53.92 -1.71 -12.62
CA HIS AA 57 54.73 -1.57 -13.83
C HIS AA 57 54.03 -2.16 -15.03
N ASN AA 58 53.55 -3.40 -14.92
CA ASN AA 58 52.88 -4.03 -16.05
C ASN AA 58 51.65 -3.23 -16.46
N ARG AA 59 50.82 -2.85 -15.49
CA ARG AA 59 49.62 -2.07 -15.76
C ARG AA 59 49.86 -0.91 -16.73
N ASP AA 60 50.86 -0.08 -16.45
CA ASP AA 60 51.06 1.11 -17.27
C ASP AA 60 51.54 0.76 -18.67
N GLU AA 61 52.19 -0.40 -18.85
CA GLU AA 61 52.59 -0.81 -20.19
C GLU AA 61 51.41 -1.39 -20.99
N GLU AA 62 50.41 -1.95 -20.30
CA GLU AA 62 49.19 -2.36 -21.00
C GLU AA 62 48.52 -1.16 -21.65
N LYS AA 63 48.58 0.00 -20.98
CA LYS AA 63 48.04 1.22 -21.58
C LYS AA 63 48.79 1.57 -22.85
N GLU AA 64 50.11 1.40 -22.83
CA GLU AA 64 50.90 1.63 -24.03
C GLU AA 64 50.50 0.66 -25.14
N HIS AA 65 50.37 -0.63 -24.81
CA HIS AA 65 49.93 -1.61 -25.81
C HIS AA 65 48.58 -1.21 -26.40
N ALA AA 66 47.65 -0.76 -25.56
CA ALA AA 66 46.32 -0.36 -26.05
C ALA AA 66 46.41 0.89 -26.92
N ALA AA 67 47.18 1.88 -26.50
CA ALA AA 67 47.29 3.10 -27.28
C ALA AA 67 47.82 2.84 -28.68
N MET AA 68 48.83 1.97 -28.80
CA MET AA 68 49.38 1.63 -30.10
C MET AA 68 48.32 0.99 -31.00
N THR AA 69 47.57 0.02 -30.46
CA THR AA 69 46.56 -0.66 -31.25
C THR AA 69 45.44 0.29 -31.64
N LEU AA 70 45.09 1.23 -30.76
CA LEU AA 70 44.04 2.18 -31.12
C LEU AA 70 44.49 3.09 -32.26
N GLU AA 71 45.76 3.49 -32.27
CA GLU AA 71 46.26 4.32 -33.36
C GLU AA 71 46.10 3.62 -34.69
N TRP AA 72 46.35 2.30 -34.73
CA TRP AA 72 46.10 1.54 -35.95
C TRP AA 72 44.61 1.57 -36.32
N LEU AA 73 43.72 1.39 -35.35
CA LEU AA 73 42.30 1.51 -35.64
C LEU AA 73 41.96 2.89 -36.18
N ARG AA 74 42.52 3.94 -35.56
CA ARG AA 74 42.25 5.29 -36.01
C ARG AA 74 42.67 5.49 -37.46
N ARG AA 75 43.82 4.92 -37.83
CA ARG AA 75 44.35 5.05 -39.19
C ARG AA 75 43.63 4.15 -40.18
N ASN AA 76 42.85 3.17 -39.72
CA ASN AA 76 42.21 2.21 -40.60
C ASN AA 76 40.68 2.23 -40.50
N ASP AA 77 40.12 3.29 -39.93
CA ASP AA 77 38.66 3.38 -39.80
C ASP AA 77 38.28 4.85 -39.72
N ALA AA 78 37.44 5.29 -40.66
CA ALA AA 78 37.13 6.71 -40.77
C ALA AA 78 36.41 7.22 -39.53
N LYS AA 79 35.50 6.42 -38.96
CA LYS AA 79 34.72 6.87 -37.82
C LYS AA 79 35.48 6.75 -36.51
N TRP AA 80 36.41 5.81 -36.38
CA TRP AA 80 37.34 5.88 -35.26
C TRP AA 80 38.13 7.17 -35.30
N ALA AA 81 38.58 7.58 -36.51
CA ALA AA 81 39.35 8.81 -36.66
C ALA AA 81 38.49 10.05 -36.38
N GLU AA 82 37.26 10.06 -36.86
CA GLU AA 82 36.39 11.21 -36.64
C GLU AA 82 36.10 11.41 -35.16
N HIS AA 83 35.63 10.36 -34.48
CA HIS AA 83 35.18 10.51 -33.10
C HIS AA 83 36.33 10.71 -32.13
N LEU AA 84 37.48 10.04 -32.36
CA LEU AA 84 38.62 10.22 -31.48
C LEU AA 84 39.18 11.62 -31.58
N ARG AA 85 39.19 12.20 -32.79
CA ARG AA 85 39.64 13.60 -32.92
C ARG AA 85 38.71 14.55 -32.18
N THR AA 86 37.42 14.26 -32.14
CA THR AA 86 36.50 15.17 -31.46
C THR AA 86 36.76 15.24 -29.96
N TYR AA 87 37.04 14.11 -29.33
CA TYR AA 87 37.02 14.05 -27.88
C TYR AA 87 38.40 13.89 -27.24
N LEU AA 88 39.37 13.32 -27.93
CA LEU AA 88 40.67 13.13 -27.30
C LEU AA 88 41.41 14.45 -27.22
N PHE AA 89 42.08 14.67 -26.09
CA PHE AA 89 42.89 15.87 -25.85
C PHE AA 89 42.04 17.13 -25.94
N THR AA 90 41.00 17.19 -25.12
CA THR AA 90 40.08 18.31 -25.13
C THR AA 90 39.98 18.92 -23.73
N GLU AA 91 39.30 20.06 -23.65
CA GLU AA 91 38.99 20.74 -22.40
C GLU AA 91 37.47 20.90 -22.30
N GLY AA 92 37.02 21.22 -21.09
CA GLY AA 92 35.62 21.49 -20.86
C GLY AA 92 34.79 20.22 -20.84
N PRO AA 93 33.47 20.37 -20.78
CA PRO AA 93 32.60 19.19 -20.66
C PRO AA 93 32.73 18.26 -21.86
N ILE AA 94 32.80 16.96 -21.58
CA ILE AA 94 33.01 15.98 -22.65
C ILE AA 94 31.75 15.79 -23.48
N THR AA 95 30.59 16.09 -22.92
CA THR AA 95 29.33 15.94 -23.66
C THR AA 95 28.91 17.28 -24.27
N SER BA 7 31.16 -6.82 -9.73
CA SER BA 7 31.81 -6.50 -11.00
C SER BA 7 33.32 -6.32 -10.83
N THR BA 8 33.76 -6.13 -9.59
CA THR BA 8 35.17 -5.93 -9.29
C THR BA 8 35.80 -7.24 -8.84
N HIS BA 9 37.04 -7.48 -9.29
CA HIS BA 9 37.77 -8.68 -8.93
C HIS BA 9 38.33 -8.63 -7.51
N GLU BA 10 38.43 -7.43 -6.91
CA GLU BA 10 38.87 -7.28 -5.54
C GLU BA 10 37.74 -6.71 -4.70
N PRO BA 11 37.73 -6.98 -3.39
CA PRO BA 11 36.70 -6.36 -2.53
C PRO BA 11 36.79 -4.84 -2.55
N LEU BA 12 35.62 -4.20 -2.53
CA LEU BA 12 35.56 -2.75 -2.58
C LEU BA 12 36.18 -2.10 -1.36
N GLU BA 13 36.36 -2.84 -0.27
CA GLU BA 13 36.88 -2.23 0.95
C GLU BA 13 38.29 -1.71 0.77
N VAL BA 14 39.10 -2.41 -0.03
CA VAL BA 14 40.49 -2.00 -0.22
C VAL BA 14 40.69 -1.21 -1.49
N LEU BA 15 39.68 -1.11 -2.34
CA LEU BA 15 39.83 -0.35 -3.57
C LEU BA 15 39.52 1.11 -3.32
N LYS BA 16 40.36 1.99 -3.85
CA LYS BA 16 40.08 3.40 -3.79
C LYS BA 16 38.93 3.70 -4.75
N GLU BA 17 38.08 4.64 -4.36
CA GLU BA 17 36.94 5.00 -5.19
C GLU BA 17 37.38 5.42 -6.59
N GLU BA 18 38.48 6.17 -6.68
CA GLU BA 18 38.98 6.58 -7.98
C GLU BA 18 39.32 5.36 -8.84
N THR BA 19 39.86 4.31 -8.20
CA THR BA 19 40.13 3.07 -8.92
C THR BA 19 38.83 2.44 -9.39
N VAL BA 20 37.79 2.51 -8.56
CA VAL BA 20 36.52 1.90 -8.91
C VAL BA 20 35.84 2.68 -10.03
N ASN BA 21 35.99 4.01 -10.03
CA ASN BA 21 35.44 4.82 -11.12
C ASN BA 21 36.14 4.52 -12.44
N ARG BA 22 37.47 4.37 -12.40
CA ARG BA 22 38.20 3.98 -13.60
C ARG BA 22 37.80 2.59 -14.05
N HIS BA 23 37.52 1.70 -13.09
CA HIS BA 23 36.98 0.39 -13.44
C HIS BA 23 35.68 0.52 -14.21
N ARG BA 24 34.77 1.38 -13.74
CA ARG BA 24 33.49 1.56 -14.41
C ARG BA 24 33.68 2.09 -15.83
N ALA BA 25 34.66 2.99 -16.02
CA ALA BA 25 34.91 3.53 -17.33
C ALA BA 25 35.52 2.47 -18.24
N ILE BA 26 36.44 1.66 -17.71
CA ILE BA 26 37.14 0.70 -18.55
C ILE BA 26 36.18 -0.36 -19.09
N VAL BA 27 35.37 -0.94 -18.21
CA VAL BA 27 34.45 -1.98 -18.67
C VAL BA 27 33.45 -1.41 -19.66
N SER BA 28 33.15 -0.11 -19.56
CA SER BA 28 32.29 0.52 -20.55
C SER BA 28 32.97 0.56 -21.92
N VAL BA 29 34.22 1.03 -21.96
CA VAL BA 29 34.94 1.05 -23.23
C VAL BA 29 35.03 -0.37 -23.79
N MET BA 30 35.25 -1.35 -22.91
CA MET BA 30 35.31 -2.74 -23.35
C MET BA 30 34.00 -3.13 -24.01
N ALA BA 31 32.88 -2.79 -23.38
CA ALA BA 31 31.58 -3.13 -23.96
C ALA BA 31 31.35 -2.40 -25.28
N GLU BA 32 31.77 -1.13 -25.36
CA GLU BA 32 31.63 -0.38 -26.61
C GLU BA 32 32.48 -1.00 -27.70
N LEU BA 33 33.75 -1.30 -27.40
CA LEU BA 33 34.60 -1.95 -28.38
C LEU BA 33 33.98 -3.26 -28.84
N GLU BA 34 33.50 -4.06 -27.89
CA GLU BA 34 32.87 -5.33 -28.26
C GLU BA 34 31.67 -5.10 -29.18
N ALA BA 35 30.87 -4.07 -28.91
CA ALA BA 35 29.73 -3.78 -29.76
C ALA BA 35 30.17 -3.34 -31.16
N VAL BA 36 31.24 -2.53 -31.24
CA VAL BA 36 31.77 -2.14 -32.53
C VAL BA 36 32.15 -3.37 -33.34
N ASP BA 37 32.87 -4.30 -32.71
CA ASP BA 37 33.29 -5.51 -33.40
C ASP BA 37 32.09 -6.33 -33.85
N TRP BA 38 31.16 -6.60 -32.94
CA TRP BA 38 30.00 -7.42 -33.29
C TRP BA 38 29.18 -6.78 -34.41
N TYR BA 39 28.86 -5.49 -34.26
CA TYR BA 39 28.09 -4.81 -35.30
C TYR BA 39 28.80 -4.86 -36.65
N ASP BA 40 30.11 -4.61 -36.67
CA ASP BA 40 30.84 -4.59 -37.93
C ASP BA 40 30.80 -5.96 -38.61
N GLN BA 41 30.89 -7.04 -37.84
CA GLN BA 41 30.82 -8.36 -38.42
C GLN BA 41 29.44 -8.63 -39.02
N ARG BA 42 28.39 -8.19 -38.33
CA ARG BA 42 27.04 -8.39 -38.86
C ARG BA 42 26.77 -7.51 -40.07
N VAL BA 43 27.44 -6.36 -40.15
CA VAL BA 43 27.30 -5.52 -41.34
C VAL BA 43 27.78 -6.27 -42.57
N ASP BA 44 28.90 -6.98 -42.45
CA ASP BA 44 29.45 -7.71 -43.59
C ASP BA 44 28.57 -8.90 -43.96
N ALA BA 45 28.02 -9.60 -42.95
CA ALA BA 45 27.29 -10.84 -43.17
C ALA BA 45 25.82 -10.60 -43.40
N SER BA 46 25.29 -9.46 -42.98
CA SER BA 46 23.87 -9.18 -43.16
C SER BA 46 23.50 -9.20 -44.63
N THR BA 47 22.36 -9.83 -44.93
CA THR BA 47 21.82 -9.86 -46.28
C THR BA 47 20.57 -8.98 -46.42
N ASP BA 48 20.30 -8.13 -45.45
CA ASP BA 48 19.20 -7.17 -45.52
C ASP BA 48 19.78 -5.77 -45.44
N PRO BA 49 19.83 -5.03 -46.55
CA PRO BA 49 20.49 -3.71 -46.50
C PRO BA 49 19.85 -2.75 -45.52
N GLU BA 50 18.51 -2.83 -45.33
CA GLU BA 50 17.85 -1.93 -44.40
C GLU BA 50 18.34 -2.19 -42.98
N LEU BA 51 18.55 -3.47 -42.62
CA LEU BA 51 19.15 -3.77 -41.33
C LEU BA 51 20.62 -3.34 -41.30
N THR BA 52 21.35 -3.63 -42.37
CA THR BA 52 22.76 -3.26 -42.43
C THR BA 52 22.95 -1.77 -42.18
N ALA BA 53 22.02 -0.95 -42.66
CA ALA BA 53 22.11 0.48 -42.40
C ALA BA 53 21.97 0.76 -40.91
N ILE BA 54 21.07 0.05 -40.24
CA ILE BA 54 20.88 0.26 -38.81
C ILE BA 54 22.11 -0.21 -38.04
N LEU BA 55 22.58 -1.43 -38.33
CA LEU BA 55 23.75 -1.96 -37.64
C LEU BA 55 24.95 -1.05 -37.81
N ALA BA 56 25.15 -0.52 -39.03
CA ALA BA 56 26.27 0.37 -39.28
C ALA BA 56 26.09 1.69 -38.55
N HIS BA 57 24.87 2.20 -38.51
CA HIS BA 57 24.61 3.43 -37.77
C HIS BA 57 24.99 3.27 -36.30
N ASN BA 58 24.46 2.24 -35.66
CA ASN BA 58 24.76 2.02 -34.24
C ASN BA 58 26.26 1.82 -34.02
N ARG BA 59 26.87 0.96 -34.85
CA ARG BA 59 28.30 0.71 -34.77
C ARG BA 59 29.08 2.01 -34.63
N ASP BA 60 28.84 2.97 -35.52
CA ASP BA 60 29.64 4.18 -35.51
C ASP BA 60 29.34 5.03 -34.27
N GLU BA 61 28.15 4.88 -33.67
CA GLU BA 61 27.90 5.62 -32.45
C GLU BA 61 28.56 4.95 -31.24
N GLU BA 62 28.73 3.63 -31.29
CA GLU BA 62 29.49 2.97 -30.22
C GLU BA 62 30.90 3.51 -30.17
N LYS BA 63 31.48 3.82 -31.34
CA LYS BA 63 32.82 4.41 -31.38
C LYS BA 63 32.83 5.78 -30.70
N GLU BA 64 31.78 6.57 -30.90
CA GLU BA 64 31.65 7.84 -30.21
C GLU BA 64 31.56 7.63 -28.71
N HIS BA 65 30.73 6.67 -28.27
CA HIS BA 65 30.65 6.37 -26.84
C HIS BA 65 32.01 5.99 -26.28
N ALA BA 66 32.76 5.16 -27.00
CA ALA BA 66 34.08 4.75 -26.54
C ALA BA 66 35.02 5.95 -26.47
N ALA BA 67 34.99 6.81 -27.49
CA ALA BA 67 35.86 7.99 -27.51
C ALA BA 67 35.58 8.90 -26.33
N MET BA 68 34.30 9.16 -26.04
CA MET BA 68 33.95 10.01 -24.91
C MET BA 68 34.46 9.43 -23.61
N THR BA 69 34.19 8.15 -23.37
CA THR BA 69 34.63 7.50 -22.13
C THR BA 69 36.15 7.43 -22.07
N LEU BA 70 36.80 7.21 -23.21
CA LEU BA 70 38.25 7.13 -23.23
C LEU BA 70 38.88 8.48 -22.89
N GLU BA 71 38.28 9.57 -23.36
CA GLU BA 71 38.75 10.90 -23.00
C GLU BA 71 38.71 11.10 -21.49
N TRP BA 72 37.66 10.61 -20.83
CA TRP BA 72 37.58 10.72 -19.38
C TRP BA 72 38.73 9.99 -18.72
N LEU BA 73 39.02 8.77 -19.17
CA LEU BA 73 40.15 8.02 -18.64
C LEU BA 73 41.44 8.81 -18.81
N ARG BA 74 41.64 9.42 -19.98
CA ARG BA 74 42.84 10.22 -20.20
C ARG BA 74 42.95 11.35 -19.17
N ARG BA 75 41.83 11.98 -18.83
CA ARG BA 75 41.85 13.10 -17.90
C ARG BA 75 42.01 12.67 -16.45
N ASN BA 76 41.79 11.39 -16.15
CA ASN BA 76 41.79 10.90 -14.77
C ASN BA 76 42.86 9.86 -14.53
N ASP BA 77 43.85 9.75 -15.42
CA ASP BA 77 44.92 8.78 -15.27
C ASP BA 77 46.14 9.30 -15.99
N ALA BA 78 47.22 9.53 -15.24
CA ALA BA 78 48.38 10.23 -15.79
C ALA BA 78 49.03 9.41 -16.91
N LYS BA 79 49.11 8.09 -16.74
CA LYS BA 79 49.79 7.28 -17.75
C LYS BA 79 48.90 7.01 -18.95
N TRP BA 80 47.57 6.98 -18.78
CA TRP BA 80 46.71 7.03 -19.96
C TRP BA 80 47.00 8.28 -20.79
N ALA BA 81 47.17 9.41 -20.11
CA ALA BA 81 47.48 10.65 -20.83
C ALA BA 81 48.83 10.56 -21.50
N GLU BA 82 49.82 9.98 -20.83
CA GLU BA 82 51.15 9.87 -21.42
C GLU BA 82 51.11 9.01 -22.68
N HIS BA 83 50.57 7.81 -22.56
CA HIS BA 83 50.64 6.84 -23.65
C HIS BA 83 49.71 7.19 -24.80
N LEU BA 84 48.53 7.75 -24.51
CA LEU BA 84 47.67 8.17 -25.61
C LEU BA 84 48.31 9.34 -26.36
N ARG BA 85 48.99 10.24 -25.64
CA ARG BA 85 49.72 11.33 -26.27
C ARG BA 85 50.88 10.84 -27.12
N THR BA 86 51.52 9.75 -26.73
CA THR BA 86 52.68 9.26 -27.46
C THR BA 86 52.31 8.78 -28.85
N TYR BA 87 51.17 8.11 -28.98
CA TYR BA 87 50.86 7.35 -30.19
C TYR BA 87 49.69 7.90 -31.01
N LEU BA 88 48.74 8.60 -30.42
CA LEU BA 88 47.60 9.06 -31.19
C LEU BA 88 47.97 10.28 -32.03
N PHE BA 89 47.53 10.26 -33.29
CA PHE BA 89 47.77 11.35 -34.25
C PHE BA 89 49.27 11.59 -34.46
N THR BA 90 49.95 10.54 -34.91
CA THR BA 90 51.40 10.62 -35.13
C THR BA 90 51.74 10.33 -36.59
N SER CA 7 38.14 -12.35 -7.45
CA SER CA 7 38.49 -13.52 -8.24
C SER CA 7 38.85 -14.71 -7.34
N THR CA 8 38.69 -14.53 -6.03
CA THR CA 8 38.94 -15.63 -5.11
C THR CA 8 37.73 -16.55 -5.04
N HIS CA 9 37.93 -17.71 -4.46
CA HIS CA 9 36.93 -18.78 -4.47
C HIS CA 9 36.57 -19.28 -3.09
N GLU CA 10 37.55 -19.49 -2.22
CA GLU CA 10 37.24 -19.63 -0.81
C GLU CA 10 37.06 -18.24 -0.20
N PRO CA 11 36.28 -18.13 0.88
CA PRO CA 11 36.11 -16.83 1.51
C PRO CA 11 37.45 -16.27 1.99
N LEU CA 12 37.64 -14.96 1.78
CA LEU CA 12 38.89 -14.31 2.15
C LEU CA 12 39.11 -14.34 3.66
N GLU CA 13 38.03 -14.61 4.40
CA GLU CA 13 38.10 -14.63 5.86
C GLU CA 13 39.06 -15.70 6.33
N VAL CA 14 39.10 -16.84 5.62
CA VAL CA 14 39.97 -17.95 6.01
C VAL CA 14 41.27 -18.02 5.21
N LEU CA 15 41.42 -17.20 4.17
CA LEU CA 15 42.63 -17.25 3.35
C LEU CA 15 43.72 -16.40 3.97
N LYS CA 16 44.93 -16.93 3.96
CA LYS CA 16 46.10 -16.22 4.47
C LYS CA 16 46.49 -15.08 3.54
N GLU CA 17 47.03 -14.02 4.13
CA GLU CA 17 47.42 -12.86 3.34
C GLU CA 17 48.41 -13.26 2.25
N GLU CA 18 49.38 -14.11 2.59
CA GLU CA 18 50.35 -14.56 1.59
C GLU CA 18 49.67 -15.32 0.46
N THR CA 19 48.65 -16.13 0.77
CA THR CA 19 47.96 -16.87 -0.28
C THR CA 19 47.27 -15.95 -1.28
N VAL CA 20 46.67 -14.86 -0.80
CA VAL CA 20 45.98 -13.96 -1.71
C VAL CA 20 46.97 -13.20 -2.58
N ASN CA 21 48.14 -12.85 -2.04
CA ASN CA 21 49.15 -12.19 -2.86
C ASN CA 21 49.69 -13.12 -3.93
N ARG CA 22 49.93 -14.39 -3.59
CA ARG CA 22 50.32 -15.36 -4.61
C ARG CA 22 49.22 -15.56 -5.64
N HIS CA 23 47.96 -15.53 -5.18
CA HIS CA 23 46.84 -15.58 -6.11
C HIS CA 23 46.90 -14.43 -7.10
N ARG CA 24 47.14 -13.21 -6.61
CA ARG CA 24 47.21 -12.06 -7.50
C ARG CA 24 48.35 -12.21 -8.50
N ALA CA 25 49.47 -12.78 -8.06
CA ALA CA 25 50.58 -12.99 -8.97
C ALA CA 25 50.27 -14.10 -9.96
N ILE CA 26 49.62 -15.17 -9.51
CA ILE CA 26 49.37 -16.31 -10.39
C ILE CA 26 48.39 -15.92 -11.49
N VAL CA 27 47.26 -15.30 -11.14
CA VAL CA 27 46.28 -14.95 -12.16
C VAL CA 27 46.85 -13.92 -13.13
N SER CA 28 47.81 -13.11 -12.67
CA SER CA 28 48.48 -12.18 -13.58
C SER CA 28 49.29 -12.93 -14.62
N VAL CA 29 50.10 -13.90 -14.18
CA VAL CA 29 50.89 -14.71 -15.12
C VAL CA 29 49.96 -15.43 -16.08
N MET CA 30 48.84 -15.93 -15.57
CA MET CA 30 47.87 -16.61 -16.43
C MET CA 30 47.40 -15.66 -17.53
N ALA CA 31 47.06 -14.42 -17.14
CA ALA CA 31 46.59 -13.44 -18.12
C ALA CA 31 47.70 -13.06 -19.11
N GLU CA 32 48.94 -12.96 -18.66
CA GLU CA 32 50.04 -12.68 -19.58
C GLU CA 32 50.22 -13.82 -20.58
N LEU CA 33 50.25 -15.06 -20.08
CA LEU CA 33 50.38 -16.21 -20.96
C LEU CA 33 49.25 -16.21 -21.99
N GLU CA 34 48.02 -15.97 -21.54
CA GLU CA 34 46.90 -15.93 -22.46
C GLU CA 34 47.12 -14.88 -23.55
N ALA CA 35 47.69 -13.73 -23.17
CA ALA CA 35 47.95 -12.67 -24.14
C ALA CA 35 49.02 -13.07 -25.14
N VAL CA 36 50.08 -13.74 -24.69
CA VAL CA 36 51.10 -14.22 -25.63
C VAL CA 36 50.48 -15.16 -26.65
N ASP CA 37 49.66 -16.11 -26.18
CA ASP CA 37 49.06 -17.09 -27.08
C ASP CA 37 48.17 -16.40 -28.11
N TRP CA 38 47.27 -15.53 -27.63
CA TRP CA 38 46.36 -14.84 -28.54
C TRP CA 38 47.12 -13.98 -29.53
N TYR CA 39 48.05 -13.16 -29.05
CA TYR CA 39 48.83 -12.30 -29.93
C TYR CA 39 49.59 -13.10 -30.96
N ASP CA 40 50.21 -14.20 -30.54
CA ASP CA 40 50.98 -15.01 -31.47
C ASP CA 40 50.08 -15.58 -32.56
N GLN CA 41 48.87 -16.01 -32.18
CA GLN CA 41 47.94 -16.51 -33.19
C GLN CA 41 47.51 -15.40 -34.13
N ARG CA 42 47.27 -14.20 -33.61
CA ARG CA 42 46.87 -13.10 -34.49
C ARG CA 42 48.00 -12.63 -35.38
N VAL CA 43 49.25 -12.79 -34.93
CA VAL CA 43 50.39 -12.46 -35.77
C VAL CA 43 50.42 -13.38 -36.99
N ASP CA 44 50.15 -14.67 -36.80
CA ASP CA 44 50.17 -15.61 -37.92
C ASP CA 44 49.01 -15.36 -38.88
N ALA CA 45 47.83 -15.02 -38.34
CA ALA CA 45 46.63 -14.90 -39.15
C ALA CA 45 46.41 -13.50 -39.70
N SER CA 46 46.99 -12.48 -39.08
CA SER CA 46 46.80 -11.12 -39.54
C SER CA 46 47.29 -10.95 -40.97
N THR CA 47 46.48 -10.29 -41.78
CA THR CA 47 46.85 -10.00 -43.16
C THR CA 47 47.14 -8.53 -43.36
N ASP CA 48 47.32 -7.78 -42.29
CA ASP CA 48 47.76 -6.38 -42.38
C ASP CA 48 49.11 -6.32 -41.67
N PRO CA 49 50.23 -6.19 -42.39
CA PRO CA 49 51.55 -6.25 -41.73
C PRO CA 49 51.77 -5.16 -40.69
N GLU CA 50 51.21 -3.98 -40.89
CA GLU CA 50 51.41 -2.91 -39.92
C GLU CA 50 50.77 -3.27 -38.59
N LEU CA 51 49.62 -3.94 -38.62
CA LEU CA 51 49.03 -4.44 -37.38
C LEU CA 51 49.84 -5.59 -36.81
N THR CA 52 50.30 -6.51 -37.67
CA THR CA 52 51.10 -7.63 -37.21
C THR CA 52 52.31 -7.15 -36.42
N ALA CA 53 52.93 -6.05 -36.85
CA ALA CA 53 54.08 -5.52 -36.12
C ALA CA 53 53.68 -5.07 -34.72
N ILE CA 54 52.52 -4.43 -34.59
CA ILE CA 54 52.06 -3.98 -33.28
C ILE CA 54 51.74 -5.18 -32.39
N LEU CA 55 50.99 -6.15 -32.92
CA LEU CA 55 50.67 -7.32 -32.12
C LEU CA 55 51.92 -8.04 -31.66
N ALA CA 56 52.90 -8.17 -32.55
CA ALA CA 56 54.12 -8.88 -32.19
C ALA CA 56 54.89 -8.12 -31.12
N HIS CA 57 54.93 -6.80 -31.22
CA HIS CA 57 55.61 -6.02 -30.20
C HIS CA 57 55.01 -6.26 -28.83
N ASN CA 58 53.68 -6.10 -28.73
CA ASN CA 58 53.02 -6.28 -27.44
C ASN CA 58 53.28 -7.69 -26.91
N ARG CA 59 53.09 -8.70 -27.76
CA ARG CA 59 53.31 -10.09 -27.37
C ARG CA 59 54.61 -10.27 -26.60
N ASP CA 60 55.72 -9.79 -27.17
CA ASP CA 60 57.01 -10.03 -26.54
C ASP CA 60 57.15 -9.30 -25.21
N GLU CA 61 56.41 -8.22 -24.99
CA GLU CA 61 56.44 -7.58 -23.67
C GLU CA 61 55.58 -8.33 -22.67
N GLU CA 62 54.53 -9.03 -23.11
CA GLU CA 62 53.77 -9.87 -22.19
C GLU CA 62 54.69 -10.91 -21.57
N LYS CA 63 55.62 -11.46 -22.35
CA LYS CA 63 56.58 -12.43 -21.84
C LYS CA 63 57.44 -11.80 -20.76
N GLU CA 64 57.84 -10.54 -20.95
CA GLU CA 64 58.59 -9.82 -19.92
C GLU CA 64 57.74 -9.66 -18.66
N HIS CA 65 56.47 -9.24 -18.81
CA HIS CA 65 55.60 -9.13 -17.66
C HIS CA 65 55.46 -10.47 -16.94
N ALA CA 66 55.32 -11.55 -17.69
CA ALA CA 66 55.20 -12.87 -17.07
C ALA CA 66 56.46 -13.24 -16.32
N ALA CA 67 57.63 -12.99 -16.93
CA ALA CA 67 58.89 -13.32 -16.27
C ALA CA 67 59.05 -12.54 -14.97
N MET CA 68 58.72 -11.25 -14.97
CA MET CA 68 58.85 -10.45 -13.76
C MET CA 68 57.98 -11.00 -12.66
N THR CA 69 56.71 -11.30 -12.96
CA THR CA 69 55.79 -11.82 -11.95
C THR CA 69 56.18 -13.22 -11.50
N LEU CA 70 56.68 -14.04 -12.42
CA LEU CA 70 57.14 -15.37 -12.02
C LEU CA 70 58.34 -15.30 -11.08
N GLU CA 71 59.26 -14.37 -11.31
CA GLU CA 71 60.39 -14.21 -10.40
C GLU CA 71 59.91 -13.87 -9.00
N TRP CA 72 58.88 -13.04 -8.89
CA TRP CA 72 58.32 -12.74 -7.57
C TRP CA 72 57.78 -13.99 -6.90
N LEU CA 73 57.04 -14.81 -7.64
CA LEU CA 73 56.57 -16.07 -7.09
C LEU CA 73 57.73 -16.92 -6.60
N ARG CA 74 58.81 -16.97 -7.40
CA ARG CA 74 59.97 -17.77 -7.00
C ARG CA 74 60.52 -17.32 -5.67
N ARG CA 75 60.57 -16.01 -5.44
CA ARG CA 75 61.15 -15.50 -4.20
C ARG CA 75 60.22 -15.67 -3.00
N ASN CA 76 58.93 -15.90 -3.23
CA ASN CA 76 57.95 -15.95 -2.15
C ASN CA 76 57.24 -17.29 -2.05
N ASP CA 77 57.80 -18.34 -2.66
CA ASP CA 77 57.22 -19.67 -2.56
C ASP CA 77 58.35 -20.68 -2.74
N ALA CA 78 58.59 -21.48 -1.69
CA ALA CA 78 59.75 -22.36 -1.69
C ALA CA 78 59.67 -23.39 -2.81
N LYS CA 79 58.47 -23.89 -3.09
CA LYS CA 79 58.36 -24.97 -4.06
C LYS CA 79 58.46 -24.46 -5.49
N TRP CA 80 57.99 -23.23 -5.74
CA TRP CA 80 58.29 -22.56 -7.00
C TRP CA 80 59.79 -22.42 -7.19
N ALA CA 81 60.50 -22.05 -6.13
CA ALA CA 81 61.95 -21.92 -6.23
C ALA CA 81 62.61 -23.26 -6.48
N GLU CA 82 62.17 -24.30 -5.77
CA GLU CA 82 62.77 -25.62 -5.95
C GLU CA 82 62.56 -26.12 -7.37
N HIS CA 83 61.32 -26.13 -7.85
CA HIS CA 83 61.02 -26.75 -9.15
C HIS CA 83 61.51 -25.89 -10.31
N LEU CA 84 61.40 -24.58 -10.19
CA LEU CA 84 62.01 -23.71 -11.21
C LEU CA 84 63.54 -23.84 -11.19
N ARG CA 85 64.13 -24.03 -10.02
CA ARG CA 85 65.55 -24.27 -9.92
C ARG CA 85 65.94 -25.56 -10.63
N THR CA 86 65.05 -26.56 -10.58
CA THR CA 86 65.37 -27.87 -11.15
C THR CA 86 65.42 -27.84 -12.67
N TYR CA 87 64.49 -27.12 -13.30
CA TYR CA 87 64.26 -27.29 -14.73
C TYR CA 87 64.66 -26.10 -15.59
N LEU CA 88 64.69 -24.89 -15.05
CA LEU CA 88 64.99 -23.74 -15.87
C LEU CA 88 66.47 -23.67 -16.21
N PHE CA 89 66.76 -23.31 -17.46
CA PHE CA 89 68.11 -23.13 -17.97
C PHE CA 89 68.93 -24.41 -17.80
N THR CA 90 68.39 -25.49 -18.36
CA THR CA 90 69.01 -26.80 -18.27
C THR CA 90 69.24 -27.34 -19.67
N GLU CA 91 70.00 -28.43 -19.74
CA GLU CA 91 70.20 -29.18 -20.96
C GLU CA 91 69.72 -30.60 -20.74
N GLY CA 92 69.65 -31.37 -21.83
CA GLY CA 92 69.23 -32.74 -21.75
C GLY CA 92 67.73 -32.89 -21.69
N PRO CA 93 67.23 -34.12 -21.66
CA PRO CA 93 65.78 -34.32 -21.64
C PRO CA 93 65.14 -33.61 -20.45
N ILE CA 94 64.01 -32.96 -20.71
CA ILE CA 94 63.37 -32.15 -19.67
C ILE CA 94 62.71 -33.06 -18.63
N THR CA 95 62.35 -34.28 -19.01
CA THR CA 95 61.76 -35.21 -18.06
C THR CA 95 62.86 -35.94 -17.29
N ALA CA 96 63.85 -35.19 -16.81
CA ALA CA 96 64.98 -35.76 -16.07
C ALA CA 96 65.86 -34.66 -15.48
N SER DA 7 40.11 -25.07 -30.26
CA SER DA 7 41.08 -24.75 -29.22
C SER DA 7 41.73 -23.40 -29.50
N THR DA 8 41.91 -23.10 -30.79
CA THR DA 8 42.57 -21.88 -31.22
C THR DA 8 41.54 -20.80 -31.55
N HIS DA 9 41.95 -19.54 -31.34
CA HIS DA 9 41.10 -18.40 -31.68
C HIS DA 9 41.09 -18.17 -33.18
N GLU DA 10 42.22 -18.35 -33.84
CA GLU DA 10 42.30 -18.23 -35.29
C GLU DA 10 42.15 -19.61 -35.94
N PRO DA 11 41.69 -19.67 -37.18
CA PRO DA 11 41.60 -20.96 -37.86
C PRO DA 11 42.96 -21.65 -37.97
N LEU DA 12 42.95 -22.97 -37.78
CA LEU DA 12 44.20 -23.73 -37.76
C LEU DA 12 44.92 -23.73 -39.10
N GLU DA 13 44.23 -23.43 -40.19
CA GLU DA 13 44.87 -23.45 -41.50
C GLU DA 13 45.96 -22.40 -41.62
N VAL DA 14 45.80 -21.26 -40.94
CA VAL DA 14 46.76 -20.16 -41.07
C VAL DA 14 47.81 -20.12 -39.97
N LEU DA 15 47.71 -20.99 -38.97
CA LEU DA 15 48.64 -21.01 -37.85
C LEU DA 15 49.85 -21.89 -38.15
N LYS DA 16 51.02 -21.42 -37.72
CA LYS DA 16 52.23 -22.20 -37.87
C LYS DA 16 52.19 -23.36 -36.89
N GLU DA 17 52.73 -24.51 -37.29
CA GLU DA 17 52.79 -25.64 -36.34
C GLU DA 17 53.57 -25.25 -35.07
N GLU DA 18 54.65 -24.46 -35.21
CA GLU DA 18 55.39 -24.01 -34.03
C GLU DA 18 54.51 -23.18 -33.12
N THR DA 19 53.60 -22.36 -33.72
CA THR DA 19 52.67 -21.55 -32.94
C THR DA 19 51.63 -22.41 -32.25
N VAL DA 20 51.17 -23.46 -32.92
CA VAL DA 20 50.19 -24.33 -32.31
C VAL DA 20 50.83 -25.16 -31.21
N ASN DA 21 52.10 -25.55 -31.40
CA ASN DA 21 52.80 -26.27 -30.35
C ASN DA 21 53.04 -25.37 -29.14
N ARG DA 22 53.44 -24.12 -29.38
CA ARG DA 22 53.55 -23.17 -28.27
C ARG DA 22 52.19 -22.89 -27.64
N HIS DA 23 51.12 -22.91 -28.44
CA HIS DA 23 49.77 -22.79 -27.88
C HIS DA 23 49.48 -23.93 -26.89
N ARG DA 24 49.81 -25.16 -27.27
CA ARG DA 24 49.56 -26.31 -26.38
C ARG DA 24 50.36 -26.20 -25.08
N ALA DA 25 51.59 -25.70 -25.16
CA ALA DA 25 52.39 -25.55 -23.95
C ALA DA 25 51.86 -24.42 -23.08
N ILE DA 26 51.46 -23.31 -23.70
CA ILE DA 26 51.05 -22.15 -22.92
C ILE DA 26 49.78 -22.45 -22.14
N VAL DA 27 48.75 -23.01 -22.80
CA VAL DA 27 47.50 -23.27 -22.09
C VAL DA 27 47.71 -24.31 -21.00
N SER DA 28 48.70 -25.19 -21.18
CA SER DA 28 49.02 -26.15 -20.13
C SER DA 28 49.56 -25.44 -18.90
N VAL DA 29 50.52 -24.53 -19.11
CA VAL DA 29 51.04 -23.77 -17.98
C VAL DA 29 49.92 -22.97 -17.33
N MET DA 30 49.01 -22.39 -18.13
CA MET DA 30 47.87 -21.67 -17.58
C MET DA 30 47.03 -22.57 -16.69
N ALA DA 31 46.78 -23.80 -17.15
CA ALA DA 31 46.01 -24.76 -16.36
C ALA DA 31 46.75 -25.16 -15.10
N GLU DA 32 48.06 -25.32 -15.18
CA GLU DA 32 48.85 -25.67 -14.00
C GLU DA 32 48.82 -24.55 -12.97
N LEU DA 33 49.07 -23.31 -13.41
CA LEU DA 33 48.99 -22.17 -12.50
C LEU DA 33 47.62 -22.08 -11.86
N GLU DA 34 46.56 -22.27 -12.65
CA GLU DA 34 45.20 -22.26 -12.11
C GLU DA 34 45.04 -23.35 -11.06
N ALA DA 35 45.61 -24.52 -11.30
CA ALA DA 35 45.51 -25.61 -10.33
C ALA DA 35 46.27 -25.27 -9.06
N VAL DA 36 47.46 -24.66 -9.18
CA VAL DA 36 48.22 -24.26 -8.00
C VAL DA 36 47.38 -23.32 -7.15
N ASP DA 37 46.76 -22.32 -7.78
CA ASP DA 37 45.99 -21.31 -7.07
C ASP DA 37 44.80 -21.94 -6.37
N TRP DA 38 44.01 -22.73 -7.10
CA TRP DA 38 42.83 -23.35 -6.50
C TRP DA 38 43.20 -24.27 -5.36
N TYR DA 39 44.17 -25.17 -5.58
CA TYR DA 39 44.59 -26.06 -4.50
C TYR DA 39 45.06 -25.25 -3.30
N ASP DA 40 45.84 -24.20 -3.54
CA ASP DA 40 46.37 -23.40 -2.44
C ASP DA 40 45.24 -22.77 -1.63
N GLN DA 41 44.19 -22.31 -2.32
CA GLN DA 41 43.06 -21.74 -1.60
C GLN DA 41 42.30 -22.81 -0.81
N ARG DA 42 42.17 -24.00 -1.38
CA ARG DA 42 41.48 -25.08 -0.67
C ARG DA 42 42.34 -25.59 0.48
N VAL DA 43 43.66 -25.49 0.38
CA VAL DA 43 44.50 -25.87 1.49
C VAL DA 43 44.25 -24.96 2.69
N ASP DA 44 44.09 -23.66 2.44
CA ASP DA 44 43.81 -22.74 3.52
C ASP DA 44 42.43 -22.96 4.10
N ALA DA 45 41.44 -23.26 3.27
CA ALA DA 45 40.05 -23.33 3.72
C ALA DA 45 39.62 -24.71 4.19
N SER DA 46 40.31 -25.77 3.77
CA SER DA 46 39.91 -27.11 4.16
C SER DA 46 39.96 -27.26 5.66
N THR DA 47 38.93 -27.89 6.23
CA THR DA 47 38.89 -28.15 7.67
C THR DA 47 39.11 -29.62 8.01
N ASP DA 48 39.58 -30.40 7.03
CA ASP DA 48 39.94 -31.80 7.27
C ASP DA 48 41.43 -31.93 6.98
N PRO DA 49 42.28 -32.14 7.99
CA PRO DA 49 43.73 -32.17 7.72
C PRO DA 49 44.15 -33.25 6.72
N GLU DA 50 43.47 -34.39 6.69
CA GLU DA 50 43.89 -35.44 5.76
C GLU DA 50 43.72 -34.98 4.32
N LEU DA 51 42.62 -34.24 4.05
CA LEU DA 51 42.39 -33.67 2.71
C LEU DA 51 43.39 -32.55 2.41
N THR DA 52 43.65 -31.68 3.38
CA THR DA 52 44.61 -30.60 3.18
C THR DA 52 45.97 -31.14 2.77
N ALA DA 53 46.36 -32.29 3.33
CA ALA DA 53 47.65 -32.89 2.95
C ALA DA 53 47.65 -33.30 1.49
N ILE DA 54 46.54 -33.87 1.02
CA ILE DA 54 46.46 -34.26 -0.39
C ILE DA 54 46.44 -33.03 -1.29
N LEU DA 55 45.60 -32.06 -0.96
CA LEU DA 55 45.55 -30.83 -1.75
C LEU DA 55 46.91 -30.18 -1.81
N ALA DA 56 47.64 -30.15 -0.70
CA ALA DA 56 48.97 -29.53 -0.70
C ALA DA 56 49.95 -30.35 -1.54
N HIS DA 57 49.88 -31.67 -1.42
CA HIS DA 57 50.76 -32.50 -2.23
C HIS DA 57 50.54 -32.25 -3.72
N ASN DA 58 49.28 -32.34 -4.16
CA ASN DA 58 49.00 -32.09 -5.57
C ASN DA 58 49.44 -30.69 -5.96
N ARG DA 59 49.08 -29.69 -5.13
CA ARG DA 59 49.46 -28.31 -5.41
C ARG DA 59 50.92 -28.18 -5.83
N ASP DA 60 51.83 -28.73 -5.02
CA ASP DA 60 53.25 -28.57 -5.30
C ASP DA 60 53.71 -29.33 -6.53
N GLU DA 61 53.02 -30.41 -6.92
CA GLU DA 61 53.38 -31.09 -8.15
C GLU DA 61 52.89 -30.35 -9.37
N GLU DA 62 51.79 -29.59 -9.25
CA GLU DA 62 51.38 -28.73 -10.36
C GLU DA 62 52.48 -27.72 -10.67
N LYS DA 63 53.17 -27.22 -9.64
CA LYS DA 63 54.29 -26.32 -9.87
C LYS DA 63 55.40 -27.00 -10.66
N GLU DA 64 55.67 -28.27 -10.34
CA GLU DA 64 56.64 -29.02 -11.10
C GLU DA 64 56.19 -29.17 -12.55
N HIS DA 65 54.92 -29.51 -12.76
CA HIS DA 65 54.40 -29.60 -14.12
C HIS DA 65 54.58 -28.28 -14.87
N ALA DA 66 54.28 -27.16 -14.21
CA ALA DA 66 54.41 -25.86 -14.85
C ALA DA 66 55.87 -25.57 -15.20
N ALA DA 67 56.80 -25.86 -14.29
CA ALA DA 67 58.20 -25.58 -14.55
C ALA DA 67 58.71 -26.35 -15.77
N MET DA 68 58.34 -27.62 -15.89
CA MET DA 68 58.79 -28.42 -17.02
C MET DA 68 58.30 -27.83 -18.34
N THR DA 69 57.02 -27.49 -18.42
CA THR DA 69 56.48 -26.93 -19.65
C THR DA 69 57.08 -25.56 -19.94
N LEU DA 70 57.34 -24.76 -18.90
CA LEU DA 70 57.94 -23.44 -19.11
C LEU DA 70 59.36 -23.55 -19.65
N GLU DA 71 60.13 -24.54 -19.18
CA GLU DA 71 61.47 -24.77 -19.71
C GLU DA 71 61.41 -25.07 -21.21
N TRP DA 72 60.42 -25.84 -21.64
CA TRP DA 72 60.24 -26.11 -23.06
C TRP DA 72 60.00 -24.82 -23.82
N LEU DA 73 59.12 -23.96 -23.30
CA LEU DA 73 58.88 -22.66 -23.93
C LEU DA 73 60.18 -21.88 -24.03
N ARG DA 74 60.99 -21.90 -22.97
CA ARG DA 74 62.24 -21.15 -23.00
C ARG DA 74 63.16 -21.63 -24.12
N ARG DA 75 63.20 -22.94 -24.35
CA ARG DA 75 64.07 -23.50 -25.38
C ARG DA 75 63.51 -23.31 -26.79
N ASN DA 76 62.21 -23.02 -26.93
CA ASN DA 76 61.57 -22.94 -28.24
C ASN DA 76 61.02 -21.55 -28.55
N ASP DA 77 61.47 -20.53 -27.83
CA ASP DA 77 61.03 -19.16 -28.11
C ASP DA 77 62.11 -18.22 -27.60
N ALA DA 78 62.68 -17.42 -28.52
CA ALA DA 78 63.84 -16.61 -28.17
C ALA DA 78 63.50 -15.57 -27.10
N LYS DA 79 62.31 -14.98 -27.18
CA LYS DA 79 61.95 -13.92 -26.24
C LYS DA 79 61.53 -14.47 -24.89
N TRP DA 80 60.96 -15.67 -24.84
CA TRP DA 80 60.82 -16.33 -23.55
C TRP DA 80 62.18 -16.52 -22.90
N ALA DA 81 63.17 -16.94 -23.69
CA ALA DA 81 64.51 -17.16 -23.16
C ALA DA 81 65.16 -15.84 -22.73
N GLU DA 82 65.02 -14.80 -23.53
CA GLU DA 82 65.62 -13.52 -23.17
C GLU DA 82 65.04 -13.01 -21.85
N HIS DA 83 63.72 -12.93 -21.74
CA HIS DA 83 63.10 -12.28 -20.59
C HIS DA 83 63.20 -13.15 -19.35
N LEU DA 84 63.07 -14.47 -19.51
CA LEU DA 84 63.28 -15.35 -18.36
C LEU DA 84 64.72 -15.29 -17.85
N ARG DA 85 65.70 -15.12 -18.74
CA ARG DA 85 67.08 -14.98 -18.31
C ARG DA 85 67.29 -13.71 -17.50
N THR DA 86 66.56 -12.63 -17.85
CA THR DA 86 66.76 -11.33 -17.20
C THR DA 86 66.27 -11.33 -15.76
N TYR DA 87 65.16 -12.00 -15.47
CA TYR DA 87 64.49 -11.80 -14.18
C TYR DA 87 64.55 -12.99 -13.24
N LEU DA 88 64.65 -14.21 -13.76
CA LEU DA 88 64.64 -15.39 -12.91
C LEU DA 88 65.98 -15.53 -12.19
N PHE DA 89 65.92 -15.91 -10.91
CA PHE DA 89 67.10 -16.12 -10.08
C PHE DA 89 67.94 -14.85 -9.98
N THR DA 90 67.30 -13.80 -9.51
CA THR DA 90 67.91 -12.48 -9.36
C THR DA 90 67.78 -12.04 -7.91
N GLU DA 91 68.51 -10.97 -7.58
CA GLU DA 91 68.60 -10.50 -6.20
C GLU DA 91 67.96 -9.15 -5.98
N GLY DA 92 68.21 -8.18 -6.84
CA GLY DA 92 67.75 -6.83 -6.61
C GLY DA 92 66.26 -6.67 -6.78
N PRO DA 93 65.79 -5.42 -6.80
CA PRO DA 93 64.39 -5.16 -7.16
C PRO DA 93 64.09 -5.66 -8.57
N ILE DA 94 62.92 -6.26 -8.74
CA ILE DA 94 62.61 -6.92 -10.00
C ILE DA 94 62.38 -5.89 -11.10
N THR DA 95 61.84 -4.72 -10.76
CA THR DA 95 61.59 -3.70 -11.75
C THR DA 95 62.86 -2.94 -12.18
N ALA DA 96 64.04 -3.45 -11.85
CA ALA DA 96 65.29 -2.85 -12.31
C ALA DA 96 65.99 -3.73 -13.35
FE FE EA . -8.99 19.22 -18.18
CA CA FA . -10.02 8.95 -21.19
CA CA GA . -10.44 27.84 -9.65
FE FE HA . 7.29 36.99 -17.82
CA CA IA . 14.52 42.26 -24.39
CA CA JA . -8.04 48.79 -31.29
CA CA KA . -2.03 37.26 -10.64
FE FE LA . 6.58 40.47 -17.82
FE FE MA . 0.64 55.18 0.07
CA CA NA . 1.16 65.90 3.18
FE FE OA . -2.51 56.51 0.75
CA CA PA . -28.54 57.63 2.18
CA CA QA . 6.36 63.70 2.36
CA CA RA . -11.35 66.69 26.13
FE FE SA . -20.74 46.49 13.04
CA CA TA . -29.30 48.73 18.77
CA CA UA . -3.49 51.24 25.85
FE FE VA . -27.47 22.96 3.27
CA CA WA . -34.74 15.27 2.63
FE FE XA . -23.74 45.27 11.83
CA CA YA . -25.40 51.20 20.39
FE FE ZA . -27.75 21.99 0.11
CA CA AB . -34.82 16.77 7.72
CA CA BB . -18.88 29.80 -2.37
FE FE CB . -10.14 17.27 -15.76
CA CA DB . -8.01 11.49 -24.44
FE FE EB . -37.59 -6.67 15.73
CA CA FB . -46.29 -2.32 12.96
CA CA GB . -48.28 -1.52 18.67
FE FE HB . -28.76 -25.80 4.10
CA CA IB . -27.33 -29.75 -7.00
FE FE JB . -25.65 -26.36 3.14
CA CA KB . -33.55 -29.76 -4.18
FE FE LB . -7.15 -35.27 15.92
FE FE MB . -4.59 -33.46 17.23
CA CA NB . -12.97 -25.37 20.04
FE FE OB . -3.54 -21.21 37.91
CA CA PB . 4.38 -17.19 45.67
FE FE QB . -22.71 -3.44 39.99
CA CA RB . -25.76 7.74 43.87
CA CA SB . -25.87 15.92 25.32
FE FE TB . -3.69 -17.97 38.34
CA CA UB . 3.76 -23.10 45.41
FE FE VB . -24.10 -1.29 37.54
FE FE WB . -38.52 -6.14 19.13
CA CA XB . -47.83 -2.54 41.03
FE FE YB . 46.86 -32.05 -11.07
CA CA ZB . 57.18 -35.96 -10.48
FE FE AC . 24.06 -38.94 -13.53
CA CA BC . 27.70 -27.58 -16.21
FE FE CC . 21.23 -37.74 -12.64
FE FE DC . 8.94 -19.82 -23.04
FE FE EC . 8.74 -16.50 -22.29
CA CA FC . -1.01 -15.40 -23.61
FE FE GC . 24.75 0.52 -28.46
CA CA HC . 25.50 12.42 -29.39
FE FE IC . 49.47 -6.26 -22.84
CA CA JC . 45.64 0.48 -44.10
CA CA KC . 60.25 -2.29 -18.54
FE FE LC . 27.18 2.11 -26.78
CA CA MC . 22.02 9.56 -32.11
FE FE NC . 50.73 -7.69 -19.98
CA CA OC . 57.63 -0.64 -24.33
FE FE PC . 49.11 -30.73 -13.31
CA CA QC . 54.01 -38.22 -7.53
#